data_6HD0
#
_entry.id   6HD0
#
_cell.length_a   185.120
_cell.length_b   185.120
_cell.length_c   122.426
_cell.angle_alpha   90.000
_cell.angle_beta   90.000
_cell.angle_gamma   120.000
#
_symmetry.space_group_name_H-M   'P 31'
#
loop_
_entity.id
_entity.type
_entity.pdbx_description
1 polymer 'Transitional endoplasmic reticulum ATPase'
2 polymer 'Plant UBX domain-containing protein 1'
3 non-polymer "ADENOSINE-5'-DIPHOSPHATE"
#
loop_
_entity_poly.entity_id
_entity_poly.type
_entity_poly.pdbx_seq_one_letter_code
_entity_poly.pdbx_strand_id
1 'polypeptide(L)'
;MASGADSKGDDLSTAILKQKNRPNRLIVDEAINEDNSVVSLSQPKMDELQLFRGDTVLLKGKKRREAVCIVLSDDTCSDE
KIRMNRVVRNNLRVRLGDVISIQPCPDVKYGKRIHVLPIDDTVEGITGNLFEVYLKPYFLEAYRPIRKGDIFLVRGGMRA
VEFKVVETDPSPYCIVAPDTVIHCEGEPIKREDEEESLNEVGYDDIGGCRKQLAQIKEMVELPLRHPALFKAIGVKPPRG
ILLYGPPGTGKTLIARAVANETGAFFFLINGPEIMSKLAGESESNLRKAFEEAEKNAPAIIFIDELDAIAPKREKTHGEV
ERRIVSQLLTLMDGLKQRAHVIVMAATNRPNSIDPALRRFGRFDREVDIGIPDATGRLEILQIHTKNMKLADDVDLEQVA
NETHGHVGADLAALCSEAALQAIRKKMDLIDLEDETIDAEVMNSLAVTMDDFRWALSQSNPSALRETVVEVPQVTWEDIG
G
;
B,T,U,V,A,C
2 'polypeptide(L)'
;MFVDDPSLHTLKRRRLEITDSMEASSSAQAKIADMREKLGREVRVFETSSISQRPSQVSSADDESDDFYEFTPADFYRLL
ATKKEDKSLKTRKIREAEEAARRSKLTKAVIRVRFPDNHTLEATFHPSEKIQGLIDLVKRVVAHPDVPFYLYTTPPKKQI
KDFSQDFYSAGFVPGAIVYFSNDQPKDDGGSSTPYLNEEILSLKDLEAMTKAVEPVESSSEPATVDSSAVPVEHERKSTE
KKTTKPKWFKM
;
G,D,E,F,K,I
#
# COMPACT_ATOMS: atom_id res chain seq x y z
N PRO A 23 50.06 37.25 34.96
CA PRO A 23 49.67 35.94 35.52
C PRO A 23 50.22 34.77 34.69
N ASN A 24 50.85 33.79 35.34
CA ASN A 24 51.42 32.58 34.69
C ASN A 24 50.29 31.72 34.12
N ARG A 25 49.12 31.73 34.77
CA ARG A 25 47.90 30.96 34.38
C ARG A 25 47.37 31.49 33.04
N LEU A 26 47.09 30.59 32.09
CA LEU A 26 46.49 30.92 30.76
C LEU A 26 45.60 29.76 30.30
N ILE A 27 44.74 30.01 29.30
CA ILE A 27 43.82 29.00 28.68
C ILE A 27 44.33 28.63 27.29
N VAL A 28 44.50 27.33 27.03
CA VAL A 28 44.84 26.74 25.71
C VAL A 28 43.85 27.23 24.65
N ASP A 29 44.35 27.63 23.47
CA ASP A 29 43.57 28.11 22.31
C ASP A 29 44.16 27.49 21.04
N GLU A 30 43.41 27.55 19.93
CA GLU A 30 43.83 27.07 18.59
C GLU A 30 44.95 27.96 18.07
N ALA A 31 45.99 27.37 17.48
CA ALA A 31 47.14 28.08 16.88
C ALA A 31 46.92 28.26 15.39
N ILE A 32 47.31 29.43 14.87
CA ILE A 32 47.24 29.79 13.41
C ILE A 32 48.43 29.12 12.72
N ASN A 33 49.62 29.26 13.32
CA ASN A 33 50.88 28.60 12.88
C ASN A 33 50.73 27.09 13.08
N GLU A 34 51.20 26.29 12.12
CA GLU A 34 51.11 24.81 12.12
C GLU A 34 52.48 24.20 12.43
N ASP A 35 52.82 24.04 13.71
CA ASP A 35 54.14 23.52 14.15
C ASP A 35 53.95 22.70 15.44
N ASN A 36 54.94 21.86 15.78
CA ASN A 36 54.95 21.02 17.00
C ASN A 36 55.23 21.90 18.23
N SER A 37 56.31 22.68 18.18
CA SER A 37 56.92 23.35 19.36
C SER A 37 56.70 24.87 19.34
N VAL A 38 55.76 25.36 18.52
CA VAL A 38 55.45 26.82 18.40
C VAL A 38 54.18 27.12 19.19
N VAL A 39 54.24 28.11 20.07
CA VAL A 39 53.06 28.68 20.79
C VAL A 39 52.93 30.15 20.39
N SER A 40 51.79 30.78 20.72
CA SER A 40 51.48 32.20 20.42
C SER A 40 50.86 32.87 21.65
N LEU A 41 51.40 34.05 22.03
CA LEU A 41 50.92 34.89 23.15
C LEU A 41 50.77 36.33 22.67
N SER A 42 50.20 37.20 23.51
CA SER A 42 50.02 38.66 23.22
C SER A 42 51.31 39.40 23.53
N GLN A 43 51.61 40.44 22.74
CA GLN A 43 52.80 41.32 22.91
C GLN A 43 52.89 41.77 24.36
N PRO A 44 51.83 42.35 24.96
CA PRO A 44 51.89 42.84 26.34
C PRO A 44 52.30 41.74 27.33
N LYS A 45 51.68 40.57 27.22
CA LYS A 45 51.95 39.38 28.09
C LYS A 45 53.44 39.06 28.08
N MET A 46 54.05 39.09 26.89
CA MET A 46 55.50 38.84 26.70
C MET A 46 56.29 39.97 27.38
N ASP A 47 55.84 41.21 27.20
CA ASP A 47 56.46 42.43 27.80
C ASP A 47 56.36 42.36 29.33
N GLU A 48 55.23 41.86 29.85
CA GLU A 48 54.95 41.71 31.30
C GLU A 48 55.94 40.71 31.91
N LEU A 49 56.07 39.54 31.29
CA LEU A 49 56.89 38.39 31.80
C LEU A 49 58.31 38.44 31.22
N GLN A 50 58.63 39.50 30.46
CA GLN A 50 59.97 39.72 29.85
C GLN A 50 60.37 38.50 29.03
N LEU A 51 59.46 38.04 28.16
CA LEU A 51 59.64 36.87 27.26
C LEU A 51 60.11 37.39 25.90
N PHE A 52 61.20 36.83 25.37
CA PHE A 52 61.78 37.20 24.06
C PHE A 52 61.26 36.22 23.00
N ARG A 53 61.16 36.69 21.75
CA ARG A 53 60.53 35.98 20.61
C ARG A 53 61.08 34.56 20.48
N GLY A 54 62.39 34.39 20.58
CA GLY A 54 63.07 33.09 20.36
C GLY A 54 63.18 32.27 21.63
N ASP A 55 63.14 32.91 22.80
CA ASP A 55 63.23 32.25 24.14
C ASP A 55 62.32 31.01 24.16
N THR A 56 62.64 30.05 25.04
CA THR A 56 61.94 28.76 25.21
C THR A 56 61.16 28.76 26.52
N VAL A 57 59.83 28.63 26.45
CA VAL A 57 58.93 28.66 27.64
C VAL A 57 58.63 27.23 28.06
N LEU A 58 58.64 26.98 29.39
CA LEU A 58 58.28 25.67 29.99
C LEU A 58 56.78 25.66 30.29
N LEU A 59 56.08 24.61 29.85
CA LEU A 59 54.59 24.47 29.95
C LEU A 59 54.25 23.35 30.95
N LYS A 60 53.57 23.71 32.06
CA LYS A 60 53.11 22.79 33.12
C LYS A 60 51.62 22.47 32.93
N GLY A 61 51.30 21.20 32.70
CA GLY A 61 49.92 20.70 32.52
C GLY A 61 49.50 19.80 33.67
N LYS A 62 48.51 18.93 33.45
CA LYS A 62 47.96 17.99 34.47
C LYS A 62 48.62 16.62 34.31
N LYS A 63 48.47 15.76 35.32
CA LYS A 63 49.09 14.42 35.43
C LYS A 63 50.62 14.58 35.50
N ARG A 64 51.08 15.55 36.30
CA ARG A 64 52.50 15.87 36.61
C ARG A 64 53.37 15.86 35.33
N ARG A 65 52.80 16.29 34.20
CA ARG A 65 53.49 16.35 32.89
C ARG A 65 53.89 17.80 32.61
N GLU A 66 55.11 18.01 32.08
CA GLU A 66 55.68 19.33 31.70
C GLU A 66 56.11 19.26 30.22
N ALA A 67 56.05 20.38 29.49
CA ALA A 67 56.42 20.47 28.06
C ALA A 67 57.26 21.73 27.80
N VAL A 68 58.13 21.66 26.78
CA VAL A 68 59.02 22.77 26.34
C VAL A 68 58.61 23.18 24.92
N CYS A 69 58.54 24.49 24.66
CA CYS A 69 58.07 25.09 23.38
C CYS A 69 58.84 26.38 23.10
N ILE A 70 58.62 26.95 21.90
CA ILE A 70 59.18 28.26 21.47
C ILE A 70 58.04 29.28 21.39
N VAL A 71 58.05 30.25 22.32
CA VAL A 71 57.09 31.40 22.35
C VAL A 71 57.23 32.19 21.04
N LEU A 72 56.16 32.86 20.62
CA LEU A 72 56.14 33.75 19.42
C LEU A 72 55.21 34.95 19.69
N SER A 73 55.47 36.08 19.03
CA SER A 73 54.71 37.35 19.16
C SER A 73 53.62 37.43 18.09
N ASP A 74 52.36 37.46 18.51
CA ASP A 74 51.15 37.54 17.62
C ASP A 74 50.20 38.61 18.16
N ASP A 75 50.03 39.70 17.40
CA ASP A 75 49.14 40.84 17.72
C ASP A 75 47.70 40.33 17.92
N THR A 76 47.24 39.44 17.03
CA THR A 76 45.84 38.93 16.98
C THR A 76 45.51 38.25 18.31
N CYS A 77 46.42 37.41 18.81
CA CYS A 77 46.29 36.65 20.07
C CYS A 77 45.87 37.59 21.21
N SER A 78 44.88 37.18 22.01
CA SER A 78 44.44 37.88 23.25
C SER A 78 45.40 37.54 24.38
N ASP A 79 45.58 38.46 25.33
CA ASP A 79 46.53 38.35 26.47
C ASP A 79 46.23 37.08 27.28
N GLU A 80 44.95 36.81 27.51
CA GLU A 80 44.48 35.76 28.46
C GLU A 80 44.47 34.38 27.79
N LYS A 81 44.64 34.32 26.46
CA LYS A 81 44.63 33.05 25.68
C LYS A 81 46.02 32.79 25.10
N ILE A 82 46.41 31.50 25.05
CA ILE A 82 47.67 31.00 24.42
C ILE A 82 47.30 30.06 23.27
N ARG A 83 47.90 30.23 22.10
CA ARG A 83 47.61 29.41 20.89
C ARG A 83 48.66 28.29 20.77
N MET A 84 48.22 27.02 20.76
CA MET A 84 49.12 25.83 20.72
C MET A 84 48.47 24.68 19.95
N ASN A 85 49.29 23.77 19.41
CA ASN A 85 48.87 22.66 18.51
C ASN A 85 48.44 21.43 19.33
N ARG A 86 47.75 20.50 18.67
CA ARG A 86 47.17 19.27 19.27
C ARG A 86 48.25 18.42 19.93
N VAL A 87 49.50 18.53 19.47
CA VAL A 87 50.65 17.73 19.97
C VAL A 87 50.89 18.06 21.45
N VAL A 88 51.17 19.34 21.76
CA VAL A 88 51.55 19.78 23.14
C VAL A 88 50.40 19.47 24.10
N ARG A 89 49.15 19.72 23.67
CA ARG A 89 47.93 19.42 24.46
C ARG A 89 47.99 17.96 24.90
N ASN A 90 48.16 17.04 23.92
CA ASN A 90 48.26 15.57 24.13
C ASN A 90 49.45 15.28 25.04
N ASN A 91 50.60 15.91 24.78
CA ASN A 91 51.83 15.75 25.61
C ASN A 91 51.54 16.25 27.02
N LEU A 92 50.74 17.32 27.16
CA LEU A 92 50.38 17.94 28.46
C LEU A 92 49.14 17.28 29.05
N ARG A 93 48.43 16.45 28.26
CA ARG A 93 47.16 15.79 28.62
C ARG A 93 46.13 16.86 29.03
N VAL A 94 45.89 17.84 28.17
CA VAL A 94 44.92 18.95 28.39
C VAL A 94 44.09 19.13 27.13
N ARG A 95 42.89 19.72 27.28
CA ARG A 95 41.94 20.03 26.17
C ARG A 95 41.45 21.47 26.32
N LEU A 96 40.58 21.91 25.41
CA LEU A 96 40.10 23.32 25.31
C LEU A 96 39.12 23.60 26.45
N GLY A 97 39.31 24.71 27.17
CA GLY A 97 38.56 25.04 28.39
C GLY A 97 39.25 24.51 29.63
N ASP A 98 40.53 24.15 29.52
CA ASP A 98 41.41 23.78 30.65
C ASP A 98 42.49 24.86 30.81
N VAL A 99 43.00 25.01 32.02
CA VAL A 99 44.00 26.06 32.42
C VAL A 99 45.36 25.41 32.58
N ILE A 100 46.41 26.05 32.06
CA ILE A 100 47.83 25.58 32.13
C ILE A 100 48.67 26.68 32.77
N SER A 101 49.91 26.35 33.17
CA SER A 101 50.88 27.27 33.79
C SER A 101 52.16 27.32 32.95
N ILE A 102 52.57 28.52 32.51
CA ILE A 102 53.80 28.76 31.70
C ILE A 102 54.86 29.39 32.61
N GLN A 103 56.06 28.82 32.62
CA GLN A 103 57.26 29.36 33.33
C GLN A 103 58.34 29.65 32.29
N PRO A 104 59.02 30.82 32.37
CA PRO A 104 60.20 31.08 31.54
C PRO A 104 61.32 30.10 31.91
N CYS A 105 62.04 29.60 30.91
CA CYS A 105 63.17 28.64 31.06
C CYS A 105 64.42 29.26 30.45
N PRO A 106 65.05 30.28 31.08
CA PRO A 106 66.23 30.92 30.52
C PRO A 106 67.37 29.92 30.33
N ASP A 107 67.59 29.04 31.32
CA ASP A 107 68.69 28.05 31.31
C ASP A 107 68.27 26.81 30.52
N VAL A 108 68.99 26.53 29.44
CA VAL A 108 68.74 25.37 28.52
C VAL A 108 70.08 24.94 27.92
N LYS A 109 70.39 23.64 27.97
CA LYS A 109 71.65 23.07 27.44
C LYS A 109 71.35 22.19 26.23
N TYR A 110 72.25 22.18 25.25
CA TYR A 110 72.11 21.45 23.95
C TYR A 110 72.08 19.95 24.23
N GLY A 111 71.42 19.19 23.35
CA GLY A 111 71.36 17.73 23.41
C GLY A 111 72.70 17.11 23.08
N LYS A 112 73.16 16.14 23.88
CA LYS A 112 74.44 15.41 23.66
C LYS A 112 74.14 14.13 22.85
N ARG A 113 73.20 13.31 23.33
CA ARG A 113 72.75 12.06 22.66
C ARG A 113 71.24 11.92 22.84
N ILE A 114 70.56 11.34 21.84
CA ILE A 114 69.08 11.12 21.86
C ILE A 114 68.80 9.67 21.44
N HIS A 115 67.83 9.04 22.09
CA HIS A 115 67.31 7.67 21.79
C HIS A 115 65.80 7.75 21.59
N VAL A 116 65.32 7.41 20.39
CA VAL A 116 63.88 7.48 19.99
C VAL A 116 63.51 6.19 19.26
N LEU A 117 62.31 5.65 19.54
CA LEU A 117 61.72 4.47 18.84
C LEU A 117 60.36 4.88 18.26
N PRO A 118 60.09 4.56 16.98
CA PRO A 118 58.81 4.90 16.35
C PRO A 118 57.63 4.09 16.93
N ILE A 119 56.40 4.52 16.63
CA ILE A 119 55.15 3.88 17.14
C ILE A 119 54.68 2.84 16.12
N ASP A 120 54.28 1.66 16.59
CA ASP A 120 53.90 0.47 15.76
C ASP A 120 52.91 0.87 14.66
N ASP A 121 51.89 1.67 14.99
CA ASP A 121 50.76 2.00 14.09
C ASP A 121 51.20 2.98 13.00
N THR A 122 52.26 3.75 13.25
CA THR A 122 52.80 4.77 12.33
C THR A 122 53.69 4.11 11.27
N VAL A 123 54.40 3.04 11.65
CA VAL A 123 55.40 2.34 10.80
C VAL A 123 54.72 1.23 9.98
N GLU A 124 53.47 0.88 10.31
CA GLU A 124 52.68 -0.17 9.61
C GLU A 124 52.85 -0.03 8.09
N GLY A 125 53.35 -1.08 7.44
CA GLY A 125 53.53 -1.16 5.97
C GLY A 125 54.73 -0.35 5.49
N ILE A 126 55.71 -0.10 6.36
CA ILE A 126 56.99 0.59 6.03
C ILE A 126 58.16 -0.12 6.73
N THR A 127 59.04 -0.76 5.94
CA THR A 127 60.31 -1.41 6.38
C THR A 127 61.49 -0.80 5.60
N GLY A 128 62.59 -0.50 6.30
CA GLY A 128 63.78 0.17 5.74
C GLY A 128 64.29 1.25 6.68
N ASN A 129 65.39 1.91 6.32
CA ASN A 129 66.06 2.96 7.14
C ASN A 129 65.30 4.28 7.00
N LEU A 130 64.48 4.61 8.01
CA LEU A 130 63.54 5.77 7.97
C LEU A 130 64.17 7.00 8.61
N PHE A 131 65.22 6.82 9.41
CA PHE A 131 65.96 7.92 10.09
C PHE A 131 66.32 9.00 9.06
N GLU A 132 66.93 8.58 7.94
CA GLU A 132 67.47 9.45 6.86
C GLU A 132 66.34 10.21 6.15
N VAL A 133 65.10 9.71 6.20
CA VAL A 133 63.95 10.26 5.42
C VAL A 133 62.89 10.85 6.35
N TYR A 134 63.16 10.95 7.66
CA TYR A 134 62.19 11.50 8.64
C TYR A 134 62.85 12.58 9.48
N LEU A 135 63.96 12.25 10.14
CA LEU A 135 64.64 13.15 11.11
C LEU A 135 65.41 14.21 10.32
N LYS A 136 66.29 13.77 9.40
CA LYS A 136 67.15 14.65 8.56
C LYS A 136 66.29 15.72 7.90
N PRO A 137 65.23 15.38 7.13
CA PRO A 137 64.39 16.40 6.51
C PRO A 137 63.78 17.30 7.60
N TYR A 138 63.07 16.70 8.56
CA TYR A 138 62.30 17.41 9.61
C TYR A 138 63.21 18.34 10.41
N PHE A 139 64.34 17.81 10.90
CA PHE A 139 65.36 18.55 11.67
C PHE A 139 66.48 19.01 10.74
N LEU A 140 66.44 20.29 10.33
CA LEU A 140 67.45 20.90 9.43
C LEU A 140 67.87 22.26 10.02
N GLU A 141 68.65 22.22 11.11
CA GLU A 141 69.03 23.40 11.93
C GLU A 141 67.77 24.03 12.51
N ALA A 142 66.82 23.20 12.96
CA ALA A 142 65.51 23.60 13.52
C ALA A 142 65.69 24.07 14.97
N TYR A 143 66.64 23.46 15.70
CA TYR A 143 66.92 23.74 17.13
C TYR A 143 65.58 23.78 17.89
N ARG A 144 64.84 22.68 17.82
CA ARG A 144 63.55 22.50 18.54
C ARG A 144 63.85 21.92 19.93
N PRO A 145 63.27 22.48 21.01
CA PRO A 145 63.43 21.91 22.35
C PRO A 145 62.53 20.68 22.54
N ILE A 146 63.05 19.64 23.20
CA ILE A 146 62.34 18.37 23.48
C ILE A 146 62.74 17.86 24.87
N ARG A 147 61.90 17.03 25.47
CA ARG A 147 62.11 16.42 26.82
C ARG A 147 61.90 14.91 26.72
N LYS A 148 62.60 14.15 27.57
CA LYS A 148 62.52 12.66 27.63
C LYS A 148 61.05 12.25 27.87
N GLY A 149 60.54 11.36 27.02
CA GLY A 149 59.16 10.84 27.09
C GLY A 149 58.15 11.73 26.38
N ASP A 150 58.61 12.75 25.64
CA ASP A 150 57.74 13.65 24.83
C ASP A 150 57.37 12.95 23.54
N ILE A 151 56.15 13.18 23.06
CA ILE A 151 55.65 12.66 21.74
C ILE A 151 55.57 13.83 20.75
N PHE A 152 56.19 13.66 19.58
CA PHE A 152 56.24 14.64 18.47
C PHE A 152 55.86 13.94 17.16
N LEU A 153 55.32 14.70 16.21
CA LEU A 153 54.81 14.20 14.91
C LEU A 153 55.73 14.68 13.78
N VAL A 154 56.17 13.74 12.93
CA VAL A 154 56.97 13.99 11.69
C VAL A 154 56.14 13.53 10.49
N ARG A 155 56.05 14.36 9.45
CA ARG A 155 55.31 14.08 8.19
C ARG A 155 56.32 13.71 7.09
N GLY A 156 56.08 12.58 6.42
CA GLY A 156 56.94 12.06 5.33
C GLY A 156 56.25 10.93 4.58
N GLY A 157 56.67 10.68 3.34
CA GLY A 157 56.15 9.61 2.47
C GLY A 157 54.64 9.70 2.28
N MET A 158 54.10 10.93 2.24
CA MET A 158 52.66 11.24 2.08
C MET A 158 51.88 10.69 3.28
N ARG A 159 52.43 10.82 4.49
CA ARG A 159 51.74 10.45 5.75
C ARG A 159 52.34 11.24 6.92
N ALA A 160 51.73 11.09 8.09
CA ALA A 160 52.13 11.71 9.38
C ALA A 160 52.55 10.59 10.35
N VAL A 161 53.84 10.53 10.68
CA VAL A 161 54.45 9.47 11.55
C VAL A 161 54.82 10.07 12.90
N GLU A 162 54.09 9.67 13.95
CA GLU A 162 54.30 10.08 15.37
C GLU A 162 55.59 9.43 15.87
N PHE A 163 56.32 10.09 16.77
CA PHE A 163 57.59 9.60 17.36
C PHE A 163 57.65 9.93 18.85
N LYS A 164 58.32 9.07 19.62
CA LYS A 164 58.49 9.17 21.11
C LYS A 164 59.98 9.33 21.43
N VAL A 165 60.32 10.08 22.48
CA VAL A 165 61.69 10.21 23.03
C VAL A 165 61.89 9.15 24.12
N VAL A 166 62.58 8.06 23.78
CA VAL A 166 62.88 6.92 24.70
C VAL A 166 63.79 7.44 25.82
N GLU A 167 64.92 8.04 25.45
CA GLU A 167 65.93 8.56 26.42
C GLU A 167 66.80 9.64 25.77
N THR A 168 67.36 10.53 26.60
CA THR A 168 68.28 11.63 26.21
C THR A 168 69.40 11.75 27.26
N ASP A 169 70.68 11.79 26.83
CA ASP A 169 71.86 11.96 27.72
C ASP A 169 71.69 13.22 28.57
N PRO A 170 71.32 14.37 27.99
CA PRO A 170 70.94 15.53 28.78
C PRO A 170 69.53 15.32 29.37
N SER A 171 69.30 15.77 30.60
CA SER A 171 68.05 15.57 31.36
C SER A 171 67.70 16.83 32.15
N PRO A 172 66.40 17.15 32.35
CA PRO A 172 65.28 16.43 31.74
C PRO A 172 65.02 16.74 30.26
N TYR A 173 65.22 18.01 29.87
CA TYR A 173 64.98 18.52 28.49
C TYR A 173 66.31 18.97 27.86
N CYS A 174 66.31 19.15 26.54
CA CYS A 174 67.49 19.58 25.73
C CYS A 174 67.01 20.18 24.40
N ILE A 175 67.92 20.81 23.66
CA ILE A 175 67.67 21.39 22.31
C ILE A 175 68.37 20.53 21.26
N VAL A 176 67.70 20.24 20.14
CA VAL A 176 68.24 19.45 18.99
C VAL A 176 69.36 20.27 18.34
N ALA A 177 70.51 19.65 18.08
CA ALA A 177 71.70 20.25 17.44
C ALA A 177 72.22 19.33 16.34
N PRO A 178 72.84 19.88 15.26
CA PRO A 178 73.35 19.07 14.16
C PRO A 178 74.56 18.19 14.52
N ASP A 179 75.33 18.61 15.54
CA ASP A 179 76.48 17.84 16.11
C ASP A 179 75.93 16.64 16.88
N THR A 180 74.80 16.82 17.57
CA THR A 180 74.12 15.80 18.43
C THR A 180 73.74 14.59 17.57
N VAL A 181 74.05 13.38 18.07
CA VAL A 181 73.74 12.08 17.39
C VAL A 181 72.36 11.60 17.88
N ILE A 182 71.46 11.30 16.94
CA ILE A 182 70.11 10.73 17.21
C ILE A 182 70.11 9.27 16.75
N HIS A 183 69.99 8.34 17.69
CA HIS A 183 69.96 6.87 17.45
C HIS A 183 68.51 6.43 17.20
N CYS A 184 68.28 5.73 16.08
CA CYS A 184 66.95 5.18 15.67
C CYS A 184 67.11 3.69 15.38
N GLU A 185 66.39 2.85 16.16
CA GLU A 185 66.38 1.37 16.02
C GLU A 185 64.98 0.95 15.51
N GLY A 186 64.93 -0.10 14.68
CA GLY A 186 63.70 -0.55 14.00
C GLY A 186 62.83 -1.42 14.89
N GLU A 187 62.59 -0.99 16.13
CA GLU A 187 61.76 -1.71 17.13
C GLU A 187 60.58 -0.82 17.53
N PRO A 188 59.33 -1.18 17.18
CA PRO A 188 58.17 -0.37 17.54
C PRO A 188 57.86 -0.45 19.05
N ILE A 189 57.17 0.57 19.58
CA ILE A 189 56.67 0.61 20.99
C ILE A 189 55.15 0.44 20.95
N LYS A 190 54.59 -0.38 21.86
CA LYS A 190 53.13 -0.65 21.95
C LYS A 190 52.40 0.63 22.35
N ARG A 191 51.44 1.07 21.53
CA ARG A 191 50.54 2.22 21.79
C ARG A 191 49.98 2.09 23.22
N GLU A 192 49.80 3.22 23.92
CA GLU A 192 49.30 3.24 25.33
C GLU A 192 47.92 3.92 25.36
N ASP A 193 46.90 3.20 25.86
CA ASP A 193 45.45 3.54 25.78
C ASP A 193 45.18 4.91 26.41
N GLU A 194 46.01 5.36 27.36
CA GLU A 194 45.94 6.71 27.95
C GLU A 194 46.33 7.75 26.89
N GLU A 195 47.26 7.40 26.01
CA GLU A 195 47.90 8.32 25.03
C GLU A 195 47.17 8.24 23.69
N GLU A 196 46.19 9.12 23.47
CA GLU A 196 45.42 9.24 22.21
C GLU A 196 46.38 9.61 21.08
N SER A 197 46.23 8.97 19.91
CA SER A 197 47.04 9.25 18.70
C SER A 197 46.57 10.58 18.07
N LEU A 198 47.39 11.14 17.18
CA LEU A 198 47.14 12.41 16.46
C LEU A 198 46.48 12.12 15.12
N ASN A 199 46.43 10.84 14.71
CA ASN A 199 45.75 10.35 13.49
C ASN A 199 44.27 10.78 13.52
N GLU A 200 43.66 10.80 14.72
CA GLU A 200 42.24 11.20 14.98
C GLU A 200 41.93 12.50 14.24
N VAL A 201 40.64 12.77 13.98
CA VAL A 201 40.18 14.02 13.29
C VAL A 201 40.27 15.18 14.30
N GLY A 202 40.74 16.34 13.84
CA GLY A 202 40.97 17.54 14.66
C GLY A 202 40.39 18.79 14.02
N TYR A 203 40.29 19.89 14.79
CA TYR A 203 39.78 21.21 14.35
C TYR A 203 40.62 21.75 13.18
N ASP A 204 41.94 21.55 13.26
CA ASP A 204 42.93 21.90 12.21
C ASP A 204 42.66 21.11 10.92
N ASP A 205 42.15 19.88 11.05
CA ASP A 205 41.83 18.96 9.92
C ASP A 205 40.53 19.41 9.23
N ILE A 206 39.65 20.13 9.95
CA ILE A 206 38.41 20.72 9.37
C ILE A 206 38.77 22.08 8.77
N GLY A 207 38.41 22.29 7.50
CA GLY A 207 38.68 23.55 6.77
C GLY A 207 37.53 23.94 5.87
N GLY A 208 37.47 25.22 5.50
CA GLY A 208 36.47 25.77 4.57
C GLY A 208 35.28 26.37 5.29
N CYS A 209 35.21 26.19 6.62
CA CYS A 209 34.17 26.80 7.51
C CYS A 209 34.87 27.49 8.68
N ARG A 210 34.57 28.77 8.89
CA ARG A 210 35.04 29.55 10.06
C ARG A 210 33.83 29.80 10.96
N LYS A 211 32.97 30.75 10.58
CA LYS A 211 31.81 31.23 11.39
C LYS A 211 30.96 30.03 11.82
N GLN A 212 30.71 29.08 10.91
CA GLN A 212 29.87 27.88 11.16
C GLN A 212 30.47 27.09 12.33
N LEU A 213 31.77 26.79 12.24
CA LEU A 213 32.49 25.97 13.25
C LEU A 213 32.47 26.67 14.61
N ALA A 214 32.85 27.96 14.64
CA ALA A 214 32.94 28.77 15.87
C ALA A 214 31.62 28.68 16.63
N GLN A 215 30.50 28.96 15.95
CA GLN A 215 29.13 28.95 16.53
C GLN A 215 28.81 27.57 17.10
N ILE A 216 29.11 26.51 16.35
CA ILE A 216 28.90 25.10 16.79
C ILE A 216 29.76 24.86 18.04
N LYS A 217 31.05 25.19 17.96
CA LYS A 217 32.03 24.96 19.04
C LYS A 217 31.47 25.48 20.37
N GLU A 218 31.15 26.77 20.44
CA GLU A 218 30.77 27.45 21.72
C GLU A 218 29.46 26.87 22.28
N MET A 219 28.51 26.49 21.41
CA MET A 219 27.21 25.93 21.86
C MET A 219 27.45 24.68 22.72
N VAL A 220 28.32 23.78 22.25
CA VAL A 220 28.61 22.47 22.91
C VAL A 220 29.82 22.60 23.85
N GLU A 221 30.58 23.69 23.76
CA GLU A 221 31.75 23.96 24.64
C GLU A 221 31.28 23.91 26.09
N LEU A 222 30.37 24.84 26.42
CA LEU A 222 29.75 25.08 27.74
C LEU A 222 29.36 23.74 28.39
N PRO A 223 28.42 22.95 27.79
CA PRO A 223 27.88 21.72 28.39
C PRO A 223 28.90 20.63 28.69
N LEU A 224 29.66 20.23 27.66
CA LEU A 224 30.56 19.05 27.67
C LEU A 224 31.69 19.28 28.68
N ARG A 225 32.26 20.49 28.68
CA ARG A 225 33.40 20.87 29.56
C ARG A 225 32.92 20.94 31.02
N HIS A 226 31.76 21.55 31.27
CA HIS A 226 31.21 21.80 32.63
C HIS A 226 29.77 21.29 32.72
N PRO A 227 29.58 19.97 32.87
CA PRO A 227 28.25 19.41 33.15
C PRO A 227 27.72 19.83 34.53
N ALA A 228 28.64 19.99 35.49
CA ALA A 228 28.34 20.32 36.91
C ALA A 228 27.77 21.74 37.01
N LEU A 229 28.29 22.67 36.22
CA LEU A 229 27.73 24.05 36.12
C LEU A 229 26.28 23.95 35.68
N PHE A 230 26.03 23.31 34.52
CA PHE A 230 24.69 23.15 33.90
C PHE A 230 23.75 22.40 34.85
N LYS A 231 24.31 21.48 35.65
CA LYS A 231 23.59 20.71 36.68
C LYS A 231 23.12 21.65 37.80
N ALA A 232 23.96 22.63 38.18
CA ALA A 232 23.71 23.57 39.31
C ALA A 232 23.07 24.87 38.80
N ILE A 233 22.66 24.93 37.53
CA ILE A 233 22.02 26.13 36.92
C ILE A 233 20.62 25.76 36.41
N GLY A 234 19.67 26.70 36.51
CA GLY A 234 18.30 26.57 35.99
C GLY A 234 18.27 26.43 34.48
N VAL A 235 19.15 27.17 33.78
CA VAL A 235 19.26 27.17 32.29
C VAL A 235 19.64 25.75 31.84
N LYS A 236 18.97 25.25 30.81
CA LYS A 236 19.19 23.89 30.24
C LYS A 236 20.04 24.02 28.98
N PRO A 237 21.04 23.13 28.78
CA PRO A 237 21.84 23.13 27.55
C PRO A 237 21.04 22.54 26.38
N PRO A 238 21.32 22.94 25.12
CA PRO A 238 20.59 22.43 23.96
C PRO A 238 20.76 20.92 23.79
N ARG A 239 19.66 20.18 23.86
CA ARG A 239 19.64 18.69 23.84
C ARG A 239 20.00 18.20 22.43
N GLY A 240 19.48 18.87 21.40
CA GLY A 240 19.59 18.46 19.99
C GLY A 240 20.09 19.57 19.08
N ILE A 241 21.10 19.26 18.25
CA ILE A 241 21.70 20.17 17.23
C ILE A 241 21.53 19.54 15.85
N LEU A 242 21.03 20.32 14.88
CA LEU A 242 20.76 19.87 13.49
C LEU A 242 21.72 20.59 12.54
N LEU A 243 22.36 19.83 11.63
CA LEU A 243 23.37 20.36 10.67
C LEU A 243 22.83 20.27 9.24
N TYR A 244 22.62 21.41 8.60
CA TYR A 244 22.15 21.54 7.19
C TYR A 244 23.35 21.45 6.25
N GLY A 245 23.07 21.52 4.93
CA GLY A 245 24.08 21.58 3.87
C GLY A 245 24.02 20.34 2.97
N PRO A 246 24.55 20.40 1.73
CA PRO A 246 24.53 19.25 0.82
C PRO A 246 25.53 18.15 1.21
N PRO A 247 25.35 16.90 0.71
CA PRO A 247 26.31 15.84 0.97
C PRO A 247 27.70 16.14 0.37
N GLY A 248 28.77 15.71 1.06
CA GLY A 248 30.16 15.92 0.64
C GLY A 248 30.75 17.19 1.22
N THR A 249 29.91 18.04 1.82
CA THR A 249 30.33 19.24 2.59
C THR A 249 31.22 18.78 3.74
N GLY A 250 30.80 17.74 4.48
CA GLY A 250 31.52 17.20 5.64
C GLY A 250 30.94 17.69 6.94
N LYS A 251 29.93 16.98 7.44
CA LYS A 251 29.26 17.30 8.73
C LYS A 251 29.76 16.30 9.78
N THR A 252 29.71 15.00 9.45
CA THR A 252 30.29 13.90 10.27
C THR A 252 31.69 14.32 10.74
N LEU A 253 32.56 14.66 9.78
CA LEU A 253 33.96 15.06 10.03
C LEU A 253 33.98 16.22 11.04
N ILE A 254 33.07 17.18 10.88
CA ILE A 254 32.93 18.35 11.79
C ILE A 254 32.57 17.84 13.20
N ALA A 255 31.50 17.04 13.29
CA ALA A 255 30.96 16.49 14.54
C ALA A 255 32.02 15.61 15.22
N ARG A 256 32.66 14.73 14.46
CA ARG A 256 33.66 13.74 14.98
C ARG A 256 34.79 14.49 15.68
N ALA A 257 35.44 15.42 14.96
CA ALA A 257 36.58 16.21 15.47
C ALA A 257 36.23 16.77 16.85
N VAL A 258 35.05 17.40 16.97
CA VAL A 258 34.62 18.13 18.20
C VAL A 258 34.67 17.14 19.37
N ALA A 259 33.98 16.01 19.22
CA ALA A 259 33.88 14.94 20.25
C ALA A 259 35.27 14.53 20.73
N ASN A 260 36.18 14.22 19.79
CA ASN A 260 37.57 13.78 20.09
C ASN A 260 38.29 14.91 20.81
N GLU A 261 38.14 16.15 20.32
CA GLU A 261 38.83 17.35 20.85
C GLU A 261 38.31 17.64 22.27
N THR A 262 37.02 17.43 22.51
CA THR A 262 36.33 17.74 23.79
C THR A 262 36.49 16.59 24.79
N GLY A 263 37.19 15.52 24.40
CA GLY A 263 37.36 14.30 25.22
C GLY A 263 36.03 13.77 25.72
N ALA A 264 35.05 13.63 24.83
CA ALA A 264 33.70 13.09 25.11
C ALA A 264 33.50 11.82 24.29
N PHE A 265 32.88 10.79 24.89
CA PHE A 265 32.58 9.50 24.23
C PHE A 265 31.72 9.78 22.99
N PHE A 266 32.17 9.30 21.83
CA PHE A 266 31.52 9.54 20.51
C PHE A 266 30.96 8.23 19.96
N PHE A 267 29.65 8.18 19.77
CA PHE A 267 28.94 7.06 19.08
C PHE A 267 28.28 7.60 17.80
N LEU A 268 28.57 6.95 16.67
CA LEU A 268 28.03 7.27 15.32
C LEU A 268 26.89 6.29 15.01
N ILE A 269 25.71 6.81 14.64
CA ILE A 269 24.51 6.03 14.21
C ILE A 269 24.26 6.27 12.72
N ASN A 270 24.26 5.21 11.91
CA ASN A 270 24.08 5.30 10.44
C ASN A 270 22.68 4.82 10.08
N GLY A 271 21.89 5.66 9.39
CA GLY A 271 20.50 5.40 9.01
C GLY A 271 20.35 4.06 8.27
N PRO A 272 21.20 3.80 7.25
CA PRO A 272 21.16 2.53 6.54
C PRO A 272 21.36 1.37 7.53
N GLU A 273 22.40 1.46 8.37
CA GLU A 273 22.75 0.43 9.37
C GLU A 273 21.53 0.13 10.25
N ILE A 274 20.82 1.16 10.71
CA ILE A 274 19.60 1.02 11.56
C ILE A 274 18.46 0.47 10.72
N MET A 275 18.36 0.91 9.46
CA MET A 275 17.29 0.47 8.54
C MET A 275 17.50 -0.99 8.13
N SER A 276 18.76 -1.37 7.91
CA SER A 276 19.16 -2.74 7.52
C SER A 276 18.59 -3.75 8.53
N LYS A 277 18.77 -3.49 9.83
CA LYS A 277 18.32 -4.39 10.93
C LYS A 277 16.82 -4.61 10.77
N LEU A 278 16.36 -5.84 11.07
CA LEU A 278 14.96 -6.28 10.88
C LEU A 278 14.07 -5.60 11.93
N ALA A 279 12.75 -5.59 11.67
CA ALA A 279 11.71 -4.89 12.47
C ALA A 279 11.55 -5.54 13.85
N GLY A 280 11.70 -4.75 14.91
CA GLY A 280 11.62 -5.19 16.32
C GLY A 280 12.98 -5.15 17.00
N GLU A 281 14.05 -5.31 16.21
CA GLU A 281 15.46 -5.24 16.67
C GLU A 281 15.98 -3.82 16.50
N SER A 282 15.58 -3.14 15.42
CA SER A 282 15.94 -1.74 15.10
C SER A 282 15.81 -0.89 16.37
N GLU A 283 14.64 -0.99 17.03
CA GLU A 283 14.29 -0.28 18.28
C GLU A 283 15.29 -0.66 19.39
N SER A 284 15.56 -1.96 19.53
CA SER A 284 16.55 -2.53 20.49
C SER A 284 17.91 -1.85 20.26
N ASN A 285 18.44 -1.88 19.04
CA ASN A 285 19.76 -1.29 18.70
C ASN A 285 19.76 0.19 19.10
N LEU A 286 18.74 0.94 18.69
CA LEU A 286 18.62 2.39 19.01
C LEU A 286 18.63 2.55 20.53
N ARG A 287 17.77 1.80 21.22
CA ARG A 287 17.67 1.81 22.70
C ARG A 287 19.05 1.53 23.29
N LYS A 288 19.70 0.45 22.84
CA LYS A 288 21.03 0.04 23.36
C LYS A 288 21.99 1.23 23.25
N ALA A 289 22.06 1.86 22.08
CA ALA A 289 22.96 3.00 21.77
C ALA A 289 22.75 4.14 22.78
N PHE A 290 21.50 4.52 23.03
CA PHE A 290 21.14 5.63 23.94
C PHE A 290 21.51 5.26 25.38
N GLU A 291 21.15 4.04 25.81
CA GLU A 291 21.50 3.52 27.16
C GLU A 291 23.02 3.62 27.36
N GLU A 292 23.80 3.13 26.38
CA GLU A 292 25.28 3.09 26.38
C GLU A 292 25.86 4.49 26.59
N ALA A 293 25.28 5.50 25.92
CA ALA A 293 25.70 6.92 26.03
C ALA A 293 25.55 7.39 27.48
N GLU A 294 24.44 7.03 28.14
CA GLU A 294 24.13 7.39 29.55
C GLU A 294 25.22 6.81 30.46
N LYS A 295 25.58 5.55 30.24
CA LYS A 295 26.62 4.80 31.01
C LYS A 295 27.96 5.54 30.88
N ASN A 296 28.33 5.92 29.65
CA ASN A 296 29.63 6.56 29.35
C ASN A 296 29.49 8.09 29.26
N ALA A 297 28.38 8.64 29.77
CA ALA A 297 28.12 10.10 29.82
C ALA A 297 29.27 10.77 30.55
N PRO A 298 29.73 11.97 30.14
CA PRO A 298 29.13 12.75 29.06
C PRO A 298 29.59 12.23 27.69
N ALA A 299 28.66 11.97 26.78
CA ALA A 299 28.91 11.41 25.45
C ALA A 299 28.19 12.25 24.38
N ILE A 300 28.61 12.13 23.12
CA ILE A 300 27.97 12.77 21.93
C ILE A 300 27.47 11.68 20.98
N ILE A 301 26.18 11.76 20.63
CA ILE A 301 25.51 10.87 19.64
C ILE A 301 25.38 11.67 18.34
N PHE A 302 25.75 11.07 17.23
CA PHE A 302 25.65 11.71 15.90
C PHE A 302 24.86 10.82 14.96
N ILE A 303 23.82 11.39 14.34
CA ILE A 303 23.03 10.75 13.25
C ILE A 303 23.62 11.22 11.92
N ASP A 304 24.00 10.26 11.05
CA ASP A 304 24.56 10.53 9.70
C ASP A 304 23.41 10.74 8.72
N GLU A 305 22.74 9.65 8.31
CA GLU A 305 21.67 9.71 7.30
C GLU A 305 20.32 9.82 8.02
N LEU A 306 20.06 10.98 8.63
CA LEU A 306 18.79 11.28 9.34
C LEU A 306 17.62 11.16 8.35
N ASP A 307 17.76 11.78 7.17
CA ASP A 307 16.76 11.78 6.07
C ASP A 307 16.29 10.34 5.78
N ALA A 308 17.23 9.40 5.70
CA ALA A 308 16.96 7.95 5.48
C ALA A 308 16.14 7.41 6.65
N ILE A 309 16.58 7.66 7.89
CA ILE A 309 15.89 7.21 9.14
C ILE A 309 14.47 7.79 9.16
N ALA A 310 14.34 9.11 8.99
CA ALA A 310 13.07 9.85 9.11
C ALA A 310 12.85 10.71 7.88
N PRO A 311 11.92 10.32 6.98
CA PRO A 311 11.54 11.17 5.86
C PRO A 311 10.46 12.17 6.29
N LYS A 312 9.76 12.80 5.33
CA LYS A 312 8.54 13.60 5.62
C LYS A 312 7.34 12.65 5.77
N ARG A 313 6.25 13.13 6.39
CA ARG A 313 5.04 12.33 6.73
C ARG A 313 4.31 11.90 5.45
N GLU A 314 4.33 12.74 4.42
CA GLU A 314 3.75 12.44 3.08
C GLU A 314 4.65 11.44 2.34
N LYS A 315 5.96 11.48 2.60
CA LYS A 315 6.98 10.65 1.91
C LYS A 315 6.93 9.21 2.44
N THR A 316 6.78 9.02 3.75
CA THR A 316 6.74 7.70 4.41
C THR A 316 5.39 7.03 4.08
N HIS A 317 5.43 5.81 3.55
CA HIS A 317 4.26 4.97 3.17
C HIS A 317 4.32 3.60 3.84
N GLY A 318 5.20 3.43 4.84
CA GLY A 318 5.37 2.17 5.59
C GLY A 318 4.97 2.33 7.05
N GLU A 319 4.17 1.41 7.57
CA GLU A 319 3.73 1.37 8.99
C GLU A 319 4.95 1.11 9.89
N VAL A 320 5.81 0.16 9.51
CA VAL A 320 7.04 -0.23 10.27
C VAL A 320 7.98 0.97 10.35
N GLU A 321 8.06 1.75 9.27
CA GLU A 321 8.91 2.97 9.15
C GLU A 321 8.45 3.97 10.23
N ARG A 322 7.13 4.14 10.36
CA ARG A 322 6.47 5.08 11.30
C ARG A 322 6.81 4.69 12.75
N ARG A 323 6.86 3.38 13.04
CA ARG A 323 7.22 2.85 14.38
C ARG A 323 8.67 3.24 14.72
N ILE A 324 9.57 3.13 13.73
CA ILE A 324 11.02 3.44 13.90
C ILE A 324 11.16 4.93 14.21
N VAL A 325 10.51 5.79 13.43
CA VAL A 325 10.48 7.27 13.62
C VAL A 325 10.00 7.55 15.04
N SER A 326 8.82 7.03 15.40
CA SER A 326 8.22 7.18 16.75
C SER A 326 9.26 6.84 17.81
N GLN A 327 9.97 5.72 17.65
CA GLN A 327 10.98 5.24 18.63
C GLN A 327 12.04 6.33 18.83
N LEU A 328 12.57 6.90 17.74
CA LEU A 328 13.61 7.95 17.79
C LEU A 328 13.08 9.17 18.56
N LEU A 329 11.84 9.57 18.29
CA LEU A 329 11.18 10.73 18.94
C LEU A 329 11.08 10.48 20.44
N THR A 330 10.68 9.27 20.85
CA THR A 330 10.58 8.84 22.27
C THR A 330 11.96 8.92 22.93
N LEU A 331 13.01 8.47 22.24
CA LEU A 331 14.41 8.50 22.75
C LEU A 331 14.81 9.96 22.98
N MET A 332 14.52 10.85 22.02
CA MET A 332 14.86 12.29 22.07
C MET A 332 14.19 12.95 23.28
N ASP A 333 12.89 12.70 23.47
CA ASP A 333 12.09 13.22 24.61
C ASP A 333 12.69 12.66 25.91
N GLY A 334 13.02 11.36 25.91
CA GLY A 334 13.60 10.61 27.04
C GLY A 334 14.87 11.27 27.56
N LEU A 335 15.69 11.82 26.65
CA LEU A 335 16.98 12.48 26.98
C LEU A 335 16.75 13.61 27.98
N LYS A 336 17.48 13.59 29.09
CA LYS A 336 17.35 14.58 30.19
C LYS A 336 18.63 15.40 30.31
N GLN A 337 18.59 16.41 31.19
CA GLN A 337 19.74 17.27 31.56
C GLN A 337 20.80 16.40 32.23
N ARG A 338 20.38 15.62 33.22
CA ARG A 338 21.24 14.72 34.04
C ARG A 338 22.04 13.80 33.12
N ALA A 339 21.44 13.38 32.00
CA ALA A 339 22.06 12.49 30.98
C ALA A 339 23.30 13.19 30.41
N HIS A 340 23.23 14.50 30.14
CA HIS A 340 24.32 15.32 29.58
C HIS A 340 24.82 14.73 28.26
N VAL A 341 23.90 14.25 27.42
CA VAL A 341 24.21 13.66 26.08
C VAL A 341 23.73 14.64 25.01
N ILE A 342 24.60 15.01 24.07
CA ILE A 342 24.26 15.96 22.97
C ILE A 342 24.06 15.14 21.68
N VAL A 343 22.92 15.32 21.01
CA VAL A 343 22.57 14.63 19.74
C VAL A 343 22.81 15.58 18.58
N MET A 344 23.57 15.13 17.58
CA MET A 344 23.86 15.91 16.34
C MET A 344 23.36 15.12 15.13
N ALA A 345 22.48 15.75 14.35
CA ALA A 345 21.85 15.15 13.14
C ALA A 345 22.24 15.98 11.92
N ALA A 346 22.41 15.31 10.78
CA ALA A 346 22.74 15.92 9.47
C ALA A 346 21.62 15.59 8.48
N THR A 347 21.12 16.61 7.77
CA THR A 347 20.14 16.49 6.67
C THR A 347 20.65 17.29 5.47
N ASN A 348 20.38 16.79 4.26
CA ASN A 348 20.85 17.39 2.99
C ASN A 348 20.06 18.67 2.75
N ARG A 349 18.73 18.57 2.74
CA ARG A 349 17.83 19.69 2.41
C ARG A 349 16.81 19.90 3.53
N PRO A 350 16.44 21.17 3.84
CA PRO A 350 15.43 21.47 4.85
C PRO A 350 14.02 21.01 4.46
N ASN A 351 13.70 21.02 3.16
CA ASN A 351 12.36 20.65 2.62
C ASN A 351 12.00 19.23 3.05
N SER A 352 12.94 18.29 2.93
CA SER A 352 12.79 16.85 3.28
C SER A 352 13.08 16.65 4.77
N ILE A 353 12.30 17.30 5.63
CA ILE A 353 12.41 17.23 7.12
C ILE A 353 11.01 16.93 7.68
N ASP A 354 10.94 15.99 8.64
CA ASP A 354 9.71 15.65 9.38
C ASP A 354 9.33 16.84 10.25
N PRO A 355 8.06 17.30 10.24
CA PRO A 355 7.65 18.44 11.07
C PRO A 355 8.00 18.21 12.54
N ALA A 356 7.75 17.00 13.04
CA ALA A 356 7.93 16.56 14.44
C ALA A 356 9.36 16.83 14.91
N LEU A 357 10.35 16.61 14.04
CA LEU A 357 11.79 16.82 14.36
C LEU A 357 12.05 18.29 14.73
N ARG A 358 11.41 19.22 14.02
CA ARG A 358 11.54 20.69 14.25
C ARG A 358 10.73 21.08 15.50
N ARG A 359 11.19 20.65 16.67
CA ARG A 359 10.56 20.96 17.98
C ARG A 359 11.62 21.52 18.92
N PHE A 360 11.24 22.48 19.76
CA PHE A 360 12.12 23.13 20.77
C PHE A 360 12.66 22.03 21.69
N GLY A 361 11.75 21.24 22.28
CA GLY A 361 12.07 20.06 23.09
C GLY A 361 13.17 19.22 22.44
N ARG A 362 13.02 18.91 21.15
CA ARG A 362 13.92 18.02 20.38
C ARG A 362 15.00 18.88 19.71
N PHE A 363 15.15 18.79 18.38
CA PHE A 363 16.20 19.48 17.60
C PHE A 363 15.87 20.97 17.44
N ASP A 364 15.83 21.70 18.56
CA ASP A 364 15.62 23.17 18.57
C ASP A 364 16.70 23.81 17.71
N ARG A 365 17.97 23.48 17.98
CA ARG A 365 19.18 24.14 17.38
C ARG A 365 19.39 23.61 15.97
N GLU A 366 19.50 24.53 15.00
CA GLU A 366 19.68 24.24 13.56
C GLU A 366 20.87 25.04 13.05
N VAL A 367 21.79 24.40 12.31
CA VAL A 367 23.03 25.01 11.76
C VAL A 367 23.02 24.92 10.23
N ASP A 368 22.99 26.07 9.55
CA ASP A 368 23.01 26.18 8.07
C ASP A 368 24.46 26.20 7.61
N ILE A 369 24.90 25.20 6.83
CA ILE A 369 26.27 25.14 6.24
C ILE A 369 26.17 25.57 4.78
N GLY A 370 26.70 26.75 4.46
CA GLY A 370 26.81 27.28 3.08
C GLY A 370 27.96 26.63 2.34
N ILE A 371 27.97 26.73 1.01
CA ILE A 371 29.08 26.22 0.15
C ILE A 371 30.35 26.98 0.52
N PRO A 372 31.51 26.29 0.68
CA PRO A 372 32.75 26.97 1.03
C PRO A 372 33.20 27.99 -0.02
N ASP A 373 33.71 29.14 0.43
CA ASP A 373 34.22 30.24 -0.45
C ASP A 373 35.60 29.85 -0.98
N ALA A 374 36.10 30.57 -1.99
CA ALA A 374 37.38 30.31 -2.69
C ALA A 374 38.53 30.22 -1.66
N THR A 375 38.58 31.14 -0.70
CA THR A 375 39.58 31.18 0.40
C THR A 375 39.46 29.89 1.22
N GLY A 376 38.24 29.51 1.58
CA GLY A 376 37.93 28.24 2.27
C GLY A 376 38.37 27.04 1.46
N ARG A 377 38.07 27.04 0.16
CA ARG A 377 38.46 25.96 -0.80
C ARG A 377 39.99 25.86 -0.83
N LEU A 378 40.68 27.00 -0.96
CA LEU A 378 42.16 27.09 -0.89
C LEU A 378 42.64 26.47 0.43
N GLU A 379 42.03 26.92 1.55
CA GLU A 379 42.36 26.44 2.92
C GLU A 379 42.27 24.92 2.99
N ILE A 380 41.19 24.35 2.42
CA ILE A 380 40.95 22.87 2.40
C ILE A 380 42.13 22.18 1.70
N LEU A 381 42.57 22.73 0.56
CA LEU A 381 43.67 22.17 -0.28
C LEU A 381 44.94 22.03 0.58
N GLN A 382 45.27 23.06 1.37
CA GLN A 382 46.47 23.12 2.26
C GLN A 382 46.44 21.94 3.24
N ILE A 383 45.26 21.64 3.79
CA ILE A 383 45.06 20.58 4.82
C ILE A 383 45.30 19.20 4.20
N HIS A 384 44.81 18.98 2.97
CA HIS A 384 44.88 17.69 2.24
C HIS A 384 46.30 17.40 1.74
N THR A 385 47.12 18.43 1.52
CA THR A 385 48.45 18.33 0.87
C THR A 385 49.57 18.44 1.89
N LYS A 386 49.27 18.45 3.19
CA LYS A 386 50.26 18.75 4.26
C LYS A 386 51.21 17.56 4.44
N ASN A 387 50.73 16.32 4.27
CA ASN A 387 51.55 15.08 4.43
C ASN A 387 52.40 14.84 3.17
N MET A 388 51.81 15.05 1.99
CA MET A 388 52.45 14.81 0.67
C MET A 388 53.42 15.94 0.31
N LYS A 389 54.31 15.69 -0.66
CA LYS A 389 55.36 16.63 -1.15
C LYS A 389 54.92 17.28 -2.46
N LEU A 390 54.79 18.61 -2.46
CA LEU A 390 54.29 19.42 -3.62
C LEU A 390 55.48 20.07 -4.33
N ALA A 391 55.43 20.16 -5.67
CA ALA A 391 56.42 20.86 -6.51
C ALA A 391 56.21 22.37 -6.35
N ASP A 392 57.27 23.16 -6.61
CA ASP A 392 57.26 24.64 -6.48
C ASP A 392 56.29 25.23 -7.50
N ASP A 393 56.24 24.65 -8.71
CA ASP A 393 55.41 25.10 -9.85
C ASP A 393 53.91 24.95 -9.54
N VAL A 394 53.54 24.00 -8.68
CA VAL A 394 52.12 23.75 -8.28
C VAL A 394 51.64 24.92 -7.43
N ASP A 395 50.49 25.52 -7.76
CA ASP A 395 49.85 26.62 -7.00
C ASP A 395 48.43 26.20 -6.60
N LEU A 396 48.15 26.13 -5.30
CA LEU A 396 46.84 25.73 -4.72
C LEU A 396 45.81 26.82 -5.00
N GLU A 397 46.20 28.09 -4.86
CA GLU A 397 45.34 29.29 -5.05
C GLU A 397 44.71 29.24 -6.43
N GLN A 398 45.51 29.07 -7.49
CA GLN A 398 45.02 29.01 -8.89
C GLN A 398 44.00 27.87 -9.01
N VAL A 399 44.36 26.68 -8.51
CA VAL A 399 43.47 25.48 -8.53
C VAL A 399 42.20 25.80 -7.75
N ALA A 400 42.33 26.45 -6.59
CA ALA A 400 41.22 26.90 -5.71
C ALA A 400 40.32 27.86 -6.49
N ASN A 401 40.90 28.74 -7.29
CA ASN A 401 40.18 29.76 -8.11
C ASN A 401 39.32 29.06 -9.18
N GLU A 402 39.84 27.98 -9.78
CA GLU A 402 39.19 27.27 -10.92
C GLU A 402 37.92 26.57 -10.44
N THR A 403 37.91 26.09 -9.20
CA THR A 403 36.76 25.39 -8.57
C THR A 403 35.82 26.42 -7.93
N HIS A 404 34.58 26.51 -8.42
CA HIS A 404 33.53 27.45 -7.94
C HIS A 404 32.57 26.69 -7.01
N GLY A 405 31.96 25.62 -7.53
CA GLY A 405 30.92 24.81 -6.84
C GLY A 405 31.44 23.47 -6.37
N HIS A 406 32.75 23.26 -6.39
CA HIS A 406 33.40 22.01 -5.90
C HIS A 406 33.35 21.99 -4.36
N VAL A 407 32.89 20.88 -3.79
CA VAL A 407 32.73 20.67 -2.32
C VAL A 407 34.07 20.18 -1.75
N GLY A 408 34.21 20.22 -0.41
CA GLY A 408 35.42 19.75 0.30
C GLY A 408 35.84 18.36 -0.16
N ALA A 409 34.88 17.43 -0.22
CA ALA A 409 35.07 16.04 -0.71
C ALA A 409 35.65 16.04 -2.12
N ASP A 410 35.11 16.87 -3.03
CA ASP A 410 35.56 16.98 -4.45
C ASP A 410 37.06 17.29 -4.47
N LEU A 411 37.50 18.22 -3.62
CA LEU A 411 38.90 18.69 -3.52
C LEU A 411 39.79 17.52 -3.10
N ALA A 412 39.38 16.79 -2.05
CA ALA A 412 40.08 15.58 -1.53
C ALA A 412 40.23 14.56 -2.65
N ALA A 413 39.14 14.25 -3.37
CA ALA A 413 39.11 13.34 -4.53
C ALA A 413 40.10 13.81 -5.60
N LEU A 414 40.09 15.10 -5.90
CA LEU A 414 41.02 15.75 -6.87
C LEU A 414 42.46 15.49 -6.42
N CYS A 415 42.78 15.76 -5.15
CA CYS A 415 44.12 15.53 -4.54
C CYS A 415 44.50 14.06 -4.64
N SER A 416 43.59 13.15 -4.28
CA SER A 416 43.75 11.68 -4.37
C SER A 416 44.05 11.31 -5.83
N GLU A 417 43.20 11.74 -6.76
CA GLU A 417 43.31 11.44 -8.22
C GLU A 417 44.64 12.00 -8.74
N ALA A 418 45.01 13.22 -8.34
CA ALA A 418 46.26 13.92 -8.73
C ALA A 418 47.47 13.11 -8.23
N ALA A 419 47.40 12.58 -7.02
CA ALA A 419 48.44 11.73 -6.40
C ALA A 419 48.61 10.45 -7.23
N LEU A 420 47.51 9.75 -7.50
CA LEU A 420 47.50 8.49 -8.29
C LEU A 420 48.12 8.75 -9.67
N GLN A 421 47.68 9.82 -10.36
CA GLN A 421 48.20 10.21 -11.70
C GLN A 421 49.71 10.41 -11.60
N ALA A 422 50.17 11.16 -10.59
CA ALA A 422 51.60 11.48 -10.34
C ALA A 422 52.40 10.19 -10.15
N ILE A 423 51.84 9.22 -9.42
CA ILE A 423 52.47 7.87 -9.21
C ILE A 423 52.53 7.13 -10.55
N ARG A 424 51.44 7.13 -11.30
CA ARG A 424 51.34 6.49 -12.65
C ARG A 424 52.40 7.11 -13.59
N LYS A 425 52.60 8.42 -13.51
CA LYS A 425 53.49 9.18 -14.43
C LYS A 425 54.96 8.85 -14.15
N LYS A 426 55.32 8.62 -12.89
CA LYS A 426 56.73 8.37 -12.48
C LYS A 426 56.89 6.90 -12.12
N MET A 427 56.25 6.45 -11.04
CA MET A 427 56.52 5.13 -10.39
C MET A 427 56.30 3.98 -11.37
N ASP A 428 55.23 4.03 -12.17
CA ASP A 428 54.85 2.95 -13.13
C ASP A 428 55.99 2.68 -14.12
N LEU A 429 56.74 3.73 -14.50
CA LEU A 429 57.83 3.63 -15.51
C LEU A 429 59.00 2.82 -14.92
N ILE A 430 59.24 2.97 -13.61
CA ILE A 430 60.35 2.28 -12.89
C ILE A 430 59.90 0.83 -12.63
N ASP A 431 58.70 0.68 -12.05
CA ASP A 431 58.08 -0.63 -11.72
C ASP A 431 59.07 -1.46 -10.88
N LEU A 432 59.62 -0.84 -9.83
CA LEU A 432 60.56 -1.48 -8.87
C LEU A 432 59.83 -1.85 -7.58
N GLU A 433 58.49 -1.76 -7.57
CA GLU A 433 57.66 -2.02 -6.37
C GLU A 433 57.44 -3.52 -6.22
N ASP A 434 58.44 -4.22 -5.70
CA ASP A 434 58.42 -5.68 -5.47
C ASP A 434 58.57 -5.93 -3.96
N GLU A 435 57.63 -6.68 -3.38
CA GLU A 435 57.61 -7.04 -1.94
C GLU A 435 57.63 -5.75 -1.10
N THR A 436 58.54 -5.65 -0.12
CA THR A 436 58.71 -4.47 0.76
C THR A 436 59.14 -3.27 -0.10
N ILE A 437 58.51 -2.12 0.14
CA ILE A 437 58.78 -0.85 -0.59
C ILE A 437 59.46 0.13 0.38
N ASP A 438 60.64 0.61 0.01
CA ASP A 438 61.42 1.60 0.80
C ASP A 438 60.64 2.92 0.83
N ALA A 439 60.55 3.54 2.02
CA ALA A 439 59.88 4.83 2.27
C ALA A 439 60.58 5.95 1.50
N GLU A 440 61.91 5.86 1.41
CA GLU A 440 62.80 6.92 0.82
C GLU A 440 62.44 7.13 -0.65
N VAL A 441 62.19 6.04 -1.39
CA VAL A 441 61.77 6.09 -2.82
C VAL A 441 60.50 6.95 -2.92
N MET A 442 59.53 6.67 -2.06
CA MET A 442 58.23 7.38 -2.01
C MET A 442 58.48 8.86 -1.69
N ASN A 443 59.49 9.14 -0.87
CA ASN A 443 59.92 10.51 -0.45
C ASN A 443 60.39 11.30 -1.68
N SER A 444 61.20 10.69 -2.56
CA SER A 444 61.76 11.31 -3.78
C SER A 444 60.64 11.77 -4.72
N LEU A 445 59.50 11.06 -4.70
CA LEU A 445 58.34 11.33 -5.59
C LEU A 445 57.73 12.69 -5.22
N ALA A 446 57.52 13.55 -6.23
CA ALA A 446 56.90 14.89 -6.11
C ALA A 446 55.77 15.00 -7.14
N VAL A 447 54.69 15.71 -6.81
CA VAL A 447 53.52 15.91 -7.73
C VAL A 447 53.75 17.19 -8.53
N THR A 448 53.62 17.10 -9.86
CA THR A 448 53.79 18.24 -10.81
C THR A 448 52.47 19.00 -10.89
N MET A 449 52.54 20.29 -11.25
CA MET A 449 51.36 21.17 -11.44
C MET A 449 50.47 20.56 -12.53
N ASP A 450 51.07 20.03 -13.59
CA ASP A 450 50.38 19.43 -14.76
C ASP A 450 49.46 18.29 -14.29
N ASP A 451 49.90 17.50 -13.31
CA ASP A 451 49.11 16.37 -12.74
C ASP A 451 47.75 16.90 -12.28
N PHE A 452 47.76 17.97 -11.48
CA PHE A 452 46.56 18.65 -10.93
C PHE A 452 45.68 19.13 -12.08
N ARG A 453 46.28 19.74 -13.11
CA ARG A 453 45.57 20.25 -14.31
C ARG A 453 44.91 19.06 -15.04
N TRP A 454 45.60 17.93 -15.12
CA TRP A 454 45.11 16.67 -15.75
C TRP A 454 43.94 16.11 -14.94
N ALA A 455 44.06 16.12 -13.61
CA ALA A 455 43.02 15.66 -12.65
C ALA A 455 41.81 16.60 -12.72
N LEU A 456 42.06 17.92 -12.79
CA LEU A 456 40.99 18.97 -12.84
C LEU A 456 40.17 18.82 -14.13
N SER A 457 40.84 18.54 -15.26
CA SER A 457 40.21 18.33 -16.60
C SER A 457 39.07 17.31 -16.50
N GLN A 458 39.32 16.19 -15.80
CA GLN A 458 38.34 15.09 -15.63
C GLN A 458 37.41 15.39 -14.46
N SER A 459 36.54 16.40 -14.62
CA SER A 459 35.54 16.82 -13.61
C SER A 459 34.14 16.71 -14.20
N ASN A 460 33.31 15.85 -13.60
CA ASN A 460 31.92 15.59 -14.05
C ASN A 460 31.18 14.84 -12.94
N PRO A 461 30.18 15.48 -12.30
CA PRO A 461 29.34 14.83 -11.29
C PRO A 461 28.20 14.01 -11.89
N LYS B 108 -69.19 -29.38 -40.30
CA LYS B 108 -70.25 -29.20 -39.26
C LYS B 108 -69.58 -28.99 -37.89
N ALA B 109 -70.38 -28.68 -36.86
CA ALA B 109 -69.91 -28.37 -35.48
C ALA B 109 -70.66 -29.25 -34.47
N VAL B 110 -69.93 -30.07 -33.70
CA VAL B 110 -70.47 -31.00 -32.67
C VAL B 110 -70.47 -30.31 -31.30
N ILE B 111 -71.65 -30.02 -30.76
CA ILE B 111 -71.83 -29.38 -29.42
C ILE B 111 -72.40 -30.43 -28.45
N ARG B 112 -71.68 -30.68 -27.35
CA ARG B 112 -72.15 -31.55 -26.25
C ARG B 112 -72.57 -30.67 -25.06
N VAL B 113 -73.66 -31.05 -24.40
CA VAL B 113 -74.15 -30.38 -23.16
C VAL B 113 -74.14 -31.43 -22.04
N ARG B 114 -73.36 -31.17 -20.99
CA ARG B 114 -73.23 -32.06 -19.80
C ARG B 114 -74.15 -31.55 -18.69
N PHE B 115 -75.21 -32.30 -18.38
CA PHE B 115 -76.23 -31.93 -17.37
C PHE B 115 -75.71 -32.21 -15.97
N PRO B 116 -76.27 -31.56 -14.92
CA PRO B 116 -75.82 -31.77 -13.54
C PRO B 116 -76.12 -33.19 -13.03
N ASP B 117 -77.17 -33.82 -13.55
CA ASP B 117 -77.65 -35.16 -13.15
C ASP B 117 -77.06 -36.22 -14.10
N ASN B 118 -75.75 -36.15 -14.36
CA ASN B 118 -74.93 -37.17 -15.08
C ASN B 118 -75.38 -37.33 -16.55
N HIS B 119 -76.27 -36.45 -17.03
CA HIS B 119 -76.95 -36.60 -18.34
C HIS B 119 -76.13 -35.91 -19.43
N THR B 120 -75.90 -36.60 -20.54
CA THR B 120 -75.13 -36.11 -21.72
C THR B 120 -76.09 -35.93 -22.91
N LEU B 121 -76.13 -34.73 -23.48
CA LEU B 121 -76.85 -34.45 -24.75
C LEU B 121 -75.84 -34.04 -25.82
N GLU B 122 -75.66 -34.91 -26.82
CA GLU B 122 -74.87 -34.64 -28.06
C GLU B 122 -75.79 -33.99 -29.09
N ALA B 123 -75.27 -33.05 -29.89
CA ALA B 123 -76.02 -32.39 -30.98
C ALA B 123 -75.06 -31.71 -31.96
N THR B 124 -75.23 -31.96 -33.26
CA THR B 124 -74.45 -31.38 -34.38
C THR B 124 -75.19 -30.12 -34.87
N PHE B 125 -74.46 -29.02 -35.09
CA PHE B 125 -75.00 -27.74 -35.63
C PHE B 125 -74.07 -27.24 -36.74
N HIS B 126 -74.59 -26.39 -37.63
CA HIS B 126 -73.81 -25.70 -38.69
C HIS B 126 -73.02 -24.56 -38.05
N PRO B 127 -71.76 -24.32 -38.46
CA PRO B 127 -70.92 -23.30 -37.84
C PRO B 127 -71.53 -21.90 -38.05
N SER B 128 -72.15 -21.73 -39.22
CA SER B 128 -73.00 -20.57 -39.60
C SER B 128 -73.89 -20.20 -38.41
N GLU B 129 -74.83 -21.10 -38.10
CA GLU B 129 -75.94 -20.89 -37.11
C GLU B 129 -75.42 -20.15 -35.88
N LYS B 130 -76.25 -19.29 -35.29
CA LYS B 130 -75.91 -18.45 -34.12
C LYS B 130 -76.12 -19.27 -32.84
N ILE B 131 -75.86 -18.68 -31.68
CA ILE B 131 -76.02 -19.31 -30.34
C ILE B 131 -77.51 -19.41 -29.99
N GLN B 132 -78.29 -18.37 -30.33
CA GLN B 132 -79.73 -18.22 -29.95
C GLN B 132 -80.50 -19.51 -30.26
N GLY B 133 -80.35 -20.04 -31.48
CA GLY B 133 -81.03 -21.25 -31.97
C GLY B 133 -80.83 -22.44 -31.04
N LEU B 134 -79.60 -22.66 -30.58
CA LEU B 134 -79.23 -23.76 -29.64
C LEU B 134 -79.98 -23.55 -28.32
N ILE B 135 -79.98 -22.31 -27.78
CA ILE B 135 -80.64 -21.97 -26.49
C ILE B 135 -82.15 -22.26 -26.62
N ASP B 136 -82.75 -21.96 -27.77
CA ASP B 136 -84.17 -22.24 -28.07
C ASP B 136 -84.40 -23.75 -28.15
N LEU B 137 -83.44 -24.49 -28.71
CA LEU B 137 -83.44 -25.98 -28.77
C LEU B 137 -83.43 -26.53 -27.33
N VAL B 138 -82.51 -26.04 -26.49
CA VAL B 138 -82.33 -26.49 -25.09
C VAL B 138 -83.65 -26.31 -24.33
N LYS B 139 -84.28 -25.14 -24.47
CA LYS B 139 -85.61 -24.80 -23.88
C LYS B 139 -86.63 -25.86 -24.27
N ARG B 140 -86.63 -26.27 -25.54
CA ARG B 140 -87.49 -27.37 -26.06
C ARG B 140 -87.10 -28.66 -25.34
N VAL B 141 -85.81 -28.99 -25.31
CA VAL B 141 -85.26 -30.28 -24.77
C VAL B 141 -85.56 -30.42 -23.29
N VAL B 142 -85.38 -29.36 -22.49
CA VAL B 142 -85.64 -29.38 -21.02
C VAL B 142 -87.16 -29.41 -20.81
N ALA B 143 -87.61 -29.92 -19.65
CA ALA B 143 -89.03 -30.04 -19.27
C ALA B 143 -89.47 -28.83 -18.45
N HIS B 144 -88.61 -27.80 -18.33
CA HIS B 144 -88.88 -26.54 -17.59
C HIS B 144 -88.38 -25.35 -18.41
N PRO B 145 -89.13 -24.90 -19.44
CA PRO B 145 -88.76 -23.70 -20.20
C PRO B 145 -88.88 -22.43 -19.35
N ASP B 146 -89.95 -22.32 -18.55
CA ASP B 146 -90.23 -21.17 -17.65
C ASP B 146 -89.07 -20.99 -16.67
N VAL B 147 -88.49 -22.10 -16.18
CA VAL B 147 -87.35 -22.10 -15.21
C VAL B 147 -86.13 -21.51 -15.91
N PRO B 148 -85.40 -20.58 -15.28
CA PRO B 148 -84.21 -20.00 -15.88
C PRO B 148 -83.03 -20.99 -15.87
N PHE B 149 -82.20 -20.94 -16.92
CA PHE B 149 -80.92 -21.71 -17.03
C PHE B 149 -79.87 -20.82 -17.69
N TYR B 150 -78.62 -21.29 -17.72
CA TYR B 150 -77.49 -20.61 -18.41
C TYR B 150 -76.39 -21.64 -18.73
N LEU B 151 -75.89 -21.59 -19.96
CA LEU B 151 -74.77 -22.45 -20.46
C LEU B 151 -73.45 -21.67 -20.32
N TYR B 152 -72.42 -22.34 -19.80
CA TYR B 152 -71.11 -21.75 -19.41
C TYR B 152 -70.01 -22.80 -19.71
N THR B 153 -68.81 -22.33 -20.07
CA THR B 153 -67.63 -23.19 -20.37
C THR B 153 -66.55 -22.95 -19.30
N THR B 154 -65.95 -24.04 -18.81
CA THR B 154 -64.93 -24.02 -17.72
C THR B 154 -63.88 -25.08 -17.95
N PRO B 155 -62.60 -24.82 -17.64
CA PRO B 155 -62.12 -23.50 -17.23
C PRO B 155 -61.79 -22.59 -18.41
N PRO B 156 -61.49 -21.29 -18.18
CA PRO B 156 -61.80 -20.61 -16.92
C PRO B 156 -63.31 -20.35 -16.84
N LYS B 157 -63.83 -20.06 -15.65
CA LYS B 157 -65.29 -19.82 -15.45
C LYS B 157 -65.70 -18.56 -16.21
N LYS B 158 -66.66 -18.71 -17.13
CA LYS B 158 -67.18 -17.62 -17.99
C LYS B 158 -68.50 -18.07 -18.61
N GLN B 159 -69.39 -17.12 -18.89
CA GLN B 159 -70.73 -17.35 -19.51
C GLN B 159 -70.83 -16.51 -20.79
N ILE B 160 -71.70 -16.91 -21.72
CA ILE B 160 -71.95 -16.19 -23.00
C ILE B 160 -73.36 -15.60 -22.96
N LYS B 161 -73.44 -14.27 -23.00
CA LYS B 161 -74.71 -13.49 -22.99
C LYS B 161 -75.13 -13.18 -24.44
N ASP B 162 -74.20 -13.29 -25.40
CA ASP B 162 -74.45 -13.03 -26.84
C ASP B 162 -75.16 -14.24 -27.45
N PHE B 163 -76.30 -14.00 -28.12
CA PHE B 163 -77.14 -15.04 -28.76
C PHE B 163 -76.91 -15.05 -30.27
N SER B 164 -76.49 -13.93 -30.85
CA SER B 164 -76.29 -13.77 -32.32
C SER B 164 -74.88 -14.17 -32.74
N GLN B 165 -73.95 -14.32 -31.78
CA GLN B 165 -72.53 -14.71 -32.07
C GLN B 165 -72.54 -16.10 -32.72
N ASP B 166 -71.79 -16.27 -33.81
CA ASP B 166 -71.68 -17.59 -34.50
C ASP B 166 -70.69 -18.46 -33.72
N PHE B 167 -70.69 -19.77 -33.98
CA PHE B 167 -69.86 -20.77 -33.27
C PHE B 167 -68.37 -20.55 -33.57
N TYR B 168 -68.06 -20.24 -34.84
CA TYR B 168 -66.67 -19.99 -35.32
C TYR B 168 -65.99 -18.94 -34.43
N SER B 169 -66.54 -17.72 -34.41
CA SER B 169 -66.05 -16.59 -33.58
C SER B 169 -66.21 -16.92 -32.09
N ALA B 170 -67.14 -17.82 -31.75
CA ALA B 170 -67.37 -18.32 -30.37
C ALA B 170 -66.31 -19.35 -29.98
N GLY B 171 -65.59 -19.90 -30.96
CA GLY B 171 -64.44 -20.79 -30.77
C GLY B 171 -64.84 -22.24 -30.58
N PHE B 172 -66.09 -22.59 -30.91
CA PHE B 172 -66.68 -23.96 -30.79
C PHE B 172 -66.52 -24.71 -32.12
N VAL B 173 -65.28 -24.78 -32.62
CA VAL B 173 -64.92 -25.37 -33.93
C VAL B 173 -63.82 -26.41 -33.72
N PRO B 174 -63.91 -27.61 -34.35
CA PRO B 174 -65.15 -28.10 -34.95
C PRO B 174 -66.19 -28.34 -33.85
N GLY B 175 -65.78 -28.97 -32.75
CA GLY B 175 -66.67 -29.31 -31.61
C GLY B 175 -66.09 -28.84 -30.29
N ALA B 176 -66.82 -29.10 -29.19
CA ALA B 176 -66.48 -28.74 -27.80
C ALA B 176 -67.52 -29.36 -26.86
N ILE B 177 -67.39 -29.15 -25.54
CA ILE B 177 -68.45 -29.52 -24.54
C ILE B 177 -68.69 -28.34 -23.59
N VAL B 178 -69.97 -28.00 -23.38
CA VAL B 178 -70.44 -26.88 -22.51
C VAL B 178 -71.31 -27.48 -21.40
N TYR B 179 -71.14 -26.97 -20.18
CA TYR B 179 -71.89 -27.40 -18.97
C TYR B 179 -73.22 -26.63 -18.90
N PHE B 180 -74.21 -27.24 -18.25
CA PHE B 180 -75.56 -26.67 -18.00
C PHE B 180 -75.66 -26.22 -16.55
N SER B 181 -76.26 -25.05 -16.31
CA SER B 181 -76.41 -24.43 -14.98
C SER B 181 -77.69 -23.60 -14.93
N ASN B 182 -78.34 -23.54 -13.75
CA ASN B 182 -79.62 -22.82 -13.51
C ASN B 182 -79.62 -22.23 -12.10
N PRO C 23 17.29 -36.04 -59.59
CA PRO C 23 17.35 -37.01 -58.48
C PRO C 23 15.96 -37.45 -58.01
N ASN C 24 15.89 -38.45 -57.13
CA ASN C 24 14.62 -38.95 -56.52
C ASN C 24 14.48 -38.38 -55.09
N ARG C 25 15.56 -37.86 -54.51
CA ARG C 25 15.60 -37.21 -53.18
C ARG C 25 14.86 -35.87 -53.24
N LEU C 26 13.80 -35.69 -52.44
CA LEU C 26 13.05 -34.42 -52.29
C LEU C 26 12.88 -34.07 -50.80
N ILE C 27 12.50 -32.83 -50.52
CA ILE C 27 12.20 -32.33 -49.14
C ILE C 27 10.68 -32.17 -49.01
N VAL C 28 10.07 -32.92 -48.09
CA VAL C 28 8.62 -32.81 -47.71
C VAL C 28 8.28 -31.33 -47.47
N ASP C 29 7.27 -30.83 -48.18
CA ASP C 29 6.79 -29.43 -48.13
C ASP C 29 5.27 -29.46 -47.97
N GLU C 30 4.65 -28.33 -47.59
CA GLU C 30 3.18 -28.24 -47.44
C GLU C 30 2.53 -28.33 -48.83
N ALA C 31 1.30 -28.84 -48.91
CA ALA C 31 0.55 -29.03 -50.17
C ALA C 31 -0.67 -28.09 -50.19
N ILE C 32 -0.84 -27.34 -51.29
CA ILE C 32 -1.92 -26.33 -51.47
C ILE C 32 -3.26 -27.07 -51.58
N ASN C 33 -3.31 -28.15 -52.37
CA ASN C 33 -4.55 -28.93 -52.57
C ASN C 33 -4.87 -29.66 -51.25
N GLU C 34 -6.15 -29.65 -50.86
CA GLU C 34 -6.63 -30.29 -49.60
C GLU C 34 -7.02 -31.74 -49.88
N ASP C 35 -6.06 -32.58 -50.27
CA ASP C 35 -6.31 -34.02 -50.52
C ASP C 35 -5.25 -34.86 -49.79
N ASN C 36 -5.69 -35.94 -49.14
CA ASN C 36 -4.83 -36.84 -48.33
C ASN C 36 -3.82 -37.56 -49.22
N SER C 37 -4.28 -38.10 -50.37
CA SER C 37 -3.46 -38.97 -51.26
C SER C 37 -2.89 -38.20 -52.46
N VAL C 38 -3.11 -36.88 -52.54
CA VAL C 38 -2.62 -36.04 -53.67
C VAL C 38 -1.28 -35.41 -53.27
N VAL C 39 -0.31 -35.44 -54.20
CA VAL C 39 1.03 -34.80 -54.05
C VAL C 39 1.26 -33.85 -55.23
N SER C 40 1.93 -32.72 -54.98
CA SER C 40 2.19 -31.67 -55.99
C SER C 40 3.71 -31.55 -56.24
N LEU C 41 4.11 -31.63 -57.51
CA LEU C 41 5.52 -31.48 -57.97
C LEU C 41 5.57 -30.48 -59.12
N SER C 42 6.75 -29.91 -59.39
CA SER C 42 6.98 -28.92 -60.47
C SER C 42 6.92 -29.62 -61.83
N GLN C 43 6.44 -28.92 -62.86
CA GLN C 43 6.32 -29.43 -64.25
C GLN C 43 7.69 -29.91 -64.74
N PRO C 44 8.77 -29.10 -64.58
CA PRO C 44 10.10 -29.50 -65.05
C PRO C 44 10.60 -30.80 -64.38
N LYS C 45 10.36 -30.93 -63.07
CA LYS C 45 10.79 -32.11 -62.27
C LYS C 45 10.12 -33.36 -62.83
N MET C 46 8.83 -33.27 -63.16
CA MET C 46 8.05 -34.38 -63.75
C MET C 46 8.68 -34.77 -65.08
N ASP C 47 9.01 -33.78 -65.92
CA ASP C 47 9.63 -33.99 -67.26
C ASP C 47 10.97 -34.71 -67.09
N GLU C 48 11.76 -34.31 -66.08
CA GLU C 48 13.07 -34.94 -65.76
C GLU C 48 12.85 -36.43 -65.45
N LEU C 49 11.84 -36.74 -64.64
CA LEU C 49 11.54 -38.13 -64.19
C LEU C 49 10.52 -38.80 -65.11
N GLN C 50 10.11 -38.11 -66.19
CA GLN C 50 9.11 -38.60 -67.18
C GLN C 50 7.86 -39.08 -66.42
N LEU C 51 7.33 -38.22 -65.56
CA LEU C 51 6.10 -38.49 -64.74
C LEU C 51 4.91 -37.80 -65.38
N PHE C 52 3.81 -38.54 -65.56
CA PHE C 52 2.54 -38.04 -66.15
C PHE C 52 1.61 -37.62 -65.01
N ARG C 53 0.82 -36.57 -65.23
CA ARG C 53 -0.19 -36.06 -64.26
C ARG C 53 -1.24 -37.15 -64.02
N GLY C 54 -1.57 -37.42 -62.76
CA GLY C 54 -2.61 -38.40 -62.38
C GLY C 54 -2.03 -39.80 -62.18
N ASP C 55 -0.75 -40.01 -62.53
CA ASP C 55 -0.07 -41.33 -62.37
C ASP C 55 0.32 -41.52 -60.91
N THR C 56 -0.05 -42.65 -60.32
CA THR C 56 0.31 -43.01 -58.92
C THR C 56 1.83 -43.13 -58.82
N VAL C 57 2.40 -42.71 -57.68
CA VAL C 57 3.86 -42.74 -57.42
C VAL C 57 4.12 -43.47 -56.10
N LEU C 58 5.34 -43.98 -55.93
CA LEU C 58 5.80 -44.68 -54.70
C LEU C 58 6.73 -43.76 -53.91
N LEU C 59 6.43 -43.52 -52.64
CA LEU C 59 7.21 -42.63 -51.73
C LEU C 59 7.93 -43.50 -50.70
N LYS C 60 9.25 -43.31 -50.54
CA LYS C 60 10.09 -44.07 -49.59
C LYS C 60 10.40 -43.19 -48.37
N GLY C 61 10.07 -43.69 -47.17
CA GLY C 61 10.20 -42.96 -45.90
C GLY C 61 11.03 -43.72 -44.88
N LYS C 62 11.30 -43.09 -43.73
CA LYS C 62 12.13 -43.65 -42.63
C LYS C 62 11.32 -44.66 -41.83
N LYS C 63 12.02 -45.49 -41.04
CA LYS C 63 11.47 -46.62 -40.23
C LYS C 63 10.78 -47.64 -41.16
N ARG C 64 11.41 -47.92 -42.31
CA ARG C 64 10.99 -48.91 -43.34
C ARG C 64 9.49 -48.75 -43.67
N ARG C 65 9.03 -47.52 -43.83
CA ARG C 65 7.62 -47.21 -44.18
C ARG C 65 7.58 -46.51 -45.55
N GLU C 66 6.67 -46.95 -46.42
CA GLU C 66 6.50 -46.42 -47.80
C GLU C 66 5.02 -46.11 -48.01
N ALA C 67 4.71 -45.16 -48.91
CA ALA C 67 3.33 -44.73 -49.22
C ALA C 67 3.16 -44.54 -50.73
N VAL C 68 1.92 -44.63 -51.20
CA VAL C 68 1.53 -44.44 -52.64
C VAL C 68 0.62 -43.21 -52.72
N CYS C 69 0.91 -42.29 -53.64
CA CYS C 69 0.14 -41.04 -53.84
C CYS C 69 0.04 -40.73 -55.35
N ILE C 70 -0.92 -39.89 -55.72
CA ILE C 70 -1.14 -39.47 -57.13
C ILE C 70 -0.44 -38.13 -57.36
N VAL C 71 0.49 -38.09 -58.32
CA VAL C 71 1.28 -36.88 -58.67
C VAL C 71 0.35 -35.85 -59.34
N LEU C 72 0.65 -34.57 -59.16
CA LEU C 72 -0.07 -33.44 -59.79
C LEU C 72 0.95 -32.40 -60.24
N SER C 73 0.60 -31.55 -61.21
CA SER C 73 1.49 -30.50 -61.77
C SER C 73 1.06 -29.12 -61.27
N ASP C 74 1.93 -28.44 -60.53
CA ASP C 74 1.70 -27.06 -60.02
C ASP C 74 2.93 -26.21 -60.33
N ASP C 75 2.70 -25.04 -60.96
CA ASP C 75 3.76 -24.05 -61.29
C ASP C 75 4.43 -23.59 -59.99
N THR C 76 3.62 -23.29 -58.97
CA THR C 76 4.08 -22.71 -57.68
C THR C 76 5.06 -23.67 -57.00
N CYS C 77 4.76 -24.98 -57.02
CA CYS C 77 5.60 -26.04 -56.40
C CYS C 77 7.01 -25.98 -56.99
N SER C 78 8.03 -25.89 -56.13
CA SER C 78 9.46 -25.94 -56.53
C SER C 78 9.82 -27.37 -56.93
N ASP C 79 10.79 -27.54 -57.83
CA ASP C 79 11.22 -28.85 -58.37
C ASP C 79 11.79 -29.70 -57.23
N GLU C 80 12.58 -29.07 -56.35
CA GLU C 80 13.36 -29.75 -55.28
C GLU C 80 12.44 -30.21 -54.15
N LYS C 81 11.42 -29.41 -53.82
CA LYS C 81 10.47 -29.73 -52.71
C LYS C 81 9.31 -30.57 -53.26
N ILE C 82 8.61 -31.26 -52.37
CA ILE C 82 7.42 -32.11 -52.66
C ILE C 82 6.28 -31.66 -51.75
N ARG C 83 5.12 -31.34 -52.32
CA ARG C 83 3.95 -30.87 -51.53
C ARG C 83 3.11 -32.09 -51.11
N MET C 84 2.86 -32.24 -49.80
CA MET C 84 2.03 -33.35 -49.26
C MET C 84 1.29 -32.91 -47.98
N ASN C 85 0.20 -33.61 -47.66
CA ASN C 85 -0.65 -33.36 -46.47
C ASN C 85 -0.05 -34.04 -45.24
N ARG C 86 -0.57 -33.71 -44.05
CA ARG C 86 -0.10 -34.24 -42.73
C ARG C 86 -0.19 -35.77 -42.71
N VAL C 87 -1.26 -36.33 -43.28
CA VAL C 87 -1.53 -37.80 -43.26
C VAL C 87 -0.34 -38.53 -43.87
N VAL C 88 0.13 -38.09 -45.04
CA VAL C 88 1.24 -38.75 -45.79
C VAL C 88 2.46 -38.78 -44.86
N ARG C 89 2.76 -37.64 -44.21
CA ARG C 89 3.92 -37.47 -43.31
C ARG C 89 3.78 -38.41 -42.11
N ASN C 90 2.56 -38.50 -41.55
CA ASN C 90 2.24 -39.38 -40.40
C ASN C 90 2.34 -40.84 -40.85
N ASN C 91 1.85 -41.16 -42.04
CA ASN C 91 1.93 -42.52 -42.62
C ASN C 91 3.39 -42.89 -42.89
N LEU C 92 4.18 -41.93 -43.39
CA LEU C 92 5.62 -42.13 -43.72
C LEU C 92 6.50 -41.90 -42.47
N ARG C 93 5.90 -41.42 -41.37
CA ARG C 93 6.62 -41.10 -40.11
C ARG C 93 7.77 -40.13 -40.43
N VAL C 94 7.47 -39.04 -41.13
CA VAL C 94 8.47 -37.99 -41.51
C VAL C 94 7.91 -36.62 -41.10
N ARG C 95 8.80 -35.66 -40.87
CA ARG C 95 8.45 -34.28 -40.46
C ARG C 95 9.04 -33.29 -41.47
N LEU C 96 8.81 -31.99 -41.25
CA LEU C 96 9.26 -30.91 -42.16
C LEU C 96 10.78 -30.75 -42.04
N GLY C 97 11.49 -30.77 -43.18
CA GLY C 97 12.96 -30.70 -43.23
C GLY C 97 13.57 -32.06 -43.54
N ASP C 98 12.84 -33.15 -43.27
CA ASP C 98 13.29 -34.52 -43.62
C ASP C 98 13.19 -34.71 -45.14
N VAL C 99 13.88 -35.72 -45.67
CA VAL C 99 13.99 -36.01 -47.13
C VAL C 99 13.42 -37.41 -47.38
N ILE C 100 12.87 -37.63 -48.58
CA ILE C 100 12.31 -38.95 -49.02
C ILE C 100 12.74 -39.21 -50.47
N SER C 101 12.59 -40.45 -50.94
CA SER C 101 12.93 -40.91 -52.31
C SER C 101 11.68 -41.44 -53.01
N ILE C 102 11.20 -40.71 -54.02
CA ILE C 102 9.98 -41.07 -54.81
C ILE C 102 10.40 -42.03 -55.92
N GLN C 103 9.59 -43.08 -56.16
CA GLN C 103 9.82 -44.11 -57.20
C GLN C 103 8.54 -44.26 -58.03
N PRO C 104 8.61 -44.15 -59.37
CA PRO C 104 7.44 -44.42 -60.21
C PRO C 104 7.03 -45.89 -60.10
N CYS C 105 5.72 -46.16 -60.08
CA CYS C 105 5.13 -47.53 -60.13
C CYS C 105 4.08 -47.60 -61.24
N PRO C 106 4.50 -47.76 -62.51
CA PRO C 106 3.57 -47.82 -63.65
C PRO C 106 2.59 -48.99 -63.56
N ASP C 107 3.07 -50.16 -63.12
CA ASP C 107 2.27 -51.41 -63.02
C ASP C 107 1.66 -51.50 -61.62
N VAL C 108 0.34 -51.27 -61.54
CA VAL C 108 -0.48 -51.37 -60.29
C VAL C 108 -1.77 -52.12 -60.63
N LYS C 109 -2.26 -52.93 -59.68
CA LYS C 109 -3.46 -53.79 -59.85
C LYS C 109 -4.51 -53.40 -58.78
N TYR C 110 -5.78 -53.30 -59.19
CA TYR C 110 -6.92 -52.82 -58.38
C TYR C 110 -7.26 -53.86 -57.31
N GLY C 111 -7.70 -53.41 -56.14
CA GLY C 111 -8.17 -54.27 -55.05
C GLY C 111 -9.50 -54.92 -55.40
N LYS C 112 -9.75 -56.13 -54.88
CA LYS C 112 -11.03 -56.85 -55.03
C LYS C 112 -11.76 -56.87 -53.69
N ARG C 113 -11.04 -57.23 -52.61
CA ARG C 113 -11.58 -57.31 -51.23
C ARG C 113 -10.65 -56.52 -50.31
N ILE C 114 -11.20 -55.54 -49.59
CA ILE C 114 -10.45 -54.70 -48.60
C ILE C 114 -11.16 -54.79 -47.25
N HIS C 115 -10.37 -54.87 -46.18
CA HIS C 115 -10.84 -54.98 -44.79
C HIS C 115 -10.31 -53.77 -44.00
N VAL C 116 -11.19 -53.01 -43.36
CA VAL C 116 -10.85 -51.76 -42.61
C VAL C 116 -11.63 -51.72 -41.29
N LEU C 117 -10.96 -51.33 -40.19
CA LEU C 117 -11.56 -51.11 -38.85
C LEU C 117 -11.28 -49.68 -38.40
N PRO C 118 -12.27 -48.99 -37.79
CA PRO C 118 -12.05 -47.65 -37.26
C PRO C 118 -11.23 -47.70 -35.96
N ILE C 119 -10.69 -46.56 -35.54
CA ILE C 119 -9.93 -46.39 -34.27
C ILE C 119 -10.93 -46.11 -33.16
N ASP C 120 -10.59 -46.45 -31.92
CA ASP C 120 -11.46 -46.30 -30.72
C ASP C 120 -11.82 -44.82 -30.49
N ASP C 121 -10.82 -43.92 -30.57
CA ASP C 121 -10.97 -42.48 -30.23
C ASP C 121 -11.83 -41.78 -31.29
N THR C 122 -11.83 -42.28 -32.52
CA THR C 122 -12.57 -41.70 -33.68
C THR C 122 -14.07 -42.00 -33.54
N VAL C 123 -14.41 -43.26 -33.24
CA VAL C 123 -15.81 -43.76 -33.16
C VAL C 123 -16.46 -43.31 -31.85
N GLU C 124 -15.66 -42.82 -30.89
CA GLU C 124 -16.15 -42.34 -29.55
C GLU C 124 -17.44 -41.55 -29.75
N GLY C 125 -18.56 -42.09 -29.24
CA GLY C 125 -19.89 -41.45 -29.27
C GLY C 125 -20.71 -41.86 -30.49
N ILE C 126 -20.17 -42.72 -31.36
CA ILE C 126 -20.82 -43.14 -32.63
C ILE C 126 -21.00 -44.67 -32.62
N THR C 127 -22.24 -45.13 -32.79
CA THR C 127 -22.63 -46.56 -32.98
C THR C 127 -23.58 -46.64 -34.17
N GLY C 128 -23.56 -47.76 -34.91
CA GLY C 128 -24.39 -47.98 -36.11
C GLY C 128 -23.53 -48.15 -37.34
N ASN C 129 -24.17 -48.26 -38.51
CA ASN C 129 -23.51 -48.56 -39.81
C ASN C 129 -22.80 -47.29 -40.33
N LEU C 130 -21.46 -47.31 -40.32
CA LEU C 130 -20.60 -46.17 -40.71
C LEU C 130 -20.18 -46.29 -42.19
N PHE C 131 -20.20 -47.52 -42.74
CA PHE C 131 -19.79 -47.84 -44.13
C PHE C 131 -20.51 -46.90 -45.11
N GLU C 132 -21.84 -46.81 -44.99
CA GLU C 132 -22.74 -46.11 -45.95
C GLU C 132 -22.49 -44.59 -45.97
N VAL C 133 -21.94 -44.03 -44.88
CA VAL C 133 -21.92 -42.56 -44.63
C VAL C 133 -20.47 -42.02 -44.63
N TYR C 134 -19.46 -42.88 -44.83
CA TYR C 134 -18.03 -42.50 -44.82
C TYR C 134 -17.33 -43.02 -46.07
N LEU C 135 -17.42 -44.33 -46.31
CA LEU C 135 -16.72 -45.00 -47.42
C LEU C 135 -17.44 -44.64 -48.73
N LYS C 136 -18.76 -44.82 -48.80
CA LYS C 136 -19.60 -44.52 -49.99
C LYS C 136 -19.39 -43.07 -50.42
N PRO C 137 -19.59 -42.06 -49.53
CA PRO C 137 -19.42 -40.66 -49.91
C PRO C 137 -17.99 -40.33 -50.37
N TYR C 138 -16.97 -40.72 -49.59
CA TYR C 138 -15.54 -40.40 -49.83
C TYR C 138 -15.06 -41.05 -51.14
N PHE C 139 -15.23 -42.37 -51.25
CA PHE C 139 -14.78 -43.19 -52.39
C PHE C 139 -15.86 -43.22 -53.48
N LEU C 140 -16.14 -42.06 -54.09
CA LEU C 140 -17.06 -41.91 -55.23
C LEU C 140 -16.24 -41.64 -56.50
N GLU C 141 -15.97 -42.70 -57.29
CA GLU C 141 -15.25 -42.64 -58.59
C GLU C 141 -13.92 -41.91 -58.42
N ALA C 142 -13.24 -42.12 -57.30
CA ALA C 142 -11.96 -41.47 -56.93
C ALA C 142 -10.77 -42.36 -57.33
N TYR C 143 -10.93 -43.67 -57.17
CA TYR C 143 -9.90 -44.70 -57.49
C TYR C 143 -8.59 -44.34 -56.77
N ARG C 144 -8.67 -44.11 -55.47
CA ARG C 144 -7.52 -43.69 -54.63
C ARG C 144 -6.60 -44.89 -54.40
N PRO C 145 -5.26 -44.72 -54.52
CA PRO C 145 -4.32 -45.80 -54.26
C PRO C 145 -3.98 -45.89 -52.76
N ILE C 146 -4.08 -47.09 -52.19
CA ILE C 146 -3.81 -47.35 -50.74
C ILE C 146 -2.96 -48.60 -50.60
N ARG C 147 -2.17 -48.67 -49.52
CA ARG C 147 -1.32 -49.84 -49.19
C ARG C 147 -1.87 -50.47 -47.90
N LYS C 148 -1.72 -51.78 -47.75
CA LYS C 148 -2.14 -52.54 -46.55
C LYS C 148 -1.41 -51.98 -45.33
N GLY C 149 -2.15 -51.71 -44.25
CA GLY C 149 -1.60 -51.19 -42.98
C GLY C 149 -1.51 -49.66 -42.95
N ASP C 150 -1.93 -48.99 -44.03
CA ASP C 150 -1.88 -47.50 -44.14
C ASP C 150 -3.07 -46.89 -43.41
N ILE C 151 -2.87 -45.74 -42.77
CA ILE C 151 -3.92 -44.97 -42.03
C ILE C 151 -4.34 -43.77 -42.88
N PHE C 152 -5.66 -43.58 -43.08
CA PHE C 152 -6.25 -42.46 -43.84
C PHE C 152 -7.40 -41.84 -43.04
N LEU C 153 -7.69 -40.56 -43.28
CA LEU C 153 -8.67 -39.74 -42.50
C LEU C 153 -9.85 -39.36 -43.39
N VAL C 154 -11.07 -39.74 -42.99
CA VAL C 154 -12.34 -39.41 -43.69
C VAL C 154 -13.17 -38.49 -42.79
N ARG C 155 -13.45 -37.27 -43.27
CA ARG C 155 -14.30 -36.26 -42.56
C ARG C 155 -15.77 -36.64 -42.74
N GLY C 156 -16.68 -35.96 -42.04
CA GLY C 156 -18.13 -36.20 -42.10
C GLY C 156 -18.75 -36.21 -40.72
N GLY C 157 -20.06 -36.03 -40.64
CA GLY C 157 -20.82 -35.97 -39.36
C GLY C 157 -20.19 -34.99 -38.38
N MET C 158 -19.67 -33.87 -38.88
CA MET C 158 -19.05 -32.77 -38.10
C MET C 158 -17.85 -33.28 -37.31
N ARG C 159 -17.09 -34.23 -37.85
CA ARG C 159 -15.83 -34.72 -37.21
C ARG C 159 -14.90 -35.31 -38.28
N ALA C 160 -13.68 -35.66 -37.85
CA ALA C 160 -12.59 -36.23 -38.68
C ALA C 160 -12.27 -37.65 -38.18
N VAL C 161 -12.72 -38.67 -38.93
CA VAL C 161 -12.63 -40.12 -38.55
C VAL C 161 -11.46 -40.78 -39.29
N GLU C 162 -10.44 -41.20 -38.52
CA GLU C 162 -9.22 -41.91 -39.00
C GLU C 162 -9.55 -43.40 -39.17
N PHE C 163 -9.13 -44.01 -40.29
CA PHE C 163 -9.32 -45.45 -40.61
C PHE C 163 -8.00 -46.07 -41.02
N LYS C 164 -7.65 -47.19 -40.37
CA LYS C 164 -6.47 -48.04 -40.69
C LYS C 164 -6.93 -49.17 -41.62
N VAL C 165 -6.09 -49.57 -42.57
CA VAL C 165 -6.34 -50.72 -43.50
C VAL C 165 -5.73 -51.98 -42.86
N VAL C 166 -6.57 -52.84 -42.29
CA VAL C 166 -6.15 -54.07 -41.54
C VAL C 166 -5.52 -55.07 -42.53
N GLU C 167 -6.12 -55.25 -43.70
CA GLU C 167 -5.62 -56.18 -44.76
C GLU C 167 -6.23 -55.81 -46.12
N THR C 168 -5.46 -56.06 -47.19
CA THR C 168 -5.85 -55.86 -48.61
C THR C 168 -5.63 -57.18 -49.37
N ASP C 169 -6.60 -57.60 -50.19
CA ASP C 169 -6.53 -58.85 -51.01
C ASP C 169 -5.32 -58.78 -51.94
N PRO C 170 -5.10 -57.65 -52.67
CA PRO C 170 -3.87 -57.46 -53.43
C PRO C 170 -2.72 -57.03 -52.51
N SER C 171 -1.48 -57.42 -52.83
CA SER C 171 -0.27 -57.21 -52.01
C SER C 171 0.85 -56.62 -52.86
N PRO C 172 1.70 -55.71 -52.31
CA PRO C 172 1.45 -55.03 -51.03
C PRO C 172 0.39 -53.92 -51.11
N TYR C 173 0.44 -53.08 -52.16
CA TYR C 173 -0.46 -51.92 -52.38
C TYR C 173 -1.46 -52.24 -53.51
N CYS C 174 -2.57 -51.50 -53.55
CA CYS C 174 -3.69 -51.70 -54.50
C CYS C 174 -4.35 -50.35 -54.82
N ILE C 175 -5.33 -50.37 -55.73
CA ILE C 175 -6.16 -49.19 -56.12
C ILE C 175 -7.63 -49.49 -55.77
N VAL C 176 -8.27 -48.58 -55.04
CA VAL C 176 -9.73 -48.64 -54.71
C VAL C 176 -10.51 -48.53 -56.02
N ALA C 177 -11.58 -49.32 -56.18
CA ALA C 177 -12.42 -49.36 -57.40
C ALA C 177 -13.89 -49.54 -57.01
N PRO C 178 -14.86 -49.04 -57.82
CA PRO C 178 -16.28 -49.15 -57.50
C PRO C 178 -16.77 -50.61 -57.52
N ASP C 179 -16.06 -51.46 -58.26
CA ASP C 179 -16.28 -52.93 -58.33
C ASP C 179 -15.79 -53.58 -57.04
N THR C 180 -14.66 -53.11 -56.50
CA THR C 180 -14.05 -53.57 -55.23
C THR C 180 -15.09 -53.48 -54.10
N VAL C 181 -15.20 -54.55 -53.29
CA VAL C 181 -16.06 -54.59 -52.07
C VAL C 181 -15.16 -54.36 -50.86
N ILE C 182 -15.56 -53.45 -49.97
CA ILE C 182 -14.84 -53.16 -48.69
C ILE C 182 -15.66 -53.78 -47.55
N HIS C 183 -14.94 -54.35 -46.58
CA HIS C 183 -15.49 -55.10 -45.43
C HIS C 183 -15.42 -54.21 -44.19
N CYS C 184 -16.57 -53.99 -43.52
CA CYS C 184 -16.73 -52.96 -42.44
C CYS C 184 -17.37 -53.54 -41.19
N GLU C 185 -16.55 -53.95 -40.22
CA GLU C 185 -16.97 -54.48 -38.89
C GLU C 185 -16.92 -53.37 -37.84
N GLY C 186 -17.90 -53.35 -36.94
CA GLY C 186 -18.00 -52.39 -35.82
C GLY C 186 -17.12 -52.83 -34.67
N GLU C 187 -15.80 -52.74 -34.84
CA GLU C 187 -14.79 -53.10 -33.82
C GLU C 187 -13.62 -52.12 -33.87
N PRO C 188 -13.36 -51.39 -32.76
CA PRO C 188 -12.25 -50.42 -32.73
C PRO C 188 -10.89 -51.11 -32.57
N ILE C 189 -9.81 -50.38 -32.89
CA ILE C 189 -8.40 -50.84 -32.72
C ILE C 189 -7.71 -49.88 -31.74
N LYS C 190 -6.80 -50.42 -30.91
CA LYS C 190 -6.05 -49.64 -29.88
C LYS C 190 -5.16 -48.61 -30.58
N ARG C 191 -5.21 -47.36 -30.11
CA ARG C 191 -4.29 -46.25 -30.50
C ARG C 191 -2.86 -46.61 -30.08
N GLU C 192 -1.91 -46.56 -31.01
CA GLU C 192 -0.46 -46.80 -30.75
C GLU C 192 0.25 -45.46 -30.54
N ASP C 193 1.07 -45.36 -29.49
CA ASP C 193 1.77 -44.12 -29.04
C ASP C 193 2.62 -43.58 -30.21
N GLU C 194 3.28 -44.46 -30.96
CA GLU C 194 4.12 -44.11 -32.12
C GLU C 194 3.25 -43.53 -33.24
N GLU C 195 2.03 -44.05 -33.41
CA GLU C 195 1.05 -43.62 -34.43
C GLU C 195 0.30 -42.38 -33.94
N GLU C 196 0.89 -41.20 -34.12
CA GLU C 196 0.28 -39.90 -33.71
C GLU C 196 -1.04 -39.72 -34.47
N SER C 197 -2.06 -39.18 -33.78
CA SER C 197 -3.40 -38.91 -34.35
C SER C 197 -3.40 -37.55 -35.07
N LEU C 198 -4.30 -37.39 -36.04
CA LEU C 198 -4.44 -36.19 -36.90
C LEU C 198 -5.35 -35.16 -36.22
N ASN C 199 -6.10 -35.61 -35.20
CA ASN C 199 -6.98 -34.80 -34.34
C ASN C 199 -6.21 -33.59 -33.80
N GLU C 200 -4.90 -33.75 -33.56
CA GLU C 200 -3.98 -32.70 -33.05
C GLU C 200 -4.02 -31.48 -33.97
N VAL C 201 -3.48 -30.36 -33.53
CA VAL C 201 -3.45 -29.07 -34.30
C VAL C 201 -2.26 -29.09 -35.27
N GLY C 202 -2.47 -28.61 -36.49
CA GLY C 202 -1.47 -28.58 -37.57
C GLY C 202 -1.39 -27.20 -38.23
N TYR C 203 -0.41 -27.02 -39.11
CA TYR C 203 -0.14 -25.76 -39.85
C TYR C 203 -1.32 -25.44 -40.79
N ASP C 204 -1.82 -26.47 -41.48
CA ASP C 204 -3.03 -26.39 -42.35
C ASP C 204 -4.20 -25.79 -41.56
N ASP C 205 -4.33 -26.18 -40.28
CA ASP C 205 -5.47 -25.82 -39.40
C ASP C 205 -5.33 -24.36 -38.93
N ILE C 206 -4.14 -23.76 -39.11
CA ILE C 206 -3.90 -22.31 -38.84
C ILE C 206 -4.09 -21.55 -40.16
N GLY C 207 -4.97 -20.54 -40.14
CA GLY C 207 -5.19 -19.61 -41.27
C GLY C 207 -5.04 -18.16 -40.82
N GLY C 208 -5.15 -17.22 -41.76
CA GLY C 208 -5.20 -15.76 -41.49
C GLY C 208 -3.86 -15.17 -41.06
N CYS C 209 -2.76 -15.88 -41.34
CA CYS C 209 -1.37 -15.41 -41.14
C CYS C 209 -0.46 -16.15 -42.13
N ARG C 210 0.26 -15.43 -42.97
CA ARG C 210 1.15 -16.02 -44.02
C ARG C 210 2.60 -15.63 -43.72
N LYS C 211 2.89 -14.33 -43.75
CA LYS C 211 4.23 -13.78 -43.44
C LYS C 211 4.62 -14.14 -42.00
N GLN C 212 3.68 -13.98 -41.06
CA GLN C 212 3.94 -14.15 -39.60
C GLN C 212 4.30 -15.61 -39.32
N LEU C 213 3.55 -16.56 -39.85
CA LEU C 213 3.82 -18.02 -39.67
C LEU C 213 5.21 -18.34 -40.20
N ALA C 214 5.53 -17.87 -41.41
CA ALA C 214 6.81 -18.11 -42.12
C ALA C 214 7.97 -17.64 -41.23
N GLN C 215 7.96 -16.36 -40.84
CA GLN C 215 8.99 -15.73 -39.97
C GLN C 215 9.24 -16.59 -38.73
N ILE C 216 8.17 -17.03 -38.07
CA ILE C 216 8.22 -17.87 -36.84
C ILE C 216 8.85 -19.22 -37.19
N LYS C 217 8.28 -19.92 -38.19
CA LYS C 217 8.74 -21.26 -38.63
C LYS C 217 10.26 -21.27 -38.81
N GLU C 218 10.79 -20.36 -39.64
CA GLU C 218 12.21 -20.34 -40.09
C GLU C 218 13.14 -20.13 -38.88
N MET C 219 12.73 -19.27 -37.93
CA MET C 219 13.52 -18.96 -36.71
C MET C 219 13.72 -20.24 -35.90
N VAL C 220 12.65 -21.02 -35.74
CA VAL C 220 12.62 -22.25 -34.88
C VAL C 220 12.89 -23.50 -35.75
N GLU C 221 12.93 -23.34 -37.07
CA GLU C 221 13.18 -24.46 -38.02
C GLU C 221 14.55 -25.08 -37.70
N LEU C 222 15.61 -24.29 -37.79
CA LEU C 222 17.02 -24.74 -37.62
C LEU C 222 17.21 -25.37 -36.24
N PRO C 223 16.95 -24.62 -35.14
CA PRO C 223 17.25 -25.11 -33.80
C PRO C 223 16.64 -26.49 -33.54
N LEU C 224 15.32 -26.59 -33.73
CA LEU C 224 14.50 -27.76 -33.31
C LEU C 224 14.91 -28.99 -34.13
N ARG C 225 15.02 -28.82 -35.45
CA ARG C 225 15.28 -29.94 -36.39
C ARG C 225 16.70 -30.50 -36.14
N HIS C 226 17.68 -29.62 -35.90
CA HIS C 226 19.11 -30.01 -35.80
C HIS C 226 19.71 -29.44 -34.53
N PRO C 227 19.68 -30.20 -33.40
CA PRO C 227 20.40 -29.81 -32.18
C PRO C 227 21.91 -29.84 -32.41
N ALA C 228 22.37 -30.78 -33.25
CA ALA C 228 23.80 -31.09 -33.48
C ALA C 228 24.53 -29.90 -34.08
N LEU C 229 23.88 -29.17 -35.00
CA LEU C 229 24.45 -27.96 -35.64
C LEU C 229 24.74 -26.92 -34.56
N PHE C 230 23.72 -26.57 -33.75
CA PHE C 230 23.81 -25.60 -32.63
C PHE C 230 24.69 -26.15 -31.50
N LYS C 231 24.72 -27.48 -31.36
CA LYS C 231 25.56 -28.20 -30.36
C LYS C 231 27.04 -27.86 -30.61
N ALA C 232 27.46 -27.81 -31.88
CA ALA C 232 28.85 -27.57 -32.32
C ALA C 232 28.93 -26.33 -33.21
N ILE C 233 28.70 -25.14 -32.62
CA ILE C 233 28.82 -23.83 -33.33
C ILE C 233 28.91 -22.69 -32.30
N GLY C 234 29.58 -21.60 -32.67
CA GLY C 234 29.67 -20.35 -31.90
C GLY C 234 28.38 -19.55 -31.94
N VAL C 235 27.52 -19.82 -32.92
CA VAL C 235 26.20 -19.13 -33.13
C VAL C 235 25.24 -19.57 -32.02
N LYS C 236 24.47 -18.62 -31.49
CA LYS C 236 23.48 -18.84 -30.41
C LYS C 236 22.09 -18.82 -31.04
N PRO C 237 21.25 -19.85 -30.77
CA PRO C 237 19.88 -19.87 -31.30
C PRO C 237 18.99 -18.89 -30.53
N PRO C 238 17.89 -18.39 -31.14
CA PRO C 238 16.92 -17.57 -30.42
C PRO C 238 16.24 -18.37 -29.29
N ARG C 239 16.46 -17.96 -28.04
CA ARG C 239 16.04 -18.70 -26.83
C ARG C 239 14.60 -18.31 -26.47
N GLY C 240 14.33 -17.00 -26.38
CA GLY C 240 13.02 -16.42 -26.00
C GLY C 240 12.39 -15.68 -27.16
N ILE C 241 11.16 -16.07 -27.55
CA ILE C 241 10.36 -15.42 -28.64
C ILE C 241 9.08 -14.83 -28.03
N LEU C 242 8.76 -13.58 -28.37
CA LEU C 242 7.59 -12.83 -27.85
C LEU C 242 6.59 -12.60 -28.99
N LEU C 243 5.30 -12.86 -28.75
CA LEU C 243 4.21 -12.78 -29.76
C LEU C 243 3.17 -11.73 -29.32
N TYR C 244 3.22 -10.54 -29.91
CA TYR C 244 2.22 -9.45 -29.72
C TYR C 244 0.99 -9.77 -30.57
N GLY C 245 -0.19 -9.50 -30.02
CA GLY C 245 -1.47 -9.66 -30.72
C GLY C 245 -2.66 -9.54 -29.78
N PRO C 246 -3.86 -9.14 -30.28
CA PRO C 246 -5.07 -9.10 -29.45
C PRO C 246 -5.54 -10.50 -29.08
N PRO C 247 -6.15 -10.71 -27.88
CA PRO C 247 -6.64 -12.02 -27.47
C PRO C 247 -7.73 -12.59 -28.40
N GLY C 248 -7.50 -13.80 -28.93
CA GLY C 248 -8.44 -14.52 -29.83
C GLY C 248 -7.87 -14.70 -31.23
N THR C 249 -6.79 -13.98 -31.54
CA THR C 249 -6.02 -14.03 -32.83
C THR C 249 -5.51 -15.46 -33.06
N GLY C 250 -5.18 -16.18 -31.98
CA GLY C 250 -4.66 -17.56 -32.01
C GLY C 250 -3.15 -17.58 -31.95
N LYS C 251 -2.59 -17.54 -30.75
CA LYS C 251 -1.12 -17.61 -30.52
C LYS C 251 -0.79 -18.98 -29.93
N THR C 252 -1.51 -19.37 -28.87
CA THR C 252 -1.46 -20.72 -28.25
C THR C 252 -1.56 -21.77 -29.34
N LEU C 253 -2.64 -21.68 -30.14
CA LEU C 253 -2.95 -22.64 -31.24
C LEU C 253 -1.79 -22.70 -32.23
N ILE C 254 -1.16 -21.55 -32.50
CA ILE C 254 0.01 -21.44 -33.43
C ILE C 254 1.21 -22.16 -32.81
N ALA C 255 1.60 -21.77 -31.60
CA ALA C 255 2.70 -22.39 -30.83
C ALA C 255 2.50 -23.91 -30.80
N ARG C 256 1.41 -24.35 -30.17
CA ARG C 256 1.06 -25.79 -30.00
C ARG C 256 1.33 -26.52 -31.32
N ALA C 257 0.69 -26.08 -32.40
CA ALA C 257 0.77 -26.67 -33.76
C ALA C 257 2.24 -26.87 -34.14
N VAL C 258 3.07 -25.84 -33.96
CA VAL C 258 4.50 -25.82 -34.36
C VAL C 258 5.21 -26.98 -33.66
N ALA C 259 4.91 -27.19 -32.37
CA ALA C 259 5.48 -28.29 -31.56
C ALA C 259 5.01 -29.64 -32.10
N ASN C 260 3.71 -29.79 -32.37
CA ASN C 260 3.10 -31.04 -32.89
C ASN C 260 3.80 -31.43 -34.20
N GLU C 261 3.89 -30.49 -35.15
CA GLU C 261 4.38 -30.73 -36.54
C GLU C 261 5.87 -31.05 -36.52
N THR C 262 6.64 -30.45 -35.62
CA THR C 262 8.13 -30.60 -35.51
C THR C 262 8.48 -31.76 -34.58
N GLY C 263 7.47 -32.50 -34.08
CA GLY C 263 7.66 -33.64 -33.16
C GLY C 263 8.67 -33.31 -32.08
N ALA C 264 8.41 -32.26 -31.30
CA ALA C 264 9.27 -31.78 -30.20
C ALA C 264 8.43 -31.63 -28.92
N PHE C 265 8.92 -32.16 -27.80
CA PHE C 265 8.26 -32.12 -26.47
C PHE C 265 7.71 -30.71 -26.22
N PHE C 266 6.40 -30.61 -25.98
CA PHE C 266 5.70 -29.32 -25.73
C PHE C 266 5.30 -29.26 -24.24
N PHE C 267 5.67 -28.17 -23.57
CA PHE C 267 5.23 -27.86 -22.18
C PHE C 267 4.55 -26.49 -22.18
N LEU C 268 3.27 -26.46 -21.81
CA LEU C 268 2.45 -25.22 -21.73
C LEU C 268 2.41 -24.75 -20.27
N ILE C 269 2.69 -23.46 -20.06
CA ILE C 269 2.57 -22.75 -18.75
C ILE C 269 1.50 -21.66 -18.88
N ASN C 270 0.31 -21.88 -18.31
CA ASN C 270 -0.74 -20.83 -18.22
C ASN C 270 -0.42 -19.95 -17.01
N GLY C 271 -0.60 -18.64 -17.14
CA GLY C 271 -0.24 -17.64 -16.11
C GLY C 271 -0.92 -17.94 -14.76
N PRO C 272 -2.25 -17.72 -14.68
CA PRO C 272 -3.00 -18.03 -13.46
C PRO C 272 -2.60 -19.36 -12.81
N GLU C 273 -2.65 -20.46 -13.56
CA GLU C 273 -2.40 -21.85 -13.07
C GLU C 273 -1.14 -21.88 -12.21
N ILE C 274 -0.11 -21.13 -12.62
CA ILE C 274 1.16 -20.98 -11.85
C ILE C 274 0.93 -19.96 -10.72
N MET C 275 0.20 -18.89 -11.00
CA MET C 275 -0.11 -17.81 -10.02
C MET C 275 -1.05 -18.33 -8.92
N SER C 276 -1.88 -19.33 -9.23
CA SER C 276 -2.92 -19.90 -8.32
C SER C 276 -2.26 -20.44 -7.05
N LYS C 277 -1.15 -21.18 -7.20
CA LYS C 277 -0.42 -21.86 -6.09
C LYS C 277 0.12 -20.81 -5.10
N LEU C 278 0.31 -21.20 -3.84
CA LEU C 278 0.80 -20.33 -2.74
C LEU C 278 2.25 -19.94 -3.03
N ALA C 279 2.69 -18.79 -2.50
CA ALA C 279 4.09 -18.31 -2.63
C ALA C 279 5.05 -19.44 -2.25
N GLY C 280 6.12 -19.63 -3.05
CA GLY C 280 7.13 -20.68 -2.83
C GLY C 280 6.81 -21.93 -3.64
N GLU C 281 5.57 -22.41 -3.58
CA GLU C 281 5.08 -23.59 -4.35
C GLU C 281 5.12 -23.27 -5.84
N SER C 282 4.84 -22.01 -6.23
CA SER C 282 4.90 -21.52 -7.63
C SER C 282 6.33 -21.63 -8.16
N GLU C 283 7.29 -21.00 -7.47
CA GLU C 283 8.73 -21.04 -7.80
C GLU C 283 9.12 -22.49 -8.12
N SER C 284 8.85 -23.40 -7.19
CA SER C 284 9.05 -24.86 -7.33
C SER C 284 8.55 -25.31 -8.71
N ASN C 285 7.26 -25.11 -8.98
CA ASN C 285 6.61 -25.53 -10.25
C ASN C 285 7.41 -24.97 -11.43
N LEU C 286 7.72 -23.67 -11.41
CA LEU C 286 8.50 -23.01 -12.47
C LEU C 286 9.82 -23.77 -12.66
N ARG C 287 10.55 -23.97 -11.57
CA ARG C 287 11.84 -24.72 -11.57
C ARG C 287 11.60 -26.11 -12.16
N LYS C 288 10.55 -26.82 -11.69
CA LYS C 288 10.20 -28.18 -12.19
C LYS C 288 9.89 -28.10 -13.69
N ALA C 289 9.10 -27.11 -14.12
CA ALA C 289 8.67 -26.92 -15.53
C ALA C 289 9.90 -26.83 -16.43
N PHE C 290 10.88 -26.02 -16.04
CA PHE C 290 12.15 -25.82 -16.80
C PHE C 290 12.97 -27.11 -16.78
N GLU C 291 13.22 -27.66 -15.59
CA GLU C 291 14.01 -28.91 -15.39
C GLU C 291 13.44 -30.02 -16.29
N GLU C 292 12.11 -30.22 -16.27
CA GLU C 292 11.42 -31.26 -17.08
C GLU C 292 11.64 -30.99 -18.57
N ALA C 293 11.45 -29.74 -18.99
CA ALA C 293 11.71 -29.27 -20.37
C ALA C 293 13.16 -29.63 -20.73
N GLU C 294 14.12 -29.10 -19.96
CA GLU C 294 15.58 -29.34 -20.14
C GLU C 294 15.81 -30.84 -20.36
N LYS C 295 15.29 -31.68 -19.45
CA LYS C 295 15.47 -33.15 -19.47
C LYS C 295 15.01 -33.72 -20.81
N ASN C 296 13.88 -33.25 -21.34
CA ASN C 296 13.24 -33.78 -22.57
C ASN C 296 13.66 -32.91 -23.77
N ALA C 297 14.98 -32.70 -23.95
CA ALA C 297 15.58 -31.87 -25.02
C ALA C 297 15.45 -32.60 -26.37
N PRO C 298 15.09 -31.91 -27.47
CA PRO C 298 14.66 -30.51 -27.44
C PRO C 298 13.20 -30.36 -26.97
N ALA C 299 12.89 -29.22 -26.35
CA ALA C 299 11.58 -28.90 -25.75
C ALA C 299 11.11 -27.51 -26.20
N ILE C 300 9.82 -27.22 -26.01
CA ILE C 300 9.20 -25.87 -26.22
C ILE C 300 8.30 -25.55 -25.02
N ILE C 301 8.62 -24.46 -24.31
CA ILE C 301 7.82 -23.88 -23.19
C ILE C 301 6.99 -22.74 -23.78
N PHE C 302 5.68 -22.72 -23.49
CA PHE C 302 4.74 -21.66 -23.95
C PHE C 302 4.05 -21.00 -22.75
N ILE C 303 4.10 -19.67 -22.70
CA ILE C 303 3.45 -18.84 -21.64
C ILE C 303 2.20 -18.19 -22.25
N ASP C 304 1.01 -18.66 -21.83
CA ASP C 304 -0.30 -18.25 -22.37
C ASP C 304 -0.59 -16.78 -21.97
N GLU C 305 -0.55 -16.47 -20.68
CA GLU C 305 -0.93 -15.14 -20.14
C GLU C 305 0.24 -14.55 -19.36
N LEU C 306 1.25 -14.05 -20.09
CA LEU C 306 2.51 -13.51 -19.52
C LEU C 306 2.21 -12.22 -18.73
N ASP C 307 1.48 -11.27 -19.33
CA ASP C 307 1.12 -9.98 -18.70
C ASP C 307 0.66 -10.23 -17.25
N ALA C 308 -0.14 -11.28 -17.03
CA ALA C 308 -0.70 -11.66 -15.71
C ALA C 308 0.42 -12.11 -14.77
N ILE C 309 1.29 -13.03 -15.22
CA ILE C 309 2.46 -13.52 -14.44
C ILE C 309 3.43 -12.37 -14.21
N ALA C 310 3.75 -11.63 -15.27
CA ALA C 310 4.78 -10.58 -15.31
C ALA C 310 4.16 -9.27 -15.80
N PRO C 311 3.42 -8.54 -14.94
CA PRO C 311 2.93 -7.21 -15.29
C PRO C 311 4.10 -6.22 -15.30
N LYS C 312 3.84 -4.95 -15.63
CA LYS C 312 4.85 -3.85 -15.61
C LYS C 312 5.10 -3.45 -14.15
N ARG C 313 6.27 -2.86 -13.87
CA ARG C 313 6.75 -2.48 -12.51
C ARG C 313 5.88 -1.38 -11.90
N GLU C 314 5.26 -0.56 -12.75
CA GLU C 314 4.32 0.53 -12.34
C GLU C 314 3.00 -0.09 -11.84
N LYS C 315 2.59 -1.22 -12.42
CA LYS C 315 1.28 -1.88 -12.16
C LYS C 315 1.45 -3.05 -11.17
N THR C 316 2.67 -3.34 -10.75
CA THR C 316 2.97 -4.35 -9.69
C THR C 316 3.00 -3.62 -8.34
N HIS C 317 2.22 -4.12 -7.37
CA HIS C 317 2.02 -3.52 -6.02
C HIS C 317 2.41 -4.50 -4.91
N GLY C 318 2.79 -5.73 -5.28
CA GLY C 318 3.13 -6.82 -4.35
C GLY C 318 4.62 -7.11 -4.33
N GLU C 319 5.16 -7.45 -3.16
CA GLU C 319 6.56 -7.95 -3.00
C GLU C 319 6.62 -9.39 -3.49
N VAL C 320 5.59 -10.19 -3.18
CA VAL C 320 5.47 -11.62 -3.58
C VAL C 320 5.33 -11.72 -5.10
N GLU C 321 4.66 -10.74 -5.71
CA GLU C 321 4.45 -10.65 -7.19
C GLU C 321 5.81 -10.41 -7.87
N ARG C 322 6.64 -9.57 -7.25
CA ARG C 322 7.97 -9.16 -7.77
C ARG C 322 8.94 -10.36 -7.75
N ARG C 323 8.87 -11.19 -6.70
CA ARG C 323 9.74 -12.38 -6.50
C ARG C 323 9.49 -13.39 -7.63
N ILE C 324 8.23 -13.59 -8.00
CA ILE C 324 7.82 -14.56 -9.06
C ILE C 324 8.41 -14.09 -10.39
N VAL C 325 8.23 -12.81 -10.73
CA VAL C 325 8.83 -12.17 -11.94
C VAL C 325 10.33 -12.46 -11.90
N SER C 326 11.01 -12.07 -10.81
CA SER C 326 12.46 -12.27 -10.57
C SER C 326 12.82 -13.75 -10.74
N GLN C 327 11.93 -14.66 -10.33
CA GLN C 327 12.11 -16.13 -10.47
C GLN C 327 12.09 -16.49 -11.96
N LEU C 328 11.14 -15.94 -12.73
CA LEU C 328 10.98 -16.23 -14.18
C LEU C 328 12.23 -15.74 -14.93
N LEU C 329 12.63 -14.48 -14.72
CA LEU C 329 13.81 -13.86 -15.37
C LEU C 329 15.04 -14.75 -15.13
N THR C 330 15.27 -15.17 -13.87
CA THR C 330 16.38 -16.06 -13.45
C THR C 330 16.34 -17.36 -14.28
N LEU C 331 15.14 -17.91 -14.50
CA LEU C 331 14.95 -19.14 -15.32
C LEU C 331 15.26 -18.82 -16.78
N MET C 332 15.01 -17.59 -17.23
CA MET C 332 15.30 -17.12 -18.61
C MET C 332 16.81 -16.89 -18.80
N ASP C 333 17.47 -16.28 -17.81
CA ASP C 333 18.94 -16.09 -17.78
C ASP C 333 19.60 -17.47 -17.70
N GLY C 334 19.14 -18.29 -16.75
CA GLY C 334 19.66 -19.65 -16.47
C GLY C 334 19.69 -20.50 -17.73
N LEU C 335 18.71 -20.35 -18.62
CA LEU C 335 18.57 -21.16 -19.85
C LEU C 335 19.86 -21.09 -20.67
N LYS C 336 20.45 -22.26 -20.95
CA LYS C 336 21.72 -22.40 -21.72
C LYS C 336 21.40 -22.91 -23.13
N GLN C 337 22.44 -22.95 -23.97
CA GLN C 337 22.37 -23.37 -25.40
C GLN C 337 22.21 -24.90 -25.42
N ARG C 338 22.99 -25.59 -24.59
CA ARG C 338 23.04 -27.07 -24.45
C ARG C 338 21.63 -27.60 -24.14
N ALA C 339 20.81 -26.84 -23.42
CA ALA C 339 19.43 -27.20 -23.01
C ALA C 339 18.57 -27.45 -24.25
N HIS C 340 18.70 -26.63 -25.29
CA HIS C 340 17.91 -26.70 -26.55
C HIS C 340 16.42 -26.54 -26.23
N VAL C 341 16.07 -25.59 -25.36
CA VAL C 341 14.67 -25.24 -24.96
C VAL C 341 14.35 -23.86 -25.54
N ILE C 342 13.34 -23.77 -26.40
CA ILE C 342 12.87 -22.48 -26.99
C ILE C 342 11.66 -22.01 -26.18
N VAL C 343 11.70 -20.77 -25.69
CA VAL C 343 10.59 -20.12 -24.92
C VAL C 343 9.78 -19.26 -25.89
N MET C 344 8.46 -19.44 -25.88
CA MET C 344 7.49 -18.61 -26.64
C MET C 344 6.48 -18.04 -25.65
N ALA C 345 6.23 -16.73 -25.72
CA ALA C 345 5.31 -16.01 -24.81
C ALA C 345 4.28 -15.22 -25.63
N ALA C 346 3.11 -14.98 -25.02
CA ALA C 346 2.00 -14.20 -25.60
C ALA C 346 1.65 -13.04 -24.66
N THR C 347 1.52 -11.83 -25.24
CA THR C 347 1.05 -10.59 -24.58
C THR C 347 -0.06 -9.96 -25.44
N ASN C 348 -0.96 -9.21 -24.80
CA ASN C 348 -2.14 -8.59 -25.46
C ASN C 348 -1.71 -7.28 -26.11
N ARG C 349 -0.98 -6.44 -25.38
CA ARG C 349 -0.59 -5.07 -25.82
C ARG C 349 0.90 -4.86 -25.58
N PRO C 350 1.59 -4.10 -26.46
CA PRO C 350 3.01 -3.79 -26.27
C PRO C 350 3.27 -2.89 -25.05
N ASN C 351 2.28 -2.04 -24.72
CA ASN C 351 2.35 -1.05 -23.62
C ASN C 351 2.52 -1.80 -22.28
N SER C 352 1.76 -2.87 -22.08
CA SER C 352 1.81 -3.74 -20.88
C SER C 352 2.93 -4.78 -21.05
N ILE C 353 4.18 -4.32 -20.94
CA ILE C 353 5.41 -5.16 -21.07
C ILE C 353 6.43 -4.69 -20.02
N ASP C 354 6.97 -5.64 -19.25
CA ASP C 354 8.04 -5.38 -18.23
C ASP C 354 9.33 -5.03 -18.97
N PRO C 355 10.04 -3.94 -18.61
CA PRO C 355 11.28 -3.56 -19.29
C PRO C 355 12.30 -4.72 -19.33
N ALA C 356 12.39 -5.47 -18.23
CA ALA C 356 13.34 -6.59 -18.02
C ALA C 356 13.13 -7.67 -19.09
N LEU C 357 11.90 -7.83 -19.59
CA LEU C 357 11.54 -8.84 -20.63
C LEU C 357 12.06 -8.40 -22.01
N ARG C 358 12.39 -7.12 -22.18
CA ARG C 358 12.93 -6.55 -23.46
C ARG C 358 14.46 -6.55 -23.46
N ARG C 359 15.10 -7.35 -22.60
CA ARG C 359 16.57 -7.55 -22.61
C ARG C 359 16.93 -8.50 -23.74
N PHE C 360 18.02 -8.20 -24.45
CA PHE C 360 18.54 -8.94 -25.62
C PHE C 360 18.71 -10.42 -25.24
N GLY C 361 19.26 -10.68 -24.04
CA GLY C 361 19.53 -12.03 -23.50
C GLY C 361 18.29 -12.88 -23.33
N ARG C 362 17.12 -12.26 -23.15
CA ARG C 362 15.83 -12.95 -22.87
C ARG C 362 14.95 -12.91 -24.13
N PHE C 363 13.74 -12.35 -24.04
CA PHE C 363 12.74 -12.32 -25.14
C PHE C 363 13.13 -11.24 -26.16
N ASP C 364 14.20 -11.50 -26.92
CA ASP C 364 14.75 -10.58 -27.95
C ASP C 364 13.80 -10.54 -29.16
N ARG C 365 13.41 -11.72 -29.65
CA ARG C 365 12.65 -11.87 -30.93
C ARG C 365 11.17 -11.58 -30.67
N GLU C 366 10.62 -10.57 -31.37
CA GLU C 366 9.27 -10.00 -31.12
C GLU C 366 8.43 -10.11 -32.40
N VAL C 367 7.22 -10.70 -32.30
CA VAL C 367 6.35 -11.03 -33.47
C VAL C 367 5.01 -10.30 -33.35
N ASP C 368 4.87 -9.19 -34.09
CA ASP C 368 3.66 -8.31 -34.08
C ASP C 368 2.58 -8.94 -34.96
N ILE C 369 1.64 -9.68 -34.35
CA ILE C 369 0.50 -10.31 -35.06
C ILE C 369 -0.71 -9.37 -35.00
N GLY C 370 -1.20 -8.92 -36.16
CA GLY C 370 -2.39 -8.05 -36.29
C GLY C 370 -3.63 -8.83 -36.66
N ILE C 371 -4.72 -8.11 -36.97
CA ILE C 371 -6.06 -8.68 -37.34
C ILE C 371 -5.99 -9.16 -38.80
N PRO C 372 -6.31 -10.44 -39.08
CA PRO C 372 -6.35 -10.94 -40.45
C PRO C 372 -7.35 -10.21 -41.36
N ASP C 373 -7.00 -10.06 -42.65
CA ASP C 373 -7.84 -9.41 -43.69
C ASP C 373 -8.99 -10.35 -44.05
N ALA C 374 -9.83 -9.94 -45.00
CA ALA C 374 -10.94 -10.73 -45.58
C ALA C 374 -10.43 -12.10 -46.01
N THR C 375 -9.39 -12.13 -46.86
CA THR C 375 -8.71 -13.37 -47.35
C THR C 375 -8.43 -14.30 -46.17
N GLY C 376 -7.71 -13.78 -45.17
CA GLY C 376 -7.36 -14.52 -43.93
C GLY C 376 -8.60 -15.00 -43.21
N ARG C 377 -9.60 -14.13 -43.05
CA ARG C 377 -10.88 -14.45 -42.36
C ARG C 377 -11.66 -15.50 -43.17
N LEU C 378 -11.66 -15.37 -44.51
CA LEU C 378 -12.27 -16.35 -45.45
C LEU C 378 -11.59 -17.70 -45.26
N GLU C 379 -10.25 -17.71 -45.30
CA GLU C 379 -9.39 -18.91 -45.11
C GLU C 379 -9.83 -19.62 -43.81
N ILE C 380 -9.91 -18.90 -42.70
CA ILE C 380 -10.26 -19.44 -41.35
C ILE C 380 -11.63 -20.14 -41.44
N LEU C 381 -12.62 -19.47 -42.04
CA LEU C 381 -13.98 -20.03 -42.22
C LEU C 381 -13.87 -21.34 -42.99
N GLN C 382 -13.09 -21.36 -44.08
CA GLN C 382 -12.79 -22.57 -44.89
C GLN C 382 -12.21 -23.66 -43.98
N ILE C 383 -11.43 -23.28 -42.96
CA ILE C 383 -10.86 -24.20 -41.94
C ILE C 383 -11.98 -24.73 -41.03
N HIS C 384 -12.89 -23.84 -40.60
CA HIS C 384 -13.96 -24.16 -39.61
C HIS C 384 -15.19 -24.75 -40.31
N THR C 385 -15.13 -25.03 -41.61
CA THR C 385 -16.28 -25.54 -42.41
C THR C 385 -15.81 -26.70 -43.28
N LYS C 386 -14.95 -27.57 -42.73
CA LYS C 386 -14.27 -28.67 -43.47
C LYS C 386 -14.88 -30.02 -43.08
N ASN C 387 -15.24 -30.21 -41.81
CA ASN C 387 -15.85 -31.47 -41.30
C ASN C 387 -17.37 -31.43 -41.49
N MET C 388 -17.99 -30.29 -41.18
CA MET C 388 -19.46 -30.06 -41.25
C MET C 388 -19.92 -29.98 -42.72
N LYS C 389 -21.16 -30.40 -42.99
CA LYS C 389 -21.81 -30.40 -44.33
C LYS C 389 -22.55 -29.07 -44.53
N LEU C 390 -22.15 -28.29 -45.54
CA LEU C 390 -22.76 -26.98 -45.90
C LEU C 390 -23.81 -27.18 -47.00
N ALA C 391 -24.54 -26.12 -47.34
CA ALA C 391 -25.52 -26.06 -48.44
C ALA C 391 -24.91 -25.32 -49.64
N ASP C 392 -25.54 -25.43 -50.81
CA ASP C 392 -25.11 -24.76 -52.07
C ASP C 392 -25.43 -23.26 -51.98
N ASP C 393 -26.42 -22.88 -51.15
CA ASP C 393 -26.90 -21.49 -50.97
C ASP C 393 -25.88 -20.68 -50.16
N VAL C 394 -25.13 -21.35 -49.27
CA VAL C 394 -24.18 -20.70 -48.32
C VAL C 394 -22.97 -20.18 -49.10
N ASP C 395 -22.58 -18.92 -48.86
CA ASP C 395 -21.38 -18.27 -49.48
C ASP C 395 -20.53 -17.66 -48.35
N LEU C 396 -19.36 -18.25 -48.09
CA LEU C 396 -18.43 -17.85 -46.99
C LEU C 396 -17.83 -16.48 -47.29
N GLU C 397 -17.36 -16.28 -48.53
CA GLU C 397 -16.81 -14.99 -49.02
C GLU C 397 -17.67 -13.86 -48.47
N GLN C 398 -18.95 -13.83 -48.82
CA GLN C 398 -19.96 -12.83 -48.35
C GLN C 398 -19.76 -12.63 -46.84
N VAL C 399 -19.75 -13.73 -46.08
CA VAL C 399 -19.65 -13.73 -44.59
C VAL C 399 -18.33 -13.07 -44.18
N ALA C 400 -17.21 -13.53 -44.76
CA ALA C 400 -15.86 -12.97 -44.52
C ALA C 400 -15.88 -11.45 -44.74
N ASN C 401 -16.61 -11.00 -45.77
CA ASN C 401 -16.64 -9.58 -46.23
C ASN C 401 -17.33 -8.71 -45.18
N GLU C 402 -18.37 -9.23 -44.53
CA GLU C 402 -19.22 -8.45 -43.59
C GLU C 402 -18.77 -8.72 -42.15
N THR C 403 -17.48 -8.62 -41.88
CA THR C 403 -16.86 -8.92 -40.57
C THR C 403 -15.49 -8.21 -40.46
N HIS C 404 -15.49 -6.99 -39.90
CA HIS C 404 -14.27 -6.15 -39.72
C HIS C 404 -13.47 -6.67 -38.53
N GLY C 405 -13.94 -6.37 -37.31
CA GLY C 405 -13.30 -6.74 -36.04
C GLY C 405 -13.75 -8.12 -35.60
N HIS C 406 -13.53 -9.12 -36.44
CA HIS C 406 -13.83 -10.56 -36.17
C HIS C 406 -12.53 -11.37 -36.25
N VAL C 407 -12.11 -11.91 -35.10
CA VAL C 407 -10.87 -12.72 -34.94
C VAL C 407 -11.23 -14.20 -35.09
N GLY C 408 -10.21 -15.06 -35.20
CA GLY C 408 -10.37 -16.52 -35.40
C GLY C 408 -11.45 -17.08 -34.51
N ALA C 409 -11.39 -16.73 -33.22
CA ALA C 409 -12.33 -17.19 -32.16
C ALA C 409 -13.77 -16.74 -32.47
N ASP C 410 -13.96 -15.47 -32.87
CA ASP C 410 -15.29 -14.91 -33.26
C ASP C 410 -15.87 -15.76 -34.40
N LEU C 411 -15.06 -16.01 -35.43
CA LEU C 411 -15.42 -16.79 -36.63
C LEU C 411 -15.74 -18.24 -36.22
N ALA C 412 -14.91 -18.82 -35.35
CA ALA C 412 -15.14 -20.16 -34.75
C ALA C 412 -16.48 -20.15 -34.02
N ALA C 413 -16.66 -19.21 -33.08
CA ALA C 413 -17.91 -18.99 -32.32
C ALA C 413 -19.09 -18.89 -33.30
N LEU C 414 -18.91 -18.11 -34.37
CA LEU C 414 -19.93 -17.93 -35.44
C LEU C 414 -20.29 -19.31 -35.99
N CYS C 415 -19.30 -20.07 -36.47
CA CYS C 415 -19.48 -21.42 -37.07
C CYS C 415 -20.26 -22.32 -36.10
N SER C 416 -19.83 -22.36 -34.84
CA SER C 416 -20.48 -23.13 -33.75
C SER C 416 -21.94 -22.72 -33.62
N GLU C 417 -22.17 -21.45 -33.24
CA GLU C 417 -23.53 -20.87 -33.02
C GLU C 417 -24.42 -21.22 -34.23
N ALA C 418 -23.91 -20.97 -35.44
CA ALA C 418 -24.60 -21.25 -36.72
C ALA C 418 -24.98 -22.73 -36.79
N ALA C 419 -24.03 -23.62 -36.49
CA ALA C 419 -24.21 -25.10 -36.54
C ALA C 419 -25.23 -25.53 -35.50
N LEU C 420 -25.14 -24.98 -34.28
CA LEU C 420 -26.08 -25.27 -33.16
C LEU C 420 -27.48 -24.76 -33.51
N GLN C 421 -27.57 -23.58 -34.13
CA GLN C 421 -28.86 -22.96 -34.57
C GLN C 421 -29.52 -23.88 -35.60
N ALA C 422 -28.74 -24.41 -36.55
CA ALA C 422 -29.20 -25.30 -37.65
C ALA C 422 -29.80 -26.58 -37.08
N ILE C 423 -29.17 -27.15 -36.03
CA ILE C 423 -29.62 -28.38 -35.33
C ILE C 423 -30.99 -28.11 -34.67
N ARG C 424 -31.05 -27.13 -33.77
CA ARG C 424 -32.27 -26.74 -33.01
C ARG C 424 -33.42 -26.44 -33.98
N LYS C 425 -33.11 -25.93 -35.17
CA LYS C 425 -34.12 -25.54 -36.21
C LYS C 425 -34.53 -26.76 -37.03
N LYS C 426 -33.70 -27.81 -37.07
CA LYS C 426 -33.96 -29.04 -37.87
C LYS C 426 -34.33 -30.20 -36.95
N MET C 427 -33.47 -30.52 -35.98
CA MET C 427 -33.54 -31.79 -35.18
C MET C 427 -34.56 -31.67 -34.04
N ASP C 428 -34.65 -30.50 -33.39
CA ASP C 428 -35.59 -30.24 -32.27
C ASP C 428 -37.02 -30.67 -32.65
N LEU C 429 -37.32 -30.66 -33.96
CA LEU C 429 -38.65 -31.02 -34.52
C LEU C 429 -38.86 -32.53 -34.36
N ILE C 430 -37.87 -33.34 -34.77
CA ILE C 430 -37.94 -34.83 -34.78
C ILE C 430 -37.60 -35.32 -33.37
N ASP C 431 -36.55 -34.76 -32.77
CA ASP C 431 -36.15 -34.99 -31.35
C ASP C 431 -36.16 -36.50 -31.05
N LEU C 432 -35.34 -37.27 -31.75
CA LEU C 432 -35.20 -38.75 -31.55
C LEU C 432 -33.86 -39.04 -30.88
N GLU C 433 -33.59 -38.37 -29.77
CA GLU C 433 -32.36 -38.53 -28.95
C GLU C 433 -32.58 -39.65 -27.94
N ASP C 434 -32.75 -40.88 -28.43
CA ASP C 434 -33.06 -42.09 -27.64
C ASP C 434 -31.80 -42.97 -27.57
N GLU C 435 -31.18 -43.04 -26.39
CA GLU C 435 -29.95 -43.85 -26.11
C GLU C 435 -28.78 -43.29 -26.93
N THR C 436 -28.02 -44.18 -27.58
CA THR C 436 -26.83 -43.86 -28.43
C THR C 436 -27.31 -43.14 -29.70
N ILE C 437 -26.46 -42.30 -30.27
CA ILE C 437 -26.73 -41.54 -31.54
C ILE C 437 -25.77 -42.03 -32.63
N ASP C 438 -26.31 -42.42 -33.78
CA ASP C 438 -25.54 -42.92 -34.95
C ASP C 438 -25.14 -41.72 -35.81
N ALA C 439 -24.53 -41.98 -36.97
CA ALA C 439 -23.92 -40.96 -37.86
C ALA C 439 -24.88 -40.60 -39.00
N GLU C 440 -25.66 -41.57 -39.49
CA GLU C 440 -26.41 -41.51 -40.77
C GLU C 440 -27.40 -40.34 -40.78
N VAL C 441 -28.07 -40.09 -39.65
CA VAL C 441 -29.08 -39.01 -39.50
C VAL C 441 -28.37 -37.66 -39.55
N MET C 442 -27.16 -37.58 -38.98
CA MET C 442 -26.38 -36.32 -38.85
C MET C 442 -25.64 -36.01 -40.15
N ASN C 443 -25.43 -37.01 -41.00
CA ASN C 443 -24.83 -36.86 -42.35
C ASN C 443 -25.81 -36.09 -43.23
N SER C 444 -27.11 -36.38 -43.10
CA SER C 444 -28.22 -35.70 -43.82
C SER C 444 -28.22 -34.20 -43.51
N LEU C 445 -27.80 -33.82 -42.29
CA LEU C 445 -27.86 -32.43 -41.75
C LEU C 445 -27.01 -31.49 -42.61
N ALA C 446 -27.64 -30.47 -43.19
CA ALA C 446 -27.03 -29.42 -44.03
C ALA C 446 -27.43 -28.04 -43.49
N VAL C 447 -26.44 -27.19 -43.17
CA VAL C 447 -26.67 -25.83 -42.59
C VAL C 447 -27.00 -24.84 -43.73
N THR C 448 -28.03 -24.02 -43.52
CA THR C 448 -28.52 -23.00 -44.49
C THR C 448 -27.87 -21.65 -44.17
N MET C 449 -27.73 -20.81 -45.19
CA MET C 449 -27.24 -19.41 -45.06
C MET C 449 -28.11 -18.68 -44.02
N ASP C 450 -29.41 -18.97 -44.01
CA ASP C 450 -30.40 -18.43 -43.04
C ASP C 450 -29.80 -18.48 -41.63
N ASP C 451 -29.22 -19.62 -41.26
CA ASP C 451 -28.62 -19.87 -39.92
C ASP C 451 -27.47 -18.88 -39.70
N PHE C 452 -26.68 -18.62 -40.74
CA PHE C 452 -25.50 -17.71 -40.71
C PHE C 452 -25.95 -16.26 -40.51
N ARG C 453 -26.93 -15.81 -41.31
CA ARG C 453 -27.54 -14.46 -41.21
C ARG C 453 -28.05 -14.26 -39.77
N TRP C 454 -28.54 -15.34 -39.15
CA TRP C 454 -29.10 -15.37 -37.76
C TRP C 454 -27.96 -15.23 -36.73
N ALA C 455 -26.85 -15.93 -36.95
CA ALA C 455 -25.68 -16.00 -36.05
C ALA C 455 -24.84 -14.72 -36.17
N LEU C 456 -24.86 -14.08 -37.35
CA LEU C 456 -24.17 -12.80 -37.62
C LEU C 456 -24.69 -11.72 -36.66
N SER C 457 -26.01 -11.48 -36.68
CA SER C 457 -26.73 -10.48 -35.85
C SER C 457 -26.24 -10.55 -34.40
N GLN C 458 -26.07 -11.76 -33.88
CA GLN C 458 -25.49 -12.05 -32.54
C GLN C 458 -23.98 -11.82 -32.62
N SER C 459 -23.54 -10.56 -32.64
CA SER C 459 -22.11 -10.15 -32.76
C SER C 459 -21.56 -9.84 -31.36
N ASN C 460 -20.37 -10.38 -31.05
CA ASN C 460 -19.72 -10.27 -29.71
C ASN C 460 -18.44 -9.46 -29.85
N PRO C 461 -18.51 -8.12 -29.66
CA PRO C 461 -17.34 -7.25 -29.80
C PRO C 461 -16.38 -7.28 -28.60
N SER C 462 -15.09 -7.02 -28.88
CA SER C 462 -13.96 -7.06 -27.91
C SER C 462 -13.08 -5.81 -28.08
N PRO D 23 -49.79 -38.59 -34.35
CA PRO D 23 -49.28 -39.49 -33.30
C PRO D 23 -49.88 -39.16 -31.92
N ASN D 24 -49.40 -39.82 -30.86
CA ASN D 24 -49.76 -39.55 -29.44
C ASN D 24 -48.54 -39.00 -28.69
N ARG D 25 -47.38 -38.94 -29.34
CA ARG D 25 -46.09 -38.46 -28.77
C ARG D 25 -45.96 -36.96 -29.03
N LEU D 26 -45.79 -36.15 -27.98
CA LEU D 26 -45.63 -34.67 -28.05
C LEU D 26 -44.50 -34.22 -27.11
N ILE D 27 -43.97 -33.01 -27.34
CA ILE D 27 -42.90 -32.38 -26.50
C ILE D 27 -43.55 -31.35 -25.57
N VAL D 28 -43.38 -31.52 -24.26
CA VAL D 28 -43.80 -30.57 -23.20
C VAL D 28 -43.25 -29.17 -23.52
N ASP D 29 -44.12 -28.16 -23.46
CA ASP D 29 -43.80 -26.72 -23.70
C ASP D 29 -44.52 -25.88 -22.64
N GLU D 30 -44.07 -24.64 -22.42
CA GLU D 30 -44.66 -23.69 -21.44
C GLU D 30 -46.10 -23.35 -21.87
N ALA D 31 -46.99 -23.15 -20.89
CA ALA D 31 -48.41 -22.80 -21.10
C ALA D 31 -48.58 -21.29 -20.90
N ILE D 32 -49.50 -20.69 -21.66
CA ILE D 32 -49.83 -19.22 -21.60
C ILE D 32 -50.87 -19.03 -20.47
N ASN D 33 -51.80 -19.97 -20.35
CA ASN D 33 -52.91 -19.96 -19.35
C ASN D 33 -52.38 -20.43 -17.99
N GLU D 34 -52.69 -19.68 -16.91
CA GLU D 34 -52.11 -19.87 -15.55
C GLU D 34 -52.98 -20.84 -14.72
N ASP D 35 -53.32 -22.00 -15.27
CA ASP D 35 -54.25 -22.98 -14.64
C ASP D 35 -53.45 -24.21 -14.19
N ASN D 36 -53.98 -24.92 -13.18
CA ASN D 36 -53.41 -26.20 -12.66
C ASN D 36 -53.59 -27.30 -13.72
N SER D 37 -54.83 -27.53 -14.15
CA SER D 37 -55.26 -28.70 -14.97
C SER D 37 -55.76 -28.25 -16.36
N VAL D 38 -54.94 -27.49 -17.08
CA VAL D 38 -55.25 -27.04 -18.48
C VAL D 38 -54.06 -27.40 -19.37
N VAL D 39 -54.34 -27.89 -20.59
CA VAL D 39 -53.32 -28.15 -21.65
C VAL D 39 -53.80 -27.49 -22.95
N SER D 40 -52.86 -27.02 -23.76
CA SER D 40 -53.10 -26.27 -25.02
C SER D 40 -52.42 -27.00 -26.19
N LEU D 41 -53.21 -27.37 -27.21
CA LEU D 41 -52.71 -28.03 -28.45
C LEU D 41 -53.15 -27.21 -29.67
N SER D 42 -52.61 -27.55 -30.85
CA SER D 42 -52.94 -26.89 -32.14
C SER D 42 -54.29 -27.39 -32.65
N GLN D 43 -55.07 -26.51 -33.26
CA GLN D 43 -56.38 -26.80 -33.89
C GLN D 43 -56.23 -28.04 -34.77
N PRO D 44 -55.29 -28.08 -35.73
CA PRO D 44 -55.12 -29.24 -36.61
C PRO D 44 -54.93 -30.55 -35.82
N LYS D 45 -54.06 -30.51 -34.80
CA LYS D 45 -53.70 -31.65 -33.94
C LYS D 45 -54.97 -32.22 -33.30
N MET D 46 -55.83 -31.34 -32.81
CA MET D 46 -57.15 -31.71 -32.23
C MET D 46 -57.99 -32.36 -33.32
N ASP D 47 -58.13 -31.70 -34.48
CA ASP D 47 -58.88 -32.19 -35.67
C ASP D 47 -58.34 -33.56 -36.11
N GLU D 48 -57.02 -33.74 -36.01
CA GLU D 48 -56.32 -35.00 -36.37
C GLU D 48 -56.73 -36.09 -35.38
N LEU D 49 -56.73 -35.78 -34.08
CA LEU D 49 -57.00 -36.76 -32.98
C LEU D 49 -58.49 -36.77 -32.61
N GLN D 50 -59.31 -35.99 -33.32
CA GLN D 50 -60.78 -35.89 -33.07
C GLN D 50 -61.01 -35.66 -31.58
N LEU D 51 -60.36 -34.62 -31.03
CA LEU D 51 -60.47 -34.20 -29.61
C LEU D 51 -61.30 -32.91 -29.52
N PHE D 52 -62.24 -32.86 -28.57
CA PHE D 52 -63.18 -31.74 -28.37
C PHE D 52 -62.63 -30.82 -27.27
N ARG D 53 -62.63 -29.52 -27.55
CA ARG D 53 -62.09 -28.45 -26.67
C ARG D 53 -62.38 -28.81 -25.21
N GLY D 54 -63.64 -29.05 -24.87
CA GLY D 54 -64.06 -29.31 -23.48
C GLY D 54 -63.57 -30.66 -22.99
N ASP D 55 -63.76 -31.73 -23.79
CA ASP D 55 -63.40 -33.12 -23.44
C ASP D 55 -62.02 -33.14 -22.76
N THR D 56 -61.88 -33.95 -21.71
CA THR D 56 -60.65 -34.07 -20.86
C THR D 56 -59.77 -35.21 -21.39
N VAL D 57 -58.48 -34.95 -21.58
CA VAL D 57 -57.50 -35.93 -22.14
C VAL D 57 -56.64 -36.48 -21.01
N LEU D 58 -56.31 -37.77 -21.07
CA LEU D 58 -55.41 -38.48 -20.13
C LEU D 58 -53.97 -38.33 -20.63
N LEU D 59 -53.05 -37.97 -19.72
CA LEU D 59 -51.62 -37.76 -20.02
C LEU D 59 -50.77 -38.81 -19.29
N LYS D 60 -49.90 -39.50 -20.02
CA LYS D 60 -48.94 -40.48 -19.48
C LYS D 60 -47.53 -39.93 -19.66
N GLY D 61 -46.75 -39.86 -18.58
CA GLY D 61 -45.39 -39.27 -18.53
C GLY D 61 -44.32 -40.33 -18.37
N LYS D 62 -43.76 -40.46 -17.15
CA LYS D 62 -42.69 -41.43 -16.82
C LYS D 62 -42.87 -41.93 -15.37
N LYS D 63 -42.22 -43.04 -15.04
CA LYS D 63 -42.27 -43.72 -13.71
C LYS D 63 -43.69 -44.21 -13.44
N ARG D 64 -44.31 -44.85 -14.45
CA ARG D 64 -45.70 -45.40 -14.45
C ARG D 64 -46.68 -44.41 -13.79
N ARG D 65 -46.53 -43.12 -14.07
CA ARG D 65 -47.42 -42.05 -13.54
C ARG D 65 -48.30 -41.53 -14.68
N GLU D 66 -49.56 -41.21 -14.35
CA GLU D 66 -50.61 -40.75 -15.30
C GLU D 66 -51.36 -39.57 -14.64
N ALA D 67 -51.86 -38.63 -15.44
CA ALA D 67 -52.64 -37.46 -15.00
C ALA D 67 -53.78 -37.17 -15.99
N VAL D 68 -54.80 -36.42 -15.53
CA VAL D 68 -55.99 -36.01 -16.34
C VAL D 68 -56.05 -34.48 -16.38
N CYS D 69 -56.24 -33.90 -17.57
CA CYS D 69 -56.24 -32.44 -17.83
C CYS D 69 -57.30 -32.09 -18.87
N ILE D 70 -57.68 -30.81 -18.94
CA ILE D 70 -58.67 -30.25 -19.89
C ILE D 70 -57.93 -29.65 -21.07
N VAL D 71 -58.18 -30.16 -22.29
CA VAL D 71 -57.54 -29.66 -23.56
C VAL D 71 -58.13 -28.28 -23.89
N LEU D 72 -57.42 -27.51 -24.72
CA LEU D 72 -57.85 -26.17 -25.21
C LEU D 72 -57.32 -25.96 -26.63
N SER D 73 -57.96 -25.06 -27.37
CA SER D 73 -57.61 -24.66 -28.76
C SER D 73 -56.73 -23.40 -28.74
N ASP D 74 -55.54 -23.47 -29.35
CA ASP D 74 -54.58 -22.35 -29.47
C ASP D 74 -53.91 -22.41 -30.84
N ASP D 75 -54.18 -21.42 -31.70
CA ASP D 75 -53.61 -21.27 -33.07
C ASP D 75 -52.08 -21.15 -32.98
N THR D 76 -51.59 -20.41 -31.98
CA THR D 76 -50.16 -20.06 -31.80
C THR D 76 -49.36 -21.34 -31.53
N CYS D 77 -49.79 -22.13 -30.55
CA CYS D 77 -49.20 -23.44 -30.15
C CYS D 77 -48.96 -24.29 -31.40
N SER D 78 -47.77 -24.88 -31.53
CA SER D 78 -47.40 -25.82 -32.62
C SER D 78 -48.08 -27.17 -32.40
N ASP D 79 -48.39 -27.88 -33.50
CA ASP D 79 -49.08 -29.20 -33.50
C ASP D 79 -48.30 -30.19 -32.63
N GLU D 80 -46.98 -30.21 -32.82
CA GLU D 80 -46.04 -31.21 -32.26
C GLU D 80 -45.83 -30.96 -30.76
N LYS D 81 -45.79 -29.70 -30.35
CA LYS D 81 -45.56 -29.30 -28.93
C LYS D 81 -46.90 -29.31 -28.18
N ILE D 82 -46.82 -29.40 -26.85
CA ILE D 82 -47.98 -29.31 -25.91
C ILE D 82 -47.62 -28.31 -24.80
N ARG D 83 -48.56 -27.42 -24.47
CA ARG D 83 -48.40 -26.39 -23.41
C ARG D 83 -48.96 -26.94 -22.09
N MET D 84 -48.20 -26.86 -20.99
CA MET D 84 -48.67 -27.28 -19.65
C MET D 84 -47.90 -26.56 -18.52
N ASN D 85 -48.49 -26.52 -17.32
CA ASN D 85 -47.97 -25.82 -16.11
C ASN D 85 -47.04 -26.74 -15.31
N ARG D 86 -46.26 -26.15 -14.40
CA ARG D 86 -45.23 -26.85 -13.58
C ARG D 86 -45.88 -28.02 -12.83
N VAL D 87 -47.12 -27.86 -12.35
CA VAL D 87 -47.83 -28.86 -11.50
C VAL D 87 -47.75 -30.23 -12.17
N VAL D 88 -48.27 -30.35 -13.41
CA VAL D 88 -48.40 -31.65 -14.13
C VAL D 88 -46.99 -32.23 -14.34
N ARG D 89 -46.01 -31.39 -14.65
CA ARG D 89 -44.59 -31.79 -14.85
C ARG D 89 -44.12 -32.59 -13.63
N ASN D 90 -44.28 -31.99 -12.45
CA ASN D 90 -43.94 -32.59 -11.13
C ASN D 90 -44.78 -33.87 -10.94
N ASN D 91 -46.10 -33.77 -11.15
CA ASN D 91 -47.06 -34.88 -10.97
C ASN D 91 -46.63 -36.07 -11.85
N LEU D 92 -46.17 -35.81 -13.07
CA LEU D 92 -45.76 -36.85 -14.06
C LEU D 92 -44.26 -37.15 -13.94
N ARG D 93 -43.55 -36.43 -13.07
CA ARG D 93 -42.08 -36.56 -12.87
C ARG D 93 -41.40 -36.42 -14.24
N VAL D 94 -41.69 -35.31 -14.93
CA VAL D 94 -41.07 -34.94 -16.23
C VAL D 94 -40.64 -33.47 -16.19
N ARG D 95 -39.68 -33.10 -17.05
CA ARG D 95 -39.16 -31.72 -17.23
C ARG D 95 -39.27 -31.35 -18.72
N LEU D 96 -38.83 -30.15 -19.09
CA LEU D 96 -38.95 -29.62 -20.48
C LEU D 96 -37.99 -30.37 -21.42
N GLY D 97 -38.48 -30.79 -22.59
CA GLY D 97 -37.74 -31.61 -23.56
C GLY D 97 -38.15 -33.07 -23.49
N ASP D 98 -38.81 -33.49 -22.39
CA ASP D 98 -39.30 -34.88 -22.19
C ASP D 98 -40.47 -35.13 -23.15
N VAL D 99 -40.70 -36.39 -23.48
CA VAL D 99 -41.80 -36.86 -24.37
C VAL D 99 -42.88 -37.52 -23.49
N ILE D 100 -44.15 -37.29 -23.83
CA ILE D 100 -45.34 -37.83 -23.10
C ILE D 100 -46.31 -38.41 -24.13
N SER D 101 -47.19 -39.32 -23.69
CA SER D 101 -48.22 -39.97 -24.54
C SER D 101 -49.62 -39.62 -24.02
N ILE D 102 -50.40 -38.88 -24.81
CA ILE D 102 -51.77 -38.41 -24.45
C ILE D 102 -52.77 -39.44 -24.97
N GLN D 103 -53.76 -39.79 -24.16
CA GLN D 103 -54.85 -40.74 -24.50
C GLN D 103 -56.19 -40.05 -24.32
N PRO D 104 -57.11 -40.09 -25.33
CA PRO D 104 -58.46 -39.58 -25.16
C PRO D 104 -59.21 -40.40 -24.09
N CYS D 105 -59.92 -39.72 -23.19
CA CYS D 105 -60.68 -40.33 -22.06
C CYS D 105 -62.10 -39.78 -22.05
N PRO D 106 -62.96 -40.15 -23.03
CA PRO D 106 -64.35 -39.72 -23.03
C PRO D 106 -65.13 -40.30 -21.83
N ASP D 107 -64.86 -41.57 -21.51
CA ASP D 107 -65.59 -42.36 -20.47
C ASP D 107 -64.98 -42.03 -19.10
N VAL D 108 -65.45 -40.94 -18.49
CA VAL D 108 -65.08 -40.51 -17.10
C VAL D 108 -66.38 -40.37 -16.31
N LYS D 109 -66.35 -40.76 -15.03
CA LYS D 109 -67.51 -40.69 -14.11
C LYS D 109 -67.20 -39.69 -12.99
N TYR D 110 -68.25 -39.06 -12.45
CA TYR D 110 -68.16 -37.94 -11.47
C TYR D 110 -67.67 -38.50 -10.14
N GLY D 111 -67.22 -37.61 -9.24
CA GLY D 111 -66.78 -37.94 -7.88
C GLY D 111 -67.97 -38.13 -6.96
N LYS D 112 -67.92 -39.15 -6.09
CA LYS D 112 -68.95 -39.43 -5.06
C LYS D 112 -68.44 -38.96 -3.69
N ARG D 113 -67.22 -39.34 -3.32
CA ARG D 113 -66.53 -38.91 -2.07
C ARG D 113 -65.04 -38.69 -2.36
N ILE D 114 -64.47 -37.61 -1.82
CA ILE D 114 -63.02 -37.26 -1.96
C ILE D 114 -62.46 -36.98 -0.56
N HIS D 115 -61.30 -37.58 -0.24
CA HIS D 115 -60.53 -37.37 1.02
C HIS D 115 -59.17 -36.78 0.67
N VAL D 116 -58.87 -35.58 1.18
CA VAL D 116 -57.59 -34.84 0.90
C VAL D 116 -57.01 -34.36 2.23
N LEU D 117 -55.69 -34.46 2.37
CA LEU D 117 -54.92 -33.92 3.52
C LEU D 117 -53.89 -32.92 3.00
N PRO D 118 -53.73 -31.76 3.69
CA PRO D 118 -52.73 -30.77 3.28
C PRO D 118 -51.30 -31.23 3.60
N ILE D 119 -50.29 -30.58 3.00
CA ILE D 119 -48.84 -30.83 3.24
C ILE D 119 -48.40 -30.01 4.46
N ASP D 120 -47.45 -30.54 5.23
CA ASP D 120 -46.93 -29.94 6.51
C ASP D 120 -46.36 -28.53 6.24
N ASP D 121 -45.50 -28.40 5.24
CA ASP D 121 -44.71 -27.16 4.98
C ASP D 121 -45.62 -26.06 4.41
N THR D 122 -46.72 -26.43 3.76
CA THR D 122 -47.69 -25.48 3.15
C THR D 122 -48.48 -24.80 4.27
N VAL D 123 -49.07 -25.58 5.18
CA VAL D 123 -49.99 -25.10 6.24
C VAL D 123 -49.19 -24.35 7.32
N GLU D 124 -47.88 -24.59 7.42
CA GLU D 124 -47.00 -23.96 8.45
C GLU D 124 -47.49 -22.54 8.76
N GLY D 125 -47.76 -22.24 10.03
CA GLY D 125 -48.17 -20.91 10.50
C GLY D 125 -49.65 -20.62 10.26
N ILE D 126 -50.42 -21.63 9.82
CA ILE D 126 -51.89 -21.49 9.58
C ILE D 126 -52.64 -22.66 10.23
N THR D 127 -53.41 -22.36 11.29
CA THR D 127 -54.28 -23.31 12.04
C THR D 127 -55.73 -22.84 11.90
N GLY D 128 -56.68 -23.79 11.85
CA GLY D 128 -58.12 -23.54 11.67
C GLY D 128 -58.65 -24.28 10.45
N ASN D 129 -59.97 -24.22 10.24
CA ASN D 129 -60.67 -24.90 9.12
C ASN D 129 -60.21 -24.27 7.80
N LEU D 130 -59.63 -25.07 6.90
CA LEU D 130 -59.07 -24.62 5.59
C LEU D 130 -59.94 -25.10 4.42
N PHE D 131 -60.97 -25.90 4.69
CA PHE D 131 -61.88 -26.46 3.65
C PHE D 131 -62.78 -25.35 3.10
N GLU D 132 -63.29 -24.49 3.99
CA GLU D 132 -64.25 -23.39 3.67
C GLU D 132 -63.55 -22.26 2.90
N VAL D 133 -62.24 -22.07 3.11
CA VAL D 133 -61.48 -20.87 2.66
C VAL D 133 -60.51 -21.21 1.53
N TYR D 134 -60.42 -22.49 1.11
CA TYR D 134 -59.55 -22.94 0.00
C TYR D 134 -60.36 -23.73 -1.02
N LEU D 135 -61.08 -24.76 -0.57
CA LEU D 135 -61.79 -25.70 -1.46
C LEU D 135 -63.02 -24.99 -2.04
N LYS D 136 -63.86 -24.41 -1.20
CA LYS D 136 -65.08 -23.66 -1.63
C LYS D 136 -64.69 -22.61 -2.65
N PRO D 137 -63.78 -21.64 -2.33
CA PRO D 137 -63.42 -20.59 -3.29
C PRO D 137 -62.85 -21.16 -4.59
N TYR D 138 -61.83 -22.02 -4.50
CA TYR D 138 -61.10 -22.60 -5.66
C TYR D 138 -62.08 -23.40 -6.53
N PHE D 139 -62.78 -24.36 -5.92
CA PHE D 139 -63.77 -25.26 -6.61
C PHE D 139 -65.16 -24.64 -6.53
N LEU D 140 -65.60 -23.99 -7.62
CA LEU D 140 -66.99 -23.46 -7.77
C LEU D 140 -67.45 -23.67 -9.22
N GLU D 141 -68.15 -24.79 -9.47
CA GLU D 141 -68.81 -25.11 -10.76
C GLU D 141 -67.76 -25.34 -11.85
N ALA D 142 -66.52 -25.67 -11.47
CA ALA D 142 -65.36 -25.77 -12.39
C ALA D 142 -65.35 -27.14 -13.07
N TYR D 143 -65.72 -28.19 -12.33
CA TYR D 143 -65.64 -29.61 -12.76
C TYR D 143 -64.20 -29.92 -13.19
N ARG D 144 -63.25 -29.70 -12.27
CA ARG D 144 -61.80 -29.96 -12.49
C ARG D 144 -61.53 -31.46 -12.38
N PRO D 145 -60.90 -32.09 -13.40
CA PRO D 145 -60.60 -33.52 -13.33
C PRO D 145 -59.28 -33.78 -12.59
N ILE D 146 -59.29 -34.72 -11.63
CA ILE D 146 -58.13 -35.11 -10.78
C ILE D 146 -58.07 -36.63 -10.68
N ARG D 147 -56.91 -37.18 -10.30
CA ARG D 147 -56.70 -38.64 -10.08
C ARG D 147 -56.23 -38.84 -8.64
N LYS D 148 -56.57 -39.99 -8.05
CA LYS D 148 -56.13 -40.40 -6.69
C LYS D 148 -54.60 -40.36 -6.64
N GLY D 149 -54.04 -39.73 -5.61
CA GLY D 149 -52.59 -39.61 -5.39
C GLY D 149 -51.95 -38.51 -6.24
N ASP D 150 -52.76 -37.64 -6.86
CA ASP D 150 -52.27 -36.47 -7.64
C ASP D 150 -52.11 -35.28 -6.69
N ILE D 151 -51.11 -34.44 -6.95
CA ILE D 151 -50.83 -33.20 -6.17
C ILE D 151 -51.36 -32.01 -6.96
N PHE D 152 -52.20 -31.19 -6.33
CA PHE D 152 -52.75 -29.93 -6.89
C PHE D 152 -52.41 -28.77 -5.94
N LEU D 153 -52.40 -27.55 -6.47
CA LEU D 153 -52.06 -26.30 -5.74
C LEU D 153 -53.28 -25.36 -5.72
N VAL D 154 -53.64 -24.88 -4.54
CA VAL D 154 -54.70 -23.86 -4.31
C VAL D 154 -54.03 -22.60 -3.76
N ARG D 155 -54.34 -21.44 -4.33
CA ARG D 155 -53.83 -20.11 -3.87
C ARG D 155 -54.88 -19.44 -2.98
N GLY D 156 -54.50 -19.06 -1.75
CA GLY D 156 -55.41 -18.46 -0.76
C GLY D 156 -54.67 -17.89 0.42
N GLY D 157 -55.20 -16.82 1.02
CA GLY D 157 -54.60 -16.13 2.18
C GLY D 157 -53.25 -15.53 1.85
N MET D 158 -53.09 -14.98 0.63
CA MET D 158 -51.85 -14.35 0.12
C MET D 158 -50.69 -15.35 0.12
N ARG D 159 -50.97 -16.60 -0.26
CA ARG D 159 -49.94 -17.66 -0.41
C ARG D 159 -50.44 -18.75 -1.36
N ALA D 160 -49.58 -19.74 -1.62
CA ALA D 160 -49.82 -20.90 -2.51
C ALA D 160 -49.70 -22.18 -1.67
N VAL D 161 -50.83 -22.81 -1.33
CA VAL D 161 -50.91 -24.04 -0.49
C VAL D 161 -51.17 -25.26 -1.38
N GLU D 162 -50.19 -26.18 -1.42
CA GLU D 162 -50.23 -27.44 -2.20
C GLU D 162 -51.15 -28.43 -1.45
N PHE D 163 -51.74 -29.39 -2.17
CA PHE D 163 -52.67 -30.41 -1.61
C PHE D 163 -52.49 -31.75 -2.29
N LYS D 164 -52.55 -32.82 -1.49
CA LYS D 164 -52.43 -34.24 -1.92
C LYS D 164 -53.81 -34.90 -1.81
N VAL D 165 -54.18 -35.71 -2.81
CA VAL D 165 -55.41 -36.54 -2.81
C VAL D 165 -55.08 -37.88 -2.16
N VAL D 166 -55.53 -38.08 -0.92
CA VAL D 166 -55.31 -39.33 -0.11
C VAL D 166 -56.01 -40.49 -0.80
N GLU D 167 -57.30 -40.32 -1.14
CA GLU D 167 -58.15 -41.37 -1.79
C GLU D 167 -59.32 -40.71 -2.52
N THR D 168 -59.88 -41.40 -3.52
CA THR D 168 -61.08 -41.03 -4.30
C THR D 168 -62.05 -42.21 -4.34
N ASP D 169 -63.33 -41.99 -4.01
CA ASP D 169 -64.39 -43.04 -4.02
C ASP D 169 -64.42 -43.71 -5.40
N PRO D 170 -64.54 -42.95 -6.51
CA PRO D 170 -64.50 -43.53 -7.85
C PRO D 170 -63.04 -43.73 -8.27
N SER D 171 -62.65 -44.98 -8.53
CA SER D 171 -61.28 -45.40 -8.90
C SER D 171 -61.14 -45.39 -10.43
N PRO D 172 -59.93 -45.16 -10.99
CA PRO D 172 -58.82 -44.56 -10.27
C PRO D 172 -59.02 -43.04 -10.08
N TYR D 173 -59.56 -42.38 -11.10
CA TYR D 173 -59.79 -40.91 -11.16
C TYR D 173 -61.29 -40.62 -10.99
N CYS D 174 -61.63 -39.32 -10.90
CA CYS D 174 -63.00 -38.81 -10.69
C CYS D 174 -63.06 -37.30 -10.97
N ILE D 175 -64.19 -36.79 -11.46
CA ILE D 175 -64.40 -35.34 -11.76
C ILE D 175 -65.02 -34.67 -10.53
N VAL D 176 -64.45 -33.54 -10.11
CA VAL D 176 -64.94 -32.71 -8.97
C VAL D 176 -66.32 -32.14 -9.35
N ALA D 177 -67.35 -32.40 -8.52
CA ALA D 177 -68.75 -31.96 -8.75
C ALA D 177 -69.29 -31.30 -7.50
N PRO D 178 -70.30 -30.40 -7.60
CA PRO D 178 -70.85 -29.72 -6.43
C PRO D 178 -71.55 -30.70 -5.47
N ASP D 179 -72.09 -31.80 -6.01
CA ASP D 179 -72.76 -32.87 -5.23
C ASP D 179 -71.72 -33.70 -4.47
N THR D 180 -70.49 -33.75 -4.98
CA THR D 180 -69.34 -34.47 -4.38
C THR D 180 -68.96 -33.82 -3.05
N VAL D 181 -68.89 -34.64 -1.99
CA VAL D 181 -68.44 -34.22 -0.62
C VAL D 181 -66.91 -34.39 -0.55
N ILE D 182 -66.21 -33.39 -0.02
CA ILE D 182 -64.73 -33.39 0.18
C ILE D 182 -64.45 -33.43 1.68
N HIS D 183 -63.79 -34.49 2.16
CA HIS D 183 -63.33 -34.65 3.56
C HIS D 183 -61.92 -34.09 3.69
N CYS D 184 -61.76 -33.08 4.55
CA CYS D 184 -60.45 -32.49 4.94
C CYS D 184 -60.31 -32.56 6.46
N GLU D 185 -59.64 -33.60 6.96
CA GLU D 185 -59.20 -33.72 8.37
C GLU D 185 -57.90 -32.93 8.53
N GLY D 186 -57.75 -32.22 9.66
CA GLY D 186 -56.62 -31.29 9.90
C GLY D 186 -55.36 -31.99 10.35
N GLU D 187 -54.85 -32.93 9.53
CA GLU D 187 -53.59 -33.68 9.79
C GLU D 187 -52.69 -33.53 8.57
N PRO D 188 -51.45 -32.98 8.72
CA PRO D 188 -50.54 -32.83 7.59
C PRO D 188 -49.98 -34.17 7.10
N ILE D 189 -49.32 -34.18 5.94
CA ILE D 189 -48.56 -35.35 5.42
C ILE D 189 -47.10 -34.91 5.22
N LYS D 190 -46.16 -35.76 5.63
CA LYS D 190 -44.70 -35.50 5.50
C LYS D 190 -44.36 -35.35 4.02
N ARG D 191 -43.69 -34.24 3.68
CA ARG D 191 -43.15 -33.97 2.32
C ARG D 191 -42.20 -35.12 1.92
N GLU D 192 -42.22 -35.52 0.65
CA GLU D 192 -41.30 -36.57 0.10
C GLU D 192 -40.23 -35.91 -0.76
N ASP D 193 -38.98 -36.41 -0.65
CA ASP D 193 -37.78 -35.90 -1.38
C ASP D 193 -37.96 -36.08 -2.90
N GLU D 194 -38.66 -37.15 -3.31
CA GLU D 194 -38.97 -37.45 -4.73
C GLU D 194 -39.87 -36.36 -5.32
N GLU D 195 -40.84 -35.89 -4.53
CA GLU D 195 -41.89 -34.91 -4.94
C GLU D 195 -41.39 -33.48 -4.69
N GLU D 196 -40.97 -32.78 -5.74
CA GLU D 196 -40.48 -31.37 -5.67
C GLU D 196 -41.64 -30.42 -5.36
N SER D 197 -41.44 -29.48 -4.45
CA SER D 197 -42.46 -28.47 -4.07
C SER D 197 -42.54 -27.41 -5.18
N LEU D 198 -43.70 -26.77 -5.29
CA LEU D 198 -44.00 -25.71 -6.29
C LEU D 198 -43.48 -24.37 -5.76
N ASN D 199 -43.13 -24.32 -4.47
CA ASN D 199 -42.53 -23.14 -3.80
C ASN D 199 -41.27 -22.73 -4.58
N GLU D 200 -40.50 -23.71 -5.06
CA GLU D 200 -39.26 -23.50 -5.87
C GLU D 200 -39.56 -22.53 -7.02
N VAL D 201 -38.55 -21.76 -7.41
CA VAL D 201 -38.67 -20.76 -8.52
C VAL D 201 -38.90 -21.51 -9.83
N GLY D 202 -39.67 -20.91 -10.75
CA GLY D 202 -39.96 -21.46 -12.08
C GLY D 202 -39.94 -20.38 -13.16
N TYR D 203 -40.01 -20.80 -14.42
CA TYR D 203 -40.04 -19.91 -15.62
C TYR D 203 -41.22 -18.95 -15.51
N ASP D 204 -42.38 -19.47 -15.10
CA ASP D 204 -43.61 -18.67 -14.85
C ASP D 204 -43.29 -17.53 -13.88
N ASP D 205 -42.49 -17.81 -12.84
CA ASP D 205 -42.18 -16.84 -11.74
C ASP D 205 -41.23 -15.74 -12.25
N ILE D 206 -40.62 -15.92 -13.43
CA ILE D 206 -39.76 -14.90 -14.09
C ILE D 206 -40.56 -14.21 -15.21
N GLY D 207 -40.75 -12.91 -15.07
CA GLY D 207 -41.44 -12.06 -16.06
C GLY D 207 -40.70 -10.76 -16.31
N GLY D 208 -41.04 -10.05 -17.38
CA GLY D 208 -40.43 -8.77 -17.77
C GLY D 208 -39.25 -8.96 -18.71
N CYS D 209 -38.92 -10.21 -19.02
CA CYS D 209 -37.93 -10.60 -20.06
C CYS D 209 -38.53 -11.71 -20.92
N ARG D 210 -38.40 -11.57 -22.24
CA ARG D 210 -38.78 -12.61 -23.24
C ARG D 210 -37.50 -13.04 -23.96
N LYS D 211 -36.95 -12.16 -24.81
CA LYS D 211 -35.78 -12.44 -25.68
C LYS D 211 -34.57 -12.80 -24.82
N GLN D 212 -34.48 -12.28 -23.60
CA GLN D 212 -33.35 -12.55 -22.66
C GLN D 212 -33.46 -13.96 -22.12
N LEU D 213 -34.65 -14.37 -21.68
CA LEU D 213 -34.92 -15.73 -21.13
C LEU D 213 -34.66 -16.76 -22.23
N ALA D 214 -35.37 -16.63 -23.36
CA ALA D 214 -35.33 -17.56 -24.51
C ALA D 214 -33.87 -17.89 -24.83
N GLN D 215 -33.08 -16.87 -25.20
CA GLN D 215 -31.64 -17.02 -25.56
C GLN D 215 -30.98 -17.95 -24.54
N ILE D 216 -31.11 -17.64 -23.25
CA ILE D 216 -30.48 -18.39 -22.13
C ILE D 216 -30.99 -19.84 -22.16
N LYS D 217 -32.31 -20.01 -22.29
CA LYS D 217 -32.99 -21.34 -22.28
C LYS D 217 -32.41 -22.22 -23.39
N GLU D 218 -32.44 -21.75 -24.65
CA GLU D 218 -32.05 -22.55 -25.84
C GLU D 218 -30.54 -22.85 -25.78
N MET D 219 -29.74 -21.93 -25.21
CA MET D 219 -28.26 -22.08 -25.11
C MET D 219 -27.92 -23.28 -24.22
N VAL D 220 -28.65 -23.46 -23.11
CA VAL D 220 -28.38 -24.52 -22.10
C VAL D 220 -29.39 -25.67 -22.23
N GLU D 221 -30.39 -25.55 -23.12
CA GLU D 221 -31.40 -26.61 -23.36
C GLU D 221 -30.66 -27.91 -23.70
N LEU D 222 -29.92 -27.92 -24.81
CA LEU D 222 -29.29 -29.12 -25.41
C LEU D 222 -28.30 -29.74 -24.43
N PRO D 223 -27.32 -28.99 -23.88
CA PRO D 223 -26.27 -29.58 -23.05
C PRO D 223 -26.83 -30.34 -21.84
N LEU D 224 -27.65 -29.67 -21.03
CA LEU D 224 -28.10 -30.18 -19.71
C LEU D 224 -29.06 -31.37 -19.91
N ARG D 225 -29.91 -31.30 -20.92
CA ARG D 225 -30.90 -32.37 -21.24
C ARG D 225 -30.16 -33.56 -21.87
N HIS D 226 -29.21 -33.31 -22.78
CA HIS D 226 -28.48 -34.37 -23.53
C HIS D 226 -26.97 -34.15 -23.43
N PRO D 227 -26.35 -34.48 -22.27
CA PRO D 227 -24.89 -34.43 -22.13
C PRO D 227 -24.23 -35.46 -23.07
N ALA D 228 -24.87 -36.62 -23.24
CA ALA D 228 -24.36 -37.76 -24.04
C ALA D 228 -24.28 -37.39 -25.53
N LEU D 229 -25.15 -36.50 -26.01
CA LEU D 229 -25.10 -35.97 -27.39
C LEU D 229 -23.83 -35.12 -27.55
N PHE D 230 -23.64 -34.16 -26.63
CA PHE D 230 -22.48 -33.24 -26.60
C PHE D 230 -21.17 -34.03 -26.36
N LYS D 231 -21.26 -35.10 -25.56
CA LYS D 231 -20.13 -36.05 -25.31
C LYS D 231 -19.75 -36.76 -26.60
N ALA D 232 -20.74 -37.07 -27.45
CA ALA D 232 -20.60 -37.87 -28.69
C ALA D 232 -20.48 -36.97 -29.92
N ILE D 233 -20.40 -35.65 -29.74
CA ILE D 233 -20.31 -34.66 -30.86
C ILE D 233 -19.03 -33.82 -30.71
N GLY D 234 -18.46 -33.39 -31.84
CA GLY D 234 -17.23 -32.56 -31.91
C GLY D 234 -17.45 -31.15 -31.40
N VAL D 235 -18.68 -30.63 -31.50
CA VAL D 235 -19.06 -29.26 -31.04
C VAL D 235 -19.07 -29.25 -29.51
N LYS D 236 -18.46 -28.21 -28.93
CA LYS D 236 -18.34 -28.04 -27.45
C LYS D 236 -19.40 -27.03 -27.00
N PRO D 237 -20.14 -27.33 -25.90
CA PRO D 237 -21.12 -26.39 -25.36
C PRO D 237 -20.40 -25.26 -24.63
N PRO D 238 -20.98 -24.05 -24.55
CA PRO D 238 -20.34 -22.94 -23.83
C PRO D 238 -20.23 -23.23 -22.33
N ARG D 239 -19.00 -23.21 -21.80
CA ARG D 239 -18.69 -23.57 -20.39
C ARG D 239 -19.13 -22.42 -19.46
N GLY D 240 -18.89 -21.16 -19.87
CA GLY D 240 -19.10 -19.96 -19.04
C GLY D 240 -20.06 -18.96 -19.69
N ILE D 241 -21.11 -18.57 -18.96
CA ILE D 241 -22.14 -17.56 -19.37
C ILE D 241 -22.09 -16.37 -18.40
N LEU D 242 -22.02 -15.16 -18.94
CA LEU D 242 -21.91 -13.89 -18.17
C LEU D 242 -23.16 -13.04 -18.41
N LEU D 243 -23.79 -12.57 -17.33
CA LEU D 243 -25.06 -11.78 -17.38
C LEU D 243 -24.80 -10.34 -16.94
N TYR D 244 -24.96 -9.38 -17.86
CA TYR D 244 -24.86 -7.93 -17.61
C TYR D 244 -26.20 -7.41 -17.10
N GLY D 245 -26.19 -6.26 -16.42
CA GLY D 245 -27.39 -5.49 -16.04
C GLY D 245 -27.24 -4.82 -14.68
N PRO D 246 -28.18 -3.91 -14.29
CA PRO D 246 -28.17 -3.28 -12.97
C PRO D 246 -28.68 -4.20 -11.87
N PRO D 247 -28.29 -3.98 -10.60
CA PRO D 247 -28.77 -4.81 -9.50
C PRO D 247 -30.29 -4.71 -9.31
N GLY D 248 -30.91 -5.79 -8.84
CA GLY D 248 -32.36 -5.87 -8.56
C GLY D 248 -33.12 -6.54 -9.68
N THR D 249 -32.47 -6.74 -10.82
CA THR D 249 -33.08 -7.31 -12.05
C THR D 249 -33.34 -8.80 -11.85
N GLY D 250 -32.82 -9.38 -10.76
CA GLY D 250 -33.02 -10.80 -10.40
C GLY D 250 -32.37 -11.70 -11.43
N LYS D 251 -31.07 -11.49 -11.67
CA LYS D 251 -30.24 -12.30 -12.60
C LYS D 251 -30.06 -13.69 -11.96
N THR D 252 -29.75 -13.69 -10.67
CA THR D 252 -29.69 -14.88 -9.77
C THR D 252 -30.98 -15.69 -9.92
N LEU D 253 -32.12 -15.02 -9.78
CA LEU D 253 -33.47 -15.62 -9.85
C LEU D 253 -33.62 -16.35 -11.19
N ILE D 254 -33.14 -15.75 -12.28
CA ILE D 254 -33.22 -16.36 -13.64
C ILE D 254 -32.39 -17.64 -13.64
N ALA D 255 -31.14 -17.56 -13.17
CA ALA D 255 -30.18 -18.68 -13.14
C ALA D 255 -30.73 -19.83 -12.28
N ARG D 256 -31.23 -19.51 -11.08
CA ARG D 256 -31.74 -20.49 -10.09
C ARG D 256 -32.90 -21.27 -10.73
N ALA D 257 -33.89 -20.55 -11.27
CA ALA D 257 -35.09 -21.13 -11.91
C ALA D 257 -34.68 -22.16 -12.95
N VAL D 258 -33.73 -21.80 -13.83
CA VAL D 258 -33.25 -22.65 -14.96
C VAL D 258 -32.78 -24.00 -14.42
N ALA D 259 -31.95 -23.99 -13.37
CA ALA D 259 -31.41 -25.20 -12.72
C ALA D 259 -32.55 -26.08 -12.22
N ASN D 260 -33.47 -25.50 -11.43
CA ASN D 260 -34.66 -26.21 -10.86
C ASN D 260 -35.47 -26.80 -12.02
N GLU D 261 -35.81 -25.98 -13.03
CA GLU D 261 -36.63 -26.37 -14.20
C GLU D 261 -35.97 -27.55 -14.92
N THR D 262 -34.66 -27.48 -15.12
CA THR D 262 -33.85 -28.47 -15.88
C THR D 262 -33.51 -29.70 -15.03
N GLY D 263 -34.00 -29.74 -13.78
CA GLY D 263 -33.71 -30.82 -12.82
C GLY D 263 -32.24 -31.22 -12.88
N ALA D 264 -31.34 -30.25 -12.70
CA ALA D 264 -29.87 -30.44 -12.65
C ALA D 264 -29.34 -29.86 -11.35
N PHE D 265 -28.38 -30.54 -10.69
CA PHE D 265 -27.76 -30.10 -9.42
C PHE D 265 -27.32 -28.65 -9.59
N PHE D 266 -27.72 -27.77 -8.66
CA PHE D 266 -27.40 -26.33 -8.69
C PHE D 266 -26.56 -25.99 -7.46
N PHE D 267 -25.46 -25.26 -7.66
CA PHE D 267 -24.61 -24.71 -6.60
C PHE D 267 -24.51 -23.19 -6.78
N LEU D 268 -24.79 -22.44 -5.70
CA LEU D 268 -24.75 -20.95 -5.64
C LEU D 268 -23.50 -20.53 -4.86
N ILE D 269 -22.69 -19.66 -5.46
CA ILE D 269 -21.49 -19.04 -4.83
C ILE D 269 -21.84 -17.59 -4.49
N ASN D 270 -21.58 -17.17 -3.24
CA ASN D 270 -21.82 -15.78 -2.75
C ASN D 270 -20.47 -15.10 -2.48
N GLY D 271 -20.19 -14.03 -3.23
CA GLY D 271 -18.92 -13.27 -3.16
C GLY D 271 -18.56 -12.93 -1.72
N PRO D 272 -19.49 -12.32 -0.95
CA PRO D 272 -19.21 -11.96 0.45
C PRO D 272 -18.82 -13.20 1.26
N GLU D 273 -19.61 -14.28 1.12
CA GLU D 273 -19.38 -15.59 1.79
C GLU D 273 -17.94 -16.04 1.52
N ILE D 274 -17.54 -16.05 0.25
CA ILE D 274 -16.17 -16.47 -0.19
C ILE D 274 -15.14 -15.48 0.36
N MET D 275 -15.46 -14.18 0.35
CA MET D 275 -14.54 -13.11 0.82
C MET D 275 -14.42 -13.15 2.35
N SER D 276 -15.50 -13.52 3.05
CA SER D 276 -15.56 -13.59 4.54
C SER D 276 -14.58 -14.65 5.06
N LYS D 277 -14.44 -15.77 4.35
CA LYS D 277 -13.53 -16.90 4.70
C LYS D 277 -12.09 -16.39 4.66
N LEU D 278 -11.24 -16.92 5.55
CA LEU D 278 -9.83 -16.50 5.71
C LEU D 278 -9.03 -16.96 4.49
N ALA D 279 -7.92 -16.29 4.21
CA ALA D 279 -6.98 -16.63 3.10
C ALA D 279 -6.55 -18.09 3.25
N GLY D 280 -6.56 -18.84 2.14
CA GLY D 280 -6.21 -20.27 2.09
C GLY D 280 -7.45 -21.16 2.23
N GLU D 281 -8.31 -20.86 3.21
CA GLU D 281 -9.61 -21.56 3.44
C GLU D 281 -10.58 -21.24 2.29
N SER D 282 -10.54 -20.00 1.80
CA SER D 282 -11.36 -19.50 0.66
C SER D 282 -11.04 -20.32 -0.60
N GLU D 283 -9.76 -20.51 -0.90
CA GLU D 283 -9.27 -21.34 -2.03
C GLU D 283 -9.82 -22.76 -1.85
N SER D 284 -9.72 -23.31 -0.64
CA SER D 284 -10.20 -24.66 -0.26
C SER D 284 -11.71 -24.80 -0.56
N ASN D 285 -12.52 -23.83 -0.15
CA ASN D 285 -13.99 -23.83 -0.36
C ASN D 285 -14.28 -23.81 -1.86
N LEU D 286 -13.61 -22.93 -2.61
CA LEU D 286 -13.76 -22.82 -4.09
C LEU D 286 -13.45 -24.17 -4.73
N ARG D 287 -12.28 -24.74 -4.42
CA ARG D 287 -11.83 -26.08 -4.89
C ARG D 287 -12.93 -27.10 -4.55
N LYS D 288 -13.41 -27.09 -3.31
CA LYS D 288 -14.45 -28.05 -2.82
C LYS D 288 -15.72 -27.91 -3.66
N ALA D 289 -16.15 -26.67 -3.93
CA ALA D 289 -17.41 -26.36 -4.64
C ALA D 289 -17.41 -26.97 -6.05
N PHE D 290 -16.30 -26.84 -6.78
CA PHE D 290 -16.13 -27.33 -8.16
C PHE D 290 -15.99 -28.86 -8.18
N GLU D 291 -15.27 -29.43 -7.22
CA GLU D 291 -15.11 -30.91 -7.06
C GLU D 291 -16.49 -31.55 -6.84
N GLU D 292 -17.32 -30.95 -5.98
CA GLU D 292 -18.68 -31.45 -5.65
C GLU D 292 -19.57 -31.40 -6.89
N ALA D 293 -19.53 -30.28 -7.62
CA ALA D 293 -20.27 -30.08 -8.89
C ALA D 293 -19.84 -31.16 -9.89
N GLU D 294 -18.53 -31.34 -10.07
CA GLU D 294 -17.94 -32.36 -10.97
C GLU D 294 -18.47 -33.75 -10.57
N LYS D 295 -18.40 -34.06 -9.27
CA LYS D 295 -18.94 -35.33 -8.69
C LYS D 295 -20.42 -35.43 -9.08
N ASN D 296 -21.22 -34.42 -8.72
CA ASN D 296 -22.70 -34.41 -8.92
C ASN D 296 -23.01 -33.95 -10.36
N ALA D 297 -22.59 -34.74 -11.35
CA ALA D 297 -22.87 -34.50 -12.79
C ALA D 297 -24.33 -34.85 -13.10
N PRO D 298 -25.04 -34.08 -13.96
CA PRO D 298 -24.62 -32.74 -14.39
C PRO D 298 -24.93 -31.72 -13.29
N ALA D 299 -24.10 -30.68 -13.20
CA ALA D 299 -24.22 -29.60 -12.19
C ALA D 299 -24.28 -28.24 -12.89
N ILE D 300 -24.77 -27.22 -12.16
CA ILE D 300 -24.78 -25.79 -12.56
C ILE D 300 -24.14 -24.95 -11.45
N ILE D 301 -23.14 -24.15 -11.80
CA ILE D 301 -22.42 -23.22 -10.87
C ILE D 301 -22.80 -21.78 -11.26
N PHE D 302 -23.39 -21.03 -10.32
CA PHE D 302 -23.78 -19.62 -10.53
C PHE D 302 -23.02 -18.71 -9.54
N ILE D 303 -22.36 -17.69 -10.08
CA ILE D 303 -21.66 -16.65 -9.27
C ILE D 303 -22.66 -15.53 -9.01
N ASP D 304 -22.68 -15.01 -7.77
CA ASP D 304 -23.53 -13.87 -7.33
C ASP D 304 -22.75 -12.58 -7.63
N GLU D 305 -22.20 -11.91 -6.61
CA GLU D 305 -21.50 -10.62 -6.80
C GLU D 305 -20.08 -10.90 -7.30
N LEU D 306 -19.96 -11.23 -8.58
CA LEU D 306 -18.67 -11.58 -9.23
C LEU D 306 -17.70 -10.41 -9.06
N ASP D 307 -18.15 -9.17 -9.29
CA ASP D 307 -17.30 -7.95 -9.21
C ASP D 307 -16.61 -7.91 -7.84
N ALA D 308 -17.32 -8.28 -6.77
CA ALA D 308 -16.79 -8.32 -5.39
C ALA D 308 -15.72 -9.40 -5.26
N ILE D 309 -15.92 -10.56 -5.89
CA ILE D 309 -14.92 -11.67 -5.90
C ILE D 309 -13.72 -11.26 -6.77
N ALA D 310 -13.98 -10.80 -7.99
CA ALA D 310 -12.95 -10.49 -9.01
C ALA D 310 -13.15 -9.06 -9.55
N PRO D 311 -12.26 -8.12 -9.19
CA PRO D 311 -12.30 -6.77 -9.73
C PRO D 311 -11.40 -6.63 -10.97
N LYS D 312 -11.38 -5.45 -11.59
CA LYS D 312 -10.46 -5.14 -12.71
C LYS D 312 -9.05 -4.93 -12.13
N ARG D 313 -8.03 -5.13 -12.96
CA ARG D 313 -6.59 -5.06 -12.59
C ARG D 313 -6.23 -3.64 -12.14
N GLU D 314 -6.85 -2.63 -12.76
CA GLU D 314 -6.65 -1.19 -12.42
C GLU D 314 -7.31 -0.88 -11.07
N LYS D 315 -8.37 -1.61 -10.71
CA LYS D 315 -9.18 -1.38 -9.48
C LYS D 315 -8.89 -2.45 -8.42
N THR D 316 -7.89 -3.33 -8.64
CA THR D 316 -7.44 -4.33 -7.64
C THR D 316 -6.08 -3.89 -7.07
N HIS D 317 -6.01 -3.72 -5.74
CA HIS D 317 -4.79 -3.25 -5.01
C HIS D 317 -4.43 -4.23 -3.88
N GLY D 318 -5.08 -5.39 -3.82
CA GLY D 318 -4.79 -6.42 -2.80
C GLY D 318 -4.06 -7.59 -3.43
N GLU D 319 -2.97 -8.04 -2.79
CA GLU D 319 -2.19 -9.24 -3.24
C GLU D 319 -3.06 -10.47 -3.05
N VAL D 320 -3.70 -10.62 -1.88
CA VAL D 320 -4.58 -11.78 -1.52
C VAL D 320 -5.75 -11.84 -2.50
N GLU D 321 -6.28 -10.68 -2.91
CA GLU D 321 -7.38 -10.54 -3.90
C GLU D 321 -6.90 -11.13 -5.23
N ARG D 322 -5.69 -10.76 -5.66
CA ARG D 322 -5.06 -11.18 -6.94
C ARG D 322 -4.92 -12.70 -6.98
N ARG D 323 -4.57 -13.33 -5.85
CA ARG D 323 -4.42 -14.80 -5.73
C ARG D 323 -5.79 -15.47 -5.91
N ILE D 324 -6.83 -14.93 -5.27
CA ILE D 324 -8.21 -15.47 -5.33
C ILE D 324 -8.67 -15.46 -6.81
N VAL D 325 -8.56 -14.30 -7.47
CA VAL D 325 -8.88 -14.14 -8.92
C VAL D 325 -8.13 -15.23 -9.70
N SER D 326 -6.81 -15.32 -9.51
CA SER D 326 -5.94 -16.31 -10.20
C SER D 326 -6.53 -17.71 -10.04
N GLN D 327 -6.97 -18.07 -8.84
CA GLN D 327 -7.52 -19.43 -8.52
C GLN D 327 -8.77 -19.65 -9.39
N LEU D 328 -9.68 -18.68 -9.42
CA LEU D 328 -10.96 -18.75 -10.18
C LEU D 328 -10.67 -19.04 -11.65
N LEU D 329 -9.74 -18.29 -12.25
CA LEU D 329 -9.34 -18.44 -13.66
C LEU D 329 -8.85 -19.87 -13.90
N THR D 330 -8.00 -20.40 -13.00
CA THR D 330 -7.47 -21.79 -13.07
C THR D 330 -8.63 -22.79 -13.05
N LEU D 331 -9.64 -22.55 -12.19
CA LEU D 331 -10.84 -23.42 -12.07
C LEU D 331 -11.58 -23.41 -13.41
N MET D 332 -11.73 -22.24 -14.04
CA MET D 332 -12.44 -22.06 -15.35
C MET D 332 -11.71 -22.86 -16.44
N ASP D 333 -10.38 -22.84 -16.42
CA ASP D 333 -9.51 -23.59 -17.38
C ASP D 333 -9.64 -25.09 -17.10
N GLY D 334 -9.74 -25.46 -15.82
CA GLY D 334 -9.84 -26.85 -15.34
C GLY D 334 -11.10 -27.54 -15.84
N LEU D 335 -12.16 -26.77 -16.11
CA LEU D 335 -13.49 -27.28 -16.53
C LEU D 335 -13.39 -27.95 -17.89
N LYS D 336 -13.93 -29.17 -18.03
CA LYS D 336 -13.82 -30.00 -19.25
C LYS D 336 -15.22 -30.39 -19.74
N GLN D 337 -15.27 -31.03 -20.91
CA GLN D 337 -16.51 -31.52 -21.58
C GLN D 337 -17.07 -32.67 -20.75
N ARG D 338 -16.17 -33.53 -20.26
CA ARG D 338 -16.49 -34.75 -19.47
C ARG D 338 -17.12 -34.33 -18.14
N ALA D 339 -16.69 -33.19 -17.58
CA ALA D 339 -17.20 -32.63 -16.31
C ALA D 339 -18.69 -32.33 -16.45
N HIS D 340 -19.12 -31.79 -17.60
CA HIS D 340 -20.53 -31.41 -17.91
C HIS D 340 -21.07 -30.44 -16.85
N VAL D 341 -20.25 -29.48 -16.43
CA VAL D 341 -20.62 -28.44 -15.43
C VAL D 341 -20.78 -27.10 -16.17
N ILE D 342 -21.85 -26.37 -15.88
CA ILE D 342 -22.14 -25.04 -16.49
C ILE D 342 -21.78 -23.96 -15.46
N VAL D 343 -21.07 -22.91 -15.90
CA VAL D 343 -20.69 -21.75 -15.05
C VAL D 343 -21.48 -20.53 -15.51
N MET D 344 -22.12 -19.84 -14.59
CA MET D 344 -22.89 -18.60 -14.86
C MET D 344 -22.46 -17.53 -13.87
N ALA D 345 -22.35 -16.28 -14.33
CA ALA D 345 -21.92 -15.13 -13.50
C ALA D 345 -22.89 -13.97 -13.64
N ALA D 346 -22.94 -13.12 -12.61
CA ALA D 346 -23.77 -11.89 -12.56
C ALA D 346 -22.85 -10.69 -12.29
N THR D 347 -23.00 -9.61 -13.06
CA THR D 347 -22.23 -8.36 -12.93
C THR D 347 -23.14 -7.14 -13.14
N ASN D 348 -22.67 -5.98 -12.69
CA ASN D 348 -23.41 -4.69 -12.77
C ASN D 348 -22.99 -3.97 -14.06
N ARG D 349 -22.11 -2.98 -13.93
CA ARG D 349 -21.59 -2.16 -15.06
C ARG D 349 -20.59 -2.98 -15.86
N PRO D 350 -20.64 -2.95 -17.21
CA PRO D 350 -19.70 -3.71 -18.03
C PRO D 350 -18.25 -3.21 -17.93
N ASN D 351 -18.05 -1.90 -17.70
CA ASN D 351 -16.72 -1.24 -17.67
C ASN D 351 -15.89 -1.77 -16.50
N SER D 352 -16.53 -2.10 -15.37
CA SER D 352 -15.87 -2.70 -14.17
C SER D 352 -15.84 -4.22 -14.30
N ILE D 353 -15.12 -4.71 -15.32
CA ILE D 353 -14.91 -6.15 -15.63
C ILE D 353 -13.43 -6.37 -15.95
N ASP D 354 -12.83 -7.40 -15.35
CA ASP D 354 -11.42 -7.83 -15.58
C ASP D 354 -11.31 -8.43 -16.98
N PRO D 355 -10.28 -8.08 -17.78
CA PRO D 355 -10.17 -8.56 -19.15
C PRO D 355 -10.20 -10.11 -19.27
N ALA D 356 -9.64 -10.80 -18.28
CA ALA D 356 -9.44 -12.27 -18.26
C ALA D 356 -10.78 -13.00 -18.41
N LEU D 357 -11.83 -12.48 -17.77
CA LEU D 357 -13.19 -13.07 -17.79
C LEU D 357 -13.76 -13.05 -19.21
N ARG D 358 -13.45 -12.00 -19.99
CA ARG D 358 -13.96 -11.79 -21.37
C ARG D 358 -13.33 -12.78 -22.36
N ARG D 359 -12.23 -13.42 -21.97
CA ARG D 359 -11.53 -14.42 -22.82
C ARG D 359 -12.50 -15.55 -23.17
N PHE D 360 -12.32 -16.11 -24.37
CA PHE D 360 -13.19 -17.15 -24.99
C PHE D 360 -13.15 -18.42 -24.13
N GLY D 361 -11.95 -18.82 -23.71
CA GLY D 361 -11.70 -19.99 -22.86
C GLY D 361 -12.59 -20.01 -21.62
N ARG D 362 -12.76 -18.85 -20.97
CA ARG D 362 -13.55 -18.69 -19.72
C ARG D 362 -14.97 -18.26 -20.08
N PHE D 363 -15.41 -17.07 -19.63
CA PHE D 363 -16.78 -16.54 -19.86
C PHE D 363 -16.86 -15.92 -21.26
N ASP D 364 -16.92 -16.79 -22.28
CA ASP D 364 -17.10 -16.39 -23.71
C ASP D 364 -18.49 -15.76 -23.86
N ARG D 365 -19.54 -16.44 -23.38
CA ARG D 365 -20.96 -16.03 -23.58
C ARG D 365 -21.29 -14.87 -22.64
N GLU D 366 -21.84 -13.78 -23.20
CA GLU D 366 -22.20 -12.52 -22.49
C GLU D 366 -23.65 -12.16 -22.85
N VAL D 367 -24.49 -11.95 -21.83
CA VAL D 367 -25.96 -11.64 -22.00
C VAL D 367 -26.27 -10.27 -21.40
N ASP D 368 -26.72 -9.33 -22.24
CA ASP D 368 -27.01 -7.93 -21.86
C ASP D 368 -28.51 -7.81 -21.52
N ILE D 369 -28.83 -7.53 -20.26
CA ILE D 369 -30.24 -7.41 -19.78
C ILE D 369 -30.67 -5.94 -19.87
N GLY D 370 -31.64 -5.63 -20.74
CA GLY D 370 -32.26 -4.30 -20.87
C GLY D 370 -33.39 -4.11 -19.86
N ILE D 371 -33.55 -2.89 -19.33
CA ILE D 371 -34.56 -2.54 -18.27
C ILE D 371 -35.94 -2.97 -18.78
N PRO D 372 -36.80 -3.55 -17.91
CA PRO D 372 -38.12 -4.04 -18.33
C PRO D 372 -39.04 -2.94 -18.87
N ASP D 373 -39.65 -3.17 -20.04
CA ASP D 373 -40.59 -2.24 -20.70
C ASP D 373 -41.88 -2.20 -19.87
N ALA D 374 -42.81 -1.30 -20.22
CA ALA D 374 -44.11 -1.11 -19.54
C ALA D 374 -44.88 -2.44 -19.53
N THR D 375 -45.06 -3.05 -20.71
CA THR D 375 -45.74 -4.37 -20.88
C THR D 375 -45.09 -5.38 -19.92
N GLY D 376 -43.76 -5.51 -19.99
CA GLY D 376 -42.97 -6.39 -19.10
C GLY D 376 -43.18 -6.07 -17.63
N ARG D 377 -43.20 -4.78 -17.27
CA ARG D 377 -43.39 -4.31 -15.87
C ARG D 377 -44.77 -4.73 -15.38
N LEU D 378 -45.80 -4.61 -16.22
CA LEU D 378 -47.19 -5.06 -15.93
C LEU D 378 -47.16 -6.56 -15.67
N GLU D 379 -46.58 -7.32 -16.60
CA GLU D 379 -46.44 -8.80 -16.51
C GLU D 379 -45.93 -9.16 -15.10
N ILE D 380 -44.82 -8.54 -14.68
CA ILE D 380 -44.14 -8.81 -13.38
C ILE D 380 -45.13 -8.57 -12.23
N LEU D 381 -45.84 -7.45 -12.24
CA LEU D 381 -46.79 -7.05 -11.16
C LEU D 381 -47.80 -8.20 -10.94
N GLN D 382 -48.34 -8.75 -12.03
CA GLN D 382 -49.31 -9.88 -11.99
C GLN D 382 -48.68 -11.02 -11.18
N ILE D 383 -47.44 -11.39 -11.50
CA ILE D 383 -46.70 -12.53 -10.89
C ILE D 383 -46.67 -12.36 -9.37
N HIS D 384 -46.27 -11.17 -8.89
CA HIS D 384 -46.11 -10.87 -7.44
C HIS D 384 -47.47 -10.82 -6.73
N THR D 385 -48.56 -10.61 -7.48
CA THR D 385 -49.91 -10.39 -6.93
C THR D 385 -50.78 -11.65 -7.12
N LYS D 386 -50.23 -12.75 -7.63
CA LYS D 386 -51.04 -13.94 -8.02
C LYS D 386 -51.58 -14.65 -6.77
N ASN D 387 -50.83 -14.64 -5.66
CA ASN D 387 -51.22 -15.34 -4.39
C ASN D 387 -52.23 -14.48 -3.63
N MET D 388 -52.03 -13.15 -3.59
CA MET D 388 -52.88 -12.18 -2.84
C MET D 388 -54.19 -11.91 -3.59
N LYS D 389 -55.15 -11.30 -2.89
CA LYS D 389 -56.52 -10.96 -3.40
C LYS D 389 -56.65 -9.44 -3.58
N LEU D 390 -56.82 -9.01 -4.84
CA LEU D 390 -56.86 -7.57 -5.23
C LEU D 390 -58.31 -7.16 -5.51
N ALA D 391 -58.65 -5.90 -5.24
CA ALA D 391 -59.96 -5.29 -5.54
C ALA D 391 -60.08 -5.01 -7.03
N ASP D 392 -61.31 -5.00 -7.56
CA ASP D 392 -61.59 -4.77 -9.00
C ASP D 392 -61.09 -3.39 -9.40
N ASP D 393 -61.28 -2.39 -8.53
CA ASP D 393 -60.93 -0.97 -8.77
C ASP D 393 -59.43 -0.81 -9.00
N VAL D 394 -58.61 -1.65 -8.36
CA VAL D 394 -57.12 -1.65 -8.53
C VAL D 394 -56.78 -2.14 -9.94
N ASP D 395 -55.93 -1.40 -10.65
CA ASP D 395 -55.45 -1.76 -12.02
C ASP D 395 -53.93 -1.87 -11.97
N LEU D 396 -53.41 -3.05 -12.32
CA LEU D 396 -51.95 -3.35 -12.36
C LEU D 396 -51.31 -2.58 -13.52
N GLU D 397 -51.96 -2.62 -14.69
CA GLU D 397 -51.47 -2.01 -15.96
C GLU D 397 -51.16 -0.52 -15.72
N GLN D 398 -52.07 0.20 -15.06
CA GLN D 398 -51.87 1.65 -14.76
C GLN D 398 -50.62 1.80 -13.89
N VAL D 399 -50.54 1.02 -12.80
CA VAL D 399 -49.43 1.06 -11.82
C VAL D 399 -48.10 0.83 -12.55
N ALA D 400 -48.08 -0.13 -13.47
CA ALA D 400 -46.92 -0.46 -14.32
C ALA D 400 -46.45 0.79 -15.06
N ASN D 401 -47.40 1.54 -15.63
CA ASN D 401 -47.11 2.71 -16.50
C ASN D 401 -46.38 3.79 -15.69
N GLU D 402 -46.66 3.91 -14.38
CA GLU D 402 -46.14 5.02 -13.52
C GLU D 402 -44.69 4.74 -13.13
N THR D 403 -44.28 3.47 -13.18
CA THR D 403 -42.88 3.04 -12.91
C THR D 403 -42.12 2.98 -14.25
N HIS D 404 -41.16 3.88 -14.44
CA HIS D 404 -40.35 3.99 -15.68
C HIS D 404 -39.03 3.24 -15.49
N GLY D 405 -38.24 3.71 -14.52
CA GLY D 405 -36.90 3.17 -14.22
C GLY D 405 -36.92 2.16 -13.09
N HIS D 406 -38.12 1.79 -12.63
CA HIS D 406 -38.28 0.79 -11.53
C HIS D 406 -37.88 -0.59 -12.06
N VAL D 407 -37.03 -1.29 -11.31
CA VAL D 407 -36.55 -2.67 -11.60
C VAL D 407 -37.54 -3.66 -10.96
N GLY D 408 -37.39 -4.95 -11.26
CA GLY D 408 -38.22 -6.04 -10.70
C GLY D 408 -38.33 -5.92 -9.18
N ALA D 409 -37.19 -5.82 -8.50
CA ALA D 409 -37.08 -5.70 -7.03
C ALA D 409 -37.95 -4.56 -6.52
N ASP D 410 -37.87 -3.38 -7.14
CA ASP D 410 -38.69 -2.18 -6.76
C ASP D 410 -40.15 -2.60 -6.72
N LEU D 411 -40.61 -3.25 -7.80
CA LEU D 411 -42.02 -3.73 -7.97
C LEU D 411 -42.36 -4.68 -6.83
N ALA D 412 -41.45 -5.59 -6.50
CA ALA D 412 -41.58 -6.57 -5.39
C ALA D 412 -41.66 -5.81 -4.06
N ALA D 413 -40.84 -4.78 -3.90
CA ALA D 413 -40.81 -3.91 -2.71
C ALA D 413 -42.14 -3.14 -2.63
N LEU D 414 -42.61 -2.63 -3.77
CA LEU D 414 -43.87 -1.84 -3.88
C LEU D 414 -45.05 -2.73 -3.45
N CYS D 415 -45.16 -3.93 -4.03
CA CYS D 415 -46.24 -4.90 -3.73
C CYS D 415 -46.26 -5.19 -2.23
N SER D 416 -45.11 -5.56 -1.65
CA SER D 416 -44.95 -5.86 -0.21
C SER D 416 -45.46 -4.68 0.61
N GLU D 417 -44.85 -3.51 0.41
CA GLU D 417 -45.20 -2.26 1.14
C GLU D 417 -46.70 -2.01 0.99
N ALA D 418 -47.21 -2.02 -0.25
CA ALA D 418 -48.64 -1.79 -0.57
C ALA D 418 -49.50 -2.85 0.12
N ALA D 419 -49.08 -4.12 0.06
CA ALA D 419 -49.79 -5.27 0.67
C ALA D 419 -49.84 -5.08 2.19
N LEU D 420 -48.71 -4.73 2.81
CA LEU D 420 -48.61 -4.50 4.28
C LEU D 420 -49.48 -3.35 4.76
N GLN D 421 -49.52 -2.25 4.01
CA GLN D 421 -50.27 -1.03 4.41
C GLN D 421 -51.78 -1.29 4.40
N ALA D 422 -52.27 -2.02 3.39
CA ALA D 422 -53.71 -2.36 3.25
C ALA D 422 -54.10 -3.08 4.55
N ILE D 423 -53.28 -4.04 4.99
CA ILE D 423 -53.51 -4.81 6.26
C ILE D 423 -53.48 -3.82 7.43
N ARG D 424 -52.46 -2.95 7.45
CA ARG D 424 -52.27 -1.92 8.49
C ARG D 424 -53.49 -0.98 8.54
N LYS D 425 -54.01 -0.59 7.38
CA LYS D 425 -55.16 0.36 7.26
C LYS D 425 -56.45 -0.28 7.81
N LYS D 426 -56.49 -1.61 7.99
CA LYS D 426 -57.70 -2.32 8.46
C LYS D 426 -57.37 -3.17 9.71
N MET D 427 -56.42 -4.09 9.62
CA MET D 427 -56.18 -5.14 10.64
C MET D 427 -55.75 -4.50 11.98
N ASP D 428 -54.92 -3.45 11.94
CA ASP D 428 -54.40 -2.75 13.15
C ASP D 428 -55.56 -2.21 13.99
N LEU D 429 -56.63 -1.73 13.33
CA LEU D 429 -57.82 -1.11 13.99
C LEU D 429 -58.66 -2.20 14.66
N ILE D 430 -58.83 -3.34 13.99
CA ILE D 430 -59.57 -4.54 14.50
C ILE D 430 -58.75 -5.12 15.66
N ASP D 431 -57.44 -5.34 15.45
CA ASP D 431 -56.45 -5.88 16.42
C ASP D 431 -57.02 -7.17 17.05
N LEU D 432 -57.40 -8.13 16.21
CA LEU D 432 -57.94 -9.45 16.63
C LEU D 432 -56.88 -10.53 16.41
N GLU D 433 -55.65 -10.14 16.10
CA GLU D 433 -54.50 -11.07 15.90
C GLU D 433 -53.87 -11.39 17.26
N ASP D 434 -54.59 -12.18 18.07
CA ASP D 434 -54.16 -12.65 19.40
C ASP D 434 -53.83 -14.15 19.32
N GLU D 435 -52.61 -14.53 19.69
CA GLU D 435 -52.09 -15.92 19.64
C GLU D 435 -52.16 -16.42 18.18
N THR D 436 -52.77 -17.59 17.96
CA THR D 436 -52.95 -18.23 16.62
C THR D 436 -53.80 -17.31 15.74
N ILE D 437 -53.44 -17.20 14.46
CA ILE D 437 -54.18 -16.41 13.43
C ILE D 437 -54.79 -17.37 12.41
N ASP D 438 -56.13 -17.38 12.31
CA ASP D 438 -56.89 -18.22 11.36
C ASP D 438 -56.68 -17.67 9.94
N ALA D 439 -56.71 -18.55 8.94
CA ALA D 439 -56.53 -18.24 7.50
C ALA D 439 -57.75 -17.49 6.94
N GLU D 440 -58.91 -17.66 7.58
CA GLU D 440 -60.23 -17.10 7.14
C GLU D 440 -60.22 -15.56 7.29
N VAL D 441 -59.63 -15.07 8.38
CA VAL D 441 -59.50 -13.61 8.68
C VAL D 441 -58.65 -12.95 7.58
N MET D 442 -57.53 -13.57 7.22
CA MET D 442 -56.54 -13.02 6.26
C MET D 442 -57.13 -13.03 4.83
N ASN D 443 -57.92 -14.04 4.50
CA ASN D 443 -58.58 -14.19 3.17
C ASN D 443 -59.50 -13.00 2.92
N SER D 444 -60.28 -12.60 3.92
CA SER D 444 -61.25 -11.47 3.86
C SER D 444 -60.54 -10.18 3.45
N LEU D 445 -59.31 -9.96 3.94
CA LEU D 445 -58.53 -8.72 3.71
C LEU D 445 -58.32 -8.53 2.20
N ALA D 446 -58.67 -7.35 1.70
CA ALA D 446 -58.52 -6.92 0.29
C ALA D 446 -57.74 -5.60 0.24
N VAL D 447 -56.74 -5.52 -0.64
CA VAL D 447 -55.89 -4.30 -0.81
C VAL D 447 -56.65 -3.31 -1.67
N THR D 448 -56.77 -2.07 -1.19
CA THR D 448 -57.45 -0.95 -1.89
C THR D 448 -56.45 -0.32 -2.86
N MET D 449 -56.96 0.32 -3.91
CA MET D 449 -56.14 1.06 -4.90
C MET D 449 -55.28 2.07 -4.16
N ASP D 450 -55.86 2.81 -3.22
CA ASP D 450 -55.19 3.87 -2.43
C ASP D 450 -53.90 3.33 -1.82
N ASP D 451 -53.92 2.09 -1.33
CA ASP D 451 -52.73 1.43 -0.72
C ASP D 451 -51.59 1.44 -1.72
N PHE D 452 -51.86 1.00 -2.95
CA PHE D 452 -50.87 0.98 -4.06
C PHE D 452 -50.35 2.40 -4.29
N ARG D 453 -51.26 3.36 -4.42
CA ARG D 453 -50.93 4.79 -4.66
C ARG D 453 -50.07 5.31 -3.50
N TRP D 454 -50.41 4.94 -2.27
CA TRP D 454 -49.63 5.30 -1.05
C TRP D 454 -48.23 4.71 -1.15
N ALA D 455 -48.15 3.41 -1.42
CA ALA D 455 -46.89 2.67 -1.59
C ALA D 455 -46.07 3.32 -2.71
N LEU D 456 -46.73 3.66 -3.82
CA LEU D 456 -46.12 4.34 -4.99
C LEU D 456 -45.55 5.70 -4.58
N SER D 457 -46.25 6.41 -3.68
CA SER D 457 -45.90 7.80 -3.23
C SER D 457 -44.45 7.87 -2.75
N GLN D 458 -44.00 6.86 -2.00
CA GLN D 458 -42.61 6.79 -1.46
C GLN D 458 -41.61 6.86 -2.62
N SER D 459 -41.82 6.04 -3.66
CA SER D 459 -40.99 5.99 -4.90
C SER D 459 -39.50 5.97 -4.55
N ASN D 460 -39.04 4.89 -3.92
CA ASN D 460 -37.62 4.71 -3.55
C ASN D 460 -36.80 4.55 -4.82
N PRO D 461 -35.69 5.31 -4.99
CA PRO D 461 -34.88 5.26 -6.20
C PRO D 461 -33.56 4.49 -6.03
N SER D 462 -33.23 3.59 -6.96
CA SER D 462 -31.96 2.82 -6.96
C SER D 462 -30.86 3.61 -7.68
N PRO E 23 -67.29 0.90 23.25
CA PRO E 23 -66.56 -0.28 23.77
C PRO E 23 -65.48 0.10 24.80
N ASN E 24 -65.36 -0.69 25.88
CA ASN E 24 -64.34 -0.50 26.95
C ASN E 24 -62.93 -0.70 26.38
N ARG E 25 -62.78 -1.58 25.36
CA ARG E 25 -61.49 -1.90 24.70
C ARG E 25 -61.00 -0.67 23.93
N LEU E 26 -59.71 -0.34 24.08
CA LEU E 26 -59.03 0.80 23.40
C LEU E 26 -57.55 0.46 23.15
N ILE E 27 -56.89 1.24 22.27
CA ILE E 27 -55.45 1.10 21.91
C ILE E 27 -54.67 2.28 22.51
N VAL E 28 -53.74 2.00 23.42
CA VAL E 28 -52.76 2.97 23.98
C VAL E 28 -52.16 3.81 22.85
N ASP E 29 -52.11 5.13 23.03
CA ASP E 29 -51.45 6.10 22.11
C ASP E 29 -50.67 7.13 22.94
N GLU E 30 -49.77 7.87 22.27
CA GLU E 30 -48.99 8.99 22.87
C GLU E 30 -49.96 10.06 23.39
N ALA E 31 -49.58 10.78 24.46
CA ALA E 31 -50.37 11.87 25.07
C ALA E 31 -49.67 13.22 24.83
N ILE E 32 -50.42 14.22 24.35
CA ILE E 32 -49.93 15.60 24.03
C ILE E 32 -49.51 16.28 25.34
N ASN E 33 -50.42 16.30 26.32
CA ASN E 33 -50.20 16.89 27.67
C ASN E 33 -49.10 16.09 28.38
N GLU E 34 -48.30 16.76 29.22
CA GLU E 34 -47.19 16.16 29.98
C GLU E 34 -47.58 16.05 31.46
N ASP E 35 -48.19 14.94 31.85
CA ASP E 35 -48.55 14.63 33.27
C ASP E 35 -48.55 13.11 33.46
N ASN E 36 -48.29 12.67 34.70
CA ASN E 36 -48.23 11.25 35.11
C ASN E 36 -49.64 10.63 34.99
N SER E 37 -50.61 11.19 35.74
CA SER E 37 -51.95 10.59 36.00
C SER E 37 -53.04 11.24 35.14
N VAL E 38 -52.70 11.69 33.93
CA VAL E 38 -53.65 12.34 32.99
C VAL E 38 -53.80 11.46 31.74
N VAL E 39 -55.04 11.22 31.31
CA VAL E 39 -55.40 10.54 30.03
C VAL E 39 -56.43 11.40 29.29
N SER E 40 -56.47 11.30 27.96
CA SER E 40 -57.36 12.09 27.08
C SER E 40 -58.06 11.18 26.06
N LEU E 41 -59.38 11.37 25.90
CA LEU E 41 -60.25 10.62 24.95
C LEU E 41 -60.99 11.61 24.04
N SER E 42 -61.68 11.08 23.02
CA SER E 42 -62.47 11.87 22.04
C SER E 42 -63.82 12.27 22.67
N GLN E 43 -64.34 13.44 22.29
CA GLN E 43 -65.62 13.98 22.79
C GLN E 43 -66.74 12.96 22.58
N PRO E 44 -66.88 12.37 21.37
CA PRO E 44 -67.91 11.36 21.12
C PRO E 44 -67.77 10.17 22.08
N LYS E 45 -66.54 9.66 22.23
CA LYS E 45 -66.21 8.51 23.11
C LYS E 45 -66.71 8.79 24.53
N MET E 46 -66.45 10.00 25.04
CA MET E 46 -66.91 10.44 26.38
C MET E 46 -68.44 10.42 26.44
N ASP E 47 -69.10 10.93 25.40
CA ASP E 47 -70.58 11.03 25.32
C ASP E 47 -71.20 9.63 25.28
N GLU E 48 -70.56 8.69 24.57
CA GLU E 48 -71.01 7.27 24.48
C GLU E 48 -71.01 6.66 25.88
N LEU E 49 -69.88 6.76 26.59
CA LEU E 49 -69.64 6.08 27.90
C LEU E 49 -70.18 6.92 29.06
N GLN E 50 -70.73 8.11 28.77
CA GLN E 50 -71.30 9.05 29.78
C GLN E 50 -70.22 9.31 30.85
N LEU E 51 -69.04 9.76 30.42
CA LEU E 51 -67.87 10.09 31.28
C LEU E 51 -67.67 11.61 31.30
N PHE E 52 -67.48 12.18 32.50
CA PHE E 52 -67.31 13.64 32.72
C PHE E 52 -65.81 13.97 32.69
N ARG E 53 -65.49 15.14 32.15
CA ARG E 53 -64.12 15.66 31.88
C ARG E 53 -63.19 15.37 33.07
N GLY E 54 -63.62 15.70 34.28
CA GLY E 54 -62.80 15.62 35.51
C GLY E 54 -62.87 14.24 36.16
N ASP E 55 -64.03 13.59 36.10
CA ASP E 55 -64.29 12.24 36.70
C ASP E 55 -63.05 11.35 36.47
N THR E 56 -62.55 10.73 37.53
CA THR E 56 -61.42 9.76 37.49
C THR E 56 -61.88 8.46 36.83
N VAL E 57 -60.99 7.80 36.08
CA VAL E 57 -61.28 6.54 35.33
C VAL E 57 -60.30 5.46 35.77
N LEU E 58 -60.70 4.20 35.58
CA LEU E 58 -59.89 3.00 35.91
C LEU E 58 -59.49 2.32 34.60
N LEU E 59 -58.20 1.95 34.47
CA LEU E 59 -57.62 1.26 33.29
C LEU E 59 -57.11 -0.12 33.71
N LYS E 60 -57.62 -1.17 33.06
CA LYS E 60 -57.22 -2.58 33.32
C LYS E 60 -56.27 -3.05 32.21
N GLY E 61 -55.15 -3.66 32.59
CA GLY E 61 -54.12 -4.19 31.68
C GLY E 61 -53.96 -5.69 31.84
N LYS E 62 -52.82 -6.22 31.38
CA LYS E 62 -52.47 -7.66 31.46
C LYS E 62 -51.66 -7.91 32.72
N LYS E 63 -51.43 -9.19 33.05
CA LYS E 63 -50.77 -9.63 34.31
C LYS E 63 -51.49 -8.98 35.50
N ARG E 64 -52.79 -8.76 35.35
CA ARG E 64 -53.71 -8.37 36.44
C ARG E 64 -53.30 -7.01 37.03
N ARG E 65 -52.84 -6.09 36.18
CA ARG E 65 -52.45 -4.70 36.52
C ARG E 65 -53.67 -3.78 36.33
N GLU E 66 -53.97 -2.96 37.34
CA GLU E 66 -55.05 -1.93 37.31
C GLU E 66 -54.44 -0.57 37.68
N ALA E 67 -54.78 0.48 36.94
CA ALA E 67 -54.28 1.86 37.12
C ALA E 67 -55.43 2.86 37.07
N VAL E 68 -55.41 3.86 37.96
CA VAL E 68 -56.41 4.96 38.02
C VAL E 68 -55.77 6.22 37.42
N CYS E 69 -56.55 6.99 36.64
CA CYS E 69 -56.09 8.20 35.91
C CYS E 69 -57.22 9.23 35.85
N ILE E 70 -56.90 10.41 35.32
CA ILE E 70 -57.84 11.56 35.13
C ILE E 70 -58.09 11.76 33.63
N VAL E 71 -59.35 11.61 33.19
CA VAL E 71 -59.77 11.73 31.76
C VAL E 71 -59.73 13.22 31.37
N LEU E 72 -59.69 13.48 30.05
CA LEU E 72 -59.75 14.85 29.47
C LEU E 72 -60.23 14.75 28.02
N SER E 73 -60.76 15.86 27.48
CA SER E 73 -61.38 15.95 26.14
C SER E 73 -60.40 16.61 25.15
N ASP E 74 -60.00 15.88 24.11
CA ASP E 74 -59.11 16.38 23.02
C ASP E 74 -59.76 16.07 21.68
N ASP E 75 -59.98 17.09 20.85
CA ASP E 75 -60.53 17.00 19.47
C ASP E 75 -59.62 16.10 18.63
N THR E 76 -58.30 16.24 18.79
CA THR E 76 -57.27 15.58 17.95
C THR E 76 -57.34 14.05 18.17
N CYS E 77 -57.60 13.61 19.41
CA CYS E 77 -57.69 12.18 19.80
C CYS E 77 -58.78 11.48 18.98
N SER E 78 -58.50 10.25 18.52
CA SER E 78 -59.45 9.37 17.79
C SER E 78 -60.34 8.65 18.79
N ASP E 79 -61.54 8.25 18.37
CA ASP E 79 -62.56 7.58 19.21
C ASP E 79 -62.04 6.22 19.66
N GLU E 80 -61.26 5.53 18.81
CA GLU E 80 -60.86 4.11 18.98
C GLU E 80 -59.45 4.02 19.59
N LYS E 81 -58.84 5.14 19.96
CA LYS E 81 -57.53 5.17 20.66
C LYS E 81 -57.67 5.97 21.96
N ILE E 82 -56.69 5.83 22.85
CA ILE E 82 -56.57 6.56 24.15
C ILE E 82 -55.15 7.14 24.23
N ARG E 83 -55.03 8.36 24.78
CA ARG E 83 -53.74 9.10 24.90
C ARG E 83 -53.24 8.99 26.34
N MET E 84 -52.01 8.48 26.53
CA MET E 84 -51.40 8.28 27.87
C MET E 84 -49.86 8.30 27.78
N ASN E 85 -49.20 8.45 28.95
CA ASN E 85 -47.73 8.64 29.11
C ASN E 85 -47.05 7.34 29.51
N ARG E 86 -45.71 7.32 29.52
CA ARG E 86 -44.89 6.11 29.78
C ARG E 86 -45.26 5.49 31.12
N VAL E 87 -45.45 6.33 32.15
CA VAL E 87 -45.70 5.88 33.56
C VAL E 87 -46.81 4.81 33.54
N VAL E 88 -48.00 5.15 33.07
CA VAL E 88 -49.20 4.27 33.16
C VAL E 88 -48.93 2.97 32.38
N ARG E 89 -48.29 3.05 31.20
CA ARG E 89 -47.99 1.87 30.33
C ARG E 89 -47.26 0.81 31.16
N ASN E 90 -46.17 1.22 31.80
CA ASN E 90 -45.37 0.39 32.74
C ASN E 90 -46.29 -0.10 33.87
N ASN E 91 -47.01 0.83 34.50
CA ASN E 91 -47.94 0.55 35.61
C ASN E 91 -49.06 -0.39 35.15
N LEU E 92 -49.33 -0.45 33.84
CA LEU E 92 -50.33 -1.36 33.22
C LEU E 92 -49.63 -2.52 32.51
N ARG E 93 -48.29 -2.56 32.53
CA ARG E 93 -47.48 -3.58 31.83
C ARG E 93 -48.06 -3.77 30.43
N VAL E 94 -48.10 -2.68 29.66
CA VAL E 94 -48.64 -2.65 28.27
C VAL E 94 -47.78 -1.71 27.42
N ARG E 95 -47.69 -2.00 26.11
CA ARG E 95 -46.94 -1.22 25.10
C ARG E 95 -47.88 -0.82 23.97
N LEU E 96 -47.35 -0.16 22.93
CA LEU E 96 -48.11 0.36 21.77
C LEU E 96 -48.52 -0.82 20.87
N GLY E 97 -49.77 -0.83 20.41
CA GLY E 97 -50.34 -1.92 19.59
C GLY E 97 -50.99 -2.99 20.44
N ASP E 98 -51.04 -2.79 21.77
CA ASP E 98 -51.77 -3.65 22.73
C ASP E 98 -53.05 -2.94 23.18
N VAL E 99 -54.04 -3.71 23.62
CA VAL E 99 -55.41 -3.25 23.94
C VAL E 99 -55.59 -3.28 25.47
N ILE E 100 -56.24 -2.25 26.02
CA ILE E 100 -56.56 -2.12 27.48
C ILE E 100 -58.06 -1.85 27.62
N SER E 101 -58.62 -2.19 28.78
CA SER E 101 -60.05 -1.98 29.14
C SER E 101 -60.16 -0.83 30.16
N ILE E 102 -60.94 0.20 29.85
CA ILE E 102 -61.18 1.37 30.74
C ILE E 102 -62.56 1.19 31.39
N GLN E 103 -62.62 1.32 32.72
CA GLN E 103 -63.87 1.30 33.50
C GLN E 103 -64.06 2.66 34.16
N PRO E 104 -65.29 3.21 34.19
CA PRO E 104 -65.60 4.37 35.02
C PRO E 104 -65.56 3.96 36.49
N CYS E 105 -65.15 4.87 37.38
CA CYS E 105 -65.10 4.67 38.85
C CYS E 105 -65.66 5.90 39.57
N PRO E 106 -66.99 6.11 39.56
CA PRO E 106 -67.60 7.24 40.27
C PRO E 106 -67.43 7.20 41.80
N ASP E 107 -67.25 5.99 42.36
CA ASP E 107 -67.15 5.74 43.83
C ASP E 107 -65.68 5.63 44.22
N VAL E 108 -65.12 6.72 44.75
CA VAL E 108 -63.72 6.82 45.21
C VAL E 108 -63.71 7.53 46.57
N LYS E 109 -62.78 7.16 47.45
CA LYS E 109 -62.68 7.67 48.84
C LYS E 109 -61.26 8.18 49.09
N TYR E 110 -61.15 9.27 49.85
CA TYR E 110 -59.91 10.05 50.06
C TYR E 110 -58.96 9.25 50.95
N GLY E 111 -57.67 9.28 50.62
CA GLY E 111 -56.61 8.64 51.42
C GLY E 111 -56.51 9.26 52.80
N LYS E 112 -56.12 8.48 53.82
CA LYS E 112 -55.93 8.96 55.21
C LYS E 112 -54.44 8.87 55.58
N ARG E 113 -53.84 7.68 55.43
CA ARG E 113 -52.41 7.42 55.73
C ARG E 113 -51.78 6.70 54.53
N ILE E 114 -50.73 7.30 53.94
CA ILE E 114 -49.99 6.75 52.77
C ILE E 114 -48.53 6.56 53.18
N HIS E 115 -47.97 5.37 52.91
CA HIS E 115 -46.54 5.04 53.13
C HIS E 115 -45.90 4.68 51.79
N VAL E 116 -44.83 5.40 51.41
CA VAL E 116 -44.07 5.20 50.15
C VAL E 116 -42.58 5.17 50.48
N LEU E 117 -41.80 4.42 49.69
CA LEU E 117 -40.31 4.37 49.76
C LEU E 117 -39.76 4.62 48.37
N PRO E 118 -38.76 5.53 48.22
CA PRO E 118 -38.14 5.80 46.93
C PRO E 118 -37.28 4.61 46.48
N ILE E 119 -36.82 4.60 45.22
CA ILE E 119 -36.00 3.50 44.64
C ILE E 119 -34.51 3.85 44.78
N ASP E 120 -33.67 2.83 44.97
CA ASP E 120 -32.22 2.94 45.28
C ASP E 120 -31.47 3.71 44.18
N ASP E 121 -31.84 3.53 42.91
CA ASP E 121 -31.12 4.11 41.74
C ASP E 121 -31.57 5.55 41.51
N THR E 122 -32.71 5.96 42.06
CA THR E 122 -33.30 7.32 41.87
C THR E 122 -32.71 8.30 42.90
N VAL E 123 -32.46 7.82 44.12
CA VAL E 123 -32.02 8.65 45.28
C VAL E 123 -30.49 8.82 45.24
N GLU E 124 -29.77 7.94 44.53
CA GLU E 124 -28.29 7.94 44.45
C GLU E 124 -27.77 9.38 44.42
N GLY E 125 -26.85 9.72 45.34
CA GLY E 125 -26.15 11.02 45.40
C GLY E 125 -26.88 12.04 46.26
N ILE E 126 -28.06 11.69 46.80
CA ILE E 126 -28.93 12.61 47.60
C ILE E 126 -29.31 11.96 48.93
N THR E 127 -28.76 12.46 50.05
CA THR E 127 -29.11 12.07 51.44
C THR E 127 -29.74 13.27 52.16
N GLY E 128 -30.83 13.04 52.89
CA GLY E 128 -31.58 14.07 53.63
C GLY E 128 -33.07 13.87 53.48
N ASN E 129 -33.85 14.81 54.02
CA ASN E 129 -35.34 14.79 53.99
C ASN E 129 -35.83 15.06 52.57
N LEU E 130 -36.46 14.06 51.93
CA LEU E 130 -36.92 14.13 50.51
C LEU E 130 -38.39 14.51 50.45
N PHE E 131 -39.12 14.40 51.57
CA PHE E 131 -40.59 14.63 51.66
C PHE E 131 -40.91 16.09 51.29
N GLU E 132 -40.12 17.04 51.81
CA GLU E 132 -40.36 18.50 51.66
C GLU E 132 -40.06 18.95 50.22
N VAL E 133 -39.15 18.27 49.52
CA VAL E 133 -38.55 18.74 48.23
C VAL E 133 -39.24 18.10 47.02
N TYR E 134 -39.96 16.99 47.21
CA TYR E 134 -40.54 16.18 46.10
C TYR E 134 -42.05 16.01 46.29
N LEU E 135 -42.48 15.60 47.47
CA LEU E 135 -43.90 15.25 47.75
C LEU E 135 -44.70 16.54 47.84
N LYS E 136 -44.42 17.37 48.84
CA LYS E 136 -45.09 18.68 49.09
C LYS E 136 -45.38 19.36 47.76
N PRO E 137 -44.36 19.68 46.91
CA PRO E 137 -44.61 20.35 45.64
C PRO E 137 -45.52 19.51 44.74
N TYR E 138 -45.17 18.22 44.53
CA TYR E 138 -45.85 17.30 43.58
C TYR E 138 -47.32 17.14 43.96
N PHE E 139 -47.58 16.96 45.26
CA PHE E 139 -48.94 16.72 45.82
C PHE E 139 -49.47 17.98 46.51
N LEU E 140 -49.32 19.15 45.87
CA LEU E 140 -49.79 20.45 46.41
C LEU E 140 -51.13 20.83 45.74
N GLU E 141 -52.24 20.58 46.44
CA GLU E 141 -53.63 20.92 46.00
C GLU E 141 -53.88 20.32 44.60
N ALA E 142 -53.49 19.05 44.40
CA ALA E 142 -53.61 18.33 43.10
C ALA E 142 -54.67 17.22 43.18
N TYR E 143 -54.86 16.63 44.36
CA TYR E 143 -55.80 15.51 44.60
C TYR E 143 -55.57 14.43 43.55
N ARG E 144 -54.32 13.99 43.40
CA ARG E 144 -53.91 12.97 42.41
C ARG E 144 -54.37 11.60 42.88
N PRO E 145 -55.03 10.79 42.02
CA PRO E 145 -55.45 9.45 42.39
C PRO E 145 -54.35 8.41 42.12
N ILE E 146 -54.03 7.58 43.12
CA ILE E 146 -52.95 6.56 43.05
C ILE E 146 -53.48 5.24 43.63
N ARG E 147 -52.88 4.12 43.22
CA ARG E 147 -53.26 2.75 43.65
C ARG E 147 -52.04 2.05 44.26
N LYS E 148 -52.26 1.21 45.27
CA LYS E 148 -51.18 0.50 46.00
C LYS E 148 -50.34 -0.31 45.00
N GLY E 149 -49.02 -0.20 45.09
CA GLY E 149 -48.06 -0.93 44.24
C GLY E 149 -47.73 -0.21 42.95
N ASP E 150 -48.35 0.96 42.70
CA ASP E 150 -48.08 1.81 41.50
C ASP E 150 -46.72 2.49 41.67
N ILE E 151 -46.11 2.87 40.54
CA ILE E 151 -44.82 3.63 40.48
C ILE E 151 -45.07 4.95 39.76
N PHE E 152 -44.82 6.07 40.44
CA PHE E 152 -44.96 7.45 39.90
C PHE E 152 -43.60 8.16 39.92
N LEU E 153 -43.44 9.18 39.06
CA LEU E 153 -42.18 9.93 38.86
C LEU E 153 -42.36 11.38 39.33
N VAL E 154 -41.38 11.87 40.11
CA VAL E 154 -41.31 13.27 40.61
C VAL E 154 -39.97 13.87 40.17
N ARG E 155 -40.00 15.05 39.53
CA ARG E 155 -38.81 15.76 39.00
C ARG E 155 -38.34 16.81 40.01
N GLY E 156 -37.14 16.62 40.57
CA GLY E 156 -36.51 17.57 41.52
C GLY E 156 -35.01 17.64 41.32
N GLY E 157 -34.36 18.56 42.03
CA GLY E 157 -32.89 18.72 42.02
C GLY E 157 -32.30 18.44 40.65
N MET E 158 -32.90 19.02 39.60
CA MET E 158 -32.44 18.90 38.20
C MET E 158 -32.28 17.41 37.85
N ARG E 159 -33.26 16.59 38.21
CA ARG E 159 -33.33 15.16 37.84
C ARG E 159 -34.79 14.69 37.89
N ALA E 160 -34.99 13.41 37.59
CA ALA E 160 -36.27 12.69 37.72
C ALA E 160 -36.07 11.58 38.75
N VAL E 161 -36.86 11.59 39.84
CA VAL E 161 -36.80 10.60 40.95
C VAL E 161 -38.11 9.81 40.99
N GLU E 162 -38.02 8.50 40.70
CA GLU E 162 -39.17 7.55 40.71
C GLU E 162 -39.48 7.17 42.16
N PHE E 163 -40.75 6.82 42.45
CA PHE E 163 -41.25 6.43 43.80
C PHE E 163 -42.24 5.28 43.68
N LYS E 164 -42.21 4.38 44.66
CA LYS E 164 -43.12 3.21 44.77
C LYS E 164 -44.06 3.43 45.95
N VAL E 165 -45.36 3.12 45.78
CA VAL E 165 -46.35 3.10 46.89
C VAL E 165 -46.21 1.77 47.62
N VAL E 166 -45.68 1.80 48.85
CA VAL E 166 -45.46 0.61 49.72
C VAL E 166 -46.82 0.13 50.22
N GLU E 167 -47.60 1.04 50.82
CA GLU E 167 -48.94 0.71 51.39
C GLU E 167 -49.82 1.97 51.44
N THR E 168 -51.13 1.75 51.43
CA THR E 168 -52.19 2.77 51.58
C THR E 168 -53.19 2.28 52.64
N ASP E 169 -53.60 3.15 53.58
CA ASP E 169 -54.62 2.83 54.60
C ASP E 169 -55.90 2.40 53.87
N PRO E 170 -56.38 3.15 52.85
CA PRO E 170 -57.48 2.70 52.01
C PRO E 170 -56.98 1.66 51.00
N SER E 171 -57.88 0.84 50.47
CA SER E 171 -57.56 -0.28 49.52
C SER E 171 -58.68 -0.44 48.50
N PRO E 172 -58.37 -0.77 47.23
CA PRO E 172 -57.00 -0.75 46.70
C PRO E 172 -56.49 0.67 46.39
N TYR E 173 -57.35 1.49 45.77
CA TYR E 173 -57.03 2.87 45.30
C TYR E 173 -57.53 3.90 46.32
N CYS E 174 -56.87 5.06 46.36
CA CYS E 174 -57.21 6.23 47.24
C CYS E 174 -56.79 7.53 46.55
N ILE E 175 -57.44 8.64 46.91
CA ILE E 175 -57.12 10.00 46.39
C ILE E 175 -56.23 10.72 47.41
N VAL E 176 -55.14 11.34 46.93
CA VAL E 176 -54.23 12.21 47.73
C VAL E 176 -55.00 13.48 48.12
N ALA E 177 -54.95 13.87 49.39
CA ALA E 177 -55.63 15.06 49.93
C ALA E 177 -54.70 15.80 50.88
N PRO E 178 -54.87 17.14 51.06
CA PRO E 178 -54.03 17.91 51.98
C PRO E 178 -54.22 17.46 53.44
N ASP E 179 -55.42 16.97 53.76
CA ASP E 179 -55.76 16.38 55.09
C ASP E 179 -54.93 15.12 55.28
N THR E 180 -54.90 14.25 54.27
CA THR E 180 -54.15 12.96 54.25
C THR E 180 -52.70 13.21 54.65
N VAL E 181 -52.15 12.37 55.53
CA VAL E 181 -50.71 12.37 55.94
C VAL E 181 -49.97 11.36 55.05
N ILE E 182 -48.78 11.72 54.58
CA ILE E 182 -47.90 10.87 53.72
C ILE E 182 -46.60 10.57 54.50
N HIS E 183 -46.33 9.28 54.75
CA HIS E 183 -45.11 8.79 55.44
C HIS E 183 -44.07 8.38 54.39
N CYS E 184 -42.90 9.04 54.42
CA CYS E 184 -41.77 8.80 53.51
C CYS E 184 -40.51 8.51 54.34
N GLU E 185 -40.28 7.25 54.68
CA GLU E 185 -39.10 6.81 55.47
C GLU E 185 -37.90 6.70 54.50
N GLY E 186 -36.73 7.19 54.92
CA GLY E 186 -35.51 7.28 54.09
C GLY E 186 -34.81 5.94 53.93
N GLU E 187 -35.52 4.95 53.36
CA GLU E 187 -35.01 3.57 53.13
C GLU E 187 -35.30 3.16 51.68
N PRO E 188 -34.27 2.99 50.82
CA PRO E 188 -34.47 2.65 49.42
C PRO E 188 -34.86 1.17 49.22
N ILE E 189 -35.69 0.89 48.21
CA ILE E 189 -36.15 -0.48 47.87
C ILE E 189 -35.43 -0.93 46.60
N LYS E 190 -35.07 -2.21 46.54
CA LYS E 190 -34.32 -2.83 45.42
C LYS E 190 -35.17 -2.78 44.14
N ARG E 191 -34.60 -2.26 43.06
CA ARG E 191 -35.19 -2.28 41.69
C ARG E 191 -35.48 -3.73 41.32
N GLU E 192 -36.57 -3.97 40.58
CA GLU E 192 -36.92 -5.29 40.01
C GLU E 192 -36.79 -5.21 38.48
N ASP E 193 -36.26 -6.27 37.86
CA ASP E 193 -35.93 -6.35 36.41
C ASP E 193 -37.21 -6.23 35.58
N GLU E 194 -38.29 -6.91 35.99
CA GLU E 194 -39.64 -6.78 35.37
C GLU E 194 -40.04 -5.30 35.36
N GLU E 195 -39.86 -4.62 36.50
CA GLU E 195 -40.20 -3.17 36.67
C GLU E 195 -39.10 -2.34 36.03
N GLU E 196 -39.23 -2.08 34.73
CA GLU E 196 -38.28 -1.28 33.90
C GLU E 196 -38.32 0.18 34.37
N SER E 197 -37.16 0.80 34.59
CA SER E 197 -37.04 2.21 35.07
C SER E 197 -37.39 3.17 33.93
N LEU E 198 -37.94 4.34 34.28
CA LEU E 198 -38.39 5.38 33.32
C LEU E 198 -37.19 6.20 32.81
N ASN E 199 -36.03 6.08 33.48
CA ASN E 199 -34.77 6.74 33.06
C ASN E 199 -34.50 6.44 31.58
N GLU E 200 -34.78 5.20 31.16
CA GLU E 200 -34.62 4.71 29.75
C GLU E 200 -35.15 5.78 28.78
N VAL E 201 -34.59 5.83 27.57
CA VAL E 201 -34.97 6.82 26.53
C VAL E 201 -36.36 6.43 25.99
N GLY E 202 -37.17 7.43 25.67
CA GLY E 202 -38.54 7.28 25.14
C GLY E 202 -38.81 8.24 23.99
N TYR E 203 -39.93 8.04 23.30
CA TYR E 203 -40.40 8.85 22.14
C TYR E 203 -40.51 10.31 22.56
N ASP E 204 -41.18 10.56 23.69
CA ASP E 204 -41.32 11.89 24.34
C ASP E 204 -39.94 12.58 24.40
N ASP E 205 -38.89 11.81 24.69
CA ASP E 205 -37.51 12.32 24.94
C ASP E 205 -36.81 12.62 23.61
N ILE E 206 -37.36 12.13 22.50
CA ILE E 206 -36.93 12.47 21.10
C ILE E 206 -37.83 13.58 20.57
N GLY E 207 -37.24 14.72 20.19
CA GLY E 207 -37.92 15.84 19.51
C GLY E 207 -37.20 16.21 18.22
N GLY E 208 -37.72 17.21 17.49
CA GLY E 208 -37.08 17.79 16.30
C GLY E 208 -37.31 16.97 15.04
N CYS E 209 -38.16 15.95 15.13
CA CYS E 209 -38.65 15.13 13.99
C CYS E 209 -40.05 14.61 14.28
N ARG E 210 -40.98 14.84 13.36
CA ARG E 210 -42.37 14.33 13.43
C ARG E 210 -42.52 13.26 12.36
N LYS E 211 -42.64 13.67 11.08
CA LYS E 211 -42.90 12.76 9.93
C LYS E 211 -41.86 11.63 9.93
N GLN E 212 -40.59 11.95 10.23
CA GLN E 212 -39.47 10.98 10.22
C GLN E 212 -39.74 9.88 11.26
N LEU E 213 -40.00 10.28 12.51
CA LEU E 213 -40.28 9.33 13.62
C LEU E 213 -41.42 8.42 13.21
N ALA E 214 -42.54 9.00 12.77
CA ALA E 214 -43.77 8.29 12.36
C ALA E 214 -43.41 7.22 11.32
N GLN E 215 -42.82 7.62 10.19
CA GLN E 215 -42.35 6.73 9.11
C GLN E 215 -41.59 5.55 9.72
N ILE E 216 -40.57 5.83 10.53
CA ILE E 216 -39.74 4.80 11.20
C ILE E 216 -40.66 3.93 12.06
N LYS E 217 -41.42 4.56 12.95
CA LYS E 217 -42.33 3.87 13.91
C LYS E 217 -43.23 2.88 13.16
N GLU E 218 -43.89 3.33 12.09
CA GLU E 218 -44.93 2.56 11.36
C GLU E 218 -44.26 1.41 10.60
N MET E 219 -43.03 1.61 10.12
CA MET E 219 -42.25 0.59 9.37
C MET E 219 -41.98 -0.61 10.27
N VAL E 220 -41.47 -0.37 11.48
CA VAL E 220 -41.00 -1.42 12.42
C VAL E 220 -42.18 -1.88 13.29
N GLU E 221 -43.28 -1.11 13.33
CA GLU E 221 -44.48 -1.37 14.19
C GLU E 221 -44.95 -2.81 13.98
N LEU E 222 -45.33 -3.15 12.76
CA LEU E 222 -45.96 -4.47 12.42
C LEU E 222 -44.97 -5.59 12.74
N PRO E 223 -43.72 -5.57 12.23
CA PRO E 223 -42.79 -6.69 12.41
C PRO E 223 -42.58 -7.06 13.89
N LEU E 224 -42.20 -6.08 14.69
CA LEU E 224 -41.71 -6.28 16.08
C LEU E 224 -42.86 -6.73 16.98
N ARG E 225 -44.05 -6.15 16.78
CA ARG E 225 -45.24 -6.38 17.65
C ARG E 225 -45.85 -7.75 17.34
N HIS E 226 -45.97 -8.13 16.07
CA HIS E 226 -46.64 -9.37 15.61
C HIS E 226 -45.69 -10.20 14.75
N PRO E 227 -44.76 -10.97 15.36
CA PRO E 227 -43.91 -11.90 14.61
C PRO E 227 -44.77 -13.01 13.99
N ALA E 228 -45.81 -13.45 14.71
CA ALA E 228 -46.70 -14.57 14.34
C ALA E 228 -47.37 -14.28 12.99
N LEU E 229 -47.83 -13.04 12.80
CA LEU E 229 -48.41 -12.57 11.51
C LEU E 229 -47.35 -12.75 10.41
N PHE E 230 -46.20 -12.08 10.56
CA PHE E 230 -45.09 -12.07 9.58
C PHE E 230 -44.52 -13.49 9.40
N LYS E 231 -44.60 -14.33 10.43
CA LYS E 231 -44.21 -15.76 10.39
C LYS E 231 -45.16 -16.49 9.42
N ALA E 232 -46.45 -16.17 9.50
CA ALA E 232 -47.54 -16.80 8.71
C ALA E 232 -47.95 -15.86 7.55
N ILE E 233 -47.00 -15.52 6.67
CA ILE E 233 -47.27 -14.68 5.47
C ILE E 233 -46.13 -14.87 4.44
N GLY E 234 -46.40 -14.52 3.18
CA GLY E 234 -45.45 -14.57 2.06
C GLY E 234 -44.68 -13.27 1.88
N VAL E 235 -45.16 -12.17 2.48
CA VAL E 235 -44.54 -10.81 2.39
C VAL E 235 -43.42 -10.71 3.42
N LYS E 236 -42.20 -10.39 2.96
CA LYS E 236 -41.01 -10.20 3.84
C LYS E 236 -41.05 -8.78 4.41
N PRO E 237 -40.77 -8.61 5.72
CA PRO E 237 -40.63 -7.27 6.30
C PRO E 237 -39.29 -6.64 5.93
N PRO E 238 -39.12 -5.31 6.10
CA PRO E 238 -37.83 -4.66 5.86
C PRO E 238 -36.75 -5.09 6.86
N ARG E 239 -35.66 -5.66 6.38
CA ARG E 239 -34.59 -6.28 7.22
C ARG E 239 -33.54 -5.23 7.58
N GLY E 240 -33.12 -4.41 6.61
CA GLY E 240 -32.07 -3.39 6.76
C GLY E 240 -32.62 -1.98 6.62
N ILE E 241 -32.51 -1.16 7.68
CA ILE E 241 -32.96 0.26 7.72
C ILE E 241 -31.72 1.16 7.83
N LEU E 242 -31.60 2.14 6.94
CA LEU E 242 -30.46 3.11 6.88
C LEU E 242 -30.98 4.50 7.24
N LEU E 243 -30.26 5.21 8.14
CA LEU E 243 -30.60 6.57 8.60
C LEU E 243 -29.52 7.56 8.16
N TYR E 244 -29.90 8.50 7.29
CA TYR E 244 -29.04 9.63 6.80
C TYR E 244 -29.20 10.84 7.74
N GLY E 245 -28.22 11.74 7.70
CA GLY E 245 -28.24 13.03 8.42
C GLY E 245 -26.85 13.45 8.88
N PRO E 246 -26.66 14.71 9.35
CA PRO E 246 -25.40 15.14 9.97
C PRO E 246 -25.26 14.58 11.38
N PRO E 247 -24.02 14.46 11.91
CA PRO E 247 -23.81 14.09 13.31
C PRO E 247 -24.41 15.13 14.26
N GLY E 248 -25.03 14.67 15.36
CA GLY E 248 -25.63 15.52 16.41
C GLY E 248 -27.14 15.62 16.29
N THR E 249 -27.72 15.06 15.22
CA THR E 249 -29.18 14.98 14.97
C THR E 249 -29.81 14.01 15.99
N GLY E 250 -29.05 13.00 16.40
CA GLY E 250 -29.51 11.95 17.33
C GLY E 250 -30.25 10.87 16.58
N LYS E 251 -29.51 9.89 16.03
CA LYS E 251 -30.08 8.69 15.37
C LYS E 251 -29.97 7.50 16.33
N THR E 252 -28.84 7.41 17.05
CA THR E 252 -28.60 6.42 18.13
C THR E 252 -29.71 6.54 19.18
N LEU E 253 -30.01 7.77 19.61
CA LEU E 253 -30.98 8.07 20.68
C LEU E 253 -32.42 7.73 20.22
N ILE E 254 -32.68 7.79 18.92
CA ILE E 254 -34.00 7.46 18.29
C ILE E 254 -34.20 5.94 18.33
N ALA E 255 -33.29 5.21 17.70
CA ALA E 255 -33.31 3.73 17.58
C ALA E 255 -33.45 3.07 18.95
N ARG E 256 -32.66 3.53 19.93
CA ARG E 256 -32.67 3.00 21.34
C ARG E 256 -34.09 3.09 21.88
N ALA E 257 -34.64 4.31 21.93
CA ALA E 257 -35.98 4.62 22.46
C ALA E 257 -37.01 3.64 21.89
N VAL E 258 -36.94 3.41 20.57
CA VAL E 258 -37.92 2.57 19.82
C VAL E 258 -37.88 1.15 20.39
N ALA E 259 -36.69 0.54 20.39
CA ALA E 259 -36.44 -0.81 20.94
C ALA E 259 -37.00 -0.88 22.37
N ASN E 260 -36.60 0.05 23.25
CA ASN E 260 -37.04 0.14 24.67
C ASN E 260 -38.57 0.13 24.71
N GLU E 261 -39.19 1.06 23.99
CA GLU E 261 -40.66 1.28 24.01
C GLU E 261 -41.37 0.06 23.41
N THR E 262 -40.75 -0.59 22.42
CA THR E 262 -41.30 -1.79 21.72
C THR E 262 -40.92 -3.07 22.47
N GLY E 263 -40.26 -2.95 23.63
CA GLY E 263 -39.82 -4.08 24.47
C GLY E 263 -39.13 -5.17 23.67
N ALA E 264 -38.23 -4.79 22.75
CA ALA E 264 -37.47 -5.72 21.88
C ALA E 264 -35.99 -5.68 22.26
N PHE E 265 -35.36 -6.85 22.45
CA PHE E 265 -33.94 -6.97 22.88
C PHE E 265 -33.08 -6.06 22.01
N PHE E 266 -32.33 -5.14 22.62
CA PHE E 266 -31.54 -4.10 21.91
C PHE E 266 -30.05 -4.36 22.07
N PHE E 267 -29.37 -4.58 20.94
CA PHE E 267 -27.89 -4.74 20.85
C PHE E 267 -27.31 -3.58 20.03
N LEU E 268 -26.48 -2.75 20.66
CA LEU E 268 -25.78 -1.62 20.00
C LEU E 268 -24.39 -2.09 19.60
N ILE E 269 -24.03 -1.89 18.33
CA ILE E 269 -22.66 -2.13 17.79
C ILE E 269 -22.00 -0.77 17.54
N ASN E 270 -20.79 -0.58 18.04
CA ASN E 270 -19.98 0.66 17.88
C ASN E 270 -18.78 0.36 16.97
N GLY E 271 -18.76 0.96 15.77
CA GLY E 271 -17.71 0.75 14.76
C GLY E 271 -16.33 0.64 15.40
N PRO E 272 -15.90 1.66 16.17
CA PRO E 272 -14.64 1.60 16.89
C PRO E 272 -14.54 0.32 17.74
N GLU E 273 -15.48 0.11 18.67
CA GLU E 273 -15.47 -1.01 19.64
C GLU E 273 -15.14 -2.31 18.91
N ILE E 274 -15.71 -2.50 17.72
CA ILE E 274 -15.49 -3.69 16.84
C ILE E 274 -14.13 -3.55 16.15
N MET E 275 -13.73 -2.32 15.81
CA MET E 275 -12.44 -2.03 15.15
C MET E 275 -11.28 -2.19 16.14
N SER E 276 -11.52 -2.00 17.44
CA SER E 276 -10.49 -2.04 18.51
C SER E 276 -9.92 -3.46 18.64
N LYS E 277 -10.74 -4.49 18.39
CA LYS E 277 -10.36 -5.93 18.55
C LYS E 277 -9.45 -6.34 17.40
N LEU E 278 -8.56 -7.30 17.66
CA LEU E 278 -7.48 -7.75 16.74
C LEU E 278 -8.12 -8.42 15.51
N ALA E 279 -7.30 -8.66 14.48
CA ALA E 279 -7.71 -9.31 13.22
C ALA E 279 -8.07 -10.78 13.48
N GLY E 280 -9.35 -11.15 13.32
CA GLY E 280 -9.89 -12.50 13.54
C GLY E 280 -10.91 -12.53 14.67
N GLU E 281 -10.62 -11.87 15.79
CA GLU E 281 -11.53 -11.75 16.95
C GLU E 281 -12.73 -10.88 16.56
N SER E 282 -12.49 -9.81 15.78
CA SER E 282 -13.51 -8.85 15.31
C SER E 282 -14.64 -9.60 14.59
N GLU E 283 -14.29 -10.40 13.58
CA GLU E 283 -15.24 -11.27 12.83
C GLU E 283 -16.01 -12.13 13.82
N SER E 284 -15.27 -12.80 14.72
CA SER E 284 -15.80 -13.64 15.81
C SER E 284 -16.88 -12.89 16.60
N ASN E 285 -16.60 -11.64 17.00
CA ASN E 285 -17.51 -10.83 17.84
C ASN E 285 -18.83 -10.58 17.09
N LEU E 286 -18.76 -10.17 15.81
CA LEU E 286 -19.96 -9.90 14.99
C LEU E 286 -20.84 -11.16 14.92
N ARG E 287 -20.24 -12.29 14.56
CA ARG E 287 -20.92 -13.62 14.49
C ARG E 287 -21.67 -13.86 15.80
N LYS E 288 -21.00 -13.65 16.94
CA LYS E 288 -21.57 -13.79 18.31
C LYS E 288 -22.71 -12.79 18.50
N ALA E 289 -22.57 -11.58 17.96
CA ALA E 289 -23.59 -10.50 18.07
C ALA E 289 -24.92 -10.95 17.44
N PHE E 290 -24.87 -11.50 16.23
CA PHE E 290 -26.06 -11.92 15.45
C PHE E 290 -26.67 -13.20 16.04
N GLU E 291 -25.83 -14.18 16.37
CA GLU E 291 -26.23 -15.39 17.15
C GLU E 291 -27.01 -14.95 18.41
N GLU E 292 -26.43 -14.03 19.18
CA GLU E 292 -26.99 -13.49 20.45
C GLU E 292 -28.32 -12.79 20.16
N ALA E 293 -28.44 -12.15 19.00
CA ALA E 293 -29.68 -11.50 18.53
C ALA E 293 -30.72 -12.57 18.15
N GLU E 294 -30.30 -13.59 17.40
CA GLU E 294 -31.13 -14.73 16.93
C GLU E 294 -31.67 -15.54 18.12
N LYS E 295 -30.84 -15.72 19.15
CA LYS E 295 -31.17 -16.48 20.41
C LYS E 295 -32.25 -15.73 21.20
N ASN E 296 -32.09 -14.41 21.35
CA ASN E 296 -33.00 -13.54 22.14
C ASN E 296 -33.98 -12.82 21.20
N ALA E 297 -34.38 -13.49 20.11
CA ALA E 297 -35.37 -12.99 19.13
C ALA E 297 -36.75 -12.94 19.78
N PRO E 298 -37.56 -11.87 19.56
CA PRO E 298 -37.19 -10.75 18.69
C PRO E 298 -36.22 -9.79 19.37
N ALA E 299 -35.35 -9.18 18.56
CA ALA E 299 -34.31 -8.23 19.01
C ALA E 299 -34.24 -7.05 18.03
N ILE E 300 -33.32 -6.11 18.28
CA ILE E 300 -32.91 -5.04 17.33
C ILE E 300 -31.40 -4.82 17.45
N ILE E 301 -30.72 -4.72 16.31
CA ILE E 301 -29.27 -4.40 16.22
C ILE E 301 -29.13 -3.00 15.62
N PHE E 302 -28.24 -2.19 16.17
CA PHE E 302 -27.98 -0.79 15.72
C PHE E 302 -26.47 -0.60 15.52
N ILE E 303 -26.09 -0.06 14.38
CA ILE E 303 -24.68 0.30 14.04
C ILE E 303 -24.56 1.82 14.20
N ASP E 304 -23.81 2.27 15.21
CA ASP E 304 -23.65 3.70 15.57
C ASP E 304 -22.90 4.42 14.46
N GLU E 305 -21.78 3.84 14.01
CA GLU E 305 -20.85 4.53 13.07
C GLU E 305 -20.52 3.57 11.93
N LEU E 306 -21.51 3.30 11.09
CA LEU E 306 -21.40 2.36 9.93
C LEU E 306 -20.17 2.76 9.09
N ASP E 307 -20.09 4.03 8.70
CA ASP E 307 -18.98 4.58 7.87
C ASP E 307 -17.65 4.05 8.39
N ALA E 308 -17.43 4.06 9.71
CA ALA E 308 -16.18 3.61 10.37
C ALA E 308 -15.96 2.12 10.07
N ILE E 309 -16.99 1.29 10.21
CA ILE E 309 -16.93 -0.17 9.88
C ILE E 309 -16.74 -0.31 8.37
N ALA E 310 -17.65 0.24 7.58
CA ALA E 310 -17.74 0.06 6.11
C ALA E 310 -17.70 1.40 5.41
N PRO E 311 -16.58 1.75 4.74
CA PRO E 311 -16.50 2.94 3.90
C PRO E 311 -16.90 2.60 2.45
N LYS E 312 -16.56 3.47 1.50
CA LYS E 312 -16.71 3.20 0.04
C LYS E 312 -15.47 2.41 -0.43
N ARG E 313 -15.59 1.74 -1.59
CA ARG E 313 -14.55 0.84 -2.17
C ARG E 313 -13.31 1.65 -2.58
N GLU E 314 -13.51 2.89 -3.05
CA GLU E 314 -12.42 3.83 -3.44
C GLU E 314 -11.71 4.33 -2.17
N LYS E 315 -12.45 4.49 -1.07
CA LYS E 315 -11.97 5.12 0.19
C LYS E 315 -11.30 4.10 1.10
N THR E 316 -11.56 2.79 0.91
CA THR E 316 -10.86 1.70 1.62
C THR E 316 -9.61 1.32 0.80
N HIS E 317 -8.47 1.19 1.48
CA HIS E 317 -7.16 0.80 0.89
C HIS E 317 -6.52 -0.34 1.69
N GLY E 318 -7.31 -1.04 2.52
CA GLY E 318 -6.83 -2.12 3.40
C GLY E 318 -7.53 -3.44 3.07
N GLU E 319 -6.76 -4.53 3.01
CA GLU E 319 -7.25 -5.91 2.75
C GLU E 319 -8.03 -6.38 3.97
N VAL E 320 -7.43 -6.23 5.17
CA VAL E 320 -8.04 -6.61 6.47
C VAL E 320 -9.39 -5.88 6.60
N GLU E 321 -9.37 -4.56 6.35
CA GLU E 321 -10.58 -3.69 6.31
C GLU E 321 -11.65 -4.37 5.44
N ARG E 322 -11.25 -4.77 4.23
CA ARG E 322 -12.14 -5.39 3.21
C ARG E 322 -12.76 -6.67 3.79
N ARG E 323 -11.98 -7.47 4.54
CA ARG E 323 -12.43 -8.76 5.12
C ARG E 323 -13.56 -8.51 6.13
N ILE E 324 -13.54 -7.36 6.80
CA ILE E 324 -14.56 -7.00 7.83
C ILE E 324 -15.88 -6.66 7.12
N VAL E 325 -15.81 -5.75 6.14
CA VAL E 325 -16.96 -5.36 5.27
C VAL E 325 -17.65 -6.65 4.79
N SER E 326 -16.93 -7.47 4.03
CA SER E 326 -17.41 -8.75 3.44
C SER E 326 -18.15 -9.58 4.50
N GLN E 327 -17.57 -9.69 5.71
CA GLN E 327 -18.18 -10.41 6.86
C GLN E 327 -19.55 -9.80 7.12
N LEU E 328 -19.62 -8.48 7.29
CA LEU E 328 -20.89 -7.75 7.58
C LEU E 328 -21.92 -8.09 6.50
N LEU E 329 -21.54 -7.90 5.23
CA LEU E 329 -22.40 -8.21 4.06
C LEU E 329 -22.88 -9.66 4.16
N THR E 330 -21.98 -10.60 4.44
CA THR E 330 -22.29 -12.04 4.64
C THR E 330 -23.35 -12.19 5.74
N LEU E 331 -23.21 -11.44 6.84
CA LEU E 331 -24.15 -11.50 7.99
C LEU E 331 -25.54 -11.00 7.55
N MET E 332 -25.57 -9.94 6.74
CA MET E 332 -26.84 -9.30 6.26
C MET E 332 -27.61 -10.28 5.35
N ASP E 333 -26.90 -10.92 4.40
CA ASP E 333 -27.49 -11.95 3.49
C ASP E 333 -27.99 -13.12 4.34
N GLY E 334 -27.15 -13.59 5.26
CA GLY E 334 -27.42 -14.72 6.17
C GLY E 334 -28.73 -14.55 6.92
N LEU E 335 -29.10 -13.30 7.24
CA LEU E 335 -30.31 -12.98 8.05
C LEU E 335 -31.57 -13.47 7.32
N LYS E 336 -32.43 -14.21 8.02
CA LYS E 336 -33.67 -14.84 7.47
C LYS E 336 -34.90 -14.20 8.11
N GLN E 337 -36.08 -14.61 7.64
CA GLN E 337 -37.41 -14.15 8.10
C GLN E 337 -37.69 -14.78 9.47
N ARG E 338 -37.30 -16.05 9.63
CA ARG E 338 -37.48 -16.86 10.87
C ARG E 338 -36.72 -16.21 12.04
N ALA E 339 -35.67 -15.44 11.73
CA ALA E 339 -34.82 -14.74 12.73
C ALA E 339 -35.64 -13.67 13.46
N HIS E 340 -36.48 -12.92 12.74
CA HIS E 340 -37.33 -11.81 13.27
C HIS E 340 -36.47 -10.72 13.91
N VAL E 341 -35.25 -10.53 13.40
CA VAL E 341 -34.29 -9.47 13.83
C VAL E 341 -34.43 -8.31 12.85
N ILE E 342 -34.32 -7.08 13.33
CA ILE E 342 -34.30 -5.85 12.48
C ILE E 342 -32.92 -5.20 12.64
N VAL E 343 -32.27 -4.87 11.53
CA VAL E 343 -30.93 -4.20 11.50
C VAL E 343 -31.14 -2.73 11.19
N MET E 344 -30.60 -1.85 12.05
CA MET E 344 -30.63 -0.37 11.89
C MET E 344 -29.18 0.12 11.73
N ALA E 345 -28.93 0.92 10.70
CA ALA E 345 -27.61 1.50 10.39
C ALA E 345 -27.66 3.02 10.54
N ALA E 346 -26.56 3.63 10.98
CA ALA E 346 -26.37 5.09 11.12
C ALA E 346 -25.11 5.53 10.36
N THR E 347 -25.28 6.50 9.45
CA THR E 347 -24.20 7.13 8.63
C THR E 347 -24.44 8.64 8.56
N ASN E 348 -23.48 9.37 8.01
CA ASN E 348 -23.53 10.85 7.88
C ASN E 348 -23.93 11.21 6.45
N ARG E 349 -22.96 11.61 5.62
CA ARG E 349 -23.21 12.07 4.22
C ARG E 349 -23.51 10.84 3.35
N PRO E 350 -24.37 10.98 2.32
CA PRO E 350 -24.69 9.87 1.43
C PRO E 350 -23.50 9.43 0.55
N ASN E 351 -22.58 10.35 0.23
CA ASN E 351 -21.42 10.12 -0.67
C ASN E 351 -20.48 9.08 -0.05
N SER E 352 -20.35 9.08 1.29
CA SER E 352 -19.46 8.17 2.05
C SER E 352 -20.22 6.89 2.42
N ILE E 353 -20.62 6.13 1.41
CA ILE E 353 -21.40 4.87 1.55
C ILE E 353 -20.83 3.83 0.57
N ASP E 354 -20.73 2.57 1.02
CA ASP E 354 -20.31 1.43 0.16
C ASP E 354 -21.42 1.14 -0.83
N PRO E 355 -21.11 0.96 -2.14
CA PRO E 355 -22.15 0.62 -3.11
C PRO E 355 -22.95 -0.59 -2.63
N ALA E 356 -22.23 -1.62 -2.15
CA ALA E 356 -22.74 -2.96 -1.78
C ALA E 356 -23.85 -2.86 -0.72
N LEU E 357 -23.81 -1.84 0.15
CA LEU E 357 -24.79 -1.63 1.25
C LEU E 357 -26.16 -1.22 0.70
N ARG E 358 -26.19 -0.59 -0.49
CA ARG E 358 -27.42 -0.11 -1.16
C ARG E 358 -28.04 -1.24 -1.98
N ARG E 359 -28.33 -2.37 -1.34
CA ARG E 359 -28.96 -3.55 -1.99
C ARG E 359 -30.34 -3.79 -1.36
N PHE E 360 -31.26 -4.30 -2.18
CA PHE E 360 -32.66 -4.60 -1.83
C PHE E 360 -32.66 -5.58 -0.65
N GLY E 361 -31.94 -6.70 -0.80
CA GLY E 361 -31.72 -7.70 0.25
C GLY E 361 -31.24 -7.05 1.55
N ARG E 362 -30.30 -6.13 1.45
CA ARG E 362 -29.63 -5.47 2.61
C ARG E 362 -30.44 -4.22 2.99
N PHE E 363 -29.80 -3.07 3.15
CA PHE E 363 -30.42 -1.82 3.64
C PHE E 363 -31.23 -1.17 2.51
N ASP E 364 -32.34 -1.82 2.15
CA ASP E 364 -33.32 -1.32 1.15
C ASP E 364 -33.91 0.00 1.64
N ARG E 365 -34.38 0.03 2.90
CA ARG E 365 -35.08 1.18 3.51
C ARG E 365 -34.05 2.24 3.90
N GLU E 366 -34.30 3.50 3.53
CA GLU E 366 -33.36 4.64 3.67
C GLU E 366 -34.12 5.88 4.14
N VAL E 367 -33.74 6.45 5.30
CA VAL E 367 -34.45 7.57 5.98
C VAL E 367 -33.51 8.78 6.12
N ASP E 368 -33.71 9.80 5.30
CA ASP E 368 -32.94 11.08 5.34
C ASP E 368 -33.52 11.95 6.45
N ILE E 369 -32.73 12.20 7.51
CA ILE E 369 -33.09 13.12 8.62
C ILE E 369 -32.40 14.46 8.38
N GLY E 370 -33.18 15.50 8.09
CA GLY E 370 -32.72 16.89 7.95
C GLY E 370 -32.51 17.55 9.31
N ILE E 371 -32.08 18.81 9.31
CA ILE E 371 -31.92 19.62 10.56
C ILE E 371 -33.31 19.97 11.08
N PRO E 372 -33.58 19.87 12.40
CA PRO E 372 -34.88 20.23 12.96
C PRO E 372 -35.24 21.72 12.81
N ASP E 373 -36.52 22.02 12.57
CA ASP E 373 -37.03 23.40 12.39
C ASP E 373 -37.12 24.10 13.75
N ALA E 374 -37.36 25.41 13.74
CA ALA E 374 -37.45 26.29 14.93
C ALA E 374 -38.44 25.70 15.93
N THR E 375 -39.61 25.25 15.47
CA THR E 375 -40.65 24.56 16.28
C THR E 375 -40.03 23.34 16.96
N GLY E 376 -39.36 22.49 16.18
CA GLY E 376 -38.65 21.30 16.66
C GLY E 376 -37.56 21.67 17.67
N ARG E 377 -36.75 22.67 17.33
CA ARG E 377 -35.65 23.18 18.19
C ARG E 377 -36.25 23.63 19.53
N LEU E 378 -37.30 24.46 19.49
CA LEU E 378 -38.08 24.89 20.69
C LEU E 378 -38.53 23.65 21.46
N GLU E 379 -39.20 22.72 20.77
CA GLU E 379 -39.68 21.43 21.34
C GLU E 379 -38.52 20.76 22.09
N ILE E 380 -37.38 20.58 21.41
CA ILE E 380 -36.16 19.93 22.00
C ILE E 380 -35.82 20.65 23.31
N LEU E 381 -35.78 21.98 23.31
CA LEU E 381 -35.41 22.81 24.49
C LEU E 381 -36.31 22.42 25.68
N GLN E 382 -37.62 22.26 25.44
CA GLN E 382 -38.63 21.87 26.46
C GLN E 382 -38.30 20.50 27.06
N ILE E 383 -37.81 19.58 26.21
CA ILE E 383 -37.39 18.21 26.62
C ILE E 383 -36.15 18.33 27.53
N HIS E 384 -35.20 19.19 27.14
CA HIS E 384 -33.89 19.35 27.83
C HIS E 384 -34.05 20.16 29.13
N THR E 385 -35.21 20.80 29.34
CA THR E 385 -35.48 21.68 30.50
C THR E 385 -36.82 21.30 31.12
N LYS E 386 -36.95 20.03 31.54
CA LYS E 386 -38.19 19.49 32.17
C LYS E 386 -37.92 19.14 33.65
N ASN E 387 -36.70 18.72 33.99
CA ASN E 387 -36.29 18.34 35.38
C ASN E 387 -35.86 19.59 36.14
N MET E 388 -34.97 20.38 35.54
CA MET E 388 -34.39 21.63 36.13
C MET E 388 -35.50 22.67 36.35
N LYS E 389 -35.31 23.52 37.37
CA LYS E 389 -36.22 24.65 37.70
C LYS E 389 -35.80 25.87 36.87
N LEU E 390 -36.67 26.33 35.97
CA LEU E 390 -36.49 27.55 35.13
C LEU E 390 -37.06 28.76 35.86
N ALA E 391 -36.80 29.96 35.30
CA ALA E 391 -37.33 31.25 35.79
C ALA E 391 -38.37 31.79 34.80
N ASP E 392 -39.15 32.79 35.23
CA ASP E 392 -40.21 33.43 34.42
C ASP E 392 -39.56 34.35 33.38
N ASP E 393 -38.40 34.93 33.73
CA ASP E 393 -37.61 35.86 32.87
C ASP E 393 -37.11 35.13 31.63
N VAL E 394 -36.75 33.85 31.77
CA VAL E 394 -36.21 33.00 30.66
C VAL E 394 -37.34 32.70 29.68
N ASP E 395 -37.08 32.92 28.38
CA ASP E 395 -38.02 32.59 27.26
C ASP E 395 -37.30 31.66 26.28
N LEU E 396 -37.78 30.42 26.15
CA LEU E 396 -37.20 29.35 25.29
C LEU E 396 -37.41 29.71 23.82
N GLU E 397 -38.63 30.14 23.48
CA GLU E 397 -39.06 30.55 22.12
C GLU E 397 -38.03 31.52 21.51
N GLN E 398 -37.65 32.56 22.26
CA GLN E 398 -36.65 33.58 21.84
C GLN E 398 -35.34 32.88 21.48
N VAL E 399 -34.90 31.93 22.32
CA VAL E 399 -33.61 31.19 22.15
C VAL E 399 -33.69 30.32 20.89
N ALA E 400 -34.82 29.63 20.70
CA ALA E 400 -35.09 28.74 19.55
C ALA E 400 -35.01 29.53 18.23
N ASN E 401 -35.47 30.79 18.23
CA ASN E 401 -35.58 31.65 17.03
C ASN E 401 -34.19 32.07 16.55
N GLU E 402 -33.31 32.49 17.46
CA GLU E 402 -32.00 33.13 17.14
C GLU E 402 -30.92 32.06 16.86
N THR E 403 -31.28 30.78 16.97
CA THR E 403 -30.41 29.63 16.60
C THR E 403 -31.03 28.89 15.41
N HIS E 404 -30.41 29.02 14.23
CA HIS E 404 -30.86 28.40 12.95
C HIS E 404 -30.22 27.02 12.79
N GLY E 405 -28.89 26.98 12.65
CA GLY E 405 -28.08 25.77 12.43
C GLY E 405 -27.49 25.23 13.72
N HIS E 406 -28.36 24.84 14.66
CA HIS E 406 -28.01 24.18 15.95
C HIS E 406 -28.70 22.81 16.02
N VAL E 407 -27.92 21.76 16.28
CA VAL E 407 -28.40 20.35 16.37
C VAL E 407 -28.82 20.08 17.83
N GLY E 408 -29.54 18.98 18.06
CA GLY E 408 -29.91 18.52 19.42
C GLY E 408 -28.74 18.66 20.38
N ALA E 409 -27.62 18.02 20.06
CA ALA E 409 -26.35 18.05 20.84
C ALA E 409 -25.93 19.49 21.15
N ASP E 410 -26.03 20.40 20.17
CA ASP E 410 -25.67 21.84 20.33
C ASP E 410 -26.57 22.46 21.40
N LEU E 411 -27.88 22.19 21.34
CA LEU E 411 -28.88 22.70 22.30
C LEU E 411 -28.63 22.09 23.68
N ALA E 412 -28.37 20.78 23.74
CA ALA E 412 -28.04 20.04 24.99
C ALA E 412 -26.81 20.69 25.63
N ALA E 413 -25.77 20.94 24.83
CA ALA E 413 -24.54 21.66 25.24
C ALA E 413 -24.90 23.05 25.76
N LEU E 414 -25.79 23.76 25.05
CA LEU E 414 -26.29 25.11 25.43
C LEU E 414 -27.00 25.03 26.79
N CYS E 415 -27.86 24.02 26.98
CA CYS E 415 -28.63 23.80 28.23
C CYS E 415 -27.68 23.45 29.37
N SER E 416 -26.76 22.50 29.14
CA SER E 416 -25.73 22.08 30.12
C SER E 416 -24.91 23.29 30.56
N GLU E 417 -24.36 24.03 29.59
CA GLU E 417 -23.56 25.26 29.85
C GLU E 417 -24.40 26.23 30.69
N ALA E 418 -25.63 26.51 30.27
CA ALA E 418 -26.57 27.45 30.93
C ALA E 418 -26.84 27.00 32.37
N ALA E 419 -26.86 25.69 32.63
CA ALA E 419 -27.11 25.10 33.97
C ALA E 419 -25.87 25.28 34.86
N LEU E 420 -24.69 24.92 34.33
CA LEU E 420 -23.40 25.07 35.04
C LEU E 420 -23.16 26.55 35.38
N GLN E 421 -23.38 27.45 34.41
CA GLN E 421 -23.19 28.92 34.55
C GLN E 421 -24.00 29.42 35.75
N ALA E 422 -25.29 29.08 35.80
CA ALA E 422 -26.24 29.49 36.86
C ALA E 422 -25.72 29.06 38.24
N ILE E 423 -25.05 27.91 38.32
CA ILE E 423 -24.46 27.36 39.59
C ILE E 423 -23.29 28.23 40.03
N ARG E 424 -22.37 28.55 39.12
CA ARG E 424 -21.20 29.43 39.37
C ARG E 424 -21.68 30.80 39.86
N LYS E 425 -22.72 31.36 39.22
CA LYS E 425 -23.21 32.75 39.43
C LYS E 425 -23.81 32.90 40.84
N LYS E 426 -24.41 31.83 41.38
CA LYS E 426 -25.19 31.87 42.65
C LYS E 426 -24.47 31.02 43.72
N MET E 427 -24.20 29.75 43.44
CA MET E 427 -23.76 28.76 44.46
C MET E 427 -22.27 28.94 44.78
N ASP E 428 -21.42 29.09 43.75
CA ASP E 428 -19.95 29.25 43.91
C ASP E 428 -19.64 30.35 44.94
N LEU E 429 -20.53 31.34 45.06
CA LEU E 429 -20.37 32.50 46.00
C LEU E 429 -20.57 32.01 47.44
N ILE E 430 -21.68 31.33 47.73
CA ILE E 430 -22.00 30.78 49.08
C ILE E 430 -21.01 29.64 49.37
N ASP E 431 -20.91 28.67 48.45
CA ASP E 431 -19.99 27.50 48.50
C ASP E 431 -20.15 26.76 49.83
N LEU E 432 -21.10 25.79 49.88
CA LEU E 432 -21.36 24.93 51.06
C LEU E 432 -21.52 23.47 50.62
N GLU E 433 -20.57 22.96 49.84
CA GLU E 433 -20.50 21.55 49.41
C GLU E 433 -19.58 20.79 50.38
N ASP E 434 -20.13 20.40 51.52
CA ASP E 434 -19.44 19.66 52.60
C ASP E 434 -20.08 18.27 52.75
N GLU E 435 -19.33 17.22 52.44
CA GLU E 435 -19.75 15.79 52.49
C GLU E 435 -20.88 15.56 51.47
N THR E 436 -22.04 15.06 51.92
CA THR E 436 -23.24 14.79 51.09
C THR E 436 -23.93 16.13 50.74
N ILE E 437 -24.59 16.18 49.58
CA ILE E 437 -25.32 17.38 49.08
C ILE E 437 -26.83 17.08 49.08
N ASP E 438 -27.61 17.97 49.71
CA ASP E 438 -29.08 17.84 49.85
C ASP E 438 -29.77 18.42 48.62
N ALA E 439 -31.04 18.06 48.41
CA ALA E 439 -31.89 18.47 47.27
C ALA E 439 -32.52 19.84 47.54
N GLU E 440 -32.77 20.17 48.82
CA GLU E 440 -33.39 21.44 49.28
C GLU E 440 -32.63 22.64 48.69
N VAL E 441 -31.30 22.60 48.81
CA VAL E 441 -30.37 23.66 48.30
C VAL E 441 -30.50 23.74 46.78
N MET E 442 -30.63 22.58 46.12
CA MET E 442 -30.67 22.46 44.64
C MET E 442 -32.07 22.79 44.10
N ASN E 443 -33.10 22.74 44.94
CA ASN E 443 -34.51 23.05 44.58
C ASN E 443 -34.68 24.56 44.41
N SER E 444 -34.06 25.36 45.28
CA SER E 444 -34.08 26.84 45.27
C SER E 444 -33.48 27.38 43.96
N LEU E 445 -32.66 26.57 43.27
CA LEU E 445 -31.86 26.97 42.08
C LEU E 445 -32.77 27.27 40.89
N ALA E 446 -32.63 28.46 40.31
CA ALA E 446 -33.31 28.91 39.07
C ALA E 446 -32.26 29.48 38.11
N VAL E 447 -32.38 29.15 36.82
CA VAL E 447 -31.46 29.66 35.75
C VAL E 447 -32.07 30.93 35.15
N THR E 448 -31.28 31.99 35.06
CA THR E 448 -31.67 33.30 34.49
C THR E 448 -31.39 33.29 32.98
N MET E 449 -32.06 34.17 32.22
CA MET E 449 -31.89 34.33 30.76
C MET E 449 -30.45 34.72 30.46
N ASP E 450 -29.83 35.52 31.35
CA ASP E 450 -28.42 35.98 31.28
C ASP E 450 -27.50 34.75 31.10
N ASP E 451 -27.76 33.68 31.86
CA ASP E 451 -27.00 32.40 31.78
C ASP E 451 -27.03 31.90 30.34
N PHE E 452 -28.21 31.89 29.72
CA PHE E 452 -28.45 31.42 28.34
C PHE E 452 -27.77 32.34 27.32
N ARG E 453 -28.02 33.65 27.40
CA ARG E 453 -27.42 34.68 26.51
C ARG E 453 -25.89 34.50 26.49
N TRP E 454 -25.30 34.15 27.65
CA TRP E 454 -23.84 33.92 27.81
C TRP E 454 -23.42 32.62 27.10
N ALA E 455 -24.19 31.55 27.27
CA ALA E 455 -23.89 30.19 26.75
C ALA E 455 -23.99 30.18 25.21
N LEU E 456 -25.06 30.77 24.65
CA LEU E 456 -25.26 30.90 23.18
C LEU E 456 -24.08 31.66 22.57
N SER E 457 -23.74 32.82 23.13
CA SER E 457 -22.63 33.71 22.71
C SER E 457 -21.38 32.89 22.38
N GLN E 458 -20.96 32.01 23.30
CA GLN E 458 -19.76 31.15 23.15
C GLN E 458 -20.20 29.69 23.19
N SER E 459 -21.01 29.30 22.21
CA SER E 459 -21.42 27.91 21.92
C SER E 459 -20.58 27.35 20.77
N ASN E 460 -20.74 26.07 20.48
CA ASN E 460 -19.99 25.37 19.41
C ASN E 460 -20.71 25.61 18.08
N PRO E 461 -19.99 26.10 17.04
CA PRO E 461 -20.62 26.36 15.76
C PRO E 461 -21.14 25.07 15.10
N SER E 462 -20.28 24.06 15.00
CA SER E 462 -20.59 22.73 14.45
C SER E 462 -21.45 21.94 15.45
N PRO F 23 -18.18 39.89 57.16
CA PRO F 23 -17.88 38.45 57.32
C PRO F 23 -16.38 38.15 57.22
N ASN F 24 -15.87 37.25 58.07
CA ASN F 24 -14.44 36.84 58.13
C ASN F 24 -14.14 35.87 56.98
N ARG F 25 -15.14 35.08 56.56
CA ARG F 25 -15.05 34.07 55.47
C ARG F 25 -14.80 34.78 54.13
N LEU F 26 -13.88 34.26 53.30
CA LEU F 26 -13.55 34.80 51.94
C LEU F 26 -13.09 33.65 51.03
N ILE F 27 -13.09 33.88 49.71
CA ILE F 27 -12.66 32.91 48.66
C ILE F 27 -11.30 33.34 48.09
N VAL F 28 -10.29 32.48 48.19
CA VAL F 28 -8.94 32.64 47.58
C VAL F 28 -9.10 32.90 46.07
N ASP F 29 -8.39 33.90 45.55
CA ASP F 29 -8.32 34.24 44.10
C ASP F 29 -6.91 34.72 43.75
N GLU F 30 -6.62 34.80 42.45
CA GLU F 30 -5.29 35.21 41.89
C GLU F 30 -4.97 36.64 42.33
N ALA F 31 -3.68 36.93 42.54
CA ALA F 31 -3.15 38.26 42.89
C ALA F 31 -2.43 38.88 41.68
N ILE F 32 -2.59 40.20 41.49
CA ILE F 32 -1.89 40.98 40.43
C ILE F 32 -0.45 41.20 40.89
N ASN F 33 -0.27 41.52 42.17
CA ASN F 33 1.05 41.74 42.82
C ASN F 33 1.80 40.40 42.89
N GLU F 34 3.15 40.45 42.89
CA GLU F 34 4.04 39.26 42.96
C GLU F 34 4.91 39.34 44.21
N ASP F 35 4.30 39.21 45.38
CA ASP F 35 4.98 39.19 46.71
C ASP F 35 4.39 38.04 47.52
N ASN F 36 5.22 37.36 48.31
CA ASN F 36 4.86 36.15 49.09
C ASN F 36 3.88 36.52 50.21
N SER F 37 4.23 37.52 51.02
CA SER F 37 3.52 37.90 52.27
C SER F 37 2.46 38.97 52.01
N VAL F 38 2.29 39.41 50.76
CA VAL F 38 1.30 40.45 50.34
C VAL F 38 0.00 39.77 49.95
N VAL F 39 -1.12 40.24 50.48
CA VAL F 39 -2.50 39.90 50.01
C VAL F 39 -3.14 41.20 49.49
N SER F 40 -4.23 41.10 48.73
CA SER F 40 -4.95 42.27 48.16
C SER F 40 -6.47 42.07 48.31
N LEU F 41 -7.15 43.05 48.90
CA LEU F 41 -8.62 43.07 49.14
C LEU F 41 -9.23 44.30 48.45
N SER F 42 -10.55 44.47 48.57
CA SER F 42 -11.32 45.64 48.08
C SER F 42 -11.39 46.72 49.16
N GLN F 43 -11.40 47.99 48.74
CA GLN F 43 -11.45 49.18 49.64
C GLN F 43 -12.67 49.06 50.57
N PRO F 44 -13.89 48.79 50.05
CA PRO F 44 -15.08 48.69 50.90
C PRO F 44 -14.92 47.63 52.00
N LYS F 45 -14.38 46.47 51.63
CA LYS F 45 -14.17 45.30 52.54
C LYS F 45 -13.28 45.73 53.71
N MET F 46 -12.17 46.40 53.40
CA MET F 46 -11.23 46.96 54.42
C MET F 46 -12.01 47.91 55.33
N ASP F 47 -12.76 48.84 54.74
CA ASP F 47 -13.59 49.85 55.45
C ASP F 47 -14.64 49.12 56.30
N GLU F 48 -15.23 48.05 55.76
CA GLU F 48 -16.23 47.21 56.47
C GLU F 48 -15.56 46.56 57.69
N LEU F 49 -14.35 46.04 57.52
CA LEU F 49 -13.60 45.29 58.58
C LEU F 49 -12.69 46.23 59.37
N GLN F 50 -12.70 47.54 59.06
CA GLN F 50 -11.91 48.58 59.76
C GLN F 50 -10.42 48.20 59.71
N LEU F 51 -9.95 47.74 58.54
CA LEU F 51 -8.55 47.29 58.33
C LEU F 51 -7.78 48.38 57.57
N PHE F 52 -6.56 48.68 58.01
CA PHE F 52 -5.66 49.71 57.42
C PHE F 52 -4.66 49.03 56.49
N ARG F 53 -4.31 49.72 55.40
CA ARG F 53 -3.45 49.23 54.29
C ARG F 53 -2.22 48.52 54.86
N GLY F 54 -1.43 49.20 55.69
CA GLY F 54 -0.18 48.65 56.24
C GLY F 54 -0.44 47.50 57.20
N ASP F 55 -1.36 47.69 58.16
CA ASP F 55 -1.66 46.73 59.25
C ASP F 55 -1.67 45.31 58.66
N THR F 56 -1.06 44.36 59.37
CA THR F 56 -0.98 42.93 58.96
C THR F 56 -2.36 42.29 59.12
N VAL F 57 -2.54 41.08 58.59
CA VAL F 57 -3.79 40.27 58.72
C VAL F 57 -3.39 38.83 59.04
N LEU F 58 -4.23 38.13 59.82
CA LEU F 58 -4.07 36.69 60.15
C LEU F 58 -5.06 35.88 59.30
N LEU F 59 -4.55 34.87 58.59
CA LEU F 59 -5.33 34.01 57.65
C LEU F 59 -5.37 32.58 58.20
N LYS F 60 -6.58 32.03 58.37
CA LYS F 60 -6.81 30.65 58.85
C LYS F 60 -7.53 29.86 57.74
N GLY F 61 -6.99 28.69 57.39
CA GLY F 61 -7.50 27.83 56.30
C GLY F 61 -8.03 26.51 56.84
N LYS F 62 -7.27 25.42 56.66
CA LYS F 62 -7.64 24.04 57.09
C LYS F 62 -6.41 23.33 57.67
N LYS F 63 -6.64 22.24 58.40
CA LYS F 63 -5.59 21.41 59.06
C LYS F 63 -4.90 22.22 60.16
N ARG F 64 -5.69 22.99 60.92
CA ARG F 64 -5.26 23.88 62.04
C ARG F 64 -3.95 24.59 61.68
N ARG F 65 -3.91 25.24 60.51
CA ARG F 65 -2.75 26.03 60.04
C ARG F 65 -3.16 27.51 59.91
N GLU F 66 -2.31 28.41 60.41
CA GLU F 66 -2.49 29.88 60.40
C GLU F 66 -1.39 30.52 59.54
N ALA F 67 -1.69 31.64 58.87
CA ALA F 67 -0.75 32.40 58.03
C ALA F 67 -0.84 33.90 58.36
N VAL F 68 0.32 34.56 58.44
CA VAL F 68 0.44 36.04 58.69
C VAL F 68 0.92 36.71 57.40
N CYS F 69 0.23 37.77 56.98
CA CYS F 69 0.48 38.49 55.70
C CYS F 69 0.22 39.98 55.88
N ILE F 70 0.51 40.77 54.84
CA ILE F 70 0.23 42.23 54.77
C ILE F 70 -0.91 42.47 53.78
N VAL F 71 -1.97 43.15 54.24
CA VAL F 71 -3.16 43.54 53.42
C VAL F 71 -2.75 44.71 52.50
N LEU F 72 -3.49 44.90 51.40
CA LEU F 72 -3.29 46.01 50.44
C LEU F 72 -4.62 46.32 49.73
N SER F 73 -4.78 47.57 49.27
CA SER F 73 -6.01 48.09 48.63
C SER F 73 -5.93 47.88 47.11
N ASP F 74 -6.93 47.24 46.52
CA ASP F 74 -7.07 47.07 45.05
C ASP F 74 -8.54 47.21 44.67
N ASP F 75 -8.85 48.24 43.86
CA ASP F 75 -10.20 48.56 43.33
C ASP F 75 -10.71 47.35 42.54
N THR F 76 -9.85 46.73 41.74
CA THR F 76 -10.18 45.62 40.80
C THR F 76 -10.61 44.39 41.61
N CYS F 77 -10.00 44.17 42.78
CA CYS F 77 -10.33 43.06 43.71
C CYS F 77 -11.76 43.23 44.23
N SER F 78 -12.53 42.13 44.31
CA SER F 78 -13.94 42.10 44.78
C SER F 78 -13.98 41.89 46.31
N ASP F 79 -15.03 42.41 46.95
CA ASP F 79 -15.23 42.42 48.43
C ASP F 79 -15.30 40.99 48.99
N GLU F 80 -15.80 40.05 48.19
CA GLU F 80 -16.08 38.65 48.61
C GLU F 80 -14.87 37.77 48.31
N LYS F 81 -13.93 38.22 47.48
CA LYS F 81 -12.70 37.47 47.09
C LYS F 81 -11.47 38.11 47.72
N ILE F 82 -10.40 37.32 47.84
CA ILE F 82 -9.06 37.75 48.36
C ILE F 82 -8.00 37.37 47.32
N ARG F 83 -6.97 38.20 47.19
CA ARG F 83 -5.85 37.98 46.22
C ARG F 83 -4.60 37.59 47.00
N MET F 84 -3.97 36.47 46.64
CA MET F 84 -2.75 35.93 47.32
C MET F 84 -1.92 35.08 46.34
N ASN F 85 -0.64 34.84 46.66
CA ASN F 85 0.34 34.07 45.85
C ASN F 85 0.20 32.57 46.13
N ARG F 86 0.91 31.74 45.35
CA ARG F 86 0.94 30.27 45.50
C ARG F 86 1.54 29.88 46.86
N VAL F 87 2.43 30.70 47.42
CA VAL F 87 3.20 30.39 48.66
C VAL F 87 2.22 30.20 49.83
N VAL F 88 1.41 31.22 50.11
CA VAL F 88 0.48 31.24 51.28
C VAL F 88 -0.58 30.14 51.13
N ARG F 89 -0.99 29.82 49.90
CA ARG F 89 -2.02 28.77 49.61
C ARG F 89 -1.48 27.40 50.03
N ASN F 90 -0.19 27.16 49.80
CA ASN F 90 0.52 25.92 50.17
C ASN F 90 0.82 25.94 51.68
N ASN F 91 1.07 27.13 52.24
CA ASN F 91 1.24 27.34 53.71
C ASN F 91 -0.08 27.03 54.42
N LEU F 92 -1.20 27.45 53.83
CA LEU F 92 -2.57 27.25 54.38
C LEU F 92 -3.16 25.92 53.89
N ARG F 93 -2.47 25.23 52.97
CA ARG F 93 -2.88 23.92 52.37
C ARG F 93 -4.25 24.09 51.67
N VAL F 94 -4.51 25.28 51.14
CA VAL F 94 -5.79 25.63 50.44
C VAL F 94 -5.52 25.71 48.94
N ARG F 95 -6.58 25.53 48.14
CA ARG F 95 -6.57 25.64 46.66
C ARG F 95 -7.68 26.60 46.23
N LEU F 96 -7.84 26.80 44.92
CA LEU F 96 -8.88 27.69 44.33
C LEU F 96 -10.25 27.00 44.46
N GLY F 97 -11.27 27.73 44.89
CA GLY F 97 -12.61 27.20 45.19
C GLY F 97 -12.72 26.76 46.64
N ASP F 98 -11.67 26.98 47.44
CA ASP F 98 -11.66 26.77 48.90
C ASP F 98 -11.77 28.14 49.59
N VAL F 99 -12.37 28.17 50.78
CA VAL F 99 -12.60 29.42 51.58
C VAL F 99 -11.63 29.44 52.76
N ILE F 100 -11.30 30.63 53.25
CA ILE F 100 -10.44 30.86 54.45
C ILE F 100 -11.11 31.92 55.34
N SER F 101 -10.67 32.02 56.60
CA SER F 101 -11.15 33.01 57.59
C SER F 101 -10.01 33.94 58.01
N ILE F 102 -10.18 35.25 57.79
CA ILE F 102 -9.18 36.31 58.12
C ILE F 102 -9.57 36.92 59.47
N GLN F 103 -8.57 37.17 60.33
CA GLN F 103 -8.73 37.86 61.63
C GLN F 103 -7.79 39.06 61.66
N PRO F 104 -8.23 40.24 62.16
CA PRO F 104 -7.32 41.36 62.40
C PRO F 104 -6.38 41.03 63.56
N CYS F 105 -5.10 41.40 63.44
CA CYS F 105 -4.06 41.20 64.47
C CYS F 105 -3.30 42.51 64.70
N PRO F 106 -3.90 43.46 65.46
CA PRO F 106 -3.26 44.76 65.72
C PRO F 106 -1.95 44.67 66.52
N ASP F 107 -1.89 43.77 67.51
CA ASP F 107 -0.74 43.63 68.43
C ASP F 107 0.15 42.47 67.96
N VAL F 108 1.31 42.81 67.37
CA VAL F 108 2.36 41.85 66.92
C VAL F 108 3.71 42.34 67.44
N LYS F 109 4.50 41.44 68.03
CA LYS F 109 5.85 41.74 68.60
C LYS F 109 6.91 41.42 67.55
N TYR F 110 8.00 42.20 67.53
CA TYR F 110 9.12 42.08 66.58
C TYR F 110 9.91 40.82 66.91
N GLY F 111 10.62 40.27 65.92
CA GLY F 111 11.52 39.13 66.09
C GLY F 111 12.69 39.48 67.01
N LYS F 112 13.21 38.48 67.74
CA LYS F 112 14.42 38.60 68.59
C LYS F 112 15.50 37.64 68.07
N ARG F 113 15.15 36.37 67.91
CA ARG F 113 16.06 35.30 67.41
C ARG F 113 15.30 34.37 66.46
N ILE F 114 15.83 34.15 65.25
CA ILE F 114 15.21 33.33 64.18
C ILE F 114 16.14 32.17 63.83
N HIS F 115 15.57 30.97 63.66
CA HIS F 115 16.24 29.73 63.22
C HIS F 115 15.60 29.26 61.92
N VAL F 116 16.38 29.23 60.83
CA VAL F 116 15.93 28.78 59.47
C VAL F 116 16.92 27.74 58.94
N LEU F 117 16.41 26.64 58.39
CA LEU F 117 17.22 25.58 57.71
C LEU F 117 16.73 25.46 56.27
N PRO F 118 17.64 25.40 55.27
CA PRO F 118 17.25 25.25 53.87
C PRO F 118 16.89 23.80 53.53
N ILE F 119 16.02 23.60 52.52
CA ILE F 119 15.52 22.26 52.10
C ILE F 119 16.60 21.60 51.22
N ASP F 120 16.64 20.27 51.23
CA ASP F 120 17.65 19.45 50.49
C ASP F 120 17.58 19.74 48.99
N ASP F 121 16.38 19.67 48.40
CA ASP F 121 16.16 19.78 46.93
C ASP F 121 16.53 21.17 46.43
N THR F 122 16.39 22.20 47.28
CA THR F 122 16.60 23.62 46.94
C THR F 122 18.10 23.95 46.89
N VAL F 123 18.88 23.39 47.83
CA VAL F 123 20.34 23.67 47.98
C VAL F 123 21.14 22.77 47.03
N GLU F 124 20.53 21.72 46.49
CA GLU F 124 21.19 20.78 45.54
C GLU F 124 22.06 21.58 44.57
N GLY F 125 23.35 21.21 44.47
CA GLY F 125 24.33 21.88 43.59
C GLY F 125 24.74 23.25 44.11
N ILE F 126 24.56 23.51 45.41
CA ILE F 126 25.00 24.75 46.10
C ILE F 126 25.55 24.39 47.49
N THR F 127 26.83 24.69 47.71
CA THR F 127 27.53 24.57 49.02
C THR F 127 28.26 25.89 49.31
N GLY F 128 28.37 26.26 50.58
CA GLY F 128 28.99 27.51 51.05
C GLY F 128 28.02 28.35 51.87
N ASN F 129 28.43 29.57 52.22
CA ASN F 129 27.64 30.52 53.05
C ASN F 129 26.58 31.18 52.17
N LEU F 130 25.31 30.80 52.36
CA LEU F 130 24.16 31.24 51.53
C LEU F 130 23.36 32.34 52.26
N PHE F 131 23.66 32.56 53.54
CA PHE F 131 22.97 33.56 54.41
C PHE F 131 23.07 34.95 53.77
N GLU F 132 24.30 35.34 53.38
CA GLU F 132 24.64 36.67 52.80
C GLU F 132 23.88 36.87 51.49
N VAL F 133 23.66 35.82 50.70
CA VAL F 133 23.23 35.92 49.27
C VAL F 133 21.71 35.79 49.15
N TYR F 134 21.02 35.22 50.14
CA TYR F 134 19.55 34.98 50.09
C TYR F 134 18.83 35.87 51.11
N LEU F 135 19.25 35.78 52.37
CA LEU F 135 18.50 36.36 53.51
C LEU F 135 18.66 37.88 53.48
N LYS F 136 19.91 38.37 53.41
CA LYS F 136 20.26 39.82 53.45
C LYS F 136 19.42 40.56 52.41
N PRO F 137 19.52 40.23 51.10
CA PRO F 137 18.79 40.97 50.07
C PRO F 137 17.28 40.94 50.32
N TYR F 138 16.70 39.74 50.47
CA TYR F 138 15.24 39.50 50.56
C TYR F 138 14.63 40.27 51.74
N PHE F 139 15.29 40.22 52.90
CA PHE F 139 14.78 40.76 54.19
C PHE F 139 15.51 42.08 54.54
N LEU F 140 15.83 42.90 53.53
CA LEU F 140 16.52 44.20 53.74
C LEU F 140 15.46 45.29 53.99
N GLU F 141 15.20 45.58 55.26
CA GLU F 141 14.32 46.69 55.75
C GLU F 141 12.86 46.46 55.34
N ALA F 142 12.47 45.20 55.12
CA ALA F 142 11.15 44.81 54.55
C ALA F 142 10.10 44.68 55.66
N TYR F 143 10.53 44.34 56.87
CA TYR F 143 9.64 44.08 58.04
C TYR F 143 8.56 43.06 57.62
N ARG F 144 9.00 41.94 57.06
CA ARG F 144 8.10 40.85 56.60
C ARG F 144 7.64 40.05 57.82
N PRO F 145 6.33 39.72 57.90
CA PRO F 145 5.82 38.92 59.02
C PRO F 145 5.93 37.43 58.70
N ILE F 146 6.41 36.62 59.64
CA ILE F 146 6.52 35.14 59.47
C ILE F 146 6.02 34.44 60.74
N ARG F 147 5.58 33.20 60.58
CA ARG F 147 5.14 32.30 61.68
C ARG F 147 6.07 31.08 61.71
N LYS F 148 6.25 30.51 62.90
CA LYS F 148 7.07 29.29 63.14
C LYS F 148 6.48 28.14 62.31
N GLY F 149 7.35 27.41 61.59
CA GLY F 149 6.99 26.21 60.80
C GLY F 149 6.53 26.55 59.39
N ASP F 150 6.40 27.84 59.05
CA ASP F 150 5.91 28.33 57.73
C ASP F 150 7.00 28.09 56.68
N ILE F 151 6.60 28.04 55.41
CA ILE F 151 7.51 27.83 54.24
C ILE F 151 7.47 29.08 53.35
N PHE F 152 8.61 29.77 53.21
CA PHE F 152 8.77 31.00 52.38
C PHE F 152 9.80 30.73 51.27
N LEU F 153 9.66 31.44 50.16
CA LEU F 153 10.50 31.27 48.94
C LEU F 153 11.28 32.56 48.66
N VAL F 154 12.61 32.42 48.50
CA VAL F 154 13.55 33.50 48.07
C VAL F 154 14.13 33.13 46.71
N ARG F 155 14.22 34.09 45.79
CA ARG F 155 14.73 33.90 44.41
C ARG F 155 16.12 34.51 44.28
N GLY F 156 17.15 33.67 44.16
CA GLY F 156 18.56 34.08 43.98
C GLY F 156 19.31 33.10 43.13
N GLY F 157 20.55 33.43 42.74
CA GLY F 157 21.45 32.57 41.95
C GLY F 157 20.74 31.93 40.77
N MET F 158 19.93 32.71 40.04
CA MET F 158 19.22 32.29 38.81
C MET F 158 18.42 31.01 39.10
N ARG F 159 17.79 30.95 40.28
CA ARG F 159 16.90 29.83 40.69
C ARG F 159 15.95 30.31 41.78
N ALA F 160 15.04 29.42 42.20
CA ALA F 160 14.09 29.62 43.32
C ALA F 160 14.47 28.66 44.45
N VAL F 161 14.74 29.20 45.65
CA VAL F 161 15.16 28.40 46.85
C VAL F 161 14.12 28.60 47.97
N GLU F 162 13.41 27.52 48.31
CA GLU F 162 12.38 27.46 49.38
C GLU F 162 13.08 27.32 50.73
N PHE F 163 12.45 27.84 51.81
CA PHE F 163 13.00 27.86 53.19
C PHE F 163 11.91 27.53 54.21
N LYS F 164 12.31 26.89 55.31
CA LYS F 164 11.45 26.51 56.45
C LYS F 164 11.88 27.31 57.69
N VAL F 165 10.91 27.86 58.43
CA VAL F 165 11.11 28.54 59.74
C VAL F 165 11.11 27.47 60.82
N VAL F 166 12.27 26.87 61.10
CA VAL F 166 12.44 25.77 62.10
C VAL F 166 12.01 26.32 63.47
N GLU F 167 12.52 27.49 63.87
CA GLU F 167 12.18 28.10 65.17
C GLU F 167 12.41 29.62 65.15
N THR F 168 11.69 30.33 66.02
CA THR F 168 11.80 31.79 66.29
C THR F 168 11.60 32.02 67.80
N ASP F 169 12.32 32.98 68.39
CA ASP F 169 12.20 33.32 69.83
C ASP F 169 10.75 33.69 70.15
N PRO F 170 10.13 34.63 69.41
CA PRO F 170 8.72 34.96 69.63
C PRO F 170 7.82 33.88 69.02
N SER F 171 6.70 33.57 69.68
CA SER F 171 5.75 32.49 69.30
C SER F 171 4.31 33.02 69.36
N PRO F 172 3.40 32.61 68.46
CA PRO F 172 3.73 31.77 67.30
C PRO F 172 4.50 32.53 66.21
N TYR F 173 4.00 33.70 65.80
CA TYR F 173 4.51 34.51 64.67
C TYR F 173 5.33 35.69 65.20
N CYS F 174 6.15 36.31 64.33
CA CYS F 174 6.99 37.48 64.64
C CYS F 174 7.29 38.29 63.35
N ILE F 175 7.59 39.58 63.51
CA ILE F 175 7.96 40.50 62.39
C ILE F 175 9.48 40.52 62.25
N VAL F 176 9.98 40.21 61.05
CA VAL F 176 11.43 40.27 60.70
C VAL F 176 11.89 41.72 60.88
N ALA F 177 13.03 41.93 61.55
CA ALA F 177 13.62 43.26 61.84
C ALA F 177 15.13 43.21 61.67
N PRO F 178 15.79 44.32 61.30
CA PRO F 178 17.25 44.33 61.06
C PRO F 178 18.07 44.07 62.33
N ASP F 179 17.48 44.34 63.49
CA ASP F 179 18.06 44.04 64.83
C ASP F 179 17.94 42.53 65.12
N THR F 180 16.91 41.87 64.57
CA THR F 180 16.65 40.42 64.76
C THR F 180 17.74 39.60 64.07
N VAL F 181 18.39 38.71 64.82
CA VAL F 181 19.45 37.78 64.31
C VAL F 181 18.74 36.58 63.65
N ILE F 182 19.28 36.11 62.52
CA ILE F 182 18.75 34.95 61.74
C ILE F 182 19.84 33.89 61.63
N HIS F 183 19.67 32.76 62.32
CA HIS F 183 20.58 31.59 62.28
C HIS F 183 20.21 30.73 61.05
N CYS F 184 21.17 30.55 60.13
CA CYS F 184 21.06 29.65 58.97
C CYS F 184 22.25 28.68 58.97
N GLU F 185 22.05 27.50 59.57
CA GLU F 185 23.02 26.36 59.54
C GLU F 185 22.78 25.57 58.25
N GLY F 186 23.86 25.13 57.60
CA GLY F 186 23.82 24.47 56.28
C GLY F 186 23.40 23.00 56.38
N GLU F 187 22.34 22.71 57.14
CA GLU F 187 21.79 21.35 57.31
C GLU F 187 20.44 21.29 56.61
N PRO F 188 20.28 20.41 55.58
CA PRO F 188 19.01 20.30 54.87
C PRO F 188 17.95 19.54 55.68
N ILE F 189 16.67 19.76 55.37
CA ILE F 189 15.52 19.03 55.99
C ILE F 189 14.86 18.18 54.88
N LYS F 190 14.51 16.94 55.20
CA LYS F 190 13.89 15.98 54.24
C LYS F 190 12.51 16.51 53.83
N ARG F 191 12.31 16.68 52.52
CA ARG F 191 11.01 17.05 51.89
C ARG F 191 9.93 16.05 52.36
N GLU F 192 8.77 16.57 52.78
CA GLU F 192 7.59 15.77 53.22
C GLU F 192 6.53 15.77 52.11
N ASP F 193 6.06 14.57 51.73
CA ASP F 193 5.15 14.32 50.59
C ASP F 193 3.90 15.20 50.68
N GLU F 194 3.49 15.56 51.90
CA GLU F 194 2.35 16.48 52.19
C GLU F 194 2.66 17.88 51.66
N GLU F 195 3.88 18.36 51.93
CA GLU F 195 4.35 19.74 51.58
C GLU F 195 4.78 19.76 50.11
N GLU F 196 3.91 20.23 49.21
CA GLU F 196 4.22 20.38 47.77
C GLU F 196 5.35 21.40 47.61
N SER F 197 6.28 21.16 46.67
CA SER F 197 7.38 22.09 46.30
C SER F 197 6.85 23.12 45.31
N LEU F 198 7.44 24.32 45.33
CA LEU F 198 6.99 25.48 44.51
C LEU F 198 7.56 25.39 43.09
N ASN F 199 8.58 24.56 42.89
CA ASN F 199 9.19 24.30 41.55
C ASN F 199 8.08 23.99 40.54
N GLU F 200 7.06 23.23 40.98
CA GLU F 200 5.88 22.82 40.17
C GLU F 200 5.34 24.02 39.39
N VAL F 201 4.69 23.77 38.25
CA VAL F 201 4.15 24.82 37.33
C VAL F 201 2.84 25.35 37.91
N GLY F 202 2.66 26.67 37.88
CA GLY F 202 1.48 27.39 38.41
C GLY F 202 0.92 28.38 37.41
N TYR F 203 -0.25 28.94 37.71
CA TYR F 203 -0.98 29.91 36.84
C TYR F 203 -0.07 31.12 36.58
N ASP F 204 0.58 31.62 37.63
CA ASP F 204 1.59 32.70 37.58
C ASP F 204 2.69 32.37 36.55
N ASP F 205 3.08 31.10 36.43
CA ASP F 205 4.18 30.64 35.53
C ASP F 205 3.71 30.60 34.06
N ILE F 206 2.39 30.63 33.83
CA ILE F 206 1.77 30.69 32.48
C ILE F 206 1.45 32.15 32.14
N GLY F 207 1.98 32.66 31.02
CA GLY F 207 1.69 34.00 30.50
C GLY F 207 1.27 33.98 29.05
N GLY F 208 0.86 35.13 28.51
CA GLY F 208 0.54 35.32 27.08
C GLY F 208 -0.93 35.08 26.76
N CYS F 209 -1.65 34.39 27.65
CA CYS F 209 -3.09 34.09 27.54
C CYS F 209 -3.84 34.69 28.72
N ARG F 210 -5.09 35.10 28.50
CA ARG F 210 -6.02 35.60 29.55
C ARG F 210 -7.36 34.89 29.34
N LYS F 211 -8.15 35.37 28.38
CA LYS F 211 -9.51 34.84 28.08
C LYS F 211 -9.43 33.33 27.85
N GLN F 212 -8.36 32.88 27.17
CA GLN F 212 -8.10 31.45 26.84
C GLN F 212 -7.93 30.66 28.14
N LEU F 213 -7.14 31.17 29.08
CA LEU F 213 -6.89 30.52 30.39
C LEU F 213 -8.21 30.44 31.16
N ALA F 214 -8.89 31.59 31.31
CA ALA F 214 -10.14 31.74 32.08
C ALA F 214 -11.16 30.69 31.63
N GLN F 215 -11.45 30.62 30.34
CA GLN F 215 -12.39 29.64 29.73
C GLN F 215 -11.97 28.21 30.12
N ILE F 216 -10.70 27.88 29.94
CA ILE F 216 -10.14 26.54 30.32
C ILE F 216 -10.37 26.33 31.81
N LYS F 217 -10.00 27.34 32.63
CA LYS F 217 -10.10 27.30 34.12
C LYS F 217 -11.53 26.99 34.55
N GLU F 218 -12.50 27.77 34.04
CA GLU F 218 -13.92 27.74 34.49
C GLU F 218 -14.60 26.42 34.08
N MET F 219 -14.18 25.81 32.96
CA MET F 219 -14.77 24.56 32.42
C MET F 219 -14.39 23.38 33.31
N VAL F 220 -13.15 23.37 33.82
CA VAL F 220 -12.57 22.23 34.60
C VAL F 220 -12.66 22.53 36.10
N GLU F 221 -12.93 23.78 36.48
CA GLU F 221 -13.01 24.23 37.90
C GLU F 221 -14.08 23.42 38.64
N LEU F 222 -15.31 23.46 38.16
CA LEU F 222 -16.50 22.87 38.82
C LEU F 222 -16.31 21.35 38.97
N PRO F 223 -16.06 20.60 37.88
CA PRO F 223 -16.02 19.14 37.95
C PRO F 223 -14.99 18.62 38.99
N LEU F 224 -13.77 19.14 38.90
CA LEU F 224 -12.58 18.63 39.63
C LEU F 224 -12.70 18.99 41.12
N ARG F 225 -13.06 20.24 41.42
CA ARG F 225 -13.17 20.76 42.81
C ARG F 225 -14.36 20.11 43.51
N HIS F 226 -15.45 19.83 42.78
CA HIS F 226 -16.73 19.30 43.32
C HIS F 226 -17.23 18.15 42.46
N PRO F 227 -16.64 16.94 42.60
CA PRO F 227 -17.17 15.74 41.95
C PRO F 227 -18.53 15.31 42.54
N ALA F 228 -18.76 15.60 43.83
CA ALA F 228 -19.95 15.19 44.59
C ALA F 228 -21.22 15.89 44.09
N LEU F 229 -21.09 17.12 43.60
CA LEU F 229 -22.20 17.91 42.98
C LEU F 229 -22.64 17.21 41.69
N PHE F 230 -21.70 16.98 40.77
CA PHE F 230 -21.95 16.34 39.44
C PHE F 230 -22.48 14.92 39.60
N LYS F 231 -22.19 14.27 40.74
CA LYS F 231 -22.66 12.91 41.10
C LYS F 231 -24.15 12.93 41.43
N ALA F 232 -24.63 14.03 42.04
CA ALA F 232 -26.02 14.20 42.53
C ALA F 232 -26.82 15.09 41.58
N ILE F 233 -26.54 15.04 40.28
CA ILE F 233 -27.22 15.85 39.22
C ILE F 233 -27.30 15.05 37.91
N GLY F 234 -28.23 15.41 37.04
CA GLY F 234 -28.40 14.84 35.69
C GLY F 234 -27.46 15.47 34.67
N VAL F 235 -26.91 16.65 34.99
CA VAL F 235 -25.95 17.42 34.13
C VAL F 235 -24.66 16.62 33.98
N LYS F 236 -24.21 16.41 32.74
CA LYS F 236 -22.92 15.75 32.42
C LYS F 236 -21.86 16.83 32.24
N PRO F 237 -20.70 16.72 32.93
CA PRO F 237 -19.61 17.68 32.74
C PRO F 237 -18.87 17.42 31.43
N PRO F 238 -18.12 18.41 30.89
CA PRO F 238 -17.28 18.18 29.72
C PRO F 238 -16.17 17.17 30.02
N ARG F 239 -16.17 16.03 29.31
CA ARG F 239 -15.23 14.90 29.52
C ARG F 239 -13.95 15.19 28.73
N GLY F 240 -14.09 15.52 27.45
CA GLY F 240 -12.99 15.67 26.48
C GLY F 240 -12.80 17.11 26.03
N ILE F 241 -11.59 17.66 26.23
CA ILE F 241 -11.21 19.04 25.84
C ILE F 241 -10.06 18.96 24.82
N LEU F 242 -10.13 19.78 23.77
CA LEU F 242 -9.13 19.83 22.69
C LEU F 242 -8.55 21.24 22.59
N LEU F 243 -7.22 21.37 22.55
CA LEU F 243 -6.50 22.67 22.48
C LEU F 243 -5.82 22.84 21.11
N TYR F 244 -6.42 23.68 20.25
CA TYR F 244 -5.85 24.11 18.95
C TYR F 244 -4.76 25.16 19.21
N GLY F 245 -3.67 25.10 18.44
CA GLY F 245 -2.58 26.09 18.51
C GLY F 245 -1.28 25.56 17.86
N PRO F 246 -0.38 26.46 17.41
CA PRO F 246 0.91 26.04 16.86
C PRO F 246 1.86 25.48 17.92
N PRO F 247 2.74 24.53 17.57
CA PRO F 247 3.68 23.98 18.55
C PRO F 247 4.50 25.11 19.20
N GLY F 248 4.76 25.00 20.50
CA GLY F 248 5.59 25.94 21.28
C GLY F 248 4.75 26.87 22.13
N THR F 249 3.51 27.14 21.70
CA THR F 249 2.52 28.01 22.40
C THR F 249 2.44 27.64 23.88
N GLY F 250 2.62 26.35 24.19
CA GLY F 250 2.62 25.82 25.55
C GLY F 250 1.22 25.46 26.01
N LYS F 251 0.78 24.24 25.69
CA LYS F 251 -0.55 23.68 26.06
C LYS F 251 -0.36 22.62 27.15
N THR F 252 0.66 21.78 27.01
CA THR F 252 1.15 20.83 28.04
C THR F 252 1.35 21.56 29.37
N LEU F 253 2.15 22.64 29.36
CA LEU F 253 2.50 23.43 30.56
C LEU F 253 1.21 23.94 31.22
N ILE F 254 0.24 24.38 30.42
CA ILE F 254 -1.07 24.94 30.90
C ILE F 254 -1.82 23.84 31.65
N ALA F 255 -2.14 22.75 30.95
CA ALA F 255 -2.76 21.54 31.51
C ALA F 255 -2.02 21.16 32.79
N ARG F 256 -0.74 20.78 32.66
CA ARG F 256 0.08 20.28 33.80
C ARG F 256 -0.15 21.20 35.02
N ALA F 257 0.03 22.51 34.84
CA ALA F 257 -0.17 23.55 35.87
C ALA F 257 -1.56 23.39 36.50
N VAL F 258 -2.60 23.29 35.66
CA VAL F 258 -4.03 23.18 36.11
C VAL F 258 -4.16 22.02 37.08
N ALA F 259 -3.60 20.86 36.74
CA ALA F 259 -3.62 19.63 37.57
C ALA F 259 -2.87 19.87 38.89
N ASN F 260 -1.76 20.60 38.85
CA ASN F 260 -0.95 20.94 40.06
C ASN F 260 -1.81 21.79 41.01
N GLU F 261 -2.36 22.90 40.50
CA GLU F 261 -3.04 23.97 41.31
C GLU F 261 -4.40 23.48 41.81
N THR F 262 -5.06 22.57 41.08
CA THR F 262 -6.41 22.01 41.43
C THR F 262 -6.26 20.72 42.26
N GLY F 263 -5.03 20.40 42.70
CA GLY F 263 -4.74 19.24 43.57
C GLY F 263 -5.41 17.96 43.08
N ALA F 264 -5.31 17.67 41.78
CA ALA F 264 -5.89 16.49 41.12
C ALA F 264 -4.78 15.70 40.42
N PHE F 265 -4.80 14.38 40.57
CA PHE F 265 -3.83 13.44 39.94
C PHE F 265 -3.67 13.83 38.46
N PHE F 266 -2.42 13.90 37.97
CA PHE F 266 -2.07 14.27 36.58
C PHE F 266 -1.41 13.08 35.87
N PHE F 267 -1.97 12.66 34.73
CA PHE F 267 -1.41 11.58 33.87
C PHE F 267 -1.20 12.10 32.45
N LEU F 268 0.07 12.15 32.02
CA LEU F 268 0.52 12.61 30.68
C LEU F 268 0.68 11.40 29.77
N ILE F 269 0.08 11.46 28.57
CA ILE F 269 0.26 10.48 27.47
C ILE F 269 1.01 11.16 26.33
N ASN F 270 2.13 10.57 25.88
CA ASN F 270 2.95 11.13 24.78
C ASN F 270 2.80 10.21 23.55
N GLY F 271 2.26 10.75 22.46
CA GLY F 271 1.92 9.99 21.23
C GLY F 271 3.02 9.00 20.85
N PRO F 272 4.27 9.49 20.64
CA PRO F 272 5.38 8.61 20.27
C PRO F 272 5.52 7.46 21.28
N GLU F 273 5.56 7.76 22.59
CA GLU F 273 5.76 6.79 23.69
C GLU F 273 4.78 5.63 23.53
N ILE F 274 3.55 5.92 23.11
CA ILE F 274 2.47 4.92 22.89
C ILE F 274 2.71 4.20 21.55
N MET F 275 3.21 4.93 20.54
CA MET F 275 3.47 4.39 19.18
C MET F 275 4.72 3.50 19.19
N SER F 276 5.72 3.84 19.99
CA SER F 276 6.98 3.08 20.19
C SER F 276 6.65 1.62 20.54
N LYS F 277 5.77 1.44 21.53
CA LYS F 277 5.31 0.11 22.00
C LYS F 277 4.79 -0.68 20.80
N LEU F 278 4.90 -2.00 20.86
CA LEU F 278 4.51 -2.92 19.77
C LEU F 278 2.99 -3.12 19.80
N ALA F 279 2.40 -3.50 18.66
CA ALA F 279 0.95 -3.78 18.51
C ALA F 279 0.51 -4.73 19.62
N GLY F 280 -0.62 -4.42 20.29
CA GLY F 280 -1.18 -5.22 21.39
C GLY F 280 -0.70 -4.72 22.74
N GLU F 281 0.63 -4.58 22.89
CA GLU F 281 1.28 -3.98 24.09
C GLU F 281 0.80 -2.53 24.24
N SER F 282 0.78 -1.78 23.14
CA SER F 282 0.26 -0.40 23.04
C SER F 282 -1.14 -0.32 23.65
N GLU F 283 -2.10 -1.06 23.06
CA GLU F 283 -3.51 -1.12 23.51
C GLU F 283 -3.55 -1.34 25.03
N SER F 284 -2.73 -2.27 25.53
CA SER F 284 -2.63 -2.62 26.98
C SER F 284 -2.33 -1.35 27.79
N ASN F 285 -1.28 -0.61 27.41
CA ASN F 285 -0.76 0.57 28.15
C ASN F 285 -1.85 1.64 28.22
N LEU F 286 -2.52 1.92 27.11
CA LEU F 286 -3.69 2.84 27.04
C LEU F 286 -4.73 2.37 28.05
N ARG F 287 -5.18 1.12 27.91
CA ARG F 287 -6.16 0.47 28.82
C ARG F 287 -5.65 0.58 30.26
N LYS F 288 -4.34 0.39 30.47
CA LYS F 288 -3.70 0.42 31.82
C LYS F 288 -3.71 1.84 32.38
N ALA F 289 -3.63 2.85 31.50
CA ALA F 289 -3.56 4.29 31.88
C ALA F 289 -4.92 4.77 32.40
N PHE F 290 -6.01 4.42 31.71
CA PHE F 290 -7.40 4.85 32.01
C PHE F 290 -7.87 4.22 33.33
N GLU F 291 -7.68 2.91 33.48
CA GLU F 291 -8.04 2.13 34.70
C GLU F 291 -7.34 2.76 35.91
N GLU F 292 -6.06 3.12 35.76
CA GLU F 292 -5.21 3.75 36.83
C GLU F 292 -5.72 5.15 37.15
N ALA F 293 -6.19 5.88 36.14
CA ALA F 293 -6.83 7.21 36.28
C ALA F 293 -8.15 7.06 37.04
N GLU F 294 -8.98 6.08 36.64
CA GLU F 294 -10.25 5.72 37.32
C GLU F 294 -9.95 5.35 38.78
N LYS F 295 -8.89 4.56 39.02
CA LYS F 295 -8.47 4.12 40.37
C LYS F 295 -8.12 5.35 41.23
N ASN F 296 -7.42 6.33 40.65
CA ASN F 296 -6.93 7.54 41.35
C ASN F 296 -7.80 8.75 40.98
N ALA F 297 -9.09 8.52 40.72
CA ALA F 297 -10.10 9.57 40.43
C ALA F 297 -10.27 10.45 41.67
N PRO F 298 -10.36 11.79 41.55
CA PRO F 298 -10.34 12.48 40.27
C PRO F 298 -8.92 12.57 39.68
N ALA F 299 -8.81 12.37 38.36
CA ALA F 299 -7.56 12.37 37.57
C ALA F 299 -7.71 13.26 36.34
N ILE F 300 -6.58 13.58 35.69
CA ILE F 300 -6.53 14.30 34.38
C ILE F 300 -5.62 13.49 33.43
N ILE F 301 -6.12 13.25 32.21
CA ILE F 301 -5.39 12.56 31.12
C ILE F 301 -5.15 13.56 29.99
N PHE F 302 -3.87 13.87 29.71
CA PHE F 302 -3.46 14.85 28.67
C PHE F 302 -2.62 14.15 27.60
N ILE F 303 -2.95 14.40 26.33
CA ILE F 303 -2.24 13.86 25.14
C ILE F 303 -1.41 14.99 24.54
N ASP F 304 -0.07 14.89 24.64
CA ASP F 304 0.88 15.90 24.12
C ASP F 304 0.69 16.02 22.61
N GLU F 305 0.81 14.90 21.90
CA GLU F 305 0.82 14.85 20.41
C GLU F 305 -0.29 13.93 19.93
N LEU F 306 -1.53 14.43 19.97
CA LEU F 306 -2.75 13.71 19.52
C LEU F 306 -2.65 13.41 18.02
N ASP F 307 -2.35 14.42 17.21
CA ASP F 307 -2.25 14.31 15.72
C ASP F 307 -1.46 13.05 15.33
N ALA F 308 -0.38 12.75 16.06
CA ALA F 308 0.48 11.57 15.86
C ALA F 308 -0.31 10.29 16.15
N ILE F 309 -0.94 10.20 17.32
CA ILE F 309 -1.81 9.03 17.72
C ILE F 309 -3.00 8.94 16.76
N ALA F 310 -3.66 10.07 16.50
CA ALA F 310 -4.90 10.16 15.72
C ALA F 310 -4.72 11.20 14.61
N PRO F 311 -4.02 10.84 13.51
CA PRO F 311 -4.00 11.67 12.31
C PRO F 311 -5.33 11.47 11.56
N LYS F 312 -5.49 12.12 10.41
CA LYS F 312 -6.72 11.97 9.58
C LYS F 312 -6.70 10.59 8.90
N ARG F 313 -7.88 10.10 8.51
CA ARG F 313 -8.12 8.74 7.96
C ARG F 313 -7.46 8.59 6.58
N GLU F 314 -7.42 9.67 5.80
CA GLU F 314 -6.78 9.70 4.45
C GLU F 314 -5.27 9.52 4.60
N LYS F 315 -4.70 10.03 5.70
CA LYS F 315 -3.23 10.11 5.96
C LYS F 315 -2.73 8.82 6.61
N THR F 316 -3.59 8.09 7.33
CA THR F 316 -3.25 6.77 7.95
C THR F 316 -3.25 5.72 6.83
N HIS F 317 -2.22 4.86 6.81
CA HIS F 317 -2.00 3.81 5.78
C HIS F 317 -1.61 2.48 6.44
N GLY F 318 -1.90 2.31 7.73
CA GLY F 318 -1.57 1.11 8.53
C GLY F 318 -2.81 0.54 9.20
N GLU F 319 -3.01 -0.78 9.10
CA GLU F 319 -4.12 -1.50 9.76
C GLU F 319 -3.95 -1.38 11.28
N VAL F 320 -2.74 -1.65 11.79
CA VAL F 320 -2.39 -1.54 13.24
C VAL F 320 -2.67 -0.11 13.69
N GLU F 321 -2.26 0.87 12.89
CA GLU F 321 -2.46 2.32 13.17
C GLU F 321 -3.94 2.59 13.41
N ARG F 322 -4.80 1.98 12.60
CA ARG F 322 -6.29 2.12 12.68
C ARG F 322 -6.80 1.45 13.97
N ARG F 323 -6.13 0.39 14.43
CA ARG F 323 -6.53 -0.34 15.68
C ARG F 323 -6.24 0.54 16.90
N ILE F 324 -5.19 1.35 16.87
CA ILE F 324 -4.76 2.21 18.01
C ILE F 324 -5.76 3.37 18.16
N VAL F 325 -6.12 4.03 17.06
CA VAL F 325 -7.16 5.12 17.04
C VAL F 325 -8.46 4.52 17.58
N SER F 326 -8.90 3.42 16.99
CA SER F 326 -10.08 2.62 17.40
C SER F 326 -10.06 2.39 18.92
N GLN F 327 -8.92 1.94 19.45
CA GLN F 327 -8.73 1.68 20.90
C GLN F 327 -8.95 2.98 21.69
N LEU F 328 -8.40 4.10 21.21
CA LEU F 328 -8.55 5.43 21.87
C LEU F 328 -10.04 5.83 21.87
N LEU F 329 -10.67 5.81 20.70
CA LEU F 329 -12.12 6.10 20.56
C LEU F 329 -12.90 5.23 21.54
N THR F 330 -12.60 3.92 21.60
CA THR F 330 -13.23 2.94 22.52
C THR F 330 -13.03 3.41 23.97
N LEU F 331 -11.83 3.88 24.31
CA LEU F 331 -11.50 4.38 25.67
C LEU F 331 -12.28 5.69 25.95
N MET F 332 -12.47 6.53 24.93
CA MET F 332 -13.19 7.84 25.05
C MET F 332 -14.70 7.60 25.23
N ASP F 333 -15.29 6.71 24.44
CA ASP F 333 -16.74 6.35 24.50
C ASP F 333 -17.00 5.52 25.76
N GLY F 334 -15.99 4.77 26.21
CA GLY F 334 -16.06 3.91 27.42
C GLY F 334 -16.11 4.72 28.70
N LEU F 335 -15.74 6.00 28.64
CA LEU F 335 -15.64 6.91 29.82
C LEU F 335 -17.05 7.24 30.32
N LYS F 336 -17.28 7.13 31.63
CA LYS F 336 -18.57 7.41 32.29
C LYS F 336 -18.43 8.68 33.15
N GLN F 337 -19.52 9.06 33.81
CA GLN F 337 -19.63 10.27 34.68
C GLN F 337 -19.23 9.88 36.11
N ARG F 338 -19.20 8.58 36.39
CA ARG F 338 -18.75 7.98 37.68
C ARG F 338 -17.21 7.87 37.67
N ALA F 339 -16.57 8.16 36.54
CA ALA F 339 -15.10 8.19 36.38
C ALA F 339 -14.55 9.51 36.94
N HIS F 340 -15.22 10.63 36.67
CA HIS F 340 -14.79 12.00 37.07
C HIS F 340 -13.37 12.25 36.54
N VAL F 341 -13.07 11.76 35.33
CA VAL F 341 -11.74 11.90 34.67
C VAL F 341 -11.89 12.90 33.52
N ILE F 342 -11.09 13.98 33.54
CA ILE F 342 -11.06 15.01 32.47
C ILE F 342 -9.99 14.61 31.45
N VAL F 343 -10.36 14.54 30.16
CA VAL F 343 -9.41 14.24 29.04
C VAL F 343 -9.11 15.55 28.30
N MET F 344 -7.84 15.98 28.33
CA MET F 344 -7.36 17.16 27.56
C MET F 344 -6.40 16.68 26.46
N ALA F 345 -6.49 17.28 25.28
CA ALA F 345 -5.63 16.96 24.12
C ALA F 345 -5.02 18.27 23.58
N ALA F 346 -3.81 18.15 23.03
CA ALA F 346 -3.04 19.24 22.38
C ALA F 346 -2.77 18.86 20.92
N THR F 347 -3.24 19.69 19.98
CA THR F 347 -2.98 19.55 18.52
C THR F 347 -2.55 20.89 17.94
N ASN F 348 -2.19 20.86 16.65
CA ASN F 348 -1.77 22.05 15.87
C ASN F 348 -2.91 22.42 14.92
N ARG F 349 -2.71 22.19 13.62
CA ARG F 349 -3.61 22.63 12.52
C ARG F 349 -4.95 21.87 12.61
N PRO F 350 -6.10 22.56 12.44
CA PRO F 350 -7.40 21.90 12.38
C PRO F 350 -7.61 20.87 11.25
N ASN F 351 -6.82 20.95 10.17
CA ASN F 351 -6.99 20.11 8.95
C ASN F 351 -6.26 18.77 9.10
N SER F 352 -5.39 18.63 10.11
CA SER F 352 -4.70 17.36 10.47
C SER F 352 -5.43 16.70 11.64
N ILE F 353 -6.74 16.53 11.50
CA ILE F 353 -7.65 16.05 12.58
C ILE F 353 -8.58 14.98 11.97
N ASP F 354 -8.63 13.80 12.60
CA ASP F 354 -9.64 12.75 12.31
C ASP F 354 -11.00 13.28 12.72
N PRO F 355 -11.95 13.46 11.77
CA PRO F 355 -13.28 13.97 12.12
C PRO F 355 -13.87 13.29 13.36
N ALA F 356 -13.52 12.00 13.56
CA ALA F 356 -14.00 11.13 14.65
C ALA F 356 -13.84 11.79 16.02
N LEU F 357 -12.86 12.68 16.18
CA LEU F 357 -12.55 13.37 17.46
C LEU F 357 -13.46 14.60 17.68
N ARG F 358 -14.27 14.98 16.69
CA ARG F 358 -15.16 16.17 16.74
C ARG F 358 -16.57 15.77 17.20
N ARG F 359 -16.77 14.52 17.61
CA ARG F 359 -18.09 13.99 18.06
C ARG F 359 -18.52 14.73 19.33
N PHE F 360 -19.82 14.88 19.52
CA PHE F 360 -20.45 15.61 20.64
C PHE F 360 -20.17 14.82 21.93
N GLY F 361 -20.35 13.50 21.88
CA GLY F 361 -19.98 12.57 22.97
C GLY F 361 -18.50 12.64 23.32
N ARG F 362 -17.64 12.97 22.34
CA ARG F 362 -16.16 13.02 22.46
C ARG F 362 -15.71 14.48 22.67
N PHE F 363 -14.59 14.89 22.07
CA PHE F 363 -14.00 16.25 22.20
C PHE F 363 -14.94 17.29 21.59
N ASP F 364 -15.97 17.68 22.35
CA ASP F 364 -16.97 18.71 21.96
C ASP F 364 -16.35 20.10 22.14
N ARG F 365 -15.58 20.29 23.22
CA ARG F 365 -14.99 21.61 23.60
C ARG F 365 -13.67 21.81 22.85
N GLU F 366 -13.55 22.95 22.15
CA GLU F 366 -12.44 23.29 21.20
C GLU F 366 -11.97 24.73 21.47
N VAL F 367 -10.69 24.91 21.84
CA VAL F 367 -10.12 26.18 22.39
C VAL F 367 -8.96 26.66 21.51
N ASP F 368 -9.22 27.65 20.66
CA ASP F 368 -8.29 28.13 19.60
C ASP F 368 -7.27 29.09 20.23
N ILE F 369 -6.19 28.56 20.81
CA ILE F 369 -5.11 29.37 21.42
C ILE F 369 -4.30 30.02 20.29
N GLY F 370 -4.49 31.34 20.10
CA GLY F 370 -3.73 32.15 19.13
C GLY F 370 -2.43 32.67 19.72
N ILE F 371 -1.52 33.16 18.88
CA ILE F 371 -0.21 33.76 19.29
C ILE F 371 -0.50 34.96 20.18
N PRO F 372 0.12 35.06 21.37
CA PRO F 372 0.00 36.25 22.22
C PRO F 372 0.43 37.56 21.54
N ASP F 373 -0.17 38.67 21.95
CA ASP F 373 0.19 40.05 21.52
C ASP F 373 1.46 40.48 22.27
N ALA F 374 1.96 41.68 21.97
CA ALA F 374 3.14 42.30 22.62
C ALA F 374 3.06 42.10 24.14
N THR F 375 2.00 42.65 24.77
CA THR F 375 1.75 42.57 26.24
C THR F 375 1.98 41.14 26.73
N GLY F 376 1.30 40.17 26.12
CA GLY F 376 1.41 38.74 26.45
C GLY F 376 2.85 38.28 26.49
N ARG F 377 3.66 38.73 25.52
CA ARG F 377 5.09 38.32 25.38
C ARG F 377 5.94 39.11 26.36
N LEU F 378 5.60 40.37 26.62
CA LEU F 378 6.16 41.18 27.74
C LEU F 378 5.89 40.42 29.05
N GLU F 379 4.67 39.88 29.18
CA GLU F 379 4.19 39.09 30.35
C GLU F 379 5.06 37.83 30.52
N ILE F 380 5.55 37.26 29.41
CA ILE F 380 6.39 36.02 29.41
C ILE F 380 7.82 36.39 29.81
N LEU F 381 8.39 37.42 29.20
CA LEU F 381 9.78 37.88 29.49
C LEU F 381 9.93 38.09 31.00
N GLN F 382 9.00 38.85 31.60
CA GLN F 382 8.91 39.08 33.07
C GLN F 382 9.02 37.74 33.80
N ILE F 383 8.23 36.75 33.38
CA ILE F 383 8.18 35.38 33.97
C ILE F 383 9.59 34.78 33.97
N HIS F 384 10.30 34.84 32.83
CA HIS F 384 11.58 34.13 32.59
C HIS F 384 12.79 34.95 33.05
N THR F 385 12.58 36.03 33.80
CA THR F 385 13.66 36.92 34.30
C THR F 385 13.49 37.15 35.80
N LYS F 386 12.73 36.27 36.47
CA LYS F 386 12.20 36.52 37.83
C LYS F 386 13.17 35.95 38.88
N ASN F 387 14.01 34.97 38.52
CA ASN F 387 15.03 34.37 39.42
C ASN F 387 16.37 35.07 39.21
N MET F 388 16.76 35.24 37.94
CA MET F 388 18.04 35.85 37.49
C MET F 388 18.08 37.34 37.87
N LYS F 389 19.30 37.91 37.94
CA LYS F 389 19.58 39.33 38.25
C LYS F 389 19.84 40.08 36.93
N LEU F 390 19.01 41.07 36.60
CA LEU F 390 19.15 41.94 35.40
C LEU F 390 19.94 43.19 35.76
N ALA F 391 20.21 44.03 34.77
CA ALA F 391 20.85 45.36 34.91
C ALA F 391 19.82 46.46 34.67
N ASP F 392 20.04 47.64 35.24
CA ASP F 392 19.16 48.83 35.07
C ASP F 392 19.04 49.17 33.58
N ASP F 393 20.13 48.94 32.83
CA ASP F 393 20.26 49.27 31.38
C ASP F 393 19.37 48.35 30.53
N VAL F 394 18.83 47.27 31.11
CA VAL F 394 18.02 46.24 30.39
C VAL F 394 16.54 46.67 30.37
N ASP F 395 15.94 46.66 29.18
CA ASP F 395 14.53 47.07 28.93
C ASP F 395 13.81 45.95 28.17
N LEU F 396 12.99 45.16 28.87
CA LEU F 396 12.19 44.07 28.28
C LEU F 396 11.21 44.65 27.26
N GLU F 397 10.59 45.79 27.58
CA GLU F 397 9.68 46.52 26.67
C GLU F 397 10.30 46.54 25.27
N GLN F 398 11.56 46.98 25.15
CA GLN F 398 12.27 47.10 23.85
C GLN F 398 12.49 45.70 23.27
N VAL F 399 12.71 44.69 24.13
CA VAL F 399 12.87 43.25 23.72
C VAL F 399 11.49 42.69 23.40
N ALA F 400 10.51 42.99 24.24
CA ALA F 400 9.07 42.84 23.96
C ALA F 400 8.69 43.75 22.78
N ASN F 401 9.67 44.39 22.13
CA ASN F 401 9.46 45.26 20.94
C ASN F 401 10.41 44.88 19.78
N GLU F 402 10.96 43.65 19.75
CA GLU F 402 11.81 43.20 18.60
C GLU F 402 11.51 41.78 18.10
N THR F 403 10.72 40.96 18.81
CA THR F 403 10.18 39.66 18.30
C THR F 403 8.73 39.87 17.82
N HIS F 404 8.31 39.30 16.68
CA HIS F 404 6.93 39.50 16.15
C HIS F 404 6.18 38.17 16.11
N GLY F 405 6.75 37.18 15.44
CA GLY F 405 6.21 35.80 15.36
C GLY F 405 7.00 34.85 16.23
N HIS F 406 7.36 35.28 17.44
CA HIS F 406 8.08 34.45 18.46
C HIS F 406 7.07 33.94 19.49
N VAL F 407 7.19 32.65 19.85
CA VAL F 407 6.29 31.95 20.82
C VAL F 407 7.05 31.79 22.14
N GLY F 408 6.36 31.29 23.18
CA GLY F 408 6.89 31.13 24.55
C GLY F 408 8.26 30.48 24.54
N ALA F 409 8.41 29.37 23.81
CA ALA F 409 9.68 28.62 23.68
C ALA F 409 10.79 29.56 23.22
N ASP F 410 10.58 30.26 22.09
CA ASP F 410 11.58 31.17 21.46
C ASP F 410 12.10 32.16 22.50
N LEU F 411 11.19 32.78 23.27
CA LEU F 411 11.53 33.75 24.34
C LEU F 411 12.32 33.02 25.44
N ALA F 412 11.86 31.83 25.84
CA ALA F 412 12.52 30.96 26.84
C ALA F 412 13.94 30.62 26.35
N ALA F 413 14.06 30.25 25.08
CA ALA F 413 15.34 30.02 24.38
C ALA F 413 16.17 31.31 24.43
N LEU F 414 15.56 32.44 24.04
CA LEU F 414 16.23 33.77 24.00
C LEU F 414 16.71 34.14 25.40
N CYS F 415 15.97 33.77 26.45
CA CYS F 415 16.37 33.95 27.86
C CYS F 415 17.58 33.06 28.17
N SER F 416 17.43 31.75 27.96
CA SER F 416 18.50 30.73 28.14
C SER F 416 19.81 31.26 27.55
N GLU F 417 19.83 31.47 26.23
CA GLU F 417 21.04 31.82 25.43
C GLU F 417 21.70 33.08 26.02
N ALA F 418 20.93 34.17 26.13
CA ALA F 418 21.39 35.47 26.69
C ALA F 418 22.12 35.23 28.02
N ALA F 419 21.56 34.37 28.87
CA ALA F 419 22.10 34.03 30.21
C ALA F 419 23.41 33.24 30.04
N LEU F 420 23.39 32.19 29.20
CA LEU F 420 24.59 31.36 28.91
C LEU F 420 25.67 32.27 28.32
N GLN F 421 25.28 33.11 27.35
CA GLN F 421 26.20 34.06 26.66
C GLN F 421 26.88 34.94 27.72
N ALA F 422 26.10 35.54 28.62
CA ALA F 422 26.60 36.44 29.69
C ALA F 422 27.68 35.73 30.50
N ILE F 423 27.47 34.45 30.83
CA ILE F 423 28.41 33.65 31.67
C ILE F 423 29.74 33.51 30.94
N ARG F 424 29.70 33.21 29.64
CA ARG F 424 30.91 33.10 28.80
C ARG F 424 31.68 34.42 28.88
N LYS F 425 30.96 35.53 28.70
CA LYS F 425 31.54 36.89 28.56
C LYS F 425 32.25 37.31 29.85
N LYS F 426 31.81 36.85 31.02
CA LYS F 426 32.36 37.31 32.33
C LYS F 426 33.08 36.17 33.06
N MET F 427 32.57 34.94 33.05
CA MET F 427 33.11 33.87 33.92
C MET F 427 34.14 33.01 33.19
N ASP F 428 34.01 32.81 31.87
CA ASP F 428 34.95 31.97 31.08
C ASP F 428 36.34 32.63 31.07
N LEU F 429 36.42 33.95 31.28
CA LEU F 429 37.69 34.72 31.27
C LEU F 429 38.42 34.51 32.60
N ILE F 430 37.72 34.66 33.74
CA ILE F 430 38.26 34.35 35.09
C ILE F 430 38.38 32.82 35.20
N ASP F 431 37.26 32.13 35.03
CA ASP F 431 37.16 30.64 34.94
C ASP F 431 37.65 30.00 36.24
N LEU F 432 36.84 30.10 37.30
CA LEU F 432 37.11 29.46 38.63
C LEU F 432 36.03 28.40 38.88
N GLU F 433 35.86 27.48 37.93
CA GLU F 433 34.89 26.35 38.03
C GLU F 433 35.64 25.10 38.48
N ASP F 434 36.21 25.16 39.70
CA ASP F 434 36.92 24.03 40.34
C ASP F 434 36.00 23.49 41.45
N GLU F 435 35.81 22.16 41.47
CA GLU F 435 34.99 21.41 42.46
C GLU F 435 33.58 22.01 42.50
N THR F 436 33.03 22.20 43.71
CA THR F 436 31.70 22.80 43.96
C THR F 436 31.71 24.29 43.62
N ILE F 437 30.58 24.80 43.13
CA ILE F 437 30.38 26.23 42.75
C ILE F 437 29.38 26.84 43.73
N ASP F 438 29.77 27.92 44.41
CA ASP F 438 28.96 28.58 45.46
C ASP F 438 27.96 29.54 44.80
N ALA F 439 27.13 30.17 45.63
CA ALA F 439 26.09 31.15 45.22
C ALA F 439 26.67 32.56 45.14
N GLU F 440 27.60 32.91 46.04
CA GLU F 440 28.17 34.28 46.21
C GLU F 440 28.81 34.75 44.90
N VAL F 441 29.51 33.85 44.20
CA VAL F 441 30.19 34.13 42.90
C VAL F 441 29.14 34.35 41.80
N MET F 442 28.00 33.68 41.92
CA MET F 442 26.93 33.66 40.89
C MET F 442 25.90 34.78 41.15
N ASN F 443 25.82 35.28 42.39
CA ASN F 443 24.92 36.41 42.75
C ASN F 443 25.41 37.68 42.05
N SER F 444 26.72 37.92 42.07
CA SER F 444 27.40 39.06 41.41
C SER F 444 27.06 39.10 39.91
N LEU F 445 26.81 37.94 39.29
CA LEU F 445 26.56 37.81 37.82
C LEU F 445 25.30 38.60 37.43
N ALA F 446 25.48 39.57 36.51
CA ALA F 446 24.43 40.47 35.99
C ALA F 446 24.42 40.39 34.47
N VAL F 447 23.23 40.35 33.86
CA VAL F 447 23.04 40.31 32.38
C VAL F 447 22.85 41.73 31.86
N THR F 448 23.67 42.13 30.88
CA THR F 448 23.58 43.44 30.18
C THR F 448 22.56 43.30 29.04
N MET F 449 22.12 44.43 28.50
CA MET F 449 21.28 44.48 27.27
C MET F 449 22.07 43.88 26.11
N ASP F 450 23.36 44.21 26.03
CA ASP F 450 24.31 43.73 24.99
C ASP F 450 24.11 42.22 24.79
N ASP F 451 23.99 41.46 25.88
CA ASP F 451 23.73 39.99 25.86
C ASP F 451 22.50 39.72 24.98
N PHE F 452 21.38 40.40 25.28
CA PHE F 452 20.09 40.23 24.58
C PHE F 452 20.25 40.56 23.09
N ARG F 453 20.84 41.72 22.79
CA ARG F 453 21.08 42.21 21.40
C ARG F 453 21.70 41.07 20.57
N TRP F 454 22.66 40.34 21.17
CA TRP F 454 23.43 39.25 20.53
C TRP F 454 22.52 38.06 20.18
N ALA F 455 21.72 37.61 21.14
CA ALA F 455 20.90 36.37 21.05
C ALA F 455 19.75 36.55 20.07
N LEU F 456 19.21 37.78 19.95
CA LEU F 456 18.00 38.08 19.14
C LEU F 456 18.25 37.75 17.67
N SER F 457 19.36 38.26 17.11
CA SER F 457 19.75 38.15 15.68
C SER F 457 19.56 36.72 15.16
N GLN F 458 19.93 35.72 15.97
CA GLN F 458 20.05 34.29 15.56
C GLN F 458 18.73 33.80 14.97
N SER F 459 18.79 33.23 13.76
CA SER F 459 17.63 32.81 12.94
C SER F 459 17.10 31.44 13.40
N ASN F 460 15.89 31.44 13.96
CA ASN F 460 15.18 30.23 14.43
C ASN F 460 13.76 30.24 13.88
N PRO F 461 13.49 29.54 12.75
CA PRO F 461 12.13 29.44 12.21
C PRO F 461 11.31 28.32 12.87
N SER F 462 11.95 27.56 13.77
CA SER F 462 11.32 26.51 14.62
C SER F 462 10.74 27.15 15.87
N PRO G 23 67.80 -1.43 -22.34
CA PRO G 23 67.92 -2.70 -21.57
C PRO G 23 67.24 -3.87 -22.29
N ASN G 24 67.16 -5.03 -21.63
CA ASN G 24 66.41 -6.22 -22.11
C ASN G 24 65.06 -6.30 -21.36
N ARG G 25 64.78 -5.35 -20.47
CA ARG G 25 63.53 -5.25 -19.64
C ARG G 25 62.52 -4.34 -20.36
N LEU G 26 61.27 -4.81 -20.52
CA LEU G 26 60.15 -4.06 -21.17
C LEU G 26 58.82 -4.40 -20.48
N ILE G 27 57.83 -3.52 -20.64
CA ILE G 27 56.47 -3.66 -20.04
C ILE G 27 55.50 -4.14 -21.12
N VAL G 28 54.87 -5.31 -20.89
CA VAL G 28 53.76 -5.88 -21.71
C VAL G 28 52.71 -4.79 -22.00
N ASP G 29 52.35 -4.61 -23.28
CA ASP G 29 51.28 -3.69 -23.73
C ASP G 29 50.38 -4.41 -24.74
N GLU G 30 49.15 -3.90 -24.92
CA GLU G 30 48.17 -4.38 -25.93
C GLU G 30 48.84 -4.37 -27.30
N ALA G 31 48.49 -5.34 -28.15
CA ALA G 31 48.92 -5.39 -29.57
C ALA G 31 47.77 -4.93 -30.46
N ILE G 32 48.09 -4.16 -31.51
CA ILE G 32 47.12 -3.66 -32.53
C ILE G 32 46.87 -4.78 -33.54
N ASN G 33 47.95 -5.37 -34.06
CA ASN G 33 47.93 -6.57 -34.95
C ASN G 33 47.12 -7.68 -34.26
N GLU G 34 46.41 -8.50 -35.05
CA GLU G 34 45.55 -9.61 -34.57
C GLU G 34 46.26 -10.96 -34.75
N ASP G 35 47.58 -11.00 -34.50
CA ASP G 35 48.42 -12.20 -34.74
C ASP G 35 48.94 -12.72 -33.39
N ASN G 36 48.97 -14.05 -33.24
CA ASN G 36 49.31 -14.78 -31.99
C ASN G 36 50.82 -14.70 -31.73
N SER G 37 51.64 -15.02 -32.74
CA SER G 37 53.13 -15.15 -32.63
C SER G 37 53.83 -13.89 -33.18
N VAL G 38 53.17 -12.73 -33.11
CA VAL G 38 53.73 -11.42 -33.52
C VAL G 38 53.84 -10.52 -32.30
N VAL G 39 54.93 -9.76 -32.20
CA VAL G 39 55.12 -8.67 -31.21
C VAL G 39 55.67 -7.45 -31.95
N SER G 40 55.65 -6.29 -31.30
CA SER G 40 56.11 -4.98 -31.88
C SER G 40 56.91 -4.21 -30.83
N LEU G 41 57.90 -3.43 -31.29
CA LEU G 41 58.70 -2.49 -30.46
C LEU G 41 58.84 -1.16 -31.21
N SER G 42 59.50 -0.17 -30.60
CA SER G 42 59.76 1.16 -31.21
C SER G 42 60.98 1.06 -32.15
N GLN G 43 61.02 1.90 -33.19
CA GLN G 43 62.13 1.97 -34.17
C GLN G 43 63.44 2.25 -33.44
N PRO G 44 63.51 3.26 -32.55
CA PRO G 44 64.73 3.55 -31.80
C PRO G 44 65.19 2.34 -30.97
N LYS G 45 64.25 1.70 -30.26
CA LYS G 45 64.52 0.53 -29.38
C LYS G 45 65.18 -0.58 -30.20
N MET G 46 64.73 -0.80 -31.44
CA MET G 46 65.30 -1.81 -32.36
C MET G 46 66.74 -1.43 -32.72
N ASP G 47 66.98 -0.13 -32.99
CA ASP G 47 68.30 0.44 -33.37
C ASP G 47 69.30 0.26 -32.22
N GLU G 48 68.85 0.45 -30.98
CA GLU G 48 69.66 0.27 -29.74
C GLU G 48 70.14 -1.18 -29.69
N LEU G 49 69.21 -2.14 -29.74
CA LEU G 49 69.48 -3.60 -29.55
C LEU G 49 69.77 -4.27 -30.90
N GLN G 50 69.98 -3.48 -31.97
CA GLN G 50 70.35 -3.99 -33.32
C GLN G 50 69.43 -5.17 -33.66
N LEU G 51 68.11 -4.96 -33.57
CA LEU G 51 67.08 -5.99 -33.87
C LEU G 51 66.56 -5.74 -35.30
N PHE G 52 66.44 -6.82 -36.08
CA PHE G 52 65.95 -6.79 -37.48
C PHE G 52 64.45 -7.13 -37.45
N ARG G 53 63.67 -6.46 -38.32
CA ARG G 53 62.19 -6.52 -38.35
C ARG G 53 61.70 -7.97 -38.35
N GLY G 54 62.24 -8.81 -39.23
CA GLY G 54 61.85 -10.22 -39.33
C GLY G 54 62.40 -11.04 -38.17
N ASP G 55 63.67 -10.85 -37.83
CA ASP G 55 64.45 -11.65 -36.84
C ASP G 55 63.54 -12.02 -35.67
N THR G 56 63.52 -13.30 -35.30
CA THR G 56 62.74 -13.84 -34.15
C THR G 56 63.34 -13.36 -32.83
N VAL G 57 62.49 -13.09 -31.85
CA VAL G 57 62.90 -12.62 -30.49
C VAL G 57 62.40 -13.65 -29.45
N LEU G 58 63.27 -14.03 -28.51
CA LEU G 58 62.95 -14.91 -27.36
C LEU G 58 62.42 -14.05 -26.21
N LEU G 59 61.33 -14.48 -25.56
CA LEU G 59 60.64 -13.74 -24.46
C LEU G 59 60.59 -14.60 -23.20
N LYS G 60 61.22 -14.12 -22.11
CA LYS G 60 61.21 -14.75 -20.76
C LYS G 60 60.35 -13.90 -19.83
N GLY G 61 59.43 -14.54 -19.11
CA GLY G 61 58.44 -13.87 -18.23
C GLY G 61 58.56 -14.31 -16.79
N LYS G 62 57.67 -15.22 -16.35
CA LYS G 62 57.61 -15.76 -14.96
C LYS G 62 57.28 -17.25 -14.99
N LYS G 63 57.60 -17.94 -13.88
CA LYS G 63 57.39 -19.40 -13.68
C LYS G 63 58.29 -20.18 -14.64
N ARG G 64 59.56 -19.76 -14.76
CA ARG G 64 60.66 -20.41 -15.53
C ARG G 64 60.21 -20.77 -16.96
N ARG G 65 59.35 -19.94 -17.57
CA ARG G 65 58.78 -20.18 -18.93
C ARG G 65 59.42 -19.21 -19.94
N GLU G 66 59.50 -19.63 -21.20
CA GLU G 66 60.10 -18.88 -22.33
C GLU G 66 59.12 -18.91 -23.52
N ALA G 67 59.23 -17.96 -24.46
CA ALA G 67 58.38 -17.85 -25.66
C ALA G 67 59.17 -17.27 -26.84
N VAL G 68 58.78 -17.66 -28.07
CA VAL G 68 59.42 -17.20 -29.35
C VAL G 68 58.34 -16.54 -30.22
N CYS G 69 58.62 -15.33 -30.72
CA CYS G 69 57.69 -14.49 -31.54
C CYS G 69 58.47 -13.80 -32.67
N ILE G 70 57.77 -13.02 -33.49
CA ILE G 70 58.34 -12.24 -34.61
C ILE G 70 58.15 -10.74 -34.34
N VAL G 71 59.27 -10.01 -34.16
CA VAL G 71 59.29 -8.55 -33.84
C VAL G 71 58.74 -7.79 -35.05
N LEU G 72 58.36 -6.52 -34.84
CA LEU G 72 57.85 -5.59 -35.87
C LEU G 72 58.16 -4.15 -35.45
N SER G 73 58.12 -3.20 -36.39
CA SER G 73 58.41 -1.75 -36.17
C SER G 73 57.11 -0.95 -36.18
N ASP G 74 56.81 -0.28 -35.06
CA ASP G 74 55.60 0.57 -34.89
C ASP G 74 56.03 1.92 -34.32
N ASP G 75 55.81 2.99 -35.08
CA ASP G 75 56.14 4.40 -34.72
C ASP G 75 55.38 4.80 -33.45
N THR G 76 54.14 4.32 -33.30
CA THR G 76 53.20 4.70 -32.20
C THR G 76 53.73 4.14 -30.87
N CYS G 77 54.06 2.84 -30.85
CA CYS G 77 54.61 2.10 -29.68
C CYS G 77 55.73 2.91 -29.01
N SER G 78 55.74 2.97 -27.68
CA SER G 78 56.82 3.60 -26.87
C SER G 78 58.02 2.64 -26.77
N ASP G 79 59.22 3.19 -26.59
CA ASP G 79 60.51 2.46 -26.64
C ASP G 79 60.57 1.41 -25.52
N GLU G 80 59.99 1.75 -24.36
CA GLU G 80 60.12 0.96 -23.10
C GLU G 80 58.98 -0.04 -22.98
N LYS G 81 57.96 0.05 -23.85
CA LYS G 81 56.81 -0.88 -23.87
C LYS G 81 56.97 -1.85 -25.05
N ILE G 82 56.28 -2.99 -24.98
CA ILE G 82 56.22 -4.04 -26.03
C ILE G 82 54.74 -4.43 -26.23
N ARG G 83 54.30 -4.50 -27.50
CA ARG G 83 52.92 -4.88 -27.89
C ARG G 83 52.85 -6.41 -28.04
N MET G 84 51.84 -7.04 -27.44
CA MET G 84 51.65 -8.52 -27.52
C MET G 84 50.17 -8.90 -27.30
N ASN G 85 49.81 -10.09 -27.79
CA ASN G 85 48.42 -10.67 -27.77
C ASN G 85 48.25 -11.59 -26.55
N ARG G 86 47.00 -11.92 -26.24
CA ARG G 86 46.62 -12.74 -25.05
C ARG G 86 47.43 -14.04 -25.04
N VAL G 87 47.60 -14.68 -26.19
CA VAL G 87 48.24 -16.03 -26.32
C VAL G 87 49.55 -16.04 -25.53
N VAL G 88 50.49 -15.17 -25.90
CA VAL G 88 51.89 -15.17 -25.35
C VAL G 88 51.82 -14.94 -23.83
N ARG G 89 50.95 -14.04 -23.37
CA ARG G 89 50.77 -13.72 -21.93
C ARG G 89 50.60 -15.03 -21.17
N ASN G 90 49.54 -15.77 -21.51
CA ASN G 90 49.22 -17.11 -20.95
C ASN G 90 50.48 -17.97 -21.00
N ASN G 91 51.08 -18.10 -22.18
CA ASN G 91 52.28 -18.94 -22.43
C ASN G 91 53.40 -18.54 -21.46
N LEU G 92 53.51 -17.24 -21.15
CA LEU G 92 54.56 -16.70 -20.22
C LEU G 92 54.02 -16.63 -18.79
N ARG G 93 52.74 -16.93 -18.59
CA ARG G 93 52.06 -16.80 -17.27
C ARG G 93 52.40 -15.42 -16.70
N VAL G 94 51.97 -14.37 -17.41
CA VAL G 94 52.11 -12.95 -17.01
C VAL G 94 50.83 -12.20 -17.42
N ARG G 95 50.55 -11.06 -16.77
CA ARG G 95 49.39 -10.17 -17.09
C ARG G 95 49.94 -8.79 -17.43
N LEU G 96 49.08 -7.79 -17.61
CA LEU G 96 49.44 -6.42 -18.06
C LEU G 96 50.03 -5.64 -16.88
N GLY G 97 51.11 -4.90 -17.12
CA GLY G 97 51.89 -4.18 -16.08
C GLY G 97 53.13 -4.96 -15.66
N ASP G 98 53.11 -6.29 -15.80
CA ASP G 98 54.24 -7.19 -15.44
C ASP G 98 55.42 -6.88 -16.35
N VAL G 99 56.62 -7.30 -15.93
CA VAL G 99 57.90 -7.09 -16.68
C VAL G 99 58.36 -8.45 -17.24
N ILE G 100 58.80 -8.45 -18.50
CA ILE G 100 59.37 -9.64 -19.21
C ILE G 100 60.77 -9.26 -19.72
N SER G 101 61.63 -10.25 -19.91
CA SER G 101 62.99 -10.11 -20.48
C SER G 101 63.00 -10.61 -21.93
N ILE G 102 63.43 -9.77 -22.89
CA ILE G 102 63.55 -10.12 -24.34
C ILE G 102 65.01 -10.42 -24.65
N GLN G 103 65.27 -11.58 -25.25
CA GLN G 103 66.62 -12.01 -25.70
C GLN G 103 66.59 -12.17 -27.21
N PRO G 104 67.53 -11.54 -27.96
CA PRO G 104 67.68 -11.83 -29.39
C PRO G 104 68.03 -13.32 -29.56
N CYS G 105 67.57 -13.92 -30.64
CA CYS G 105 67.72 -15.37 -30.94
C CYS G 105 68.08 -15.55 -32.42
N PRO G 106 69.26 -15.06 -32.88
CA PRO G 106 69.62 -15.13 -34.30
C PRO G 106 69.75 -16.57 -34.82
N ASP G 107 70.18 -17.50 -33.96
CA ASP G 107 70.43 -18.92 -34.32
C ASP G 107 69.21 -19.75 -33.90
N VAL G 108 68.38 -20.10 -34.89
CA VAL G 108 67.16 -20.95 -34.75
C VAL G 108 67.14 -21.97 -35.89
N LYS G 109 66.77 -23.21 -35.59
CA LYS G 109 66.82 -24.35 -36.54
C LYS G 109 65.39 -24.78 -36.91
N TYR G 110 65.20 -25.18 -38.16
CA TYR G 110 63.88 -25.49 -38.77
C TYR G 110 63.39 -26.84 -38.27
N GLY G 111 62.07 -26.99 -38.13
CA GLY G 111 61.41 -28.21 -37.63
C GLY G 111 61.51 -29.35 -38.63
N LYS G 112 61.74 -30.57 -38.13
CA LYS G 112 61.78 -31.81 -38.95
C LYS G 112 60.51 -32.62 -38.66
N ARG G 113 60.26 -32.93 -37.38
CA ARG G 113 59.07 -33.69 -36.90
C ARG G 113 58.43 -32.93 -35.74
N ILE G 114 57.10 -32.75 -35.81
CA ILE G 114 56.27 -32.08 -34.79
C ILE G 114 55.09 -33.00 -34.44
N HIS G 115 54.77 -33.10 -33.15
CA HIS G 115 53.60 -33.85 -32.61
C HIS G 115 52.74 -32.89 -31.77
N VAL G 116 51.47 -32.72 -32.15
CA VAL G 116 50.51 -31.81 -31.45
C VAL G 116 49.21 -32.59 -31.19
N LEU G 117 48.63 -32.40 -30.01
CA LEU G 117 47.32 -32.99 -29.60
C LEU G 117 46.36 -31.85 -29.27
N PRO G 118 45.10 -31.90 -29.77
CA PRO G 118 44.12 -30.86 -29.47
C PRO G 118 43.64 -30.91 -28.01
N ILE G 119 42.95 -29.85 -27.57
CA ILE G 119 42.38 -29.73 -26.19
C ILE G 119 40.96 -30.28 -26.19
N ASP G 120 40.57 -30.96 -25.11
CA ASP G 120 39.27 -31.67 -24.96
C ASP G 120 38.11 -30.69 -25.18
N ASP G 121 38.17 -29.51 -24.55
CA ASP G 121 37.06 -28.51 -24.54
C ASP G 121 36.96 -27.82 -25.90
N THR G 122 38.08 -27.67 -26.61
CA THR G 122 38.17 -26.95 -27.91
C THR G 122 37.47 -27.76 -29.01
N VAL G 123 37.75 -29.07 -29.07
CA VAL G 123 37.27 -29.98 -30.15
C VAL G 123 35.79 -30.30 -29.93
N GLU G 124 35.28 -30.15 -28.70
CA GLU G 124 33.88 -30.46 -28.33
C GLU G 124 32.96 -30.16 -29.52
N GLY G 125 32.20 -31.17 -29.96
CA GLY G 125 31.18 -31.04 -31.04
C GLY G 125 31.76 -31.21 -32.42
N ILE G 126 33.08 -31.44 -32.53
CA ILE G 126 33.79 -31.62 -33.84
C ILE G 126 34.61 -32.91 -33.80
N THR G 127 34.23 -33.90 -34.61
CA THR G 127 34.93 -35.20 -34.80
C THR G 127 35.34 -35.31 -36.28
N GLY G 128 36.35 -36.15 -36.57
CA GLY G 128 36.89 -36.38 -37.92
C GLY G 128 38.28 -35.81 -38.06
N ASN G 129 38.83 -35.83 -39.28
CA ASN G 129 40.20 -35.34 -39.59
C ASN G 129 40.18 -33.81 -39.65
N LEU G 130 40.79 -33.14 -38.67
CA LEU G 130 40.81 -31.66 -38.53
C LEU G 130 42.15 -31.10 -39.03
N PHE G 131 43.14 -31.96 -39.27
CA PHE G 131 44.50 -31.60 -39.74
C PHE G 131 44.43 -30.79 -41.05
N GLU G 132 43.51 -31.19 -41.95
CA GLU G 132 43.35 -30.60 -43.31
C GLU G 132 42.73 -29.20 -43.23
N VAL G 133 41.96 -28.92 -42.15
CA VAL G 133 41.04 -27.74 -42.08
C VAL G 133 41.46 -26.77 -40.96
N TYR G 134 42.57 -27.05 -40.25
CA TYR G 134 43.06 -26.20 -39.14
C TYR G 134 44.54 -25.87 -39.35
N LEU G 135 45.37 -26.90 -39.45
CA LEU G 135 46.85 -26.77 -39.52
C LEU G 135 47.21 -26.24 -40.91
N LYS G 136 46.85 -26.99 -41.96
CA LYS G 136 47.13 -26.64 -43.38
C LYS G 136 46.79 -25.17 -43.63
N PRO G 137 45.54 -24.71 -43.38
CA PRO G 137 45.19 -23.32 -43.63
C PRO G 137 46.05 -22.34 -42.81
N TYR G 138 46.09 -22.55 -41.50
CA TYR G 138 46.78 -21.64 -40.54
C TYR G 138 48.27 -21.54 -40.89
N PHE G 139 48.91 -22.68 -41.15
CA PHE G 139 50.39 -22.80 -41.32
C PHE G 139 50.78 -22.92 -42.80
N LEU G 140 50.32 -21.98 -43.63
CA LEU G 140 50.59 -21.95 -45.10
C LEU G 140 51.64 -20.89 -45.42
N GLU G 141 52.90 -21.32 -45.60
CA GLU G 141 54.03 -20.48 -46.10
C GLU G 141 54.29 -19.30 -45.15
N ALA G 142 54.02 -19.48 -43.85
CA ALA G 142 54.13 -18.41 -42.81
C ALA G 142 55.45 -18.53 -42.05
N TYR G 143 56.01 -19.74 -41.95
CA TYR G 143 57.25 -20.07 -41.18
C TYR G 143 57.11 -19.50 -39.76
N ARG G 144 56.08 -19.94 -39.03
CA ARG G 144 55.77 -19.48 -37.66
C ARG G 144 56.71 -20.17 -36.69
N PRO G 145 57.28 -19.45 -35.70
CA PRO G 145 58.14 -20.05 -34.69
C PRO G 145 57.34 -20.50 -33.46
N ILE G 146 57.58 -21.73 -32.98
CA ILE G 146 56.86 -22.33 -31.82
C ILE G 146 57.88 -23.06 -30.94
N ARG G 147 57.58 -23.17 -29.64
CA ARG G 147 58.43 -23.85 -28.62
C ARG G 147 57.62 -24.97 -27.97
N LYS G 148 58.30 -26.03 -27.54
CA LYS G 148 57.68 -27.21 -26.87
C LYS G 148 57.03 -26.73 -25.56
N GLY G 149 55.77 -27.12 -25.34
CA GLY G 149 55.00 -26.81 -24.11
C GLY G 149 54.33 -25.45 -24.17
N ASP G 150 54.25 -24.84 -25.36
CA ASP G 150 53.56 -23.56 -25.61
C ASP G 150 52.11 -23.85 -26.04
N ILE G 151 51.23 -22.85 -25.95
CA ILE G 151 49.80 -22.96 -26.37
C ILE G 151 49.50 -21.90 -27.43
N PHE G 152 48.99 -22.34 -28.59
CA PHE G 152 48.64 -21.49 -29.76
C PHE G 152 47.19 -21.74 -30.16
N LEU G 153 46.56 -20.71 -30.76
CA LEU G 153 45.12 -20.71 -31.15
C LEU G 153 44.99 -20.65 -32.68
N VAL G 154 44.28 -21.62 -33.25
CA VAL G 154 43.83 -21.66 -34.67
C VAL G 154 42.31 -21.42 -34.68
N ARG G 155 41.82 -20.62 -35.65
CA ARG G 155 40.38 -20.33 -35.85
C ARG G 155 39.87 -21.12 -37.06
N GLY G 156 38.89 -22.01 -36.84
CA GLY G 156 38.30 -22.86 -37.90
C GLY G 156 36.91 -23.34 -37.52
N GLY G 157 36.09 -23.68 -38.53
CA GLY G 157 34.70 -24.15 -38.36
C GLY G 157 33.85 -23.15 -37.61
N MET G 158 34.07 -21.85 -37.85
CA MET G 158 33.36 -20.72 -37.18
C MET G 158 33.55 -20.82 -35.67
N ARG G 159 34.78 -21.11 -35.22
CA ARG G 159 35.16 -21.13 -33.78
C ARG G 159 36.66 -20.96 -33.65
N ALA G 160 37.12 -20.73 -32.41
CA ALA G 160 38.54 -20.68 -32.01
C ALA G 160 38.90 -22.01 -31.34
N VAL G 161 39.89 -22.74 -31.88
CA VAL G 161 40.35 -24.06 -31.36
C VAL G 161 41.80 -23.93 -30.89
N GLU G 162 42.00 -23.95 -29.57
CA GLU G 162 43.33 -23.88 -28.91
C GLU G 162 44.05 -25.22 -29.11
N PHE G 163 45.39 -25.21 -29.14
CA PHE G 163 46.24 -26.42 -29.30
C PHE G 163 47.47 -26.32 -28.41
N LYS G 164 48.06 -27.47 -28.09
CA LYS G 164 49.30 -27.62 -27.27
C LYS G 164 50.34 -28.42 -28.06
N VAL G 165 51.59 -27.95 -28.07
CA VAL G 165 52.75 -28.65 -28.70
C VAL G 165 53.22 -29.73 -27.73
N VAL G 166 52.88 -30.99 -27.99
CA VAL G 166 53.26 -32.17 -27.15
C VAL G 166 54.79 -32.32 -27.25
N GLU G 167 55.34 -32.41 -28.46
CA GLU G 167 56.78 -32.66 -28.70
C GLU G 167 57.20 -32.10 -30.08
N THR G 168 58.48 -31.73 -30.20
CA THR G 168 59.14 -31.25 -31.43
C THR G 168 60.50 -31.96 -31.55
N ASP G 169 60.87 -32.42 -32.75
CA ASP G 169 62.18 -33.09 -33.00
C ASP G 169 63.31 -32.14 -32.62
N PRO G 170 63.29 -30.86 -33.05
CA PRO G 170 64.28 -29.88 -32.60
C PRO G 170 63.95 -29.39 -31.18
N SER G 171 64.97 -29.08 -30.38
CA SER G 171 64.86 -28.69 -28.95
C SER G 171 65.66 -27.42 -28.67
N PRO G 172 65.17 -26.48 -27.82
CA PRO G 172 63.79 -26.52 -27.30
C PRO G 172 62.74 -26.07 -28.34
N TYR G 173 63.06 -25.02 -29.11
CA TYR G 173 62.12 -24.38 -30.07
C TYR G 173 62.50 -24.78 -31.51
N CYS G 174 61.64 -24.39 -32.47
CA CYS G 174 61.77 -24.71 -33.91
C CYS G 174 60.90 -23.75 -34.73
N ILE G 175 61.15 -23.66 -36.04
CA ILE G 175 60.36 -22.84 -37.01
C ILE G 175 59.55 -23.78 -37.90
N VAL G 176 58.23 -23.60 -37.93
CA VAL G 176 57.29 -24.39 -38.79
C VAL G 176 57.68 -24.14 -40.25
N ALA G 177 57.80 -25.21 -41.05
CA ALA G 177 58.18 -25.17 -42.48
C ALA G 177 57.27 -26.11 -43.27
N PRO G 178 57.09 -25.88 -44.58
CA PRO G 178 56.23 -26.74 -45.41
C PRO G 178 56.79 -28.17 -45.49
N ASP G 179 58.12 -28.30 -45.48
CA ASP G 179 58.85 -29.58 -45.54
C ASP G 179 58.66 -30.34 -44.22
N THR G 180 58.55 -29.62 -43.10
CA THR G 180 58.28 -30.17 -41.76
C THR G 180 56.96 -30.96 -41.79
N VAL G 181 56.93 -32.13 -41.13
CA VAL G 181 55.72 -33.00 -41.00
C VAL G 181 55.15 -32.81 -39.58
N ILE G 182 53.84 -32.55 -39.49
CA ILE G 182 53.10 -32.35 -38.21
C ILE G 182 52.20 -33.56 -37.97
N HIS G 183 52.43 -34.29 -36.87
CA HIS G 183 51.68 -35.50 -36.47
C HIS G 183 50.44 -35.11 -35.65
N CYS G 184 49.25 -35.43 -36.17
CA CYS G 184 47.93 -35.15 -35.53
C CYS G 184 47.21 -36.47 -35.24
N GLU G 185 46.98 -36.76 -33.96
CA GLU G 185 46.27 -37.99 -33.49
C GLU G 185 45.04 -37.56 -32.67
N GLY G 186 43.90 -38.22 -32.91
CA GLY G 186 42.59 -37.89 -32.32
C GLY G 186 42.50 -38.32 -30.87
N GLU G 187 43.27 -37.67 -29.99
CA GLU G 187 43.27 -37.88 -28.51
C GLU G 187 43.33 -36.53 -27.83
N PRO G 188 42.33 -36.15 -27.01
CA PRO G 188 42.32 -34.85 -26.33
C PRO G 188 43.11 -34.90 -25.01
N ILE G 189 43.92 -33.86 -24.74
CA ILE G 189 44.67 -33.72 -23.45
C ILE G 189 43.72 -33.02 -22.46
N LYS G 190 43.77 -33.42 -21.19
CA LYS G 190 42.95 -32.83 -20.11
C LYS G 190 43.41 -31.39 -19.88
N ARG G 191 42.46 -30.46 -19.77
CA ARG G 191 42.68 -29.05 -19.38
C ARG G 191 43.36 -29.00 -18.00
N GLU G 192 44.32 -28.10 -17.81
CA GLU G 192 45.05 -27.90 -16.52
C GLU G 192 44.59 -26.59 -15.88
N ASP G 193 44.29 -26.62 -14.57
CA ASP G 193 43.71 -25.51 -13.78
C ASP G 193 44.59 -24.25 -13.88
N GLU G 194 45.92 -24.43 -13.83
CA GLU G 194 46.91 -23.34 -13.97
C GLU G 194 46.72 -22.63 -15.30
N GLU G 195 46.50 -23.40 -16.37
CA GLU G 195 46.37 -22.89 -17.77
C GLU G 195 44.97 -22.33 -17.99
N GLU G 196 44.88 -21.02 -18.28
CA GLU G 196 43.60 -20.32 -18.59
C GLU G 196 43.32 -20.41 -20.09
N SER G 197 42.06 -20.65 -20.46
CA SER G 197 41.59 -20.78 -21.87
C SER G 197 41.36 -19.39 -22.48
N LEU G 198 41.52 -19.29 -23.80
CA LEU G 198 41.39 -18.01 -24.58
C LEU G 198 39.91 -17.70 -24.84
N ASN G 199 39.03 -18.70 -24.67
CA ASN G 199 37.57 -18.52 -24.78
C ASN G 199 37.15 -17.35 -23.89
N GLU G 200 37.76 -17.23 -22.71
CA GLU G 200 37.51 -16.15 -21.69
C GLU G 200 37.44 -14.78 -22.38
N VAL G 201 36.67 -13.86 -21.79
CA VAL G 201 36.48 -12.47 -22.30
C VAL G 201 37.77 -11.68 -22.07
N GLY G 202 38.15 -10.84 -23.04
CA GLY G 202 39.36 -10.01 -23.01
C GLY G 202 39.12 -8.63 -23.59
N TYR G 203 40.06 -7.71 -23.38
CA TYR G 203 40.02 -6.31 -23.89
C TYR G 203 39.76 -6.34 -25.40
N ASP G 204 40.48 -7.21 -26.11
CA ASP G 204 40.34 -7.43 -27.59
C ASP G 204 38.89 -7.76 -27.94
N ASP G 205 38.17 -8.45 -27.05
CA ASP G 205 36.77 -8.91 -27.28
C ASP G 205 35.80 -7.75 -27.06
N ILE G 206 36.22 -6.70 -26.35
CA ILE G 206 35.43 -5.45 -26.14
C ILE G 206 35.81 -4.44 -27.23
N GLY G 207 34.83 -4.05 -28.05
CA GLY G 207 34.99 -2.97 -29.05
C GLY G 207 34.10 -1.78 -28.70
N GLY G 208 34.21 -0.71 -29.50
CA GLY G 208 33.33 0.47 -29.43
C GLY G 208 33.51 1.25 -28.14
N CYS G 209 34.66 1.12 -27.48
CA CYS G 209 35.07 1.94 -26.31
C CYS G 209 36.58 2.14 -26.34
N ARG G 210 37.02 3.38 -26.49
CA ARG G 210 38.44 3.77 -26.38
C ARG G 210 38.59 4.52 -25.05
N LYS G 211 38.48 5.85 -25.06
CA LYS G 211 38.74 6.73 -23.90
C LYS G 211 38.11 6.11 -22.64
N GLN G 212 36.91 5.53 -22.77
CA GLN G 212 36.13 4.96 -21.65
C GLN G 212 36.86 3.74 -21.08
N LEU G 213 37.25 2.78 -21.94
CA LEU G 213 38.02 1.60 -21.50
C LEU G 213 39.26 2.08 -20.74
N ALA G 214 40.04 2.97 -21.36
CA ALA G 214 41.30 3.52 -20.82
C ALA G 214 41.04 4.08 -19.42
N GLN G 215 40.07 4.99 -19.30
CA GLN G 215 39.65 5.61 -18.00
C GLN G 215 39.41 4.51 -16.97
N ILE G 216 38.56 3.54 -17.33
CA ILE G 216 38.23 2.36 -16.46
C ILE G 216 39.56 1.69 -16.08
N LYS G 217 40.38 1.35 -17.09
CA LYS G 217 41.64 0.59 -16.94
C LYS G 217 42.55 1.29 -15.92
N GLU G 218 42.85 2.57 -16.14
CA GLU G 218 43.85 3.35 -15.35
C GLU G 218 43.38 3.50 -13.89
N MET G 219 42.06 3.51 -13.65
CA MET G 219 41.46 3.71 -12.30
C MET G 219 41.70 2.47 -11.41
N VAL G 220 41.55 1.27 -11.98
CA VAL G 220 41.63 -0.03 -11.25
C VAL G 220 43.04 -0.65 -11.44
N GLU G 221 43.85 -0.08 -12.33
CA GLU G 221 45.21 -0.59 -12.70
C GLU G 221 46.09 -0.68 -11.45
N LEU G 222 46.25 0.44 -10.75
CA LEU G 222 47.11 0.54 -9.55
C LEU G 222 46.57 -0.37 -8.45
N PRO G 223 45.30 -0.20 -8.00
CA PRO G 223 44.80 -0.96 -6.85
C PRO G 223 45.00 -2.47 -7.02
N LEU G 224 44.46 -3.02 -8.11
CA LEU G 224 44.34 -4.49 -8.33
C LEU G 224 45.74 -5.10 -8.45
N ARG G 225 46.63 -4.48 -9.23
CA ARG G 225 47.99 -5.00 -9.53
C ARG G 225 48.83 -5.06 -8.25
N HIS G 226 48.86 -3.97 -7.47
CA HIS G 226 49.73 -3.83 -6.27
C HIS G 226 48.89 -3.43 -5.06
N PRO G 227 48.54 -4.41 -4.19
CA PRO G 227 47.89 -4.11 -2.92
C PRO G 227 48.84 -3.37 -1.97
N ALA G 228 50.13 -3.71 -2.05
CA ALA G 228 51.21 -3.19 -1.16
C ALA G 228 51.28 -1.66 -1.23
N LEU G 229 51.06 -1.08 -2.42
CA LEU G 229 51.07 0.39 -2.64
C LEU G 229 49.98 1.03 -1.77
N PHE G 230 48.76 0.50 -1.82
CA PHE G 230 47.58 1.02 -1.09
C PHE G 230 47.54 0.45 0.33
N LYS G 231 48.34 -0.59 0.60
CA LYS G 231 48.51 -1.20 1.95
C LYS G 231 49.13 -0.18 2.90
N ALA G 232 50.10 0.61 2.42
CA ALA G 232 50.88 1.59 3.20
C ALA G 232 50.91 2.95 2.48
N ILE G 233 49.76 3.64 2.43
CA ILE G 233 49.62 5.00 1.83
C ILE G 233 48.41 5.71 2.48
N GLY G 234 48.42 7.05 2.47
CA GLY G 234 47.34 7.90 3.00
C GLY G 234 46.18 8.06 2.02
N VAL G 235 46.42 7.78 0.74
CA VAL G 235 45.44 7.93 -0.39
C VAL G 235 44.56 6.68 -0.45
N LYS G 236 43.24 6.85 -0.41
CA LYS G 236 42.27 5.72 -0.56
C LYS G 236 42.00 5.51 -2.05
N PRO G 237 42.00 4.25 -2.54
CA PRO G 237 41.61 3.97 -3.91
C PRO G 237 40.10 4.05 -4.05
N PRO G 238 39.56 4.34 -5.26
CA PRO G 238 38.12 4.29 -5.48
C PRO G 238 37.57 2.88 -5.22
N ARG G 239 36.55 2.78 -4.36
CA ARG G 239 35.96 1.48 -3.90
C ARG G 239 34.81 1.09 -4.84
N GLY G 240 33.97 2.05 -5.22
CA GLY G 240 32.74 1.85 -6.01
C GLY G 240 32.77 2.58 -7.34
N ILE G 241 32.60 1.85 -8.46
CA ILE G 241 32.57 2.40 -9.85
C ILE G 241 31.19 2.11 -10.46
N LEU G 242 30.56 3.14 -11.02
CA LEU G 242 29.19 3.09 -11.58
C LEU G 242 29.28 3.31 -13.10
N LEU G 243 28.65 2.42 -13.88
CA LEU G 243 28.68 2.44 -15.37
C LEU G 243 27.31 2.85 -15.93
N TYR G 244 27.19 4.13 -16.31
CA TYR G 244 26.01 4.70 -17.00
C TYR G 244 25.89 4.09 -18.40
N GLY G 245 24.74 4.28 -19.05
CA GLY G 245 24.49 3.93 -20.46
C GLY G 245 23.27 3.03 -20.62
N PRO G 246 22.68 2.92 -21.84
CA PRO G 246 21.52 2.07 -22.08
C PRO G 246 21.87 0.59 -22.18
N PRO G 247 20.93 -0.33 -21.94
CA PRO G 247 21.19 -1.76 -22.09
C PRO G 247 21.59 -2.13 -23.53
N GLY G 248 22.49 -3.10 -23.68
CA GLY G 248 22.97 -3.61 -24.98
C GLY G 248 24.28 -2.98 -25.40
N THR G 249 24.66 -1.86 -24.77
CA THR G 249 25.95 -1.15 -24.97
C THR G 249 27.10 -2.09 -24.60
N GLY G 250 26.93 -2.87 -23.53
CA GLY G 250 27.92 -3.87 -23.07
C GLY G 250 28.71 -3.37 -21.88
N LYS G 251 28.18 -3.57 -20.68
CA LYS G 251 28.84 -3.17 -19.41
C LYS G 251 29.35 -4.45 -18.73
N THR G 252 28.45 -5.40 -18.50
CA THR G 252 28.74 -6.74 -17.90
C THR G 252 30.01 -7.31 -18.55
N LEU G 253 30.04 -7.31 -19.87
CA LEU G 253 31.15 -7.85 -20.69
C LEU G 253 32.44 -7.08 -20.39
N ILE G 254 32.34 -5.76 -20.17
CA ILE G 254 33.51 -4.88 -19.89
C ILE G 254 34.13 -5.31 -18.56
N ALA G 255 33.35 -5.23 -17.48
CA ALA G 255 33.76 -5.59 -16.10
C ALA G 255 34.42 -6.97 -16.11
N ARG G 256 33.75 -7.96 -16.72
CA ARG G 256 34.19 -9.38 -16.74
C ARG G 256 35.63 -9.42 -17.29
N ALA G 257 35.83 -8.93 -18.51
CA ALA G 257 37.13 -8.93 -19.22
C ALA G 257 38.23 -8.46 -18.26
N VAL G 258 38.02 -7.28 -17.67
CA VAL G 258 38.99 -6.63 -16.74
C VAL G 258 39.49 -7.68 -15.75
N ALA G 259 38.56 -8.32 -15.04
CA ALA G 259 38.84 -9.37 -14.04
C ALA G 259 39.67 -10.49 -14.67
N ASN G 260 39.18 -11.10 -15.76
CA ASN G 260 39.88 -12.20 -16.47
C ASN G 260 41.33 -11.78 -16.69
N GLU G 261 41.55 -10.59 -17.27
CA GLU G 261 42.86 -10.13 -17.82
C GLU G 261 43.82 -9.75 -16.69
N THR G 262 43.30 -9.26 -15.56
CA THR G 262 44.11 -8.86 -14.37
C THR G 262 44.30 -10.07 -13.45
N GLY G 263 43.73 -11.22 -13.80
CA GLY G 263 43.81 -12.48 -13.02
C GLY G 263 43.37 -12.28 -11.57
N ALA G 264 42.29 -11.52 -11.37
CA ALA G 264 41.70 -11.17 -10.05
C ALA G 264 40.36 -11.89 -9.87
N PHE G 265 40.05 -12.35 -8.66
CA PHE G 265 38.79 -13.07 -8.32
C PHE G 265 37.59 -12.20 -8.67
N PHE G 266 36.66 -12.73 -9.48
CA PHE G 266 35.45 -12.00 -9.98
C PHE G 266 34.19 -12.65 -9.42
N PHE G 267 33.35 -11.87 -8.76
CA PHE G 267 32.01 -12.29 -8.25
C PHE G 267 30.93 -11.40 -8.89
N LEU G 268 30.09 -12.00 -9.74
CA LEU G 268 28.97 -11.34 -10.46
C LEU G 268 27.70 -11.45 -9.61
N ILE G 269 27.04 -10.31 -9.34
CA ILE G 269 25.73 -10.23 -8.63
C ILE G 269 24.66 -9.83 -9.64
N ASN G 270 23.60 -10.63 -9.75
CA ASN G 270 22.45 -10.41 -10.67
C ASN G 270 21.21 -10.09 -9.83
N GLY G 271 20.67 -8.88 -9.97
CA GLY G 271 19.47 -8.41 -9.25
C GLY G 271 18.39 -9.48 -9.16
N PRO G 272 17.91 -10.00 -10.30
CA PRO G 272 16.85 -11.02 -10.32
C PRO G 272 17.20 -12.20 -9.40
N GLU G 273 18.39 -12.77 -9.59
CA GLU G 273 18.89 -13.93 -8.80
C GLU G 273 18.77 -13.60 -7.31
N ILE G 274 19.08 -12.36 -6.92
CA ILE G 274 19.03 -11.88 -5.51
C ILE G 274 17.56 -11.61 -5.15
N MET G 275 16.78 -11.07 -6.09
CA MET G 275 15.33 -10.76 -5.89
C MET G 275 14.54 -12.08 -5.81
N SER G 276 14.96 -13.10 -6.56
CA SER G 276 14.35 -14.45 -6.58
C SER G 276 14.36 -15.06 -5.18
N LYS G 277 15.45 -14.87 -4.43
CA LYS G 277 15.64 -15.40 -3.05
C LYS G 277 14.58 -14.80 -2.12
N LEU G 278 14.10 -15.58 -1.15
CA LEU G 278 13.08 -15.19 -0.15
C LEU G 278 13.65 -14.06 0.71
N ALA G 279 12.77 -13.19 1.22
CA ALA G 279 13.12 -12.12 2.19
C ALA G 279 13.95 -12.74 3.32
N GLY G 280 15.08 -12.12 3.66
CA GLY G 280 16.03 -12.62 4.67
C GLY G 280 17.17 -13.39 4.02
N GLU G 281 16.86 -14.41 3.22
CA GLU G 281 17.86 -15.24 2.50
C GLU G 281 18.72 -14.35 1.59
N SER G 282 18.10 -13.36 0.95
CA SER G 282 18.79 -12.36 0.07
C SER G 282 19.96 -11.71 0.83
N GLU G 283 19.65 -11.04 1.94
CA GLU G 283 20.64 -10.39 2.84
C GLU G 283 21.80 -11.35 3.10
N SER G 284 21.50 -12.62 3.40
CA SER G 284 22.47 -13.72 3.66
C SER G 284 23.40 -13.87 2.46
N ASN G 285 22.83 -14.05 1.26
CA ASN G 285 23.58 -14.30 0.00
C ASN G 285 24.53 -13.13 -0.29
N LEU G 286 24.07 -11.88 -0.08
CA LEU G 286 24.90 -10.66 -0.27
C LEU G 286 26.09 -10.70 0.71
N ARG G 287 25.80 -10.77 2.02
CA ARG G 287 26.81 -10.86 3.10
C ARG G 287 27.82 -11.94 2.73
N LYS G 288 27.33 -13.15 2.41
CA LYS G 288 28.17 -14.31 2.01
C LYS G 288 29.07 -13.88 0.85
N ALA G 289 28.53 -13.14 -0.13
CA ALA G 289 29.25 -12.71 -1.35
C ALA G 289 30.44 -11.80 -0.98
N PHE G 290 30.23 -10.83 -0.09
CA PHE G 290 31.27 -9.87 0.35
C PHE G 290 32.35 -10.59 1.17
N GLU G 291 31.93 -11.35 2.19
CA GLU G 291 32.84 -12.16 3.05
C GLU G 291 33.71 -13.06 2.15
N GLU G 292 33.11 -13.67 1.12
CA GLU G 292 33.79 -14.56 0.14
C GLU G 292 34.83 -13.75 -0.65
N ALA G 293 34.49 -12.53 -1.05
CA ALA G 293 35.40 -11.61 -1.77
C ALA G 293 36.58 -11.24 -0.86
N GLU G 294 36.29 -10.85 0.39
CA GLU G 294 37.30 -10.53 1.44
C GLU G 294 38.26 -11.72 1.60
N LYS G 295 37.72 -12.95 1.73
CA LYS G 295 38.50 -14.20 1.92
C LYS G 295 39.42 -14.40 0.72
N ASN G 296 38.89 -14.20 -0.50
CA ASN G 296 39.61 -14.44 -1.78
C ASN G 296 40.14 -13.12 -2.34
N ALA G 297 40.44 -12.14 -1.47
CA ALA G 297 41.04 -10.84 -1.84
C ALA G 297 42.41 -11.08 -2.47
N PRO G 298 42.79 -10.38 -3.56
CA PRO G 298 41.95 -9.34 -4.17
C PRO G 298 40.80 -9.90 -5.01
N ALA G 299 39.68 -9.19 -5.03
CA ALA G 299 38.43 -9.60 -5.72
C ALA G 299 37.80 -8.39 -6.43
N ILE G 300 36.82 -8.65 -7.30
CA ILE G 300 35.94 -7.63 -7.95
C ILE G 300 34.50 -8.12 -7.87
N ILE G 301 33.60 -7.24 -7.43
CA ILE G 301 32.13 -7.49 -7.33
C ILE G 301 31.41 -6.60 -8.35
N PHE G 302 30.65 -7.22 -9.25
CA PHE G 302 29.86 -6.51 -10.29
C PHE G 302 28.37 -6.83 -10.11
N ILE G 303 27.55 -5.78 -10.13
CA ILE G 303 26.06 -5.87 -10.11
C ILE G 303 25.57 -5.64 -11.53
N ASP G 304 24.89 -6.62 -12.13
CA ASP G 304 24.42 -6.56 -13.54
C ASP G 304 23.27 -5.56 -13.63
N GLU G 305 22.26 -5.70 -12.78
CA GLU G 305 21.06 -4.84 -12.80
C GLU G 305 20.87 -4.19 -11.43
N LEU G 306 21.64 -3.13 -11.16
CA LEU G 306 21.56 -2.35 -9.90
C LEU G 306 20.16 -1.74 -9.76
N ASP G 307 19.68 -1.05 -10.80
CA ASP G 307 18.36 -0.37 -10.84
C ASP G 307 17.27 -1.31 -10.30
N ALA G 308 17.34 -2.60 -10.62
CA ALA G 308 16.39 -3.64 -10.14
C ALA G 308 16.55 -3.83 -8.63
N ILE G 309 17.79 -3.96 -8.14
CA ILE G 309 18.10 -4.14 -6.69
C ILE G 309 17.74 -2.86 -5.94
N ALA G 310 18.14 -1.70 -6.47
CA ALA G 310 18.02 -0.38 -5.81
C ALA G 310 17.45 0.65 -6.77
N PRO G 311 16.14 0.96 -6.67
CA PRO G 311 15.53 1.99 -7.50
C PRO G 311 15.75 3.36 -6.84
N LYS G 312 14.99 4.38 -7.24
CA LYS G 312 14.92 5.66 -6.50
C LYS G 312 13.97 5.49 -5.31
N ARG G 313 14.08 6.36 -4.30
CA ARG G 313 13.31 6.30 -3.02
C ARG G 313 11.83 6.65 -3.26
N GLU G 314 11.57 7.55 -4.21
CA GLU G 314 10.19 7.93 -4.63
C GLU G 314 9.51 6.72 -5.28
N LYS G 315 10.28 5.91 -6.01
CA LYS G 315 9.78 4.79 -6.85
C LYS G 315 9.65 3.51 -6.02
N THR G 316 10.46 3.35 -4.97
CA THR G 316 10.36 2.17 -4.05
C THR G 316 9.04 2.27 -3.29
N HIS G 317 8.26 1.19 -3.29
CA HIS G 317 6.90 1.11 -2.71
C HIS G 317 6.84 0.03 -1.63
N GLY G 318 7.98 -0.56 -1.27
CA GLY G 318 8.08 -1.71 -0.35
C GLY G 318 8.90 -1.40 0.89
N GLU G 319 8.76 -2.23 1.93
CA GLU G 319 9.54 -2.19 3.19
C GLU G 319 10.70 -3.19 3.07
N VAL G 320 10.39 -4.45 2.74
CA VAL G 320 11.38 -5.54 2.48
C VAL G 320 12.39 -5.00 1.46
N GLU G 321 11.87 -4.46 0.37
CA GLU G 321 12.65 -3.83 -0.73
C GLU G 321 13.63 -2.82 -0.11
N ARG G 322 13.11 -1.93 0.74
CA ARG G 322 13.89 -0.87 1.43
C ARG G 322 14.98 -1.52 2.28
N ARG G 323 14.68 -2.65 2.92
CA ARG G 323 15.64 -3.38 3.80
C ARG G 323 16.81 -3.91 2.96
N ILE G 324 16.54 -4.39 1.75
CA ILE G 324 17.59 -4.94 0.83
C ILE G 324 18.54 -3.82 0.47
N VAL G 325 18.01 -2.67 0.03
CA VAL G 325 18.81 -1.46 -0.29
C VAL G 325 19.71 -1.16 0.91
N SER G 326 19.09 -0.89 2.07
CA SER G 326 19.77 -0.63 3.36
C SER G 326 20.91 -1.63 3.58
N GLN G 327 20.63 -2.92 3.34
CA GLN G 327 21.61 -4.03 3.49
C GLN G 327 22.83 -3.74 2.62
N LEU G 328 22.62 -3.42 1.33
CA LEU G 328 23.72 -3.18 0.35
C LEU G 328 24.54 -1.95 0.79
N LEU G 329 23.86 -0.86 1.18
CA LEU G 329 24.50 0.38 1.65
C LEU G 329 25.35 0.06 2.89
N THR G 330 24.78 -0.70 3.82
CA THR G 330 25.47 -1.24 5.03
C THR G 330 26.69 -2.03 4.58
N LEU G 331 26.55 -2.86 3.53
CA LEU G 331 27.67 -3.65 2.95
C LEU G 331 28.69 -2.70 2.31
N MET G 332 28.23 -1.63 1.67
CA MET G 332 29.11 -0.68 0.93
C MET G 332 29.98 0.13 1.91
N ASP G 333 29.39 0.68 2.96
CA ASP G 333 30.10 1.52 3.97
C ASP G 333 31.07 0.64 4.76
N GLY G 334 30.65 -0.60 5.09
CA GLY G 334 31.39 -1.55 5.94
C GLY G 334 32.60 -2.16 5.22
N LEU G 335 32.89 -1.70 4.00
CA LEU G 335 34.04 -2.16 3.18
C LEU G 335 35.27 -1.30 3.49
N LYS G 336 36.40 -1.94 3.82
CA LYS G 336 37.66 -1.27 4.20
C LYS G 336 38.66 -1.36 3.03
N GLN G 337 39.85 -0.79 3.23
CA GLN G 337 40.96 -0.73 2.25
C GLN G 337 41.77 -2.03 2.33
N ARG G 338 41.89 -2.58 3.55
CA ARG G 338 42.51 -3.90 3.84
C ARG G 338 41.81 -4.98 3.00
N ALA G 339 40.53 -4.77 2.66
CA ALA G 339 39.71 -5.67 1.81
C ALA G 339 40.31 -5.73 0.40
N HIS G 340 40.68 -4.58 -0.19
CA HIS G 340 41.18 -4.46 -1.59
C HIS G 340 40.13 -4.98 -2.57
N VAL G 341 38.84 -4.73 -2.30
CA VAL G 341 37.68 -5.22 -3.10
C VAL G 341 37.13 -4.04 -3.93
N ILE G 342 37.15 -4.17 -5.26
CA ILE G 342 36.66 -3.14 -6.21
C ILE G 342 35.22 -3.48 -6.63
N VAL G 343 34.26 -2.62 -6.28
CA VAL G 343 32.81 -2.83 -6.61
C VAL G 343 32.49 -2.06 -7.90
N MET G 344 31.95 -2.77 -8.89
CA MET G 344 31.44 -2.19 -10.16
C MET G 344 29.93 -2.43 -10.25
N ALA G 345 29.20 -1.47 -10.81
CA ALA G 345 27.73 -1.50 -10.94
C ALA G 345 27.32 -0.91 -12.28
N ALA G 346 26.33 -1.54 -12.93
CA ALA G 346 25.75 -1.14 -14.23
C ALA G 346 24.31 -0.66 -14.01
N THR G 347 23.94 0.46 -14.64
CA THR G 347 22.56 1.01 -14.66
C THR G 347 22.23 1.54 -16.08
N ASN G 348 21.03 2.08 -16.26
CA ASN G 348 20.49 2.51 -17.58
C ASN G 348 20.46 4.03 -17.66
N ARG G 349 19.52 4.68 -16.97
CA ARG G 349 19.24 6.13 -17.09
C ARG G 349 19.58 6.83 -15.78
N PRO G 350 20.16 8.05 -15.82
CA PRO G 350 20.57 8.78 -14.61
C PRO G 350 19.45 9.14 -13.64
N ASN G 351 18.22 9.37 -14.13
CA ASN G 351 17.05 9.74 -13.31
C ASN G 351 16.65 8.54 -12.43
N SER G 352 16.86 7.31 -12.90
CA SER G 352 16.48 6.04 -12.21
C SER G 352 17.59 5.59 -11.26
N ILE G 353 17.97 6.46 -10.32
CA ILE G 353 19.10 6.24 -9.35
C ILE G 353 18.66 6.70 -7.96
N ASP G 354 18.99 5.92 -6.94
CA ASP G 354 18.85 6.28 -5.50
C ASP G 354 19.96 7.25 -5.14
N PRO G 355 19.66 8.52 -4.78
CA PRO G 355 20.70 9.50 -4.45
C PRO G 355 21.76 9.01 -3.43
N ALA G 356 21.37 8.06 -2.57
CA ALA G 356 22.23 7.44 -1.53
C ALA G 356 23.48 6.82 -2.18
N LEU G 357 23.35 6.27 -3.39
CA LEU G 357 24.45 5.62 -4.14
C LEU G 357 25.46 6.67 -4.66
N ARG G 358 25.06 7.94 -4.73
CA ARG G 358 25.90 9.08 -5.19
C ARG G 358 26.75 9.62 -4.03
N ARG G 359 26.87 8.85 -2.95
CA ARG G 359 27.73 9.21 -1.78
C ARG G 359 29.19 9.02 -2.18
N PHE G 360 30.07 9.82 -1.59
CA PHE G 360 31.53 9.86 -1.87
C PHE G 360 32.15 8.56 -1.34
N GLY G 361 31.83 8.20 -0.09
CA GLY G 361 32.27 6.94 0.55
C GLY G 361 31.83 5.72 -0.23
N ARG G 362 30.74 5.83 -1.00
CA ARG G 362 30.19 4.74 -1.86
C ARG G 362 30.57 5.03 -3.31
N PHE G 363 29.67 4.78 -4.27
CA PHE G 363 29.89 5.00 -5.71
C PHE G 363 30.12 6.49 -5.97
N ASP G 364 31.38 6.90 -6.05
CA ASP G 364 31.80 8.28 -6.41
C ASP G 364 32.24 8.31 -7.89
N ARG G 365 32.82 7.22 -8.39
CA ARG G 365 33.38 7.10 -9.77
C ARG G 365 32.24 6.80 -10.74
N GLU G 366 31.91 7.76 -11.61
CA GLU G 366 30.77 7.71 -12.58
C GLU G 366 31.33 7.76 -14.00
N VAL G 367 31.07 6.72 -14.82
CA VAL G 367 31.57 6.59 -16.21
C VAL G 367 30.37 6.57 -17.17
N ASP G 368 30.07 7.72 -17.77
CA ASP G 368 28.98 7.89 -18.78
C ASP G 368 29.40 7.16 -20.06
N ILE G 369 28.68 6.09 -20.42
CA ILE G 369 28.93 5.28 -21.65
C ILE G 369 27.82 5.55 -22.68
N GLY G 370 28.13 6.33 -23.71
CA GLY G 370 27.20 6.63 -24.83
C GLY G 370 27.18 5.51 -25.86
N ILE G 371 26.58 5.77 -27.03
CA ILE G 371 26.55 4.84 -28.19
C ILE G 371 27.84 5.03 -28.99
N PRO G 372 28.54 3.93 -29.37
CA PRO G 372 29.73 4.03 -30.21
C PRO G 372 29.48 4.60 -31.61
N ASP G 373 30.51 5.21 -32.20
CA ASP G 373 30.48 5.80 -33.57
C ASP G 373 30.62 4.68 -34.59
N ALA G 374 30.45 5.01 -35.87
CA ALA G 374 30.60 4.10 -37.04
C ALA G 374 31.82 3.21 -36.82
N THR G 375 32.99 3.83 -36.61
CA THR G 375 34.29 3.17 -36.32
C THR G 375 34.09 2.19 -35.16
N GLY G 376 33.61 2.69 -34.03
CA GLY G 376 33.27 1.88 -32.84
C GLY G 376 32.43 0.68 -33.24
N ARG G 377 31.44 0.89 -34.12
CA ARG G 377 30.52 -0.18 -34.60
C ARG G 377 31.24 -1.08 -35.61
N LEU G 378 32.07 -0.50 -36.49
CA LEU G 378 32.93 -1.24 -37.45
C LEU G 378 33.87 -2.15 -36.65
N GLU G 379 34.53 -1.57 -35.64
CA GLU G 379 35.46 -2.26 -34.70
C GLU G 379 34.80 -3.52 -34.15
N ILE G 380 33.52 -3.44 -33.77
CA ILE G 380 32.73 -4.53 -33.15
C ILE G 380 32.46 -5.62 -34.20
N LEU G 381 32.16 -5.23 -35.44
CA LEU G 381 31.85 -6.16 -36.55
C LEU G 381 33.06 -7.04 -36.82
N GLN G 382 34.26 -6.44 -36.91
CA GLN G 382 35.57 -7.13 -37.08
C GLN G 382 35.71 -8.19 -35.99
N ILE G 383 35.41 -7.81 -34.75
CA ILE G 383 35.43 -8.70 -33.55
C ILE G 383 34.51 -9.90 -33.82
N HIS G 384 33.26 -9.65 -34.19
CA HIS G 384 32.19 -10.67 -34.34
C HIS G 384 32.31 -11.45 -35.66
N THR G 385 33.33 -11.15 -36.48
CA THR G 385 33.55 -11.79 -37.81
C THR G 385 34.95 -12.38 -37.89
N LYS G 386 35.62 -12.53 -36.74
CA LYS G 386 37.07 -12.86 -36.67
C LYS G 386 37.25 -14.37 -36.82
N ASN G 387 36.37 -15.17 -36.20
CA ASN G 387 36.42 -16.65 -36.26
C ASN G 387 35.94 -17.11 -37.63
N MET G 388 34.75 -16.66 -38.03
CA MET G 388 34.02 -17.10 -39.26
C MET G 388 34.79 -16.70 -40.53
N LYS G 389 34.48 -17.39 -41.64
CA LYS G 389 35.04 -17.18 -43.01
C LYS G 389 34.08 -16.31 -43.82
N LEU G 390 34.44 -15.05 -44.07
CA LEU G 390 33.62 -14.08 -44.85
C LEU G 390 33.95 -14.22 -46.34
N ALA G 391 33.12 -13.63 -47.20
CA ALA G 391 33.35 -13.53 -48.66
C ALA G 391 34.06 -12.20 -48.96
N ASP G 392 34.65 -12.10 -50.16
CA ASP G 392 35.34 -10.87 -50.65
C ASP G 392 34.27 -9.80 -50.93
N ASP G 393 33.09 -10.22 -51.41
CA ASP G 393 31.96 -9.34 -51.79
C ASP G 393 31.38 -8.63 -50.56
N VAL G 394 31.64 -9.17 -49.35
CA VAL G 394 31.13 -8.63 -48.05
C VAL G 394 32.03 -7.48 -47.60
N ASP G 395 31.44 -6.31 -47.35
CA ASP G 395 32.11 -5.10 -46.80
C ASP G 395 31.43 -4.72 -45.48
N LEU G 396 32.19 -4.67 -44.40
CA LEU G 396 31.70 -4.35 -43.03
C LEU G 396 31.50 -2.84 -42.89
N GLU G 397 32.43 -2.04 -43.43
CA GLU G 397 32.37 -0.55 -43.42
C GLU G 397 30.96 -0.09 -43.85
N GLN G 398 30.46 -0.61 -44.97
CA GLN G 398 29.11 -0.28 -45.51
C GLN G 398 28.06 -0.58 -44.43
N VAL G 399 28.05 -1.81 -43.92
CA VAL G 399 27.08 -2.28 -42.88
C VAL G 399 27.10 -1.29 -41.71
N ALA G 400 28.30 -0.94 -41.23
CA ALA G 400 28.54 0.04 -40.14
C ALA G 400 27.90 1.39 -40.51
N ASN G 401 27.91 1.75 -41.80
CA ASN G 401 27.33 3.01 -42.33
C ASN G 401 25.80 2.91 -42.32
N GLU G 402 25.25 1.68 -42.39
CA GLU G 402 23.79 1.41 -42.42
C GLU G 402 23.24 1.30 -40.99
N THR G 403 24.11 1.38 -39.98
CA THR G 403 23.76 1.26 -38.54
C THR G 403 24.13 2.56 -37.82
N HIS G 404 23.13 3.28 -37.29
CA HIS G 404 23.27 4.63 -36.67
C HIS G 404 23.15 4.51 -35.15
N GLY G 405 22.00 4.01 -34.68
CA GLY G 405 21.70 3.81 -33.25
C GLY G 405 21.65 2.33 -32.91
N HIS G 406 22.61 1.55 -33.41
CA HIS G 406 22.76 0.10 -33.14
C HIS G 406 23.83 -0.08 -32.05
N VAL G 407 23.54 -0.94 -31.07
CA VAL G 407 24.47 -1.28 -29.95
C VAL G 407 25.14 -2.62 -30.27
N GLY G 408 26.18 -2.98 -29.50
CA GLY G 408 26.93 -4.23 -29.63
C GLY G 408 26.00 -5.41 -29.88
N ALA G 409 24.98 -5.56 -29.03
CA ALA G 409 23.96 -6.63 -29.11
C ALA G 409 23.37 -6.69 -30.52
N ASP G 410 22.84 -5.57 -31.02
CA ASP G 410 22.19 -5.45 -32.35
C ASP G 410 23.09 -6.07 -33.42
N LEU G 411 24.39 -5.72 -33.40
CA LEU G 411 25.39 -6.18 -34.40
C LEU G 411 25.67 -7.68 -34.19
N ALA G 412 25.84 -8.13 -32.95
CA ALA G 412 26.09 -9.54 -32.58
C ALA G 412 24.96 -10.41 -33.13
N ALA G 413 23.71 -10.01 -32.86
CA ALA G 413 22.50 -10.61 -33.44
C ALA G 413 22.61 -10.57 -34.98
N LEU G 414 22.85 -9.38 -35.53
CA LEU G 414 22.96 -9.15 -37.00
C LEU G 414 23.89 -10.21 -37.59
N CYS G 415 25.04 -10.44 -36.96
CA CYS G 415 25.99 -11.53 -37.32
C CYS G 415 25.27 -12.88 -37.22
N SER G 416 24.75 -13.20 -36.04
CA SER G 416 24.03 -14.48 -35.75
C SER G 416 22.98 -14.75 -36.83
N GLU G 417 22.08 -13.80 -37.05
CA GLU G 417 20.93 -13.90 -37.99
C GLU G 417 21.47 -14.12 -39.41
N ALA G 418 22.51 -13.36 -39.80
CA ALA G 418 23.17 -13.43 -41.12
C ALA G 418 23.79 -14.81 -41.34
N ALA G 419 24.40 -15.38 -40.30
CA ALA G 419 25.02 -16.73 -40.31
C ALA G 419 23.92 -17.79 -40.46
N LEU G 420 22.87 -17.71 -39.64
CA LEU G 420 21.71 -18.65 -39.66
C LEU G 420 21.09 -18.67 -41.06
N GLN G 421 20.80 -17.49 -41.63
CA GLN G 421 20.20 -17.33 -42.98
C GLN G 421 21.13 -17.96 -44.02
N ALA G 422 22.44 -17.70 -43.92
CA ALA G 422 23.49 -18.23 -44.82
C ALA G 422 23.46 -19.76 -44.82
N ILE G 423 23.29 -20.36 -43.63
CA ILE G 423 23.17 -21.83 -43.44
C ILE G 423 21.90 -22.33 -44.16
N ARG G 424 20.74 -21.72 -43.88
CA ARG G 424 19.44 -22.07 -44.49
C ARG G 424 19.54 -21.98 -46.03
N LYS G 425 20.25 -20.96 -46.53
CA LYS G 425 20.39 -20.68 -47.99
C LYS G 425 21.37 -21.66 -48.63
N LYS G 426 22.35 -22.16 -47.85
CA LYS G 426 23.40 -23.08 -48.35
C LYS G 426 23.09 -24.52 -47.88
N MET G 427 23.17 -24.75 -46.57
CA MET G 427 23.22 -26.10 -45.95
C MET G 427 21.87 -26.81 -46.09
N ASP G 428 20.76 -26.07 -45.98
CA ASP G 428 19.39 -26.63 -46.05
C ASP G 428 19.18 -27.35 -47.40
N LEU G 429 19.93 -26.98 -48.44
CA LEU G 429 19.82 -27.56 -49.81
C LEU G 429 20.48 -28.95 -49.83
N ILE G 430 21.68 -29.08 -49.24
CA ILE G 430 22.42 -30.37 -49.16
C ILE G 430 21.77 -31.24 -48.08
N ASP G 431 21.68 -30.72 -46.85
CA ASP G 431 20.95 -31.31 -45.69
C ASP G 431 21.48 -32.72 -45.41
N LEU G 432 22.69 -32.81 -44.82
CA LEU G 432 23.39 -34.08 -44.49
C LEU G 432 23.85 -34.07 -43.02
N GLU G 433 23.16 -33.33 -42.15
CA GLU G 433 23.47 -33.23 -40.70
C GLU G 433 23.05 -34.54 -40.01
N ASP G 434 23.65 -35.66 -40.44
CA ASP G 434 23.33 -37.04 -39.98
C ASP G 434 24.53 -37.58 -39.20
N ILE G 437 28.80 -34.03 -36.88
CA ILE G 437 29.04 -33.01 -37.94
C ILE G 437 30.54 -32.65 -37.93
N ASP G 438 31.23 -32.93 -39.03
CA ASP G 438 32.68 -32.67 -39.22
C ASP G 438 32.90 -31.18 -39.47
N ALA G 439 34.17 -30.75 -39.56
CA ALA G 439 34.60 -29.35 -39.75
C ALA G 439 34.83 -29.04 -41.23
N GLU G 440 35.18 -30.06 -42.04
CA GLU G 440 35.56 -29.91 -43.48
C GLU G 440 34.40 -29.33 -44.28
N VAL G 441 33.18 -29.76 -43.99
CA VAL G 441 31.92 -29.33 -44.68
C VAL G 441 31.61 -27.89 -44.27
N MET G 442 31.82 -27.54 -43.00
CA MET G 442 31.46 -26.24 -42.41
C MET G 442 32.57 -25.19 -42.68
N ASN G 443 33.77 -25.64 -43.05
CA ASN G 443 34.91 -24.77 -43.41
C ASN G 443 34.63 -24.10 -44.76
N SER G 444 34.13 -24.87 -45.73
CA SER G 444 33.73 -24.40 -47.08
C SER G 444 32.71 -23.26 -46.98
N LEU G 445 31.94 -23.22 -45.89
CA LEU G 445 30.82 -22.25 -45.69
C LEU G 445 31.37 -20.83 -45.53
N ALA G 446 30.95 -19.95 -46.44
CA ALA G 446 31.15 -18.48 -46.38
C ALA G 446 29.77 -17.81 -46.32
N VAL G 447 29.72 -16.57 -45.81
CA VAL G 447 28.47 -15.74 -45.72
C VAL G 447 28.57 -14.63 -46.77
N THR G 448 27.50 -14.45 -47.55
CA THR G 448 27.40 -13.48 -48.68
C THR G 448 26.87 -12.14 -48.16
N MET G 449 27.18 -11.05 -48.87
CA MET G 449 26.65 -9.69 -48.62
C MET G 449 25.11 -9.76 -48.59
N ASP G 450 24.53 -10.54 -49.51
CA ASP G 450 23.06 -10.78 -49.63
C ASP G 450 22.48 -11.10 -48.25
N ASP G 451 23.05 -12.09 -47.56
CA ASP G 451 22.59 -12.56 -46.23
C ASP G 451 22.56 -11.37 -45.26
N PHE G 452 23.59 -10.51 -45.32
CA PHE G 452 23.73 -9.29 -44.49
C PHE G 452 22.61 -8.30 -44.84
N ARG G 453 22.43 -8.02 -46.13
CA ARG G 453 21.33 -7.16 -46.64
C ARG G 453 20.00 -7.75 -46.16
N TRP G 454 19.88 -9.08 -46.14
CA TRP G 454 18.66 -9.81 -45.67
C TRP G 454 18.50 -9.63 -44.16
N ALA G 455 19.60 -9.71 -43.41
CA ALA G 455 19.63 -9.55 -41.94
C ALA G 455 19.29 -8.11 -41.56
N LEU G 456 19.95 -7.14 -42.20
CA LEU G 456 19.73 -5.67 -42.02
C LEU G 456 18.23 -5.36 -42.09
N SER G 457 17.50 -6.05 -42.97
CA SER G 457 16.04 -5.89 -43.18
C SER G 457 15.29 -5.91 -41.85
N GLN G 458 15.66 -6.83 -40.95
CA GLN G 458 14.95 -7.05 -39.65
C GLN G 458 15.34 -5.92 -38.69
N SER G 459 14.39 -5.02 -38.39
CA SER G 459 14.57 -3.85 -37.51
C SER G 459 14.47 -4.29 -36.04
N ASN G 460 15.54 -4.10 -35.28
CA ASN G 460 15.65 -4.55 -33.86
C ASN G 460 16.17 -3.38 -33.02
N PRO G 461 15.29 -2.56 -32.42
CA PRO G 461 15.71 -1.43 -31.59
C PRO G 461 16.18 -1.87 -30.20
N LYS H 108 5.42 -33.60 -79.09
CA LYS H 108 4.14 -34.37 -79.19
C LYS H 108 3.53 -34.53 -77.79
N ALA H 109 2.27 -35.01 -77.70
CA ALA H 109 1.49 -35.17 -76.46
C ALA H 109 1.00 -36.62 -76.32
N VAL H 110 1.44 -37.33 -75.29
CA VAL H 110 1.05 -38.74 -74.98
C VAL H 110 -0.21 -38.70 -74.11
N ILE H 111 -1.31 -39.29 -74.58
CA ILE H 111 -2.59 -39.41 -73.82
C ILE H 111 -2.85 -40.89 -73.52
N ARG H 112 -3.14 -41.20 -72.26
CA ARG H 112 -3.49 -42.57 -71.79
C ARG H 112 -4.94 -42.55 -71.31
N VAL H 113 -5.72 -43.58 -71.63
CA VAL H 113 -7.12 -43.77 -71.18
C VAL H 113 -7.18 -45.05 -70.33
N ARG H 114 -7.74 -44.94 -69.12
CA ARG H 114 -7.88 -46.06 -68.14
C ARG H 114 -9.36 -46.47 -68.10
N PHE H 115 -9.65 -47.70 -68.52
CA PHE H 115 -11.02 -48.29 -68.54
C PHE H 115 -11.36 -48.88 -67.18
N PRO H 116 -12.65 -49.12 -66.87
CA PRO H 116 -13.05 -49.69 -65.59
C PRO H 116 -12.85 -51.21 -65.52
N ASP H 117 -12.51 -51.83 -66.66
CA ASP H 117 -12.35 -53.29 -66.81
C ASP H 117 -10.88 -53.70 -66.67
N ASN H 118 -10.04 -52.82 -66.12
CA ASN H 118 -8.56 -53.00 -66.00
C ASN H 118 -7.97 -53.09 -67.42
N HIS H 119 -8.37 -52.17 -68.31
CA HIS H 119 -7.81 -52.03 -69.69
C HIS H 119 -7.21 -50.63 -69.83
N THR H 120 -5.94 -50.56 -70.24
CA THR H 120 -5.19 -49.30 -70.50
C THR H 120 -5.00 -49.16 -72.02
N LEU H 121 -5.29 -47.96 -72.55
CA LEU H 121 -5.03 -47.58 -73.96
C LEU H 121 -4.19 -46.30 -73.97
N GLU H 122 -2.93 -46.42 -74.39
CA GLU H 122 -2.02 -45.27 -74.65
C GLU H 122 -2.17 -44.87 -76.12
N ALA H 123 -2.06 -43.56 -76.40
CA ALA H 123 -2.03 -43.01 -77.78
C ALA H 123 -1.27 -41.68 -77.80
N THR H 124 -0.24 -41.60 -78.66
CA THR H 124 0.54 -40.36 -78.95
C THR H 124 -0.32 -39.45 -79.83
N PHE H 125 -0.29 -38.14 -79.57
CA PHE H 125 -1.07 -37.12 -80.31
C PHE H 125 -0.18 -35.93 -80.66
N HIS H 126 -0.75 -34.94 -81.36
CA HIS H 126 -0.13 -33.62 -81.65
C HIS H 126 -0.84 -32.56 -80.82
N PRO H 127 -0.10 -31.61 -80.20
CA PRO H 127 -0.70 -30.64 -79.27
C PRO H 127 -1.78 -29.77 -79.91
N SER H 128 -1.60 -29.45 -81.20
CA SER H 128 -2.54 -28.65 -82.04
C SER H 128 -3.91 -29.33 -82.07
N GLU H 129 -3.93 -30.65 -82.29
CA GLU H 129 -5.16 -31.48 -82.41
C GLU H 129 -6.10 -31.16 -81.24
N LYS H 130 -7.39 -31.03 -81.54
CA LYS H 130 -8.46 -30.65 -80.58
C LYS H 130 -8.86 -31.89 -79.77
N ILE H 131 -9.77 -31.72 -78.80
CA ILE H 131 -10.29 -32.81 -77.92
C ILE H 131 -11.24 -33.70 -78.74
N GLN H 132 -12.13 -33.10 -79.55
CA GLN H 132 -13.13 -33.83 -80.38
C GLN H 132 -12.46 -35.02 -81.05
N GLY H 133 -11.34 -34.78 -81.76
CA GLY H 133 -10.58 -35.80 -82.52
C GLY H 133 -10.29 -37.04 -81.68
N LEU H 134 -9.85 -36.84 -80.44
CA LEU H 134 -9.55 -37.93 -79.47
C LEU H 134 -10.87 -38.66 -79.10
N ILE H 135 -11.95 -37.91 -78.85
CA ILE H 135 -13.28 -38.48 -78.46
C ILE H 135 -13.79 -39.38 -79.59
N ASP H 136 -13.67 -38.93 -80.84
CA ASP H 136 -14.02 -39.71 -82.06
C ASP H 136 -13.16 -40.98 -82.10
N LEU H 137 -11.87 -40.88 -81.78
CA LEU H 137 -10.93 -42.03 -81.71
C LEU H 137 -11.47 -43.06 -80.73
N VAL H 138 -11.81 -42.64 -79.51
CA VAL H 138 -12.37 -43.52 -78.44
C VAL H 138 -13.64 -44.19 -78.96
N LYS H 139 -14.55 -43.40 -79.56
CA LYS H 139 -15.80 -43.89 -80.19
C LYS H 139 -15.49 -45.02 -81.17
N ARG H 140 -14.42 -44.85 -81.98
CA ARG H 140 -13.96 -45.88 -82.95
C ARG H 140 -13.49 -47.12 -82.17
N VAL H 141 -12.68 -46.92 -81.14
CA VAL H 141 -12.04 -48.02 -80.33
C VAL H 141 -13.12 -48.84 -79.62
N VAL H 142 -14.13 -48.19 -79.03
CA VAL H 142 -15.23 -48.89 -78.29
C VAL H 142 -16.19 -49.49 -79.33
N ALA H 143 -16.87 -50.57 -78.95
CA ALA H 143 -17.83 -51.31 -79.81
C ALA H 143 -19.25 -50.75 -79.62
N HIS H 144 -19.45 -49.88 -78.62
CA HIS H 144 -20.75 -49.27 -78.27
C HIS H 144 -20.72 -47.76 -78.52
N PRO H 145 -20.82 -47.30 -79.79
CA PRO H 145 -20.93 -45.88 -80.08
C PRO H 145 -22.28 -45.31 -79.61
N ASP H 146 -23.36 -46.08 -79.80
CA ASP H 146 -24.76 -45.72 -79.45
C ASP H 146 -24.88 -45.49 -77.93
N VAL H 147 -24.10 -46.23 -77.14
CA VAL H 147 -24.06 -46.11 -75.65
C VAL H 147 -23.33 -44.82 -75.30
N PRO H 148 -23.88 -43.96 -74.43
CA PRO H 148 -23.21 -42.70 -74.06
C PRO H 148 -22.01 -42.94 -73.13
N PHE H 149 -21.06 -42.01 -73.12
CA PHE H 149 -19.84 -42.04 -72.27
C PHE H 149 -19.22 -40.65 -72.20
N TYR H 150 -18.41 -40.41 -71.16
CA TYR H 150 -17.69 -39.12 -70.95
C TYR H 150 -16.31 -39.38 -70.33
N LEU H 151 -15.35 -38.49 -70.59
CA LEU H 151 -13.96 -38.54 -70.09
C LEU H 151 -13.76 -37.47 -69.01
N TYR H 152 -13.26 -37.89 -67.85
CA TYR H 152 -13.05 -37.07 -66.63
C TYR H 152 -11.64 -37.33 -66.09
N THR H 153 -11.05 -36.34 -65.41
CA THR H 153 -9.71 -36.44 -64.75
C THR H 153 -9.86 -36.12 -63.26
N THR H 154 -9.04 -36.79 -62.43
CA THR H 154 -9.03 -36.65 -60.94
C THR H 154 -7.59 -36.66 -60.45
N PRO H 155 -7.25 -35.91 -59.36
CA PRO H 155 -8.13 -34.89 -58.77
C PRO H 155 -7.87 -33.49 -59.32
N PRO H 156 -8.80 -32.52 -59.15
CA PRO H 156 -10.14 -32.79 -58.60
C PRO H 156 -11.06 -33.38 -59.67
N LYS H 157 -12.10 -34.12 -59.24
CA LYS H 157 -13.10 -34.76 -60.15
C LYS H 157 -13.70 -33.67 -61.04
N LYS H 158 -13.52 -33.78 -62.34
CA LYS H 158 -14.04 -32.83 -63.36
C LYS H 158 -13.92 -33.42 -64.76
N GLN H 159 -14.84 -33.03 -65.65
CA GLN H 159 -14.94 -33.49 -67.06
C GLN H 159 -14.79 -32.26 -67.97
N ILE H 160 -14.40 -32.47 -69.23
CA ILE H 160 -14.21 -31.36 -70.22
C ILE H 160 -15.38 -31.39 -71.21
N LYS H 161 -16.17 -30.31 -71.24
CA LYS H 161 -17.37 -30.13 -72.11
C LYS H 161 -16.98 -29.37 -73.38
N ASP H 162 -15.75 -28.87 -73.46
CA ASP H 162 -15.22 -28.12 -74.63
C ASP H 162 -14.43 -29.08 -75.52
N PHE H 163 -14.79 -29.15 -76.81
CA PHE H 163 -14.19 -30.06 -77.83
C PHE H 163 -13.24 -29.26 -78.74
N SER H 164 -13.42 -27.94 -78.81
CA SER H 164 -12.62 -27.00 -79.65
C SER H 164 -11.31 -26.63 -78.94
N GLN H 165 -11.15 -27.05 -77.68
CA GLN H 165 -9.93 -26.83 -76.87
C GLN H 165 -8.83 -27.78 -77.37
N ASP H 166 -7.62 -27.25 -77.58
CA ASP H 166 -6.40 -28.04 -77.94
C ASP H 166 -5.75 -28.55 -76.64
N PHE H 167 -4.71 -29.37 -76.75
CA PHE H 167 -4.08 -30.10 -75.61
C PHE H 167 -3.21 -29.15 -74.78
N TYR H 168 -2.58 -28.17 -75.43
CA TYR H 168 -1.77 -27.11 -74.76
C TYR H 168 -2.67 -26.31 -73.83
N SER H 169 -3.81 -25.81 -74.34
CA SER H 169 -4.84 -25.05 -73.58
C SER H 169 -5.51 -25.95 -72.55
N ALA H 170 -5.66 -27.25 -72.86
CA ALA H 170 -6.27 -28.28 -71.96
C ALA H 170 -5.33 -28.58 -70.79
N GLY H 171 -4.03 -28.35 -70.95
CA GLY H 171 -3.02 -28.51 -69.89
C GLY H 171 -2.46 -29.93 -69.86
N PHE H 172 -2.64 -30.69 -70.94
CA PHE H 172 -2.05 -32.03 -71.14
C PHE H 172 -0.66 -31.87 -71.76
N VAL H 173 0.30 -31.40 -70.95
CA VAL H 173 1.68 -31.08 -71.40
C VAL H 173 2.70 -31.71 -70.45
N PRO H 174 3.65 -32.54 -70.95
CA PRO H 174 3.60 -33.09 -72.31
C PRO H 174 2.46 -34.11 -72.44
N GLY H 175 2.37 -35.04 -71.49
CA GLY H 175 1.35 -36.11 -71.45
C GLY H 175 0.54 -36.08 -70.15
N ALA H 176 -0.42 -37.00 -70.03
CA ALA H 176 -1.28 -37.21 -68.83
C ALA H 176 -2.17 -38.43 -69.04
N ILE H 177 -2.83 -38.91 -67.98
CA ILE H 177 -3.78 -40.05 -68.02
C ILE H 177 -5.17 -39.56 -67.60
N VAL H 178 -6.20 -39.96 -68.36
CA VAL H 178 -7.63 -39.56 -68.16
C VAL H 178 -8.48 -40.83 -68.07
N TYR H 179 -9.36 -40.89 -67.06
CA TYR H 179 -10.22 -42.06 -66.76
C TYR H 179 -11.48 -42.01 -67.61
N PHE H 180 -12.01 -43.18 -67.99
CA PHE H 180 -13.18 -43.35 -68.88
C PHE H 180 -14.40 -43.74 -68.04
N SER H 181 -15.58 -43.16 -68.34
CA SER H 181 -16.85 -43.41 -67.63
C SER H 181 -18.04 -43.32 -68.60
N ASN H 182 -19.17 -43.92 -68.21
CA ASN H 182 -20.41 -44.02 -69.04
C ASN H 182 -21.60 -43.46 -68.25
N LYS I 108 72.83 2.77 -43.39
CA LYS I 108 72.51 1.80 -44.49
C LYS I 108 71.38 0.88 -44.04
N ALA I 109 71.01 -0.09 -44.88
CA ALA I 109 69.93 -1.08 -44.63
C ALA I 109 70.44 -2.51 -44.86
N VAL I 110 70.16 -3.42 -43.93
CA VAL I 110 70.57 -4.87 -43.99
C VAL I 110 69.34 -5.71 -44.36
N ILE I 111 69.36 -6.31 -45.55
CA ILE I 111 68.29 -7.21 -46.06
C ILE I 111 68.83 -8.64 -46.10
N ARG I 112 68.14 -9.56 -45.41
CA ARG I 112 68.45 -11.01 -45.42
C ARG I 112 67.38 -11.74 -46.24
N VAL I 113 67.82 -12.65 -47.11
CA VAL I 113 66.94 -13.57 -47.88
C VAL I 113 67.12 -14.96 -47.27
N ARG I 114 66.02 -15.66 -46.97
CA ARG I 114 66.05 -17.06 -46.49
C ARG I 114 65.61 -17.98 -47.64
N PHE I 115 66.51 -18.84 -48.12
CA PHE I 115 66.23 -19.84 -49.18
C PHE I 115 65.60 -21.08 -48.57
N PRO I 116 64.80 -21.85 -49.33
CA PRO I 116 64.08 -23.00 -48.79
C PRO I 116 65.01 -24.10 -48.26
N ASP I 117 66.19 -24.26 -48.87
CA ASP I 117 67.16 -25.35 -48.56
C ASP I 117 68.18 -24.84 -47.53
N ASN I 118 67.70 -24.18 -46.48
CA ASN I 118 68.46 -23.75 -45.26
C ASN I 118 69.62 -22.79 -45.63
N HIS I 119 69.55 -22.17 -46.81
CA HIS I 119 70.56 -21.17 -47.26
C HIS I 119 70.11 -19.78 -46.81
N THR I 120 71.06 -18.94 -46.41
CA THR I 120 70.85 -17.53 -45.98
C THR I 120 71.78 -16.62 -46.81
N LEU I 121 71.24 -15.54 -47.40
CA LEU I 121 72.01 -14.55 -48.19
C LEU I 121 71.90 -13.16 -47.56
N GLU I 122 72.99 -12.71 -46.95
CA GLU I 122 73.15 -11.38 -46.31
C GLU I 122 73.50 -10.35 -47.39
N ALA I 123 72.91 -9.16 -47.32
CA ALA I 123 73.15 -8.05 -48.28
C ALA I 123 72.80 -6.69 -47.64
N THR I 124 73.75 -5.76 -47.64
CA THR I 124 73.61 -4.35 -47.18
C THR I 124 73.23 -3.46 -48.36
N PHE I 125 72.11 -2.74 -48.27
CA PHE I 125 71.65 -1.77 -49.31
C PHE I 125 71.54 -0.37 -48.69
N HIS I 126 71.36 0.65 -49.54
CA HIS I 126 71.06 2.04 -49.11
C HIS I 126 69.56 2.20 -48.94
N PRO I 127 69.10 3.03 -47.99
CA PRO I 127 67.67 3.17 -47.71
C PRO I 127 66.91 3.79 -48.89
N SER I 128 67.60 4.64 -49.66
CA SER I 128 67.09 5.31 -50.88
C SER I 128 66.70 4.25 -51.92
N GLU I 129 67.55 3.22 -52.08
CA GLU I 129 67.43 2.18 -53.14
C GLU I 129 66.05 1.50 -53.05
N LYS I 130 65.42 1.28 -54.20
CA LYS I 130 64.06 0.71 -54.34
C LYS I 130 64.14 -0.82 -54.20
N ILE I 131 62.99 -1.49 -54.23
CA ILE I 131 62.87 -2.97 -54.08
C ILE I 131 63.42 -3.66 -55.34
N GLN I 132 63.13 -3.10 -56.52
CA GLN I 132 63.39 -3.74 -57.84
C GLN I 132 64.87 -4.15 -57.95
N GLY I 133 65.79 -3.27 -57.54
CA GLY I 133 67.24 -3.49 -57.62
C GLY I 133 67.67 -4.78 -56.93
N LEU I 134 67.06 -5.08 -55.78
CA LEU I 134 67.30 -6.32 -54.99
C LEU I 134 66.87 -7.56 -55.79
N ILE I 135 65.63 -7.57 -56.30
CA ILE I 135 65.02 -8.72 -57.03
C ILE I 135 65.93 -9.10 -58.21
N ASP I 136 66.40 -8.10 -58.95
CA ASP I 136 67.30 -8.27 -60.13
C ASP I 136 68.69 -8.71 -59.66
N LEU I 137 69.13 -8.25 -58.49
CA LEU I 137 70.33 -8.79 -57.80
C LEU I 137 70.13 -10.29 -57.56
N VAL I 138 68.95 -10.65 -57.01
CA VAL I 138 68.56 -12.05 -56.70
C VAL I 138 68.55 -12.88 -57.99
N LYS I 139 68.03 -12.32 -59.10
CA LYS I 139 68.04 -12.96 -60.44
C LYS I 139 69.47 -13.27 -60.88
N ARG I 140 70.42 -12.38 -60.56
CA ARG I 140 71.87 -12.55 -60.85
C ARG I 140 72.43 -13.66 -59.95
N VAL I 141 72.07 -13.66 -58.66
CA VAL I 141 72.61 -14.61 -57.64
C VAL I 141 72.04 -16.02 -57.84
N VAL I 142 70.77 -16.15 -58.22
CA VAL I 142 70.13 -17.49 -58.50
C VAL I 142 70.62 -18.01 -59.85
N ALA I 143 70.66 -19.34 -60.02
CA ALA I 143 71.12 -20.03 -61.25
C ALA I 143 69.93 -20.31 -62.17
N HIS I 144 68.75 -19.77 -61.86
CA HIS I 144 67.52 -19.90 -62.69
C HIS I 144 66.79 -18.56 -62.76
N PRO I 145 67.23 -17.62 -63.63
CA PRO I 145 66.48 -16.38 -63.86
C PRO I 145 65.18 -16.64 -64.61
N ASP I 146 65.21 -17.51 -65.62
CA ASP I 146 64.04 -17.92 -66.43
C ASP I 146 62.95 -18.54 -65.52
N VAL I 147 63.37 -19.31 -64.51
CA VAL I 147 62.44 -19.94 -63.51
C VAL I 147 61.78 -18.84 -62.69
N PRO I 148 60.45 -18.89 -62.49
CA PRO I 148 59.74 -17.86 -61.72
C PRO I 148 60.01 -17.99 -60.22
N PHE I 149 59.98 -16.87 -59.50
CA PHE I 149 60.18 -16.79 -58.04
C PHE I 149 59.52 -15.51 -57.50
N TYR I 150 59.37 -15.40 -56.17
CA TYR I 150 58.79 -14.24 -55.46
C TYR I 150 59.31 -14.16 -54.02
N LEU I 151 59.43 -12.94 -53.50
CA LEU I 151 59.93 -12.63 -52.12
C LEU I 151 58.81 -12.03 -51.27
N TYR I 152 58.40 -12.73 -50.21
CA TYR I 152 57.34 -12.28 -49.27
C TYR I 152 57.92 -12.28 -47.84
N THR I 153 57.25 -11.54 -46.94
CA THR I 153 57.55 -11.45 -45.48
C THR I 153 56.39 -12.08 -44.70
N THR I 154 56.70 -12.96 -43.73
CA THR I 154 55.71 -13.67 -42.89
C THR I 154 56.26 -13.86 -41.48
N PRO I 155 55.40 -13.91 -40.43
CA PRO I 155 53.98 -13.56 -40.56
C PRO I 155 53.75 -12.04 -40.45
N PRO I 156 52.58 -11.51 -40.85
CA PRO I 156 51.56 -12.29 -41.56
C PRO I 156 51.95 -12.44 -43.05
N LYS I 157 51.38 -13.43 -43.74
CA LYS I 157 51.65 -13.70 -45.17
C LYS I 157 51.28 -12.48 -46.02
N LYS I 158 52.27 -11.88 -46.68
CA LYS I 158 52.10 -10.69 -47.56
C LYS I 158 53.29 -10.61 -48.53
N GLN I 159 53.00 -10.42 -49.82
CA GLN I 159 54.01 -10.25 -50.89
C GLN I 159 54.00 -8.78 -51.34
N ILE I 160 55.13 -8.29 -51.86
CA ILE I 160 55.29 -6.88 -52.33
C ILE I 160 55.22 -6.87 -53.87
N LYS I 161 54.16 -6.27 -54.41
CA LYS I 161 53.93 -6.14 -55.87
C LYS I 161 54.59 -4.87 -56.40
N ASP I 162 54.84 -3.87 -55.54
CA ASP I 162 55.53 -2.60 -55.90
C ASP I 162 57.04 -2.79 -55.73
N PHE I 163 57.80 -2.59 -56.82
CA PHE I 163 59.25 -2.88 -56.90
C PHE I 163 60.04 -1.59 -56.69
N SER I 164 59.35 -0.45 -56.70
CA SER I 164 59.97 0.91 -56.69
C SER I 164 59.69 1.63 -55.38
N GLN I 165 58.87 1.03 -54.52
CA GLN I 165 58.73 1.43 -53.10
C GLN I 165 60.12 1.42 -52.48
N ASP I 166 60.55 2.53 -51.87
CA ASP I 166 61.86 2.65 -51.18
C ASP I 166 61.78 1.93 -49.83
N PHE I 167 62.92 1.55 -49.26
CA PHE I 167 63.04 0.67 -48.06
C PHE I 167 62.46 1.38 -46.82
N TYR I 168 62.62 2.70 -46.74
CA TYR I 168 62.09 3.54 -45.63
C TYR I 168 60.56 3.44 -45.61
N SER I 169 59.93 3.62 -46.79
CA SER I 169 58.46 3.49 -46.99
C SER I 169 58.02 2.03 -46.80
N ALA I 170 58.84 1.08 -47.27
CA ALA I 170 58.60 -0.38 -47.15
C ALA I 170 58.79 -0.83 -45.70
N GLY I 171 59.49 -0.03 -44.88
CA GLY I 171 59.67 -0.26 -43.44
C GLY I 171 60.70 -1.36 -43.15
N PHE I 172 61.72 -1.48 -44.00
CA PHE I 172 62.87 -2.41 -43.85
C PHE I 172 64.08 -1.64 -43.32
N VAL I 173 63.97 -1.14 -42.08
CA VAL I 173 64.97 -0.24 -41.44
C VAL I 173 65.14 -0.63 -39.97
N PRO I 174 66.38 -0.66 -39.42
CA PRO I 174 67.60 -0.58 -40.22
C PRO I 174 67.75 -1.84 -41.09
N GLY I 175 67.36 -2.99 -40.56
CA GLY I 175 67.40 -4.28 -41.28
C GLY I 175 66.12 -5.07 -41.15
N ALA I 176 66.08 -6.26 -41.74
CA ALA I 176 64.92 -7.18 -41.79
C ALA I 176 65.36 -8.48 -42.45
N ILE I 177 64.47 -9.49 -42.50
CA ILE I 177 64.70 -10.75 -43.27
C ILE I 177 63.44 -11.04 -44.11
N VAL I 178 63.64 -11.48 -45.36
CA VAL I 178 62.57 -11.85 -46.33
C VAL I 178 62.80 -13.28 -46.78
N TYR I 179 61.72 -14.05 -46.89
CA TYR I 179 61.72 -15.48 -47.32
C TYR I 179 61.60 -15.54 -48.84
N PHE I 180 62.23 -16.54 -49.47
CA PHE I 180 62.24 -16.78 -50.93
C PHE I 180 61.43 -18.05 -51.24
N SER I 181 60.57 -17.98 -52.25
CA SER I 181 59.77 -19.11 -52.79
C SER I 181 59.71 -19.04 -54.32
N ASN I 182 59.17 -20.08 -54.97
CA ASN I 182 59.01 -20.17 -56.45
C ASN I 182 57.57 -20.63 -56.76
N LYS J 108 63.31 50.51 22.62
CA LYS J 108 64.49 49.90 21.90
C LYS J 108 64.15 48.44 21.54
N ALA J 109 65.07 47.75 20.87
CA ALA J 109 64.90 46.35 20.40
C ALA J 109 66.15 45.51 20.69
N VAL J 110 65.98 44.43 21.47
CA VAL J 110 67.08 43.53 21.94
C VAL J 110 67.26 42.39 20.93
N ILE J 111 68.40 42.37 20.24
CA ILE J 111 68.76 41.32 19.24
C ILE J 111 69.89 40.45 19.82
N ARG J 112 69.62 39.16 20.01
CA ARG J 112 70.62 38.16 20.47
C ARG J 112 71.06 37.33 19.27
N VAL J 113 72.38 37.16 19.12
CA VAL J 113 73.01 36.27 18.08
C VAL J 113 73.52 35.01 18.80
N ARG J 114 72.94 33.85 18.48
CA ARG J 114 73.39 32.52 18.98
C ARG J 114 74.36 31.91 17.96
N PHE J 115 75.64 31.81 18.33
CA PHE J 115 76.71 31.19 17.50
C PHE J 115 76.61 29.68 17.61
N PRO J 116 77.21 28.93 16.66
CA PRO J 116 77.17 27.46 16.70
C PRO J 116 77.86 26.91 17.96
N ASP J 117 79.03 27.46 18.32
CA ASP J 117 79.91 26.96 19.42
C ASP J 117 79.47 27.59 20.76
N ASN J 118 78.21 27.40 21.14
CA ASN J 118 77.60 27.83 22.43
C ASN J 118 78.11 29.22 22.83
N HIS J 119 78.07 30.18 21.90
CA HIS J 119 78.39 31.60 22.15
C HIS J 119 77.15 32.45 21.93
N THR J 120 76.84 33.34 22.88
CA THR J 120 75.68 34.27 22.86
C THR J 120 76.22 35.70 22.79
N LEU J 121 75.67 36.53 21.91
CA LEU J 121 75.96 37.99 21.85
C LEU J 121 74.65 38.78 21.98
N GLU J 122 74.50 39.47 23.12
CA GLU J 122 73.33 40.33 23.43
C GLU J 122 73.65 41.78 23.04
N ALA J 123 72.97 42.29 22.01
CA ALA J 123 73.14 43.67 21.49
C ALA J 123 71.77 44.35 21.35
N THR J 124 71.56 45.48 22.04
CA THR J 124 70.37 46.36 21.90
C THR J 124 70.47 47.10 20.56
N PHE J 125 69.32 47.48 19.99
CA PHE J 125 69.22 48.22 18.69
C PHE J 125 68.00 49.14 18.74
N HIS J 126 67.81 49.94 17.67
CA HIS J 126 66.65 50.84 17.48
C HIS J 126 65.75 50.27 16.38
N PRO J 127 64.40 50.38 16.55
CA PRO J 127 63.47 49.80 15.58
C PRO J 127 63.57 50.48 14.21
N SER J 128 64.06 51.72 14.19
CA SER J 128 64.32 52.54 12.98
C SER J 128 65.51 51.99 12.20
N GLU J 129 66.57 51.54 12.91
CA GLU J 129 67.81 51.01 12.30
C GLU J 129 67.48 49.80 11.42
N LYS J 130 68.13 49.72 10.25
CA LYS J 130 67.89 48.67 9.22
C LYS J 130 68.62 47.38 9.62
N ILE J 131 68.41 46.30 8.85
CA ILE J 131 69.05 44.97 9.05
C ILE J 131 70.54 45.10 8.69
N GLN J 132 70.86 45.80 7.60
CA GLN J 132 72.25 46.02 7.10
C GLN J 132 73.18 46.37 8.28
N GLY J 133 72.81 47.38 9.07
CA GLY J 133 73.60 47.90 10.20
C GLY J 133 74.06 46.80 11.13
N LEU J 134 73.15 45.92 11.53
CA LEU J 134 73.43 44.74 12.39
C LEU J 134 74.42 43.81 11.68
N ILE J 135 74.16 43.48 10.41
CA ILE J 135 75.04 42.60 9.59
C ILE J 135 76.44 43.22 9.55
N ASP J 136 76.53 44.53 9.31
CA ASP J 136 77.79 45.30 9.28
C ASP J 136 78.45 45.27 10.66
N LEU J 137 77.65 45.31 11.73
CA LEU J 137 78.15 45.16 13.13
C LEU J 137 78.74 43.76 13.30
N VAL J 138 78.00 42.72 12.89
CA VAL J 138 78.41 41.29 13.03
C VAL J 138 79.75 41.08 12.30
N LYS J 139 79.87 41.63 11.07
CA LYS J 139 81.13 41.59 10.26
C LYS J 139 82.28 42.15 11.08
N ARG J 140 82.08 43.30 11.74
CA ARG J 140 83.08 43.94 12.62
C ARG J 140 83.41 42.98 13.77
N VAL J 141 82.38 42.50 14.49
CA VAL J 141 82.52 41.63 15.70
C VAL J 141 83.27 40.35 15.34
N VAL J 142 82.89 39.67 14.25
CA VAL J 142 83.54 38.39 13.81
C VAL J 142 84.96 38.70 13.33
N ALA J 143 85.87 37.74 13.49
CA ALA J 143 87.30 37.83 13.10
C ALA J 143 87.47 37.44 11.62
N HIS J 144 86.41 36.96 10.98
CA HIS J 144 86.37 36.59 9.54
C HIS J 144 85.25 37.33 8.83
N PRO J 145 85.44 38.63 8.50
CA PRO J 145 84.51 39.36 7.64
C PRO J 145 84.50 38.78 6.21
N ASP J 146 85.69 38.49 5.66
CA ASP J 146 85.91 37.93 4.30
C ASP J 146 85.15 36.61 4.15
N VAL J 147 85.08 35.82 5.24
CA VAL J 147 84.33 34.54 5.29
C VAL J 147 82.84 34.85 5.14
N PRO J 148 82.11 34.12 4.27
CA PRO J 148 80.67 34.35 4.08
C PRO J 148 79.84 33.70 5.19
N PHE J 149 78.83 34.41 5.67
CA PHE J 149 77.90 33.96 6.75
C PHE J 149 76.49 34.45 6.44
N TYR J 150 75.47 33.73 6.91
CA TYR J 150 74.03 34.04 6.73
C TYR J 150 73.31 33.87 8.08
N LEU J 151 72.52 34.88 8.46
CA LEU J 151 71.69 34.90 9.71
C LEU J 151 70.25 34.49 9.37
N TYR J 152 69.77 33.41 9.99
CA TYR J 152 68.40 32.85 9.82
C TYR J 152 67.70 32.80 11.18
N THR J 153 66.36 32.82 11.17
CA THR J 153 65.48 32.71 12.37
C THR J 153 64.61 31.45 12.24
N THR J 154 64.65 30.57 13.25
CA THR J 154 63.93 29.27 13.28
C THR J 154 63.26 29.10 14.65
N PRO J 155 62.18 28.29 14.75
CA PRO J 155 61.46 27.78 13.59
C PRO J 155 60.46 28.81 13.06
N PRO J 156 59.98 28.68 11.80
CA PRO J 156 60.52 27.71 10.83
C PRO J 156 61.82 28.24 10.21
N LYS J 157 62.62 27.36 9.61
CA LYS J 157 63.91 27.71 8.97
C LYS J 157 63.65 28.74 7.87
N LYS J 158 64.25 29.93 7.99
CA LYS J 158 64.12 31.05 7.02
C LYS J 158 65.23 32.07 7.28
N GLN J 159 65.84 32.61 6.21
CA GLN J 159 66.84 33.71 6.26
C GLN J 159 66.20 34.96 5.64
N ILE J 160 66.76 36.14 5.97
CA ILE J 160 66.31 37.46 5.44
C ILE J 160 67.37 37.99 4.45
N LYS J 161 67.01 38.06 3.16
CA LYS J 161 67.89 38.56 2.06
C LYS J 161 67.82 40.08 2.02
N ASP J 162 66.79 40.69 2.61
CA ASP J 162 66.58 42.16 2.66
C ASP J 162 67.39 42.74 3.82
N PHE J 163 68.20 43.77 3.52
CA PHE J 163 69.07 44.50 4.49
C PHE J 163 68.37 45.79 4.91
N SER J 164 67.42 46.27 4.10
CA SER J 164 66.68 47.55 4.27
C SER J 164 65.44 47.34 5.15
N GLN J 165 65.01 46.10 5.32
CA GLN J 165 63.82 45.71 6.14
C GLN J 165 64.07 46.13 7.58
N ASP J 166 63.16 46.94 8.16
CA ASP J 166 63.23 47.44 9.56
C ASP J 166 62.79 46.31 10.52
N PHE J 167 63.11 46.46 11.80
CA PHE J 167 63.00 45.40 12.84
C PHE J 167 61.53 45.23 13.26
N TYR J 168 60.77 46.33 13.34
CA TYR J 168 59.32 46.31 13.63
C TYR J 168 58.61 45.47 12.58
N SER J 169 58.86 45.79 11.30
CA SER J 169 58.33 45.09 10.10
C SER J 169 58.83 43.64 10.08
N ALA J 170 60.09 43.42 10.44
CA ALA J 170 60.75 42.09 10.51
C ALA J 170 60.12 41.24 11.62
N GLY J 171 59.56 41.89 12.66
CA GLY J 171 58.84 41.24 13.76
C GLY J 171 59.73 40.94 14.95
N PHE J 172 60.84 41.67 15.08
CA PHE J 172 61.78 41.62 16.24
C PHE J 172 61.33 42.68 17.26
N VAL J 173 60.16 42.45 17.89
CA VAL J 173 59.48 43.42 18.79
C VAL J 173 58.97 42.69 20.03
N PRO J 174 59.39 43.08 21.27
CA PRO J 174 60.45 44.07 21.48
C PRO J 174 61.84 43.49 21.19
N GLY J 175 62.14 42.32 21.75
CA GLY J 175 63.41 41.59 21.54
C GLY J 175 63.18 40.23 20.91
N ALA J 176 64.24 39.61 20.40
CA ALA J 176 64.23 38.28 19.76
C ALA J 176 65.63 37.68 19.78
N ILE J 177 65.77 36.41 19.38
CA ILE J 177 67.09 35.75 19.20
C ILE J 177 67.13 35.16 17.78
N VAL J 178 68.26 35.33 17.11
CA VAL J 178 68.55 34.82 15.74
C VAL J 178 69.83 33.97 15.82
N TYR J 179 69.84 32.84 15.12
CA TYR J 179 71.00 31.89 15.06
C TYR J 179 72.01 32.41 14.04
N PHE J 180 73.28 32.00 14.17
CA PHE J 180 74.37 32.33 13.22
C PHE J 180 74.88 31.04 12.55
N SER J 181 75.03 31.07 11.22
CA SER J 181 75.52 29.95 10.39
C SER J 181 76.38 30.47 9.24
N ASN J 182 77.30 29.64 8.73
CA ASN J 182 78.23 29.96 7.62
C ASN J 182 78.19 28.83 6.59
N LYS K 108 -12.20 62.05 56.90
CA LYS K 108 -10.79 62.43 57.24
C LYS K 108 -9.86 61.27 56.91
N ALA K 109 -8.54 61.48 57.06
CA ALA K 109 -7.48 60.49 56.77
C ALA K 109 -6.64 60.25 58.03
N VAL K 110 -6.45 58.99 58.42
CA VAL K 110 -5.66 58.56 59.61
C VAL K 110 -4.29 58.06 59.13
N ILE K 111 -3.21 58.77 59.49
CA ILE K 111 -1.81 58.42 59.15
C ILE K 111 -1.08 57.95 60.42
N ARG K 112 -0.60 56.71 60.41
CA ARG K 112 0.26 56.14 61.49
C ARG K 112 1.73 56.19 61.04
N VAL K 113 2.64 56.49 61.97
CA VAL K 113 4.13 56.44 61.76
C VAL K 113 4.71 55.47 62.78
N ARG K 114 5.40 54.42 62.32
CA ARG K 114 6.02 53.37 63.17
C ARG K 114 7.53 53.57 63.21
N PHE K 115 8.06 54.05 64.35
CA PHE K 115 9.49 54.34 64.57
C PHE K 115 10.26 53.03 64.71
N PRO K 116 11.61 53.03 64.49
CA PRO K 116 12.40 51.81 64.56
C PRO K 116 12.43 51.19 65.98
N ASP K 117 12.31 52.03 67.01
CA ASP K 117 12.33 51.63 68.44
C ASP K 117 10.90 51.39 68.93
N ASN K 118 10.10 50.62 68.17
CA ASN K 118 8.77 50.08 68.55
C ASN K 118 7.77 51.19 68.88
N HIS K 119 8.05 52.43 68.48
CA HIS K 119 7.19 53.62 68.79
C HIS K 119 6.13 53.78 67.70
N THR K 120 4.91 54.15 68.08
CA THR K 120 3.75 54.40 67.19
C THR K 120 3.27 55.85 67.40
N LEU K 121 3.07 56.58 66.30
CA LEU K 121 2.51 57.96 66.30
C LEU K 121 1.30 57.99 65.35
N GLU K 122 0.14 57.58 65.86
CA GLU K 122 -1.18 57.72 65.19
C GLU K 122 -1.48 59.21 65.02
N ALA K 123 -1.95 59.64 63.84
CA ALA K 123 -2.25 61.06 63.53
C ALA K 123 -3.31 61.16 62.42
N THR K 124 -4.28 62.06 62.60
CA THR K 124 -5.39 62.33 61.65
C THR K 124 -5.08 63.59 60.85
N PHE K 125 -5.19 63.52 59.52
CA PHE K 125 -4.96 64.65 58.59
C PHE K 125 -6.19 64.83 57.70
N HIS K 126 -6.23 65.93 56.94
CA HIS K 126 -7.29 66.25 55.95
C HIS K 126 -6.85 65.72 54.59
N PRO K 127 -7.76 65.11 53.79
CA PRO K 127 -7.37 64.47 52.53
C PRO K 127 -6.77 65.47 51.54
N SER K 128 -7.22 66.73 51.61
CA SER K 128 -6.72 67.88 50.81
C SER K 128 -5.24 68.09 51.08
N GLU K 129 -4.84 68.07 52.36
CA GLU K 129 -3.46 68.36 52.84
C GLU K 129 -2.47 67.49 52.06
N LYS K 130 -1.38 68.10 51.56
CA LYS K 130 -0.32 67.43 50.77
C LYS K 130 0.60 66.66 51.71
N ILE K 131 1.61 65.97 51.16
CA ILE K 131 2.59 65.16 51.92
C ILE K 131 3.54 66.08 52.69
N GLN K 132 4.00 67.16 52.06
CA GLN K 132 4.97 68.14 52.65
C GLN K 132 4.58 68.45 54.10
N GLY K 133 3.34 68.86 54.32
CA GLY K 133 2.80 69.29 55.63
C GLY K 133 3.09 68.28 56.72
N LEU K 134 2.83 66.99 56.44
CA LEU K 134 3.11 65.85 57.36
C LEU K 134 4.62 65.80 57.63
N ILE K 135 5.44 65.79 56.59
CA ILE K 135 6.93 65.73 56.69
C ILE K 135 7.38 66.89 57.59
N ASP K 136 6.82 68.08 57.39
CA ASP K 136 7.10 69.30 58.20
C ASP K 136 6.62 69.06 59.64
N LEU K 137 5.49 68.37 59.82
CA LEU K 137 4.96 67.99 61.16
C LEU K 137 5.97 67.07 61.86
N VAL K 138 6.43 66.02 61.16
CA VAL K 138 7.38 65.01 61.71
C VAL K 138 8.64 65.73 62.20
N LYS K 139 9.19 66.65 61.38
CA LYS K 139 10.39 67.46 61.70
C LYS K 139 10.23 68.13 63.07
N ARG K 140 9.04 68.71 63.31
CA ARG K 140 8.70 69.38 64.60
C ARG K 140 8.65 68.32 65.71
N VAL K 141 8.02 67.17 65.45
CA VAL K 141 7.84 66.07 66.44
C VAL K 141 9.20 65.47 66.83
N VAL K 142 10.14 65.35 65.89
CA VAL K 142 11.51 64.78 66.14
C VAL K 142 12.38 65.87 66.79
N ALA K 143 13.33 65.46 67.65
CA ALA K 143 14.26 66.33 68.38
C ALA K 143 15.49 66.65 67.52
N HIS K 144 15.64 65.95 66.39
CA HIS K 144 16.78 66.07 65.44
C HIS K 144 16.25 66.51 64.07
N PRO K 145 15.95 67.81 63.87
CA PRO K 145 15.55 68.32 62.57
C PRO K 145 16.72 68.30 61.55
N ASP K 146 17.93 68.65 62.01
CA ASP K 146 19.16 68.75 61.17
C ASP K 146 19.51 67.37 60.60
N VAL K 147 19.23 66.30 61.36
CA VAL K 147 19.49 64.88 60.96
C VAL K 147 18.56 64.54 59.79
N PRO K 148 19.07 63.96 58.68
CA PRO K 148 18.21 63.57 57.56
C PRO K 148 17.38 62.32 57.87
N PHE K 149 16.10 62.32 57.45
CA PHE K 149 15.13 61.22 57.67
C PHE K 149 14.24 61.06 56.43
N TYR K 150 13.65 59.87 56.27
CA TYR K 150 12.77 59.50 55.13
C TYR K 150 11.66 58.54 55.62
N LEU K 151 10.48 58.66 55.01
CA LEU K 151 9.27 57.82 55.30
C LEU K 151 8.95 56.93 54.09
N TYR K 152 9.02 55.61 54.26
CA TYR K 152 8.74 54.60 53.20
C TYR K 152 7.64 53.64 53.69
N THR K 153 6.87 53.09 52.74
CA THR K 153 5.77 52.11 53.00
C THR K 153 6.17 50.75 52.37
N THR K 154 6.07 49.67 53.15
CA THR K 154 6.46 48.29 52.77
C THR K 154 5.39 47.30 53.22
N PRO K 155 5.27 46.12 52.57
CA PRO K 155 5.86 45.87 51.25
C PRO K 155 4.99 46.43 50.12
N PRO K 156 5.53 46.56 48.88
CA PRO K 156 6.95 46.38 48.61
C PRO K 156 7.74 47.62 49.04
N LYS K 157 9.06 47.52 49.20
CA LYS K 157 9.92 48.65 49.64
C LYS K 157 9.87 49.75 48.57
N LYS K 158 9.41 50.94 48.96
CA LYS K 158 9.29 52.14 48.08
C LYS K 158 8.98 53.37 48.94
N GLN K 159 9.57 54.51 48.59
CA GLN K 159 9.43 55.80 49.31
C GLN K 159 8.68 56.78 48.41
N ILE K 160 8.30 57.95 48.95
CA ILE K 160 7.56 59.02 48.20
C ILE K 160 8.38 60.31 48.25
N LYS K 161 8.96 60.67 47.10
CA LYS K 161 9.83 61.87 46.91
C LYS K 161 8.95 63.10 46.69
N ASP K 162 7.73 62.91 46.19
CA ASP K 162 6.76 63.99 45.88
C ASP K 162 6.14 64.49 47.18
N PHE K 163 6.25 65.81 47.44
CA PHE K 163 5.70 66.50 48.63
C PHE K 163 4.35 67.14 48.26
N SER K 164 4.13 67.38 46.97
CA SER K 164 2.95 68.09 46.42
C SER K 164 1.78 67.12 46.15
N GLN K 165 2.04 65.81 46.21
CA GLN K 165 1.01 64.75 46.04
C GLN K 165 0.07 64.75 47.23
N ASP K 166 -1.25 64.71 46.99
CA ASP K 166 -2.30 64.61 48.04
C ASP K 166 -2.48 63.15 48.42
N PHE K 167 -3.17 62.89 49.53
CA PHE K 167 -3.29 61.54 50.16
C PHE K 167 -4.20 60.63 49.32
N TYR K 168 -5.22 61.22 48.68
CA TYR K 168 -6.14 60.51 47.75
C TYR K 168 -5.31 59.90 46.62
N SER K 169 -4.50 60.73 45.96
CA SER K 169 -3.56 60.34 44.87
C SER K 169 -2.56 59.30 45.39
N ALA K 170 -2.03 59.52 46.59
CA ALA K 170 -1.10 58.60 47.30
C ALA K 170 -1.80 57.26 47.55
N GLY K 171 -3.11 57.29 47.83
CA GLY K 171 -3.95 56.10 48.05
C GLY K 171 -3.98 55.69 49.51
N PHE K 172 -3.94 56.67 50.42
CA PHE K 172 -3.94 56.47 51.90
C PHE K 172 -5.36 56.73 52.42
N VAL K 173 -6.33 55.96 51.94
CA VAL K 173 -7.78 56.18 52.15
C VAL K 173 -8.42 54.90 52.70
N PRO K 174 -9.16 54.94 53.83
CA PRO K 174 -9.21 56.11 54.71
C PRO K 174 -7.86 56.33 55.42
N GLY K 175 -7.26 55.24 55.94
CA GLY K 175 -6.00 55.27 56.69
C GLY K 175 -4.93 54.39 56.05
N ALA K 176 -3.70 54.50 56.56
CA ALA K 176 -2.52 53.70 56.15
C ALA K 176 -1.42 53.88 57.21
N ILE K 177 -0.39 53.04 57.20
CA ILE K 177 0.80 53.16 58.09
C ILE K 177 2.07 53.12 57.24
N VAL K 178 3.01 54.01 57.54
CA VAL K 178 4.31 54.22 56.82
C VAL K 178 5.44 54.07 57.84
N TYR K 179 6.52 53.37 57.46
CA TYR K 179 7.71 53.12 58.31
C TYR K 179 8.68 54.30 58.19
N PHE K 180 9.28 54.70 59.32
CA PHE K 180 10.26 55.80 59.43
C PHE K 180 11.67 55.19 59.48
N SER K 181 12.64 55.84 58.82
CA SER K 181 14.07 55.42 58.76
C SER K 181 14.98 56.63 58.52
N ASN K 182 16.22 56.58 59.02
CA ASN K 182 17.24 57.66 58.92
C ASN K 182 18.54 57.09 58.35
N LYS L 108 -77.11 20.72 27.87
CA LYS L 108 -76.90 21.40 29.20
C LYS L 108 -75.49 21.08 29.72
N ALA L 109 -75.08 21.77 30.80
CA ALA L 109 -73.78 21.59 31.48
C ALA L 109 -74.01 20.99 32.88
N VAL L 110 -73.14 20.05 33.30
CA VAL L 110 -73.18 19.37 34.63
C VAL L 110 -71.90 19.71 35.41
N ILE L 111 -72.03 20.48 36.49
CA ILE L 111 -70.89 20.93 37.34
C ILE L 111 -71.00 20.25 38.71
N ARG L 112 -70.01 19.43 39.07
CA ARG L 112 -69.89 18.81 40.41
C ARG L 112 -68.87 19.61 41.22
N VAL L 113 -69.16 19.85 42.50
CA VAL L 113 -68.22 20.47 43.47
C VAL L 113 -67.78 19.37 44.44
N ARG L 114 -66.48 19.14 44.54
CA ARG L 114 -65.86 18.20 45.51
C ARG L 114 -65.33 19.04 46.69
N PHE L 115 -65.87 18.81 47.89
CA PHE L 115 -65.50 19.51 49.14
C PHE L 115 -64.46 18.70 49.92
N PRO L 116 -63.63 19.34 50.77
CA PRO L 116 -62.52 18.67 51.44
C PRO L 116 -62.94 17.48 52.34
N ASP L 117 -64.15 17.54 52.91
CA ASP L 117 -64.67 16.53 53.88
C ASP L 117 -65.59 15.54 53.15
N ASN L 118 -65.16 15.04 51.97
CA ASN L 118 -65.84 14.01 51.15
C ASN L 118 -67.30 14.39 50.90
N HIS L 119 -67.57 15.67 50.59
CA HIS L 119 -68.91 16.19 50.23
C HIS L 119 -68.94 16.48 48.73
N THR L 120 -69.94 15.96 48.02
CA THR L 120 -70.17 16.20 46.57
C THR L 120 -71.41 17.07 46.42
N LEU L 121 -71.33 18.14 45.62
CA LEU L 121 -72.50 18.99 45.24
C LEU L 121 -72.58 19.05 43.71
N GLU L 122 -73.33 18.11 43.12
CA GLU L 122 -73.60 18.03 41.66
C GLU L 122 -74.79 18.93 41.34
N ALA L 123 -74.59 19.90 40.46
CA ALA L 123 -75.62 20.87 40.01
C ALA L 123 -75.47 21.14 38.51
N THR L 124 -76.54 20.92 37.74
CA THR L 124 -76.61 21.27 36.29
C THR L 124 -76.53 22.79 36.14
N PHE L 125 -76.03 23.26 35.00
CA PHE L 125 -75.92 24.70 34.64
C PHE L 125 -76.09 24.86 33.13
N HIS L 126 -76.07 26.11 32.68
CA HIS L 126 -76.14 26.51 31.25
C HIS L 126 -74.75 26.91 30.78
N PRO L 127 -74.37 26.60 29.52
CA PRO L 127 -73.06 26.98 29.00
C PRO L 127 -72.90 28.51 28.88
N SER L 128 -74.01 29.22 28.61
CA SER L 128 -74.07 30.69 28.50
C SER L 128 -73.72 31.33 29.85
N GLU L 129 -74.31 30.82 30.93
CA GLU L 129 -74.13 31.34 32.32
C GLU L 129 -72.63 31.51 32.60
N LYS L 130 -72.29 32.61 33.29
CA LYS L 130 -70.90 32.99 33.63
C LYS L 130 -70.46 32.20 34.87
N ILE L 131 -69.14 32.23 35.15
CA ILE L 131 -68.50 31.50 36.28
C ILE L 131 -68.98 32.09 37.61
N GLN L 132 -69.09 33.42 37.70
CA GLN L 132 -69.46 34.16 38.95
C GLN L 132 -70.77 33.61 39.52
N GLY L 133 -71.77 33.39 38.66
CA GLY L 133 -73.11 32.89 39.03
C GLY L 133 -73.04 31.60 39.84
N LEU L 134 -72.16 30.68 39.43
CA LEU L 134 -71.84 29.44 40.18
C LEU L 134 -71.25 29.81 41.54
N ILE L 135 -70.19 30.63 41.54
CA ILE L 135 -69.48 31.09 42.78
C ILE L 135 -70.54 31.70 43.72
N ASP L 136 -71.35 32.62 43.19
CA ASP L 136 -72.46 33.30 43.92
C ASP L 136 -73.46 32.25 44.40
N LEU L 137 -73.75 31.23 43.57
CA LEU L 137 -74.61 30.08 43.96
C LEU L 137 -73.93 29.34 45.13
N VAL L 138 -72.62 29.09 45.03
CA VAL L 138 -71.82 28.38 46.07
C VAL L 138 -71.85 29.18 47.37
N LYS L 139 -71.65 30.50 47.31
CA LYS L 139 -71.69 31.43 48.47
C LYS L 139 -73.01 31.26 49.23
N ARG L 140 -74.11 31.07 48.50
CA ARG L 140 -75.46 30.81 49.06
C ARG L 140 -75.42 29.47 49.81
N VAL L 141 -74.94 28.41 49.15
CA VAL L 141 -74.98 27.00 49.66
C VAL L 141 -74.15 26.89 50.96
N VAL L 142 -72.97 27.51 51.01
CA VAL L 142 -72.07 27.46 52.20
C VAL L 142 -72.70 28.28 53.32
N ALA L 143 -72.44 27.89 54.58
CA ALA L 143 -72.94 28.57 55.80
C ALA L 143 -72.03 29.74 56.17
N HIS L 144 -70.84 29.83 55.55
CA HIS L 144 -69.83 30.89 55.79
C HIS L 144 -69.61 31.69 54.50
N PRO L 145 -70.47 32.67 54.17
CA PRO L 145 -70.23 33.56 53.04
C PRO L 145 -69.07 34.53 53.31
N ASP L 146 -68.94 35.00 54.55
CA ASP L 146 -67.84 35.88 55.04
C ASP L 146 -66.49 35.23 54.80
N VAL L 147 -66.38 33.91 55.02
CA VAL L 147 -65.13 33.10 54.86
C VAL L 147 -64.75 33.11 53.38
N PRO L 148 -63.47 33.41 53.04
CA PRO L 148 -63.02 33.40 51.65
C PRO L 148 -62.71 31.96 51.23
N PHE L 149 -63.06 31.60 49.98
CA PHE L 149 -62.73 30.29 49.37
C PHE L 149 -62.34 30.51 47.90
N TYR L 150 -61.80 29.47 47.27
CA TYR L 150 -61.43 29.46 45.83
C TYR L 150 -61.75 28.08 45.22
N LEU L 151 -62.36 28.08 44.03
CA LEU L 151 -62.65 26.87 43.22
C LEU L 151 -61.62 26.73 42.10
N TYR L 152 -61.05 25.53 41.95
CA TYR L 152 -59.88 25.24 41.08
C TYR L 152 -59.99 23.82 40.53
N THR L 153 -59.56 23.63 39.27
CA THR L 153 -59.61 22.35 38.52
C THR L 153 -58.21 21.73 38.49
N THR L 154 -58.09 20.45 38.83
CA THR L 154 -56.81 19.70 38.97
C THR L 154 -56.97 18.27 38.46
N PRO L 155 -55.91 17.63 37.93
CA PRO L 155 -54.68 18.32 37.51
C PRO L 155 -54.76 18.85 36.08
N PRO L 156 -53.89 19.81 35.68
CA PRO L 156 -52.96 20.47 36.59
C PRO L 156 -53.66 21.56 37.41
N LYS L 157 -53.10 21.92 38.58
CA LYS L 157 -53.70 22.91 39.51
C LYS L 157 -53.78 24.27 38.80
N LYS L 158 -54.99 24.84 38.76
CA LYS L 158 -55.25 26.19 38.16
C LYS L 158 -56.61 26.70 38.65
N GLN L 159 -56.68 28.01 38.95
CA GLN L 159 -57.90 28.72 39.42
C GLN L 159 -58.20 29.86 38.44
N ILE L 160 -59.48 30.14 38.22
CA ILE L 160 -59.95 31.15 37.22
C ILE L 160 -60.38 32.42 37.98
N LYS L 161 -59.63 33.52 37.80
CA LYS L 161 -59.94 34.86 38.37
C LYS L 161 -61.00 35.55 37.49
N ASP L 162 -61.16 35.09 36.25
CA ASP L 162 -62.14 35.64 35.28
C ASP L 162 -63.55 35.12 35.63
N PHE L 163 -64.42 36.04 36.07
CA PHE L 163 -65.82 35.75 36.49
C PHE L 163 -66.74 35.85 35.27
N SER L 164 -66.37 36.67 34.28
CA SER L 164 -67.16 36.95 33.04
C SER L 164 -67.03 35.81 32.04
N GLN L 165 -66.00 34.97 32.19
CA GLN L 165 -65.74 33.78 31.31
C GLN L 165 -66.92 32.82 31.42
N ASP L 166 -67.50 32.44 30.28
CA ASP L 166 -68.59 31.43 30.20
C ASP L 166 -67.95 30.03 30.25
N PHE L 167 -68.77 28.98 30.42
CA PHE L 167 -68.32 27.58 30.65
C PHE L 167 -67.81 26.95 29.35
N TYR L 168 -68.30 27.41 28.19
CA TYR L 168 -67.80 27.01 26.86
C TYR L 168 -66.34 27.44 26.71
N SER L 169 -66.06 28.72 27.01
CA SER L 169 -64.71 29.33 27.02
C SER L 169 -63.84 28.66 28.10
N ALA L 170 -64.42 28.38 29.26
CA ALA L 170 -63.76 27.69 30.40
C ALA L 170 -63.36 26.27 29.99
N GLY L 171 -64.14 25.62 29.12
CA GLY L 171 -63.86 24.29 28.57
C GLY L 171 -64.45 23.17 29.42
N PHE L 172 -65.50 23.48 30.19
CA PHE L 172 -66.27 22.50 31.00
C PHE L 172 -67.40 21.93 30.15
N VAL L 173 -67.06 21.13 29.14
CA VAL L 173 -68.01 20.62 28.10
C VAL L 173 -67.81 19.11 27.94
N PRO L 174 -68.87 18.27 28.03
CA PRO L 174 -70.20 18.71 28.47
C PRO L 174 -70.26 19.03 29.98
N GLY L 175 -69.66 18.17 30.81
CA GLY L 175 -69.63 18.33 32.28
C GLY L 175 -68.29 17.91 32.86
N ALA L 176 -67.96 18.41 34.05
CA ALA L 176 -66.67 18.19 34.74
C ALA L 176 -66.88 18.10 36.25
N ILE L 177 -65.79 18.07 37.02
CA ILE L 177 -65.80 18.22 38.51
C ILE L 177 -64.66 19.18 38.92
N VAL L 178 -64.98 20.13 39.80
CA VAL L 178 -64.05 21.18 40.32
C VAL L 178 -63.93 21.03 41.84
N TYR L 179 -62.70 21.13 42.35
CA TYR L 179 -62.37 21.02 43.79
C TYR L 179 -62.60 22.38 44.47
N PHE L 180 -62.98 22.35 45.76
CA PHE L 180 -63.24 23.54 46.61
C PHE L 180 -62.17 23.62 47.71
N SER L 181 -61.59 24.80 47.92
CA SER L 181 -60.54 25.06 48.94
C SER L 181 -60.57 26.53 49.41
N ASN L 182 -60.25 26.77 50.68
CA ASN L 182 -60.28 28.11 51.33
C ASN L 182 -58.84 28.51 51.71
#